data_4V49
#
_entry.id   4V49
#
_cell.length_a   682.32
_cell.length_b   682.32
_cell.length_c   386.36
_cell.angle_alpha   90
_cell.angle_beta   90
_cell.angle_gamma   90
#
_symmetry.space_group_name_H-M   'I 4 2 2'
#
loop_
_entity.id
_entity.type
_entity.pdbx_description
1 polymer '16S RIBOSOMAL RNA'
2 polymer tRNA-Phe
3 polymer mRNA
4 polymer '30S ribosomal protein S2'
5 polymer '30S ribosomal protein S3'
6 polymer '30S ribosomal protein S4'
7 polymer '30S ribosomal protein S5'
8 polymer '30S ribosomal protein S6'
9 polymer '30S ribosomal protein S7'
10 polymer '30S ribosomal protein S8'
11 polymer '30S ribosomal protein S9'
12 polymer '30S ribosomal protein S10'
13 polymer '30S ribosomal protein S11'
14 polymer '30S ribosomal protein S12'
15 polymer '30S ribosomal protein S13'
16 polymer '30S ribosomal protein S14'
17 polymer '30S ribosomal protein S15'
18 polymer '30S ribosomal protein S16'
19 polymer '30S ribosomal protein S17'
20 polymer '30S ribosomal protein S18'
21 polymer '30S ribosomal protein S19'
22 polymer '30S ribosomal protein S20'
23 polymer '23S RIBOSOMAL RNA'
24 polymer '5S RIBOSOMAL RNA'
25 polymer '50S ribosomal protein L2'
26 polymer '50S ribosomal protein L3'
27 polymer '50S ribosomal protein L4'
28 polymer '50S ribosomal protein L5'
29 polymer '50S ribosomal protein L6'
30 polymer '50S ribosomal protein L9'
31 polymer '50S ribosomal protein L11'
32 polymer '50S ribosomal protein L13'
33 polymer '50S ribosomal protein L14'
34 polymer '50S ribosomal protein L15'
35 polymer '50S ribosomal protein L16'
36 polymer '50S ribosomal protein L17'
37 polymer '50S ribosomal protein L18'
38 polymer '50S ribosomal protein L19'
39 polymer '50S ribosomal protein L20'
40 polymer '50S ribosomal protein L21'
41 polymer '50S ribosomal protein L22'
42 polymer '50S ribosomal protein L23'
43 polymer '50S ribosomal protein L24'
44 polymer 'general stress protein Ctc'
45 polymer '50S ribosomal protein L27'
46 polymer '50S RIBOSOMAL PROTEIN L28'
47 polymer '50S ribosomal protein L29'
48 polymer '50S ribosomal protein L30'
49 polymer '50S ribosomal protein L31'
50 polymer '50S ribosomal protein L32'
51 polymer '50S ribosomal protein L33'
52 polymer '50S ribosomal protein L34'
53 polymer '50S ribosomal protein L35'
54 polymer '50S ribosomal protein L36'
55 polymer '50S ribosomal protein L1P'
#
loop_
_entity_poly.entity_id
_entity_poly.type
_entity_poly.pdbx_seq_one_letter_code
_entity_poly.pdbx_strand_id
1 'polyribonucleotide'
;UGGAGAGUUUGAUCCUGGCUCAGGGUGAACGCUGGCGGCGUGCCUAAGACAUGCAAGUCGUGCGGAUACGCGCGGCCCCU
UGGGGCCGUGCGUCAGCGGCGGACGGGUGAGUAACGCGUGGGUGACCUACCCGGAAGAGGGGGACAACCCGGGGAAACUC
GGGCUAAUCCCCCAUGUGGACGCAAGUCCAAAGGGGGAAGCCUUCGGGUCCCCCGCUUCCGGAUGGGCCCGCGUCCCAUC
AGCUAGUUGGUGGGGUAAUGGCCCACCAAGGCGACGACGGGUAGCCGGUCUGAGAGGAUGGCCGGCCACAGGGGCACUGA
GACACGGGCCCCACUCCUACGGGAGGCAGCAGUUAGGAAUCUUCCGCAAUGGGCGCAAGCCUGACGGAGCGACGCCGCUU
GGAGGAAGAAGCCCUUCGGGGUGUAAACUCCUGAACCCGGGACGAAACCAGGGCCACUCAUACUGGCUCUGACUGACGGU
ACCGGGGUAAUAGCGCCGGCCAACUCCGUGCCAGCAGCCGCGGUAAUACGGAGGGCGCGAGCGUUACCCGGAUUCACUGG
GCGUAAAGGGCGUGUAGGCGGCCUGGGGCGUCCCAUGUGAAAGACCACGGCUCAACCGUGGGGGAGCGUGGGAUACGCUC
AGGCUAGACGGUGGGAGAGGGUGGUGGAAUUCCCGGAGUAGCGGUGAAAUGCGCAGAUACCGGGAGGAACGCCGAUGGCG
AAGGCAGCCACCUGGUCCACCCGUGACGCUGAGGCGCGAAAGCGUGGGGAGCAAACCGGAUUAGAUACCCGGGUAGUCCA
CGCCCUAAACGAUGCGCGCUAGGUCUCUGGCGGCUCAACCGCUGGGGGCCGAAGCUAACGCGUUAAGCGCGCCGCCUGGG
GAGUACGGCCGCAAGGCUGAAACUCAAAGGAAUUGACGGGGGCCCGCACAAGCGGUGGAGCAUGUGGUUUAAUUCGAAGC
AACGCGAAGAACCUUACCAGGCCUUGACAUGCUAGGGAACCCGGGUGAAAGCCUGGGGUGCCUUCGGGAGCCCUAGCACA
GGUGCUGCAUGGCCGUCGUCAGCUCGUGCCGUGAGGUGUUGGGUUAAGUCCCGCAACGAGCGCAACCCCCGCCGUUAGUU
GCCAGCGGUUCGGCCGGGCACUCUAACGGGACUGCCCGCGAAAGCGGGAGGAAGGAGGGGACGACGUCUGGUCAGCAUGG
CCCUUACGGCCUGGGCGACACACGUGCUACAAUGCCCACUACAAAGCGAUGCCACCCGGCAACGGGGAGCUAAUCGCAAA
AAGGUGGGCCCAGUUCGGAUUGGGGUCUGCAACCCGACCCCAUGAAGCCGGAAUCGCUAGUAAUCGCGGAUCAGCCAUGC
CGCGGUGAAUACGUUCCCGGGCCUUGUACACACCGCCCGUCACGCCAUGGGAGCGGGCUCUACCCGAAGUCGCCGGGUAA
CCUACGGGAAGCAGGCGCCGAGGGUAGGGCCCGUGACUGGGGCGAAGUCGUAACAAGGUAGCUGUACCGGAAGGUGCGGC
UGGAUCA
;
AA
2 'polyribonucleotide' GCGGAUUUAGCUCAGUUGGGAGAGCGCCAGACUGAAGAUCUGGAGGUCCUGUGUUCGAUCCACAGAAUUCGCACCA AV,AW
3 'polyribonucleotide' AUGUUCAAACGUAAUAAU AU
4 'polypeptide(L)'
;VKELLEAGVHFGHERKRWNPKFARYIYAERNGIHIIDLQKTMEELERTFRFIEDLAMRGGTILFVGTKKQAQDIVRMEAE
RAGMPYVNQRWLGGMLTNFKTISQRVHRLEELEALFASPEIEERPKKEQVRLKHELERLQKYLSGFRLLKRLPDAIFVVD
PTKEAIAVREARKLFIPVIALADTDSDPDLVDYIIPGNDDAIRSIQLILSRAVDLIIQARGGVVEPSPSYALVQ
;
AB
5 'polypeptide(L)'
;GNKIHPIGFRLGITRDWESRWYAGKKQYRHLLLEDQRIRGLLEKELYSAGLARVDIERAADNVAVTVHVAKPGVVIGRGG
ERIRVLREELAKLTGKNVALNVQEVQNPNLSAPLVAQRVAEQIERRFAVRRAIKQAVQRVMESGAKGAKVIVSGRIGGAE
QARTEWAAQGRVPLHTLRANIDYGFALARTTYGVLGVKAYIFLGEV
;
AC
6 'polypeptide(L)'
;GRYIGPVCRLCRREGVKLYLKGERCYSPKCAMERRPYPPGQHGQKRARRPSDYAVRLREKQKLRRIYGISERQFRNLFEE
ASKKKGVTGSVFLGLLESRLDNVVYRLGFAVSRRQARQLVRHGHITVNGRRVDLPSYRVRPGDEIAVAEKSRNLELIRQN
LEAMKGRKVGPWLSLDVEGMKGKFLRLPDREDLALPVNEQLVIEFYSR
;
AD
7 'polypeptide(L)'
;DFEEKMILIRRTARMQAGGRRFRFGALVVVGDRQGRVGLGFGKAPEVPLAVQKAGYYARRNMVEVPLQNGTIPHEIEVEF
GASKIVLKPAAPGTGVIAGAVPRAILELAGVTDILTKELGSRNPINIAYATMEALRQLRTKADVERLRKG
;
AE
8 'polypeptide(L)'
;MRRYEVNIVLNPNLDQSQLALEKEIIQRALENYGARVEKVEELGLRRLAYPIAKDPQGYFLWYQVEMPEDRVNDLARELR
IRDNVRRVMVVKSQEPFLANA
;
AF
9 'polypeptide(L)'
;ARRRRAEVRQLQPDLVYGDVLVTAFINKIMRDGKKNLAARIFYDACKIIQEKTGQEPLKVFKQAVENVKPRMEVRSRRVG
GANYQVPMEVSPRRQQSLALRWLVQAANQRPERRAAVRIAHELMDAAEGKGGAVKKKEDVERMAEANRAYAHYRW
;
AG
10 'polypeptide(L)'
;MLTDPIADMLTRIRNATRVYKESTDVPASRFKEEILRILAREGFIKGYERVDVDGKPYLRVYLKYGPRRQGPDPRPEQVI
HHIRRISKPGRRVYVGVKEIPRVRRGLGIAILSTSKGVLTDREARKLGVGGELICEVW
;
AH
11 'polypeptide(L)'
;EQYYGTGRRKEAVARVFLRPGNGKVTVNGQDFNEYFQGLVRAVAALEPLRAVDALGRFDAYITVRGGGKSGQIDAIKLGI
ARALVQYNPDYRAKLKPLGFLTRDARVVERKKYGKHKARRAPQYSKR
;
AI
12 'polypeptide(L)'
;KIRIKLRGFDHKTLDASAQKIVEAARRSGAQVSGPIPLPTRVRRFTVIRGPFKHKDSREHFELRTHNRLVDIINPNRKTI
EQLMTLDLPTGVEIEIKT
;
AJ
13 'polypeptide(L)'
;KRQVASGRAYIHASYNNTIVTITDPDGNPITWSSGGVIGYKGSRKGTPYAAQLAALDAAKKAMAYGMQSVDVIVRGTGAG
REQAIRALQASGLQVKSIVDDTPVPHNGCRPKKKFRKAS
;
AK
14 'polypeptide(L)'
;PTINQLVRKGREKVRKKSKVPALKGAPFRRGVCTVVRTVTPKKPNSALRKVAKVRLTSGYEVTAYIPGEGHNLQEHSVVL
IRGGRVKDLPGVRYHIVRGVYDAAGVKDRKKSRSKYGTKKPKEA
;
AL
15 'polypeptide(L)'
;ARIAGVEIPRNKRVDVALTYIYGIGKARAKEALEKTGINPATRVKDLTEAEVVRLREYVENTWKLEGELRAEVAANIKRL
MDIGCYRGLRHRRGLPVRGQRTRTNARTRKGPRKTVAGKKKAPRK
;
AM
16 'polypeptide(L)' ARKALIEKAKRTPKFKVRAYTRCVRCGRARSVYRFFGLCRICLRELAHKGQLPGVRKASW AN
17 'polypeptide(L)'
;PITKEEKQKVIQEFARFPGDTGSTEVQVALLTLRINRLSEHLKVHKKDHHSHRGLLMMVGQRRRLLRYLQREDPERYRAL
IEKLGIRG
;
AO
18 'polypeptide(L)'
;MVKIRLARFGSKHNPHYRIVVTDARRKRDGKYIEKIGYYDPRKTTPDWLKVDVERARYWLSVGAQPTDTARRLLRQAGVF
RQE
;
AP
19 'polypeptide(L)'
;PKKVLTGVVVSDKMQKTVTVLVERQFPHPLYGKVIKRSKKYLAHDPEEKYKLGDVVEIIESRPISKRKRFRVLRLVESGR
MDLVEKYLIRRQNYQSLSKRGGKA
;
AQ
20 'polypeptide(L)' PSRKAKVKATLGEFDLRDYRNVEVLKRFLSETGKILPRRRTGLSGKEQRILAKTIKRARILGLLPFTEKLVRK AR
21 'polypeptide(L)' PRSLKKGVFVDDHLLEKVLELNAKGEKRLIKTWSRRSTIVPEMVGHTIAVYNGKQHVPVYITENMVGHKLGEFAPTRTYR AS
22 'polypeptide(L)'
;RNLSALKRHRQSLKRRLRNKAKKSAIKTLSKKAVQLAQEGKAEEALKIMRKAESLIDKAAKGSTLHKNAAARRKSRLMRK
VRQLLEAAGAPLIGGGLSA
;
AT
23 'polyribonucleotide'
;GGUCAAGAUAGUAAGGGUCCACGGUGGAUGCCCUGGCGCUGGAGCCGAUGAAGGACGCGAUUACCUGCGAAAAGCCCCGA
CGAGCUGGAGAUACGCUUUGACUCGGGGAUGUCCGAAUGGGGAAACCCACCUCGUAAGAGGUAUCCGCAAGGAUGGGAAC
UCAGGGAACUGAAACAUCUCAGUACCUGAAGGAGAAGAAAGAGAAUUCGAUUCCGUUAGUAGCGGCGAGCGAACCCGGAU
CAGCCCAAACCGAAACGCUUGCGUUUCGGGGUUGUAGGACCAGUUUUUAAGAUUCAACCCCUCAAGCCGAAGUGGCUGGA
AAGCUACACCUCAGAAGGUGAGAGUCCUGUAGGCGAACGAGCGGUUGACUGUACUGGCACCUGAGUAGGUCGUUGUUCGU
GAAACGAUGACUGAAUCCGCGCGGACCACCGCGCAAGGCUAAAUACUCCCAGUGACCGAUAGCGCAUAGUACCGUGAGGG
AAAGGUGAAAAGAACCCCGGGAGGGGAGUGAAAGAGAACCUGAAACCGUGGACUUACAAGCAGUCAUGGCACCUUAUGCG
UGUUAUGGCGUGCCUAUUGAAGCAUGAGCCGGCGACUUAGACCUGACGUGCGAGCUUAAGUUGAAAAACGGAGGCGGAGC
GAAAGCGAGUCCGAAUAGGGCGGCAUUAGUACGUCGGGCUAGACUCGAAACCAGGUGAGCUAAGCAUGACCAGGUUGAAA
CCCCCGUGACAGGGGGCGGAGGACCGAACCGGUGCCUGCUGAAACAGUCUCGGAUGAGUUGUGUUUAGGAGUGAAAAGCU
AACCGAACCUGGAGAUAGCUAGUUCUCCCCGAAAUGUAUUGAGGUACAGCCUCGGAUGUUGACCAUGUCCUGUAGAGCAC
UCACAAGGCUAAGGGCACGUAAUGUGUUCUAAACCUUAUGAAACUCCGAAGGGGCACGCGUUUAGUCCGGGAGUGAGGCU
GCGAGAGCUAACUUCCGUAGCCGAGAGGGAAACAACCCAGACCAUCAGCUAAGGUCCCUAAAUGAUCGCUCAGUGGUUAA
GGAUGUGUCGUCGCAUAGACAGCCAGGAGGUUGGCUUAGAAGCAGCCACCCUUCAAAGAGUGCGUAAUAGCUCACUGGUC
GAGUGACGAUGCGCCGAAAAUGAUCGGGGCUCAAGUGAUCUACCGAAGCUAUGGAUUCAACUCGCGAAGCGAGUUGUCUG
GUAGGGGAGCGUUCAGUCCGCGGAGAAGCCAUACCGGAAGGAGUGGUGGAGCCGACUGAAGUGCGGAUGCCGGCAUGAGU
AACGAUAAAAGAAGUGAGAAUCUUCUUCGCCGUAAGGACAAGGGUUCCUGGGGAAGGGUCGUCCGCCCAGGGAAAGUCGG
GACCUAAGGUGAGGCCGAACGGCGCAGCCGAUGGACAGCAGGUCAAGAUUCCUGCACCGAUCAUGUGGAGUGAUGGAGGG
ACGCAUUACGCUAUCCAAUGCCAAGCUAUGGCUAUGCUGGUUGGUACGCUCAAGGGCGAUCGGGUCAGAAAAUCUACCGG
UCACAUGCCUCAGACGUAUCGGGAGCUUCCUCGGAAGCGAAGUUGGAAACGCGACGGUGCCAAGAAAAGCUUCUAAACGU
UGAAACAUGAUUGCCCGUACCGCAAACCGACACAGGUGUCCGAGUGUCAAUGCACUAAGGCGCGCGAGAGAACCCUCGUU
AAGGAACUUUGCAAUCUCACCCCGUAACUUCGGAAGAAGGGGUCCCCACGCUUCGCGUGGGGCGCAGUGAAUAGGCCCAG
GCGACUGUUUACCAAAAUCACAGCACUCUGCCAACACGAACAGUGGACGUAUAGGGUGUGACGCCUGCCCGGUGCCGGAA
GGUCAAGUGGAGCGGUAAGUGCAAGCAAAGCUGCGAAAUGAAGCCCCGGUGAACGGCGGCCGUAACUAUAACGGUCCUAA
GGUAGCGAAAUUCCUUGUCGGGUAAGUUCCGACCUGCACGAAAGGCGUAACGAUCUGGGCGCUGUCUCAACGAGGGACUC
GGUGAAAUUGAAUUGGCUGUAAAGAUGCGGCCUACCCGUAGCAGGACGAAAAGACCCCGUGGAGCUUUACUAUAGUCUGG
CAUUCAACGUUGGGACGUGGUGCGUAGGAUAGGUGGGAGGCGAAGAACCCUGGCUACGGCUGGGGGGAGCCGCCGGUGAA
AUACCACCCUCUACUCUUUGACGUUGUAACCUGAAAAAUCACUUUCGGGGACCGUGCUUGGCGGGUAGUUUGACUGGGGC
GGUCGCCUCCCAAAAUGUAACGGAGGCGCCCAAAGGUCACCUCAAGACGGUUGGAAAUCGUCUGUAGAGCGCAAAGGUAG
AAGGUGGCUUGACUGCGAGACUGACACGUCGAGCAGGGAGGAAACUCGGGCUUAGUGAACCGGUGGUACCGUGUGGAAGG
GCCAUCGAUCAACGGAUAAAAGUUACCCCGGGGAUAACAGGCUGAUCUCCCCCGAGAGUCCAUAUCGGCGGGGAGGUUUG
GCACCUCGAUGUCGGCUCGUCGCAUCCUGGGGCUGAAGAAGGUCCCAAGGGUUGGGCUGUUCGCCCAUUAAAGCGGCACG
CGAGCUGGGUUCAGAACGUCGUGAGACAGUUCGGUCUCUAUCCGCUACGGGCGCAGGAGAAUUGAGGGGAGUUGCUCCUA
GUACGAGAGGACCGGAGUGAACGGACCGCUGGUCUCCCUGCUGUCGUACCAACGGCACAUGCAGGGUAGCUAUGUCCGGA
ACGGAUAACCGCUGAAAGCAUCUAAGCGGGAAGCCAGCCCCAAGAUGAGUUCUCCCACUGUUUAUCAGGUAAGACUCCCG
GAAGACCACCGGGUUAAGAGGCCAGGCGUGCACGCAUAGCAAUGUGUUCAGCGGACUGGUGCUCAUCAGUCGAGGUCUUG
ACCACUC
;
B0
24 'polyribonucleotide'
;CCCCCGUGCCCAUAGCACUGUGGAACCACCCCACCCCAUGCCGAACUGGGUCGUGAAACACAGCAGCGCCAAUGAUACUC
GGACCGCAGGGUCCCGGAAAAGUCGGUCAGCGCGGGGG
;
B9
25 'polypeptide(L)'
;KKYRPYTPSRRQMTTADFSGLTKKRPEKALTEALPKTGGRNNRGRITSRFIGGGHKRLYRIIDFKRRDKSGVNAKVAAIE
YDPNRSARIALLHYADGEKRYILAPEGLTVGATVNAGPEAEPKLGNALPLRFVPVGAVVHALELVPGKGAQLARSAGTSV
QVQGKESDYVIVRLPSGELRRVHSECYATIGAVGNAEHKNIVLGKAGRSRWLGRKPHQRGSAMNPVDHPHGGGEGRTGAG
RVPVTPWGKPTKGLKTRRKRKTSDRFIVTR
;
BA
26 'polypeptide(L)'
;MKGILGTKIGMTQIWKNDRAIPVTVVLAGPCPIVQRKTAQTDGYEAVQIGYAPKAERKVNKPMQGHFAKAGVAPTRILRE
FRGFAPDGDSVNVDIFAEGEKIDATGTSKGKGTQGVMKRWNFAGGPASHGSKKWHRRPGSIGQRKTPGRVYKGKRMAGHM
GMERVTVQNLEVVEIRAGENLILVKGAIPGANGGLVVLRSAAKAS
;
BB
27 'polypeptide(L)'
;AQINVIGQNGGRTIELPLPEVNSGVLHEVVTWQLASRRRGTASTRTRAQVSKTGRKMYGQKGTGNARHGDRSVPTFVGGG
VAFGPKPRSYDYTLPRQVRQLGLAMAIASRQEGGKLVAVDGFDIADAKTKNFISWAKQNGLDGTEKVLLVTDDENTRRAA
RNVSWVSVLPVAGVNVYDILRHDRLVIDAAALEIVEE
;
BC
28 'polypeptide(L)'
;QQLKTKYNDQVRPALMQQFGYSSVMAVPRIEKIVVNEGLGSSKEDSKAIDKAAKELALITLQKPIITKAKKSISNFKLRQ
GMPVGIKVTLRGERMYVFLEKLINIGLPRIRDFRGINPNAFDGRGNYNLGIKEQLIFPEITYDMVDKTRGMDITIVTTAK
TDEEARALLQSMGLPFRK
;
BD
29 'polypeptide(L)'
;GKQPIAVPSGVTVNAQDGVFKVKGPKGELTVPYNTELTVRQDGDQLLVERPSDAQKHRALHGLTRTLVANAVKGVSDGYT
INLELRGVGFRAKLTGKALEMNIGYSHPVIIEPPAGVTFAVPEPTRIDVSGIDKQLVGQVAANVRKVRKPDAYHGKGVRF
VGEQIALKAGKAGATGG
;
BE
30 'polypeptide(L)' MQVILLEPSRLGKTGEVVSVKDGYARNWLIPQGLAVSATRTNMKTLEAQLRS BF
31 'polypeptide(L)'
;MKKVAGIVKLQLPAGKATPAPPVGPALGQYGANIMEFTKAFNAQTADKGDAIIPVEITIYADRSFTFITKTPPMSYLIRK
AAGIGKGSSTPNKAKVGKLNWDQVLEIAKTKMPDLNAGSVEAAANTVAGTARSMGVTVEGGPN
;
BG
32 'polypeptide(L)'
;VKTYIPKNDEQNWVVVDASGVPLGRLATLIASRIRGKHRPDFTPNMIQGDFVVVINAAQVALTGKKLDDKVYTRYTGYQG
GLKTETAREALSKHPERVIEHAVFGMLPKGRQGRAMHTRLKVYAGETHPHSAQKPQVLKTQPL
;
BH
33 'polypeptide(L)'
;IMPQSRLDVADNSGAREIMCIRVLNSGIGGKGLTTGGGGNKRYAHVGDIIVASVKDAAPRGAVKAGDVVKAVVVRTSHAI
KRADGSTIRFDRNAAVIINNQGEPRGTRVFGPVARELRDRRFMKIVSLAPEV
;
BI
34 'polypeptide(L)'
;HDLKPTPGSRKDRKRVGRGPGGTDKTAGRGHKGQKSRSGAGKGAFFEGGRSRLIARLPKRGFNNVGTTYEVVKLSQLQDL
EDTTFDRDTLEAYRLVRRKNRPVKLLASGEISRAVTVHVDAASAAAIKAVEAAGGRVVLPE
;
BJ
35 'polypeptide(L)'
;TKFRKQFRGRMTGDAKGGDYVAFGDYGLIAMEPAWIKSNQIEACRIVMSRHFRRGGKIYIRIFPDKPVTKKPAETRMGKG
KGAVEYWVSVVKPGRVMFEVAGVTEEQAKEAFRLAGHKLPIQTK
;
BK
36 'polypeptide(L)'
;HGKAGRKLNRNSSARVALARAQATALLREGRIQTTLTKAKELRPFVEQLITTAKGGDLHSRRLVAQDIHDKDVVRKVMDE
VAPKYAERPGGYTRILRVGTRRGDGVTMALIELV
;
BL
37 'polypeptide(L)'
;ATTIRRKLRTRRKVRTTTAASGRLRLSVYRSSKHIYAQIIDDSRGQTLAAASSAALKSGNKTDTAAAVGKALAAAAAEKG
IKQVVFDRGSYKYHGRVKALADAAREGGLDF
;
BM
38 'polypeptide(L)'
;QTHIKINRGELLRGIEQDHTRQLPDFRPGDTVRVDTKVREGNRTRSQAFEGVVIAINGSGSRKSFTVRKISFGEGVERVF
PFASPLVNQVTIVERGKVRRAKLYYLRELRGKAARIKSDRSRVMK
;
BN
39 'polypeptide(L)'
;PRAKTGIVRRRRHKKVLKRAKGFWGSRSKQYRNAFQTLLNAATYEYRDRRNKKRDFRRLWIQRINAGARLHGMNYSTFIN
GLKRANIDLNRKVLADIAAREPEAFKALVDASRNARQ
;
BO
40 'polypeptide(L)'
;MFAIIQTGGKQYRVSEGDVIRVESLQGEAGDKVELKALFVGGEQTVFGEDAGKYTVQAEVVEHGRGKKIYIRKYKSGVQY
RRRTGHRQNFTAIKILGIQG
;
BP
41 'polypeptide(L)'
;EQTFRNKKQRKQQVKLRKPGFAVAKYVRMSPRKVRLVVDVIRGKSVQDAEDLLRFIPRSASEPVAKVLNSAKANALHNDE
MLEDRLFVKEAYVDAGPTLKRLIPRARGSANIIKKRTSHITIIVAEKGNK
;
BQ
42 'polypeptide(L)'
;SHYDILQAPVISEKAYSAMERGVYSFWVSPKATKTEIKDAIQQAFGVRVIGISTMNVPGKRKRVGRFIGQRNDRKKAIVR
LAEGQSIEALAGQ
;
BR
43 'polypeptide(L)'
;PRPSAGSHHNDKLHFKKGDTVIVLSGKHKGQTGKVLLALPRDQKVVVEGVNVITKNVKPSMTNPQGGQEQRELALHASKV
ALVDPETGKATRVRKQIVDGKKVRVAVASGKTI
;
BS
44 'polypeptide(L)'
;MELTAKPRTPKQKLDESMIAAVAYNKENNVSFALDRKAFDRAFRQQSTTGLFDITVEGGETFPALVKAVQMDKRKRAPIH
VDFYMVTYGEPVEVSVPVHTTGRSQGEVQGGLVDIVVHNLQIVAPGPRRIPQELVVDVTKMNIGDHITAGDIKLPEGCTL
AADPELTVVSVLP
;
BT
45 'polypeptide(L)'
;AHKKGVGSSKNGRDSNPKYLGVKKFGGEVVKAGNILVRQRGTKFKAGQGVGMGRDHTLFALSDGKVVFINKGKGARFISI
EAAQTE
;
BU
46 'polypeptide(L)' (UNK)(UNK)(UNK)(UNK)(UNK)(UNK)(UNK)(UNK)(UNK)(UNK)(UNK)(UNK)(UNK)(UNK)(UNK)(UNK) BV
47 'polypeptide(L)' KPSEMRNLQATDFAKEIDARKKELMELRFQAAAGQLAQPHRVRQLRREVAQLNTVKAELARKGEQ BW
48 'polypeptide(L)' MKIKLVRSVIGRPGNQVKTVQALGLRKIGDSREVSDTPAVRGMVKTVKHLLEVQE BX
49 'polypeptide(L)' MQKDLHPKAVPCKIIYQGQVVMETMSTRPEIHVDVWSGVHPFWTGEERFLDTEGRVDKFNKRFGDSYRRGSKK BY
50 'polypeptide(L)' AKHPVPKKKTSKSKRDMRRSHHALTAPNLTECPQCHGKKLSHHICPNCGYYDGRQVLA BZ
51 'polypeptide(L)' AKDGPRIIVKMESSAGTGFYYTTTKNRRNTQAKLELKKYDPVAKKHVVFREKK B1
52 'polypeptide(L)' MKRTYQPNNRKRAKTHGFRARMKTKSGRNILARRRAKGRHQLTVSD B2
53 'polypeptide(L)' PKMKTHKMAKRRIKITGTGKVMAFKSGKRHQNTGKSGDEIRGKGKGFVLAKAEWARMKLMLPR B3
54 'polypeptide(L)' KVRSSVKKMCDNCKVVRRHGRVLVICSNVKHKQRQ B4
55 'polypeptide(L)'
;MLADKESLIEALKLALSTEYNVKRNFTQSVEIILTFKGID(MSE)KKGDLKLREIVPLPKQPSKAKRVLVVPSSEQLEYA
KKASPKVVITREELQKLQGQKRPVKKLARQNEWFLINQES(MSE)ALAGRILGPALGPRGKFPTPLPNTADISEYINRFK
RSVLVKTKDQPQVQVFIGTED(MSE)KPEDLAENAIAVLNAIENKAKVETNLRNIYVKTT(MSE)GKAVKVKR
;
B5
#
loop_
_chem_comp.id
_chem_comp.type
_chem_comp.name
_chem_comp.formula
A RNA linking ADENOSINE-5'-MONOPHOSPHATE 'C10 H14 N5 O7 P'
C RNA linking CYTIDINE-5'-MONOPHOSPHATE 'C9 H14 N3 O8 P'
G RNA linking GUANOSINE-5'-MONOPHOSPHATE 'C10 H14 N5 O8 P'
U RNA linking URIDINE-5'-MONOPHOSPHATE 'C9 H13 N2 O9 P'
#
# COMPACT_ATOMS: atom_id res chain seq x y z
N VAL E 1 117.38 8.16 -39.88
CA VAL E 1 116.21 7.74 -39.07
C VAL E 1 116.02 8.58 -37.80
N LYS E 2 115.32 9.72 -37.92
CA LYS E 2 115.07 10.60 -36.78
C LYS E 2 114.31 11.91 -37.08
N GLU E 3 114.78 12.99 -36.43
CA GLU E 3 114.26 14.36 -36.56
C GLU E 3 113.58 14.93 -35.32
N LEU E 4 113.46 16.25 -35.30
CA LEU E 4 112.85 17.00 -34.19
C LEU E 4 112.09 18.19 -34.75
N LEU E 5 112.76 18.95 -35.61
CA LEU E 5 112.17 20.11 -36.25
C LEU E 5 111.18 19.56 -37.28
N GLU E 6 110.39 18.60 -36.83
CA GLU E 6 109.40 18.01 -37.69
C GLU E 6 108.09 18.75 -37.51
N ALA E 7 108.20 19.96 -36.96
CA ALA E 7 107.04 20.81 -36.76
C ALA E 7 106.61 21.12 -38.18
N GLY E 8 107.43 20.68 -39.12
CA GLY E 8 107.17 20.89 -40.53
C GLY E 8 105.91 20.20 -40.99
N VAL E 9 105.25 19.44 -40.11
CA VAL E 9 104.01 18.75 -40.47
C VAL E 9 103.07 18.35 -39.31
N HIS E 10 103.39 17.23 -38.67
CA HIS E 10 102.59 16.68 -37.57
C HIS E 10 102.00 17.61 -36.53
N PHE E 11 102.67 17.67 -35.38
CA PHE E 11 102.24 18.46 -34.23
C PHE E 11 100.71 18.46 -34.11
N GLY E 12 100.17 19.44 -33.40
CA GLY E 12 98.73 19.53 -33.22
C GLY E 12 97.81 19.12 -34.36
N HIS E 13 96.58 18.77 -33.98
CA HIS E 13 95.55 18.35 -34.92
C HIS E 13 94.24 18.27 -34.12
N GLU E 14 93.13 18.03 -34.81
CA GLU E 14 91.78 17.90 -34.21
C GLU E 14 91.30 19.13 -33.43
N ARG E 15 90.11 19.61 -33.76
CA ARG E 15 89.59 20.79 -33.08
C ARG E 15 89.52 20.63 -31.57
N LYS E 16 88.36 20.25 -31.03
CA LYS E 16 88.23 20.10 -29.58
C LYS E 16 86.98 19.36 -29.13
N ARG E 17 87.10 18.06 -28.98
CA ARG E 17 86.04 17.19 -28.52
C ARG E 17 86.88 16.00 -28.10
N TRP E 18 88.18 16.16 -28.33
CA TRP E 18 89.26 15.22 -28.01
C TRP E 18 88.85 13.89 -27.39
N ASN E 19 89.70 13.46 -26.46
CA ASN E 19 89.52 12.25 -25.68
C ASN E 19 90.43 12.51 -24.50
N PRO E 20 89.86 13.06 -23.42
CA PRO E 20 90.58 13.40 -22.19
C PRO E 20 91.80 12.53 -21.87
N LYS E 21 91.76 11.26 -22.28
CA LYS E 21 92.86 10.33 -22.02
C LYS E 21 94.15 10.69 -22.77
N PHE E 22 93.99 11.27 -23.93
CA PHE E 22 95.11 11.68 -24.77
C PHE E 22 95.70 12.97 -24.20
N ALA E 23 95.18 13.38 -23.05
CA ALA E 23 95.62 14.59 -22.39
C ALA E 23 97.14 14.70 -22.30
N ARG E 24 97.79 13.61 -21.89
CA ARG E 24 99.23 13.59 -21.72
C ARG E 24 100.02 14.04 -22.95
N TYR E 25 99.63 13.55 -24.13
CA TYR E 25 100.31 13.90 -25.37
C TYR E 25 99.92 15.23 -25.99
N ILE E 26 99.17 16.04 -25.27
CA ILE E 26 98.77 17.35 -25.79
C ILE E 26 99.66 18.42 -25.20
N TYR E 27 99.86 19.48 -25.97
CA TYR E 27 100.70 20.59 -25.54
C TYR E 27 99.89 21.84 -25.25
N ALA E 28 98.82 22.05 -26.03
CA ALA E 28 97.96 23.21 -25.83
C ALA E 28 96.94 23.45 -26.96
N GLU E 29 96.00 24.36 -26.70
CA GLU E 29 94.98 24.70 -27.68
C GLU E 29 95.27 26.06 -28.26
N ARG E 30 95.12 26.18 -29.58
CA ARG E 30 95.36 27.44 -30.28
C ARG E 30 94.33 27.55 -31.39
N ASN E 31 93.54 28.61 -31.34
CA ASN E 31 92.48 28.82 -32.33
C ASN E 31 91.53 27.65 -32.21
N GLY E 32 91.46 27.08 -31.01
CA GLY E 32 90.56 25.96 -30.76
C GLY E 32 91.17 24.58 -30.95
N ILE E 33 92.22 24.48 -31.75
CA ILE E 33 92.85 23.20 -32.00
C ILE E 33 93.90 22.83 -30.95
N HIS E 34 93.99 21.54 -30.62
CA HIS E 34 94.97 21.08 -29.66
C HIS E 34 96.29 20.96 -30.40
N ILE E 35 97.37 21.35 -29.75
CA ILE E 35 98.68 21.25 -30.37
C ILE E 35 99.46 20.14 -29.67
N ILE E 36 99.76 19.08 -30.42
CA ILE E 36 100.49 17.95 -29.87
C ILE E 36 101.94 18.31 -29.56
N ASP E 37 102.38 17.89 -28.39
CA ASP E 37 103.74 18.14 -27.92
C ASP E 37 104.67 17.13 -28.60
N LEU E 38 105.46 17.59 -29.56
CA LEU E 38 106.38 16.70 -30.28
C LEU E 38 107.55 16.17 -29.44
N GLN E 39 107.86 16.88 -28.36
CA GLN E 39 108.93 16.46 -27.46
C GLN E 39 108.54 15.06 -26.99
N LYS E 40 107.24 14.83 -26.92
CA LYS E 40 106.72 13.55 -26.51
C LYS E 40 106.62 12.68 -27.74
N THR E 41 106.12 13.25 -28.83
CA THR E 41 106.01 12.52 -30.09
C THR E 41 107.35 11.85 -30.34
N MET E 42 108.39 12.53 -29.90
CA MET E 42 109.76 12.04 -30.03
C MET E 42 109.97 10.83 -29.15
N GLU E 43 109.90 11.06 -27.84
CA GLU E 43 110.11 10.01 -26.87
C GLU E 43 109.36 8.74 -27.23
N GLU E 44 108.20 8.89 -27.84
CA GLU E 44 107.41 7.74 -28.23
C GLU E 44 107.93 7.07 -29.49
N LEU E 45 108.47 7.86 -30.41
CA LEU E 45 109.02 7.31 -31.65
C LEU E 45 110.21 6.40 -31.34
N GLU E 46 111.11 6.91 -30.50
CA GLU E 46 112.31 6.18 -30.11
C GLU E 46 111.91 4.81 -29.59
N ARG E 47 111.00 4.83 -28.62
CA ARG E 47 110.49 3.62 -27.99
C ARG E 47 109.79 2.72 -29.01
N THR E 48 108.93 3.31 -29.81
CA THR E 48 108.17 2.58 -30.82
C THR E 48 109.09 1.97 -31.88
N PHE E 49 109.81 2.83 -32.59
CA PHE E 49 110.72 2.41 -33.64
C PHE E 49 111.64 1.30 -33.15
N ARG E 50 112.14 1.49 -31.94
CA ARG E 50 113.02 0.51 -31.30
C ARG E 50 112.34 -0.86 -31.33
N PHE E 51 111.03 -0.88 -31.07
CA PHE E 51 110.25 -2.11 -31.07
C PHE E 51 110.17 -2.67 -32.47
N ILE E 52 110.30 -1.79 -33.46
CA ILE E 52 110.22 -2.21 -34.85
C ILE E 52 111.49 -2.91 -35.37
N GLU E 53 112.68 -2.41 -35.03
CA GLU E 53 113.91 -3.08 -35.47
C GLU E 53 113.74 -4.47 -34.92
N ASP E 54 113.42 -4.51 -33.64
CA ASP E 54 113.16 -5.75 -32.92
C ASP E 54 112.55 -6.78 -33.88
N LEU E 55 111.26 -6.64 -34.19
CA LEU E 55 110.57 -7.56 -35.08
C LEU E 55 111.15 -7.51 -36.47
N ALA E 56 111.67 -6.35 -36.84
CA ALA E 56 112.25 -6.16 -38.17
C ALA E 56 113.37 -7.15 -38.46
N MET E 57 114.51 -6.94 -37.81
CA MET E 57 115.68 -7.79 -38.00
C MET E 57 115.48 -9.17 -37.43
N ARG E 58 114.24 -9.47 -37.07
CA ARG E 58 113.90 -10.76 -36.48
C ARG E 58 113.08 -11.56 -37.48
N GLY E 59 112.68 -10.91 -38.58
CA GLY E 59 111.89 -11.57 -39.60
C GLY E 59 110.42 -11.62 -39.25
N GLY E 60 109.97 -10.64 -38.46
CA GLY E 60 108.59 -10.61 -38.06
C GLY E 60 107.77 -9.79 -39.04
N THR E 61 106.48 -10.06 -39.10
CA THR E 61 105.58 -9.34 -39.97
C THR E 61 104.92 -8.16 -39.26
N ILE E 62 104.43 -7.21 -40.04
CA ILE E 62 103.73 -6.05 -39.50
C ILE E 62 102.60 -5.72 -40.48
N LEU E 63 101.38 -6.05 -40.09
CA LEU E 63 100.24 -5.76 -40.96
C LEU E 63 99.89 -4.30 -40.78
N PHE E 64 100.03 -3.52 -41.86
CA PHE E 64 99.70 -2.10 -41.85
C PHE E 64 98.23 -1.94 -42.17
N VAL E 65 97.54 -1.13 -41.37
CA VAL E 65 96.13 -0.88 -41.58
C VAL E 65 95.86 0.61 -41.71
N GLY E 66 95.27 0.97 -42.85
CA GLY E 66 94.91 2.34 -43.16
C GLY E 66 93.71 2.37 -44.09
N THR E 67 92.51 2.54 -43.53
CA THR E 67 91.29 2.60 -44.31
C THR E 67 90.95 4.06 -44.55
N LYS E 68 91.33 4.90 -43.59
CA LYS E 68 91.15 6.36 -43.65
C LYS E 68 91.47 6.74 -45.10
N LYS E 69 90.83 7.77 -45.64
CA LYS E 69 91.11 8.14 -47.03
C LYS E 69 92.39 8.93 -47.22
N GLN E 70 92.67 9.84 -46.28
CA GLN E 70 93.89 10.65 -46.35
C GLN E 70 95.16 9.82 -46.36
N ALA E 71 95.06 8.54 -45.99
CA ALA E 71 96.22 7.66 -45.94
C ALA E 71 96.08 6.41 -46.78
N GLN E 72 94.89 6.21 -47.33
CA GLN E 72 94.62 5.03 -48.13
C GLN E 72 95.75 4.66 -49.10
N ASP E 73 96.13 5.60 -49.96
CA ASP E 73 97.19 5.32 -50.92
C ASP E 73 98.53 5.01 -50.27
N ILE E 74 98.98 5.89 -49.38
CA ILE E 74 100.24 5.70 -48.70
C ILE E 74 100.42 4.32 -48.06
N VAL E 75 99.40 3.84 -47.36
CA VAL E 75 99.51 2.52 -46.72
C VAL E 75 99.88 1.45 -47.74
N ARG E 76 99.54 1.66 -49.00
CA ARG E 76 99.89 0.67 -50.02
C ARG E 76 101.37 0.79 -50.36
N MET E 77 101.78 1.98 -50.77
CA MET E 77 103.17 2.26 -51.11
C MET E 77 104.08 1.68 -50.03
N GLU E 78 104.18 2.40 -48.93
CA GLU E 78 105.00 2.00 -47.80
C GLU E 78 104.87 0.54 -47.40
N ALA E 79 103.70 -0.05 -47.62
CA ALA E 79 103.51 -1.45 -47.25
C ALA E 79 104.10 -2.43 -48.27
N GLU E 80 104.07 -2.05 -49.55
CA GLU E 80 104.63 -2.90 -50.60
C GLU E 80 106.12 -2.62 -50.64
N ARG E 81 106.50 -1.46 -50.13
CA ARG E 81 107.90 -1.05 -50.07
C ARG E 81 108.67 -1.96 -49.12
N ALA E 82 107.95 -2.86 -48.45
CA ALA E 82 108.52 -3.83 -47.54
C ALA E 82 107.68 -5.09 -47.71
N GLY E 83 108.24 -6.25 -47.46
CA GLY E 83 107.47 -7.48 -47.66
C GLY E 83 106.18 -7.53 -46.87
N MET E 84 105.85 -6.41 -46.22
CA MET E 84 104.67 -6.32 -45.37
C MET E 84 103.31 -6.22 -46.06
N PRO E 85 102.29 -6.84 -45.44
CA PRO E 85 100.90 -6.85 -45.92
C PRO E 85 100.19 -5.60 -45.43
N TYR E 86 99.01 -5.34 -45.99
CA TYR E 86 98.25 -4.16 -45.60
C TYR E 86 96.76 -4.34 -45.87
N VAL E 87 95.95 -3.57 -45.17
CA VAL E 87 94.50 -3.55 -45.39
C VAL E 87 94.25 -2.09 -45.74
N ASN E 88 93.93 -1.86 -47.01
CA ASN E 88 93.74 -0.52 -47.55
C ASN E 88 92.31 -0.06 -47.83
N GLN E 89 91.48 -0.98 -48.32
CA GLN E 89 90.10 -0.62 -48.59
C GLN E 89 89.27 -0.69 -47.34
N ARG E 90 88.66 -1.85 -47.07
CA ARG E 90 87.83 -1.97 -45.88
C ARG E 90 88.15 -3.18 -45.03
N TRP E 91 88.69 -2.92 -43.84
CA TRP E 91 89.05 -3.98 -42.92
C TRP E 91 87.93 -4.94 -42.56
N LEU E 92 87.78 -6.04 -43.30
CA LEU E 92 86.74 -7.03 -43.00
C LEU E 92 86.76 -7.51 -41.55
N GLY E 93 85.58 -7.62 -40.94
CA GLY E 93 85.49 -8.04 -39.56
C GLY E 93 85.90 -9.48 -39.35
N GLY E 94 86.95 -9.68 -38.56
CA GLY E 94 87.44 -11.02 -38.28
C GLY E 94 88.70 -11.41 -39.05
N MET E 95 89.33 -10.43 -39.72
CA MET E 95 90.54 -10.71 -40.48
C MET E 95 91.61 -11.31 -39.59
N LEU E 96 91.64 -10.92 -38.32
CA LEU E 96 92.62 -11.47 -37.39
C LEU E 96 91.92 -12.50 -36.51
N THR E 97 90.81 -12.08 -35.92
CA THR E 97 90.07 -12.94 -35.04
C THR E 97 89.44 -14.11 -35.76
N ASN E 98 89.21 -13.99 -37.07
CA ASN E 98 88.63 -15.10 -37.80
C ASN E 98 89.50 -15.37 -39.01
N PHE E 99 90.81 -15.30 -38.78
CA PHE E 99 91.84 -15.50 -39.81
C PHE E 99 91.79 -16.75 -40.67
N LYS E 100 91.55 -17.91 -40.08
CA LYS E 100 91.54 -19.11 -40.91
C LYS E 100 90.42 -19.12 -41.93
N THR E 101 89.40 -18.30 -41.70
CA THR E 101 88.28 -18.23 -42.65
C THR E 101 88.59 -17.23 -43.74
N ILE E 102 88.86 -16.00 -43.33
CA ILE E 102 89.20 -14.95 -44.27
C ILE E 102 90.43 -15.34 -45.06
N SER E 103 91.06 -16.44 -44.68
CA SER E 103 92.23 -16.92 -45.39
C SER E 103 91.69 -17.64 -46.62
N GLN E 104 90.63 -18.42 -46.40
CA GLN E 104 90.00 -19.17 -47.46
C GLN E 104 89.62 -18.23 -48.59
N ARG E 105 89.41 -16.97 -48.25
CA ARG E 105 89.07 -15.99 -49.26
C ARG E 105 90.30 -15.62 -50.09
N VAL E 106 91.49 -15.85 -49.54
CA VAL E 106 92.71 -15.57 -50.28
C VAL E 106 93.05 -16.79 -51.11
N HIS E 107 92.63 -17.97 -50.66
CA HIS E 107 92.89 -19.19 -51.42
C HIS E 107 92.02 -19.14 -52.66
N ARG E 108 90.81 -18.63 -52.50
CA ARG E 108 89.91 -18.51 -53.63
C ARG E 108 90.58 -17.60 -54.64
N LEU E 109 91.06 -16.45 -54.18
CA LEU E 109 91.73 -15.48 -55.04
C LEU E 109 92.81 -16.13 -55.89
N GLU E 110 93.69 -16.89 -55.24
CA GLU E 110 94.78 -17.56 -55.94
C GLU E 110 94.18 -18.52 -56.94
N GLU E 111 93.23 -19.33 -56.47
CA GLU E 111 92.57 -20.30 -57.33
C GLU E 111 91.94 -19.68 -58.56
N LEU E 112 91.19 -18.59 -58.38
CA LEU E 112 90.56 -17.93 -59.52
C LEU E 112 91.54 -17.42 -60.56
N GLU E 113 92.60 -16.76 -60.09
CA GLU E 113 93.60 -16.22 -61.01
C GLU E 113 94.19 -17.31 -61.91
N ALA E 114 94.04 -18.56 -61.46
CA ALA E 114 94.55 -19.72 -62.19
C ALA E 114 93.63 -20.07 -63.36
N LEU E 115 92.35 -19.80 -63.21
CA LEU E 115 91.39 -20.08 -64.27
C LEU E 115 91.38 -18.99 -65.33
N PHE E 116 91.79 -17.79 -64.95
CA PHE E 116 91.83 -16.67 -65.88
C PHE E 116 93.23 -16.54 -66.47
N ALA E 117 93.81 -17.69 -66.81
CA ALA E 117 95.14 -17.78 -67.39
C ALA E 117 95.38 -19.27 -67.70
N SER E 118 94.30 -20.04 -67.65
CA SER E 118 94.36 -21.49 -67.89
C SER E 118 93.55 -21.89 -69.14
N PRO E 119 93.25 -23.19 -69.30
CA PRO E 119 92.49 -23.60 -70.49
C PRO E 119 90.99 -23.40 -70.32
N GLU E 120 90.48 -23.81 -69.16
CA GLU E 120 89.07 -23.71 -68.84
C GLU E 120 88.51 -22.29 -68.93
N ILE E 121 89.35 -21.35 -69.33
CA ILE E 121 88.94 -19.95 -69.47
C ILE E 121 87.64 -19.86 -70.26
N GLU E 122 87.73 -20.08 -71.57
CA GLU E 122 86.58 -20.03 -72.44
C GLU E 122 85.62 -21.20 -72.25
N GLU E 123 85.75 -21.89 -71.11
CA GLU E 123 84.87 -23.01 -70.80
C GLU E 123 83.71 -22.54 -69.95
N ARG E 124 82.57 -23.22 -70.08
CA ARG E 124 81.37 -22.87 -69.33
C ARG E 124 80.76 -21.56 -69.80
N PRO E 125 79.45 -21.36 -69.57
CA PRO E 125 78.78 -20.13 -69.98
C PRO E 125 79.48 -18.89 -69.45
N LYS E 126 79.08 -17.72 -69.93
CA LYS E 126 79.68 -16.49 -69.48
C LYS E 126 79.01 -16.00 -68.21
N LYS E 127 77.90 -16.63 -67.83
CA LYS E 127 77.21 -16.25 -66.60
C LYS E 127 78.19 -16.47 -65.45
N GLU E 128 79.14 -17.36 -65.69
CA GLU E 128 80.17 -17.66 -64.71
C GLU E 128 81.41 -16.87 -65.12
N GLN E 129 81.67 -16.86 -66.43
CA GLN E 129 82.81 -16.13 -66.98
C GLN E 129 82.63 -14.64 -66.72
N VAL E 130 81.54 -14.32 -66.03
CA VAL E 130 81.21 -12.95 -65.66
C VAL E 130 81.17 -12.85 -64.15
N ARG E 131 80.36 -13.70 -63.52
CA ARG E 131 80.25 -13.70 -62.07
C ARG E 131 81.63 -13.92 -61.47
N LEU E 132 82.33 -14.96 -61.94
CA LEU E 132 83.66 -15.24 -61.44
C LEU E 132 84.49 -14.00 -61.67
N LYS E 133 84.45 -13.49 -62.90
CA LYS E 133 85.20 -12.29 -63.25
C LYS E 133 84.97 -11.21 -62.19
N HIS E 134 83.81 -11.25 -61.54
CA HIS E 134 83.48 -10.30 -60.49
C HIS E 134 84.20 -10.68 -59.20
N GLU E 135 84.10 -11.95 -58.81
CA GLU E 135 84.77 -12.41 -57.59
C GLU E 135 86.18 -11.87 -57.53
N LEU E 136 86.97 -12.13 -58.56
CA LEU E 136 88.34 -11.65 -58.60
C LEU E 136 88.31 -10.15 -58.34
N GLU E 137 87.49 -9.44 -59.11
CA GLU E 137 87.37 -7.99 -58.99
C GLU E 137 87.42 -7.57 -57.54
N ARG E 138 86.45 -8.06 -56.75
CA ARG E 138 86.40 -7.71 -55.33
C ARG E 138 87.55 -8.29 -54.51
N LEU E 139 87.79 -9.60 -54.64
CA LEU E 139 88.87 -10.23 -53.88
C LEU E 139 90.12 -9.41 -54.03
N GLN E 140 90.38 -8.95 -55.25
CA GLN E 140 91.55 -8.13 -55.51
C GLN E 140 91.39 -6.76 -54.85
N LYS E 141 90.17 -6.35 -54.58
CA LYS E 141 89.90 -5.05 -53.96
C LYS E 141 90.20 -4.99 -52.47
N TYR E 142 89.81 -6.06 -51.76
CA TYR E 142 89.98 -6.11 -50.31
C TYR E 142 91.12 -7.01 -49.83
N LEU E 143 91.46 -8.01 -50.63
CA LEU E 143 92.52 -8.93 -50.28
C LEU E 143 93.82 -8.75 -51.06
N SER E 144 94.07 -7.54 -51.56
CA SER E 144 95.29 -7.26 -52.31
C SER E 144 96.49 -7.16 -51.37
N GLY E 145 96.28 -6.52 -50.21
CA GLY E 145 97.35 -6.37 -49.23
C GLY E 145 97.32 -7.47 -48.18
N PHE E 146 96.13 -8.01 -47.94
CA PHE E 146 95.97 -9.09 -46.99
C PHE E 146 96.46 -10.37 -47.65
N ARG E 147 96.84 -10.22 -48.91
CA ARG E 147 97.36 -11.30 -49.74
C ARG E 147 98.45 -12.14 -49.05
N LEU E 148 99.50 -11.45 -48.59
CA LEU E 148 100.68 -12.05 -47.96
C LEU E 148 100.50 -12.82 -46.65
N LEU E 149 99.81 -12.23 -45.68
CA LEU E 149 99.61 -12.89 -44.40
C LEU E 149 99.39 -14.38 -44.47
N LYS E 150 100.40 -15.18 -44.10
CA LYS E 150 100.24 -16.63 -44.12
C LYS E 150 99.79 -17.13 -42.74
N ARG E 151 100.05 -16.31 -41.72
CA ARG E 151 99.67 -16.60 -40.34
C ARG E 151 99.37 -15.25 -39.68
N LEU E 152 98.75 -15.25 -38.51
CA LEU E 152 98.48 -13.96 -37.86
C LEU E 152 99.78 -13.18 -37.81
N PRO E 153 99.71 -11.85 -38.02
CA PRO E 153 100.90 -10.99 -37.99
C PRO E 153 101.53 -10.93 -36.61
N ASP E 154 102.67 -10.24 -36.51
CA ASP E 154 103.35 -10.13 -35.23
C ASP E 154 103.11 -8.77 -34.62
N ALA E 155 102.35 -7.96 -35.32
CA ALA E 155 102.03 -6.63 -34.85
C ALA E 155 101.14 -5.98 -35.89
N ILE E 156 100.72 -4.77 -35.60
CA ILE E 156 99.86 -4.03 -36.48
C ILE E 156 100.29 -2.58 -36.42
N PHE E 157 100.46 -1.98 -37.59
CA PHE E 157 100.79 -0.57 -37.66
C PHE E 157 99.51 0.05 -38.16
N VAL E 158 98.72 0.57 -37.23
CA VAL E 158 97.46 1.18 -37.59
C VAL E 158 97.59 2.69 -37.66
N VAL E 159 96.85 3.31 -38.56
CA VAL E 159 96.93 4.75 -38.68
C VAL E 159 95.96 5.36 -37.67
N ASP E 160 94.74 5.70 -38.08
CA ASP E 160 93.78 6.26 -37.11
C ASP E 160 93.13 5.08 -36.38
N PRO E 161 93.57 4.82 -35.13
CA PRO E 161 93.04 3.72 -34.32
C PRO E 161 91.58 3.89 -33.97
N THR E 162 91.12 5.13 -33.87
CA THR E 162 89.72 5.36 -33.56
C THR E 162 88.92 4.93 -34.78
N LYS E 163 89.41 5.33 -35.94
CA LYS E 163 88.75 4.98 -37.20
C LYS E 163 88.90 3.48 -37.38
N GLU E 164 90.12 2.99 -37.13
CA GLU E 164 90.43 1.57 -37.26
C GLU E 164 90.30 0.78 -35.96
N ALA E 165 89.35 1.17 -35.12
CA ALA E 165 89.16 0.53 -33.82
C ALA E 165 88.78 -0.95 -33.85
N ILE E 166 88.09 -1.39 -34.90
CA ILE E 166 87.71 -2.80 -34.98
C ILE E 166 88.97 -3.64 -35.17
N ALA E 167 89.96 -3.07 -35.86
CA ALA E 167 91.21 -3.79 -36.09
C ALA E 167 91.99 -3.87 -34.79
N VAL E 168 92.11 -2.72 -34.12
CA VAL E 168 92.82 -2.67 -32.85
C VAL E 168 92.22 -3.65 -31.85
N ARG E 169 90.89 -3.71 -31.78
CA ARG E 169 90.23 -4.63 -30.86
C ARG E 169 90.62 -6.07 -31.15
N GLU E 170 90.59 -6.47 -32.42
CA GLU E 170 90.94 -7.85 -32.76
C GLU E 170 92.36 -8.21 -32.33
N ALA E 171 93.25 -7.22 -32.41
CA ALA E 171 94.64 -7.42 -32.02
C ALA E 171 94.67 -7.78 -30.53
N ARG E 172 94.17 -6.87 -29.71
CA ARG E 172 94.08 -7.08 -28.27
C ARG E 172 93.64 -8.50 -27.87
N LYS E 173 92.52 -8.95 -28.41
CA LYS E 173 92.01 -10.26 -28.09
C LYS E 173 92.97 -11.36 -28.51
N LEU E 174 93.80 -11.07 -29.50
CA LEU E 174 94.76 -12.06 -29.96
C LEU E 174 96.15 -11.82 -29.39
N PHE E 175 96.29 -10.74 -28.62
CA PHE E 175 97.56 -10.37 -27.99
C PHE E 175 98.60 -10.01 -29.02
N ILE E 176 98.13 -9.38 -30.09
CA ILE E 176 99.00 -8.95 -31.15
C ILE E 176 99.37 -7.49 -30.88
N PRO E 177 100.67 -7.19 -30.70
CA PRO E 177 101.06 -5.81 -30.42
C PRO E 177 100.37 -4.80 -31.34
N VAL E 178 100.17 -3.59 -30.82
CA VAL E 178 99.49 -2.55 -31.58
C VAL E 178 100.28 -1.24 -31.63
N ILE E 179 100.74 -0.91 -32.83
CA ILE E 179 101.48 0.31 -33.11
C ILE E 179 100.47 1.24 -33.76
N ALA E 180 100.61 2.54 -33.54
CA ALA E 180 99.65 3.47 -34.13
C ALA E 180 100.04 4.94 -34.17
N LEU E 181 99.79 5.56 -35.32
CA LEU E 181 100.03 6.99 -35.47
C LEU E 181 98.68 7.44 -34.98
N ALA E 182 98.61 7.97 -33.76
CA ALA E 182 97.29 8.37 -33.26
C ALA E 182 97.31 9.76 -32.66
N ASP E 183 96.27 10.54 -32.92
CA ASP E 183 96.23 11.91 -32.41
C ASP E 183 95.20 12.20 -31.31
N THR E 184 94.85 13.48 -31.20
CA THR E 184 93.95 14.02 -30.20
C THR E 184 92.61 13.35 -29.89
N ASP E 185 91.99 12.72 -30.88
CA ASP E 185 90.69 12.09 -30.68
C ASP E 185 90.70 10.60 -30.38
N SER E 186 91.86 10.01 -30.12
CA SER E 186 91.89 8.57 -29.84
C SER E 186 92.29 8.17 -28.43
N ASP E 187 92.06 6.89 -28.13
CA ASP E 187 92.37 6.31 -26.82
C ASP E 187 93.81 5.79 -26.78
N PRO E 188 94.72 6.55 -26.17
CA PRO E 188 96.13 6.14 -26.07
C PRO E 188 96.37 4.82 -25.33
N ASP E 189 95.50 4.50 -24.37
CA ASP E 189 95.64 3.30 -23.57
C ASP E 189 95.54 2.00 -24.35
N LEU E 190 94.90 2.04 -25.51
CA LEU E 190 94.74 0.84 -26.31
C LEU E 190 95.90 0.61 -27.27
N VAL E 191 96.68 1.64 -27.52
CA VAL E 191 97.79 1.51 -28.44
C VAL E 191 99.02 1.12 -27.63
N ASP E 192 99.65 0.03 -28.04
CA ASP E 192 100.83 -0.48 -27.37
C ASP E 192 102.07 0.38 -27.62
N TYR E 193 102.18 0.88 -28.85
CA TYR E 193 103.29 1.75 -29.25
C TYR E 193 102.64 2.91 -29.98
N ILE E 194 102.51 4.02 -29.29
CA ILE E 194 101.84 5.21 -29.81
C ILE E 194 102.75 6.23 -30.48
N ILE E 195 102.36 6.67 -31.66
CA ILE E 195 103.10 7.72 -32.37
C ILE E 195 102.12 8.90 -32.41
N PRO E 196 102.05 9.65 -31.31
CA PRO E 196 101.17 10.81 -31.15
C PRO E 196 101.49 11.92 -32.14
N GLY E 197 100.55 12.18 -33.03
CA GLY E 197 100.74 13.22 -34.02
C GLY E 197 99.67 13.15 -35.08
N ASN E 198 99.56 14.22 -35.85
CA ASN E 198 98.57 14.35 -36.92
C ASN E 198 98.26 13.02 -37.63
N ASP E 199 97.13 12.41 -37.29
CA ASP E 199 96.70 11.14 -37.88
C ASP E 199 96.10 11.39 -39.25
N ASP E 200 95.90 12.67 -39.56
CA ASP E 200 95.34 13.05 -40.84
C ASP E 200 96.39 13.84 -41.60
N ALA E 201 96.09 14.25 -42.82
CA ALA E 201 97.04 15.02 -43.62
C ALA E 201 98.17 14.15 -44.14
N ILE E 202 98.22 13.99 -45.46
CA ILE E 202 99.25 13.19 -46.09
C ILE E 202 100.67 13.60 -45.68
N ARG E 203 100.99 14.89 -45.79
CA ARG E 203 102.33 15.35 -45.44
C ARG E 203 102.87 14.70 -44.16
N SER E 204 101.95 14.28 -43.27
CA SER E 204 102.34 13.65 -42.00
C SER E 204 102.36 12.12 -42.06
N ILE E 205 101.22 11.53 -42.42
CA ILE E 205 101.09 10.09 -42.52
C ILE E 205 102.24 9.55 -43.35
N GLN E 206 102.53 10.24 -44.45
CA GLN E 206 103.61 9.85 -45.36
C GLN E 206 104.95 9.82 -44.66
N LEU E 207 105.25 10.86 -43.88
CA LEU E 207 106.51 10.92 -43.17
C LEU E 207 106.69 9.70 -42.28
N ILE E 208 105.93 9.68 -41.19
CA ILE E 208 105.99 8.59 -40.24
C ILE E 208 106.10 7.24 -40.92
N LEU E 209 105.03 6.82 -41.57
CA LEU E 209 105.04 5.54 -42.24
C LEU E 209 106.30 5.32 -43.06
N SER E 210 106.55 6.17 -44.05
CA SER E 210 107.74 6.03 -44.87
C SER E 210 108.91 5.58 -44.01
N ARG E 211 109.29 6.42 -43.04
CA ARG E 211 110.40 6.11 -42.14
C ARG E 211 110.25 4.74 -41.50
N ALA E 212 109.15 4.53 -40.80
CA ALA E 212 108.91 3.25 -40.16
C ALA E 212 109.24 2.10 -41.12
N VAL E 213 109.16 2.36 -42.43
CA VAL E 213 109.47 1.33 -43.42
C VAL E 213 110.96 1.31 -43.67
N ASP E 214 111.55 2.49 -43.87
CA ASP E 214 112.98 2.58 -44.10
C ASP E 214 113.62 1.74 -43.00
N LEU E 215 113.16 1.98 -41.78
CA LEU E 215 113.65 1.27 -40.60
C LEU E 215 113.50 -0.24 -40.73
N ILE E 216 112.37 -0.69 -41.27
CA ILE E 216 112.15 -2.13 -41.45
C ILE E 216 113.23 -2.73 -42.33
N ILE E 217 113.57 -2.03 -43.41
CA ILE E 217 114.58 -2.50 -44.36
C ILE E 217 115.99 -2.30 -43.78
N GLN E 218 116.23 -1.10 -43.27
CA GLN E 218 117.50 -0.78 -42.66
C GLN E 218 117.81 -1.90 -41.65
N ALA E 219 116.78 -2.37 -40.97
CA ALA E 219 116.96 -3.42 -39.98
C ALA E 219 117.02 -4.80 -40.62
N ARG E 220 116.63 -4.91 -41.88
CA ARG E 220 116.70 -6.21 -42.53
C ARG E 220 117.83 -6.26 -43.55
N GLY E 221 118.73 -5.29 -43.47
CA GLY E 221 119.86 -5.23 -44.38
C GLY E 221 119.48 -5.15 -45.84
N GLY E 222 118.83 -4.04 -46.21
CA GLY E 222 118.42 -3.86 -47.59
C GLY E 222 119.02 -2.59 -48.19
N VAL E 223 119.60 -1.76 -47.32
CA VAL E 223 120.21 -0.50 -47.73
C VAL E 223 119.41 0.10 -48.88
N VAL E 224 118.11 0.28 -48.66
CA VAL E 224 117.21 0.81 -49.66
C VAL E 224 117.21 2.33 -49.79
N GLU E 225 117.01 2.78 -51.03
CA GLU E 225 116.98 4.20 -51.38
C GLU E 225 115.64 4.87 -51.05
N PRO E 226 115.64 6.20 -50.90
CA PRO E 226 114.47 7.04 -50.60
C PRO E 226 113.10 6.54 -51.09
N SER E 227 112.06 6.97 -50.38
CA SER E 227 110.68 6.58 -50.67
C SER E 227 110.00 7.29 -51.84
N PRO E 228 109.22 6.54 -52.63
CA PRO E 228 108.49 7.04 -53.81
C PRO E 228 107.08 7.56 -53.49
N SER E 229 106.74 7.64 -52.21
CA SER E 229 105.42 8.10 -51.79
C SER E 229 105.33 9.62 -51.72
N TYR E 230 106.47 10.26 -51.47
CA TYR E 230 106.54 11.72 -51.36
C TYR E 230 105.87 12.36 -52.59
N ALA E 231 105.77 11.59 -53.67
CA ALA E 231 105.15 12.06 -54.89
C ALA E 231 103.64 12.15 -54.72
N LEU E 232 103.12 11.34 -53.79
CA LEU E 232 101.69 11.31 -53.49
C LEU E 232 101.30 12.44 -52.56
N VAL E 233 102.30 13.22 -52.16
CA VAL E 233 102.09 14.34 -51.26
C VAL E 233 101.42 15.50 -52.01
N GLN E 234 101.45 15.46 -53.33
CA GLN E 234 100.83 16.51 -54.14
C GLN E 234 99.35 16.19 -54.36
N GLY F 1 53.54 -32.42 -43.72
CA GLY F 1 53.68 -33.59 -44.68
C GLY F 1 53.86 -33.23 -46.15
N ASN F 2 55.06 -32.83 -46.50
CA ASN F 2 55.40 -32.44 -47.87
C ASN F 2 56.54 -33.28 -48.47
N LYS F 3 57.19 -32.73 -49.50
CA LYS F 3 58.30 -33.38 -50.22
C LYS F 3 58.18 -34.80 -50.80
N ILE F 4 58.50 -34.91 -52.09
CA ILE F 4 58.45 -36.17 -52.82
C ILE F 4 59.64 -37.06 -52.55
N HIS F 5 59.50 -38.31 -52.98
CA HIS F 5 60.55 -39.29 -52.88
C HIS F 5 61.68 -38.72 -53.72
N PRO F 6 62.89 -38.63 -53.17
CA PRO F 6 64.01 -38.08 -53.95
C PRO F 6 64.40 -38.91 -55.17
N ILE F 7 64.05 -40.19 -55.14
CA ILE F 7 64.35 -41.07 -56.26
C ILE F 7 63.28 -40.87 -57.32
N GLY F 8 62.06 -41.33 -57.00
CA GLY F 8 60.95 -41.19 -57.93
C GLY F 8 60.93 -39.83 -58.59
N PHE F 9 61.40 -38.82 -57.86
CA PHE F 9 61.42 -37.48 -58.39
C PHE F 9 62.47 -37.33 -59.48
N ARG F 10 63.58 -38.03 -59.32
CA ARG F 10 64.68 -37.96 -60.28
C ARG F 10 64.78 -39.09 -61.31
N LEU F 11 63.89 -40.08 -61.24
CA LEU F 11 63.90 -41.21 -62.18
C LEU F 11 64.26 -40.90 -63.63
N GLY F 12 63.80 -39.76 -64.13
CA GLY F 12 64.14 -39.42 -65.50
C GLY F 12 65.65 -39.28 -65.64
N ILE F 13 66.28 -38.72 -64.62
CA ILE F 13 67.72 -38.51 -64.63
C ILE F 13 68.34 -39.16 -63.39
N THR F 14 69.56 -38.72 -63.08
CA THR F 14 70.33 -39.17 -61.93
C THR F 14 69.71 -40.29 -61.07
N ARG F 15 69.31 -41.40 -61.69
CA ARG F 15 68.71 -42.52 -60.98
C ARG F 15 67.88 -43.38 -61.92
N ASP F 16 68.28 -44.64 -62.12
CA ASP F 16 67.55 -45.56 -63.00
C ASP F 16 66.59 -46.40 -62.19
N TRP F 17 65.71 -47.12 -62.88
CA TRP F 17 64.70 -47.97 -62.26
C TRP F 17 65.29 -49.25 -61.67
N GLU F 18 64.49 -49.93 -60.85
CA GLU F 18 64.92 -51.19 -60.24
C GLU F 18 64.46 -52.38 -61.10
N SER F 19 63.58 -52.11 -62.06
CA SER F 19 63.08 -53.15 -62.96
C SER F 19 62.95 -52.52 -64.33
N ARG F 20 63.89 -52.81 -65.22
CA ARG F 20 63.87 -52.25 -66.56
C ARG F 20 63.62 -53.30 -67.64
N TRP F 21 62.34 -53.50 -67.95
CA TRP F 21 61.92 -54.48 -68.95
C TRP F 21 60.59 -54.07 -69.55
N TYR F 22 60.46 -54.22 -70.86
CA TYR F 22 59.21 -53.88 -71.55
C TYR F 22 58.15 -54.97 -71.29
N ALA F 23 56.90 -54.64 -71.58
CA ALA F 23 55.79 -55.57 -71.40
C ALA F 23 54.52 -54.78 -71.62
N GLY F 24 53.36 -55.40 -71.41
CA GLY F 24 52.13 -54.67 -71.62
C GLY F 24 50.80 -55.39 -71.44
N LYS F 25 49.76 -54.57 -71.40
CA LYS F 25 48.36 -54.97 -71.25
C LYS F 25 48.06 -56.27 -70.51
N LYS F 26 48.17 -57.40 -71.21
CA LYS F 26 47.85 -58.69 -70.61
C LYS F 26 48.93 -59.26 -69.68
N GLN F 27 50.17 -58.84 -69.88
CA GLN F 27 51.26 -59.36 -69.07
C GLN F 27 51.69 -58.48 -67.92
N TYR F 28 52.12 -57.27 -68.24
CA TYR F 28 52.61 -56.31 -67.26
C TYR F 28 52.23 -56.54 -65.80
N ARG F 29 50.94 -56.66 -65.49
CA ARG F 29 50.53 -56.88 -64.10
C ARG F 29 51.01 -58.21 -63.52
N HIS F 30 51.11 -59.22 -64.39
CA HIS F 30 51.55 -60.56 -63.98
C HIS F 30 53.07 -60.58 -63.86
N LEU F 31 53.71 -59.97 -64.86
CA LEU F 31 55.15 -59.88 -64.98
C LEU F 31 55.73 -58.94 -63.93
N LEU F 32 54.88 -58.25 -63.19
CA LEU F 32 55.33 -57.32 -62.16
C LEU F 32 55.09 -57.93 -60.80
N LEU F 33 53.94 -58.55 -60.62
CA LEU F 33 53.62 -59.16 -59.35
C LEU F 33 54.78 -60.07 -59.02
N GLU F 34 55.33 -60.69 -60.06
CA GLU F 34 56.46 -61.58 -59.92
C GLU F 34 57.61 -60.86 -59.25
N ASP F 35 58.12 -59.82 -59.91
CA ASP F 35 59.22 -59.03 -59.37
C ASP F 35 59.10 -58.82 -57.87
N GLN F 36 57.90 -58.55 -57.39
CA GLN F 36 57.66 -58.32 -55.98
C GLN F 36 57.83 -59.62 -55.19
N ARG F 37 57.45 -60.73 -55.80
CA ARG F 37 57.59 -62.04 -55.17
C ARG F 37 59.09 -62.25 -54.99
N ILE F 38 59.83 -61.97 -56.06
CA ILE F 38 61.28 -62.08 -56.08
C ILE F 38 61.82 -61.29 -54.89
N ARG F 39 61.82 -59.96 -55.04
CA ARG F 39 62.29 -59.05 -54.01
C ARG F 39 61.83 -59.49 -52.62
N GLY F 40 60.60 -59.99 -52.55
CA GLY F 40 60.05 -60.46 -51.29
C GLY F 40 60.98 -61.36 -50.51
N LEU F 41 61.36 -62.49 -51.12
CA LEU F 41 62.25 -63.46 -50.48
C LEU F 41 63.66 -62.94 -50.23
N LEU F 42 64.25 -62.33 -51.25
CA LEU F 42 65.61 -61.81 -51.14
C LEU F 42 65.82 -60.94 -49.90
N GLU F 43 64.87 -60.03 -49.64
CA GLU F 43 64.97 -59.16 -48.48
C GLU F 43 64.70 -59.94 -47.20
N LYS F 44 63.83 -60.95 -47.30
CA LYS F 44 63.49 -61.80 -46.16
C LYS F 44 64.66 -62.71 -45.80
N GLU F 45 65.52 -62.98 -46.78
CA GLU F 45 66.68 -63.84 -46.59
C GLU F 45 67.98 -63.05 -46.42
N LEU F 46 68.52 -62.61 -47.55
CA LEU F 46 69.78 -61.85 -47.61
C LEU F 46 69.88 -60.64 -46.69
N TYR F 47 69.21 -60.67 -45.54
CA TYR F 47 69.28 -59.52 -44.64
C TYR F 47 70.71 -59.28 -44.18
N SER F 48 71.29 -60.29 -43.52
CA SER F 48 72.65 -60.21 -42.99
C SER F 48 73.70 -59.94 -44.07
N ALA F 49 73.35 -60.21 -45.33
CA ALA F 49 74.27 -59.97 -46.43
C ALA F 49 74.39 -58.47 -46.65
N GLY F 50 73.31 -57.76 -46.35
CA GLY F 50 73.30 -56.32 -46.55
C GLY F 50 72.72 -56.02 -47.91
N LEU F 51 71.40 -56.11 -48.01
CA LEU F 51 70.68 -55.83 -49.26
C LEU F 51 70.76 -54.33 -49.55
N ALA F 52 70.69 -53.95 -50.81
CA ALA F 52 70.76 -52.54 -51.14
C ALA F 52 69.97 -52.23 -52.42
N ARG F 53 69.81 -53.22 -53.27
CA ARG F 53 69.08 -53.04 -54.51
C ARG F 53 68.92 -54.38 -55.19
N VAL F 54 67.84 -54.51 -55.96
CA VAL F 54 67.56 -55.75 -56.67
C VAL F 54 67.17 -55.47 -58.10
N ASP F 55 68.15 -55.19 -58.96
CA ASP F 55 67.84 -54.95 -60.36
C ASP F 55 67.21 -56.20 -60.96
N ILE F 56 66.24 -56.02 -61.84
CA ILE F 56 65.57 -57.14 -62.47
C ILE F 56 65.29 -56.90 -63.95
N GLU F 57 66.20 -57.38 -64.81
CA GLU F 57 66.04 -57.21 -66.25
C GLU F 57 65.33 -58.43 -66.84
N ARG F 58 64.84 -58.29 -68.07
CA ARG F 58 64.13 -59.39 -68.74
C ARG F 58 64.14 -59.31 -70.26
N ALA F 59 63.75 -60.42 -70.89
CA ALA F 59 63.67 -60.52 -72.35
C ALA F 59 62.68 -61.61 -72.73
N ALA F 60 62.62 -62.66 -71.91
CA ALA F 60 61.72 -63.79 -72.12
C ALA F 60 62.19 -65.02 -71.37
N ASP F 61 61.31 -65.59 -70.55
CA ASP F 61 61.60 -66.78 -69.74
C ASP F 61 63.07 -66.99 -69.42
N ASN F 62 63.78 -65.89 -69.19
CA ASN F 62 65.20 -65.91 -68.83
C ASN F 62 65.50 -64.63 -68.10
N VAL F 63 64.90 -64.51 -66.92
CA VAL F 63 65.04 -63.35 -66.06
C VAL F 63 66.48 -63.03 -65.67
N ALA F 64 66.69 -61.83 -65.13
CA ALA F 64 68.02 -61.39 -64.73
C ALA F 64 68.26 -61.50 -63.22
N VAL F 65 67.91 -60.45 -62.48
CA VAL F 65 68.10 -60.41 -61.04
C VAL F 65 69.57 -60.25 -60.73
N THR F 66 69.93 -59.09 -60.19
CA THR F 66 71.32 -58.79 -59.87
C THR F 66 71.46 -58.20 -58.47
N VAL F 67 71.13 -59.01 -57.45
CA VAL F 67 71.22 -58.56 -56.06
C VAL F 67 72.55 -57.84 -55.76
N HIS F 68 72.46 -56.66 -55.13
CA HIS F 68 73.64 -55.88 -54.75
C HIS F 68 73.83 -55.99 -53.24
N VAL F 69 75.05 -56.38 -52.83
CA VAL F 69 75.33 -56.58 -51.42
C VAL F 69 76.64 -55.98 -50.90
N ALA F 70 76.73 -55.89 -49.58
CA ALA F 70 77.91 -55.37 -48.90
C ALA F 70 78.85 -56.55 -48.62
N LYS F 71 78.24 -57.68 -48.25
CA LYS F 71 78.97 -58.92 -47.94
C LYS F 71 78.56 -60.00 -48.96
N PRO F 72 79.07 -59.88 -50.21
CA PRO F 72 78.75 -60.83 -51.28
C PRO F 72 78.97 -62.28 -50.88
N GLY F 73 79.77 -62.48 -49.83
CA GLY F 73 80.02 -63.82 -49.35
C GLY F 73 78.73 -64.45 -48.84
N VAL F 74 78.24 -63.91 -47.73
CA VAL F 74 77.00 -64.40 -47.11
C VAL F 74 75.98 -64.84 -48.16
N VAL F 75 75.94 -64.11 -49.27
CA VAL F 75 75.03 -64.42 -50.36
C VAL F 75 75.42 -65.75 -50.98
N ILE F 76 76.52 -65.72 -51.75
CA ILE F 76 77.04 -66.90 -52.43
C ILE F 76 76.94 -68.16 -51.59
N GLY F 77 77.69 -68.19 -50.50
CA GLY F 77 77.69 -69.35 -49.62
C GLY F 77 79.06 -69.98 -49.59
N ARG F 78 79.14 -71.21 -49.08
CA ARG F 78 80.40 -71.94 -49.01
C ARG F 78 80.72 -72.56 -50.37
N GLY F 79 81.71 -71.98 -51.06
CA GLY F 79 82.08 -72.47 -52.37
C GLY F 79 81.04 -72.10 -53.41
N GLY F 80 79.87 -71.70 -52.93
CA GLY F 80 78.78 -71.33 -53.81
C GLY F 80 77.61 -72.26 -53.61
N GLU F 81 77.47 -72.80 -52.40
CA GLU F 81 76.39 -73.72 -52.10
C GLU F 81 75.05 -73.03 -51.83
N ARG F 82 75.09 -71.83 -51.28
CA ARG F 82 73.84 -71.10 -51.01
C ARG F 82 73.25 -70.51 -52.27
N ILE F 83 74.10 -69.96 -53.13
CA ILE F 83 73.64 -69.38 -54.37
C ILE F 83 73.01 -70.49 -55.20
N ARG F 84 72.99 -71.68 -54.61
CA ARG F 84 72.39 -72.86 -55.22
C ARG F 84 70.99 -73.01 -54.63
N VAL F 85 70.91 -72.87 -53.31
CA VAL F 85 69.64 -72.98 -52.60
C VAL F 85 68.70 -71.90 -53.10
N LEU F 86 69.12 -70.65 -52.99
CA LEU F 86 68.31 -69.52 -53.42
C LEU F 86 67.98 -69.63 -54.90
N ARG F 87 69.01 -69.59 -55.74
CA ARG F 87 68.84 -69.67 -57.19
C ARG F 87 67.83 -70.75 -57.58
N GLU F 88 67.67 -71.75 -56.72
CA GLU F 88 66.71 -72.81 -56.97
C GLU F 88 65.39 -72.42 -56.33
N GLU F 89 65.44 -71.94 -55.09
CA GLU F 89 64.24 -71.52 -54.37
C GLU F 89 63.52 -70.51 -55.27
N LEU F 90 64.31 -69.89 -56.15
CA LEU F 90 63.83 -68.90 -57.09
C LEU F 90 62.85 -69.47 -58.12
N ALA F 91 63.26 -70.54 -58.79
CA ALA F 91 62.41 -71.15 -59.82
C ALA F 91 61.20 -71.88 -59.20
N LYS F 92 61.26 -72.14 -57.90
CA LYS F 92 60.15 -72.80 -57.21
C LYS F 92 59.12 -71.70 -56.95
N LEU F 93 59.37 -70.55 -57.56
CA LEU F 93 58.53 -69.36 -57.44
C LEU F 93 58.18 -68.89 -58.85
N THR F 94 59.15 -68.99 -59.74
CA THR F 94 58.95 -68.59 -61.12
C THR F 94 59.54 -69.66 -62.04
N GLY F 95 58.67 -70.49 -62.61
CA GLY F 95 59.15 -71.52 -63.50
C GLY F 95 60.02 -70.87 -64.57
N LYS F 96 59.77 -69.58 -64.77
CA LYS F 96 60.48 -68.75 -65.74
C LYS F 96 61.93 -69.11 -66.09
N ASN F 97 62.67 -69.70 -65.15
CA ASN F 97 64.08 -70.07 -65.36
C ASN F 97 64.91 -68.80 -65.39
N VAL F 98 65.46 -68.42 -64.23
CA VAL F 98 66.23 -67.18 -64.13
C VAL F 98 67.61 -67.26 -63.48
N ALA F 99 68.47 -66.32 -63.88
CA ALA F 99 69.83 -66.20 -63.36
C ALA F 99 69.82 -65.69 -61.92
N LEU F 100 70.92 -65.09 -61.49
CA LEU F 100 71.05 -64.55 -60.13
C LEU F 100 72.49 -64.07 -59.90
N ASN F 101 72.85 -62.96 -60.53
CA ASN F 101 74.20 -62.39 -60.37
C ASN F 101 74.32 -61.76 -58.98
N VAL F 102 75.52 -61.30 -58.64
CA VAL F 102 75.75 -60.67 -57.34
C VAL F 102 76.91 -59.68 -57.40
N GLN F 103 76.59 -58.39 -57.32
CA GLN F 103 77.63 -57.38 -57.33
C GLN F 103 77.90 -56.96 -55.90
N GLU F 104 79.12 -56.51 -55.63
CA GLU F 104 79.51 -56.08 -54.30
C GLU F 104 79.37 -54.58 -54.20
N VAL F 105 79.01 -54.11 -53.01
CA VAL F 105 78.83 -52.69 -52.74
C VAL F 105 80.16 -52.03 -52.36
N GLN F 106 80.63 -51.12 -53.19
CA GLN F 106 81.87 -50.41 -52.95
C GLN F 106 81.63 -49.36 -51.88
N ASN F 107 81.86 -49.75 -50.62
CA ASN F 107 81.66 -48.88 -49.46
C ASN F 107 80.18 -48.77 -49.13
N PRO F 108 79.68 -49.64 -48.26
CA PRO F 108 78.26 -49.62 -47.87
C PRO F 108 77.97 -48.32 -47.12
N ASN F 109 78.99 -47.48 -47.05
CA ASN F 109 78.90 -46.20 -46.36
C ASN F 109 78.44 -45.09 -47.28
N LEU F 110 77.95 -45.47 -48.46
CA LEU F 110 77.43 -44.51 -49.42
C LEU F 110 76.15 -45.10 -50.00
N SER F 111 75.57 -46.05 -49.27
CA SER F 111 74.33 -46.69 -49.66
C SER F 111 73.27 -46.29 -48.67
N ALA F 112 72.47 -45.30 -49.05
CA ALA F 112 71.41 -44.79 -48.19
C ALA F 112 70.66 -45.92 -47.49
N PRO F 113 70.27 -46.96 -48.26
CA PRO F 113 69.54 -48.11 -47.69
C PRO F 113 70.34 -48.77 -46.58
N LEU F 114 71.63 -48.89 -46.81
CA LEU F 114 72.51 -49.50 -45.84
C LEU F 114 72.65 -48.60 -44.62
N VAL F 115 73.13 -47.37 -44.83
CA VAL F 115 73.29 -46.42 -43.72
C VAL F 115 72.01 -46.42 -42.88
N ALA F 116 70.87 -46.47 -43.56
CA ALA F 116 69.56 -46.49 -42.92
C ALA F 116 69.43 -47.71 -42.02
N GLN F 117 69.48 -48.88 -42.66
CA GLN F 117 69.38 -50.18 -41.98
C GLN F 117 70.38 -50.24 -40.84
N ARG F 118 71.57 -49.70 -41.11
CA ARG F 118 72.66 -49.64 -40.15
C ARG F 118 72.10 -49.00 -38.88
N VAL F 119 71.50 -47.82 -39.04
CA VAL F 119 70.92 -47.07 -37.94
C VAL F 119 69.67 -47.72 -37.39
N ALA F 120 68.85 -48.25 -38.28
CA ALA F 120 67.62 -48.91 -37.89
C ALA F 120 67.94 -50.01 -36.87
N GLU F 121 68.98 -50.79 -37.18
CA GLU F 121 69.40 -51.89 -36.31
C GLU F 121 69.85 -51.40 -34.94
N GLN F 122 70.83 -50.49 -34.92
CA GLN F 122 71.33 -49.96 -33.66
C GLN F 122 70.16 -49.59 -32.77
N ILE F 123 69.22 -48.85 -33.34
CA ILE F 123 68.04 -48.41 -32.61
C ILE F 123 67.27 -49.58 -32.01
N GLU F 124 67.25 -50.69 -32.74
CA GLU F 124 66.55 -51.86 -32.27
C GLU F 124 67.31 -52.48 -31.11
N ARG F 125 68.62 -52.32 -31.13
CA ARG F 125 69.46 -52.88 -30.07
C ARG F 125 69.46 -51.99 -28.82
N ARG F 126 68.81 -50.84 -28.92
CA ARG F 126 68.69 -49.89 -27.82
C ARG F 126 69.85 -48.92 -27.64
N PHE F 127 70.44 -48.46 -28.74
CA PHE F 127 71.54 -47.50 -28.70
C PHE F 127 70.96 -46.09 -28.62
N ALA F 128 71.76 -45.13 -28.19
CA ALA F 128 71.29 -43.75 -28.10
C ALA F 128 71.04 -43.28 -29.52
N VAL F 129 69.79 -42.95 -29.81
CA VAL F 129 69.41 -42.51 -31.15
C VAL F 129 70.24 -41.36 -31.72
N ARG F 130 70.21 -40.21 -31.05
CA ARG F 130 70.96 -39.06 -31.53
C ARG F 130 72.41 -39.43 -31.86
N ARG F 131 73.04 -40.22 -30.99
CA ARG F 131 74.42 -40.64 -31.21
C ARG F 131 74.50 -41.42 -32.52
N ALA F 132 73.83 -42.56 -32.54
CA ALA F 132 73.80 -43.43 -33.70
C ALA F 132 73.66 -42.62 -34.99
N ILE F 133 72.80 -41.62 -34.94
CA ILE F 133 72.54 -40.74 -36.07
C ILE F 133 73.78 -39.93 -36.44
N LYS F 134 74.29 -39.15 -35.49
CA LYS F 134 75.47 -38.32 -35.71
C LYS F 134 76.61 -39.16 -36.27
N GLN F 135 76.81 -40.34 -35.66
CA GLN F 135 77.84 -41.27 -36.07
C GLN F 135 77.67 -41.57 -37.56
N ALA F 136 76.48 -42.08 -37.88
CA ALA F 136 76.12 -42.43 -39.25
C ALA F 136 76.43 -41.31 -40.25
N VAL F 137 75.99 -40.10 -39.94
CA VAL F 137 76.23 -38.97 -40.82
C VAL F 137 77.74 -38.83 -40.96
N GLN F 138 78.46 -39.03 -39.87
CA GLN F 138 79.90 -38.93 -39.92
C GLN F 138 80.48 -39.98 -40.85
N ARG F 139 80.21 -41.25 -40.57
CA ARG F 139 80.72 -42.34 -41.42
C ARG F 139 80.52 -41.95 -42.89
N VAL F 140 79.27 -41.72 -43.26
CA VAL F 140 78.90 -41.35 -44.62
C VAL F 140 79.64 -40.13 -45.11
N MET F 141 79.70 -39.13 -44.26
CA MET F 141 80.36 -37.88 -44.61
C MET F 141 81.88 -38.07 -44.61
N GLU F 142 82.34 -38.99 -43.75
CA GLU F 142 83.76 -39.26 -43.59
C GLU F 142 84.37 -40.22 -44.62
N SER F 143 83.56 -40.70 -45.55
CA SER F 143 84.04 -41.59 -46.61
C SER F 143 83.44 -41.18 -47.95
N GLY F 144 83.86 -40.01 -48.42
CA GLY F 144 83.36 -39.48 -49.68
C GLY F 144 82.16 -38.60 -49.41
N ALA F 145 81.17 -38.68 -50.29
CA ALA F 145 79.94 -37.91 -50.17
C ALA F 145 80.14 -36.40 -50.07
N LYS F 146 79.39 -35.65 -50.87
CA LYS F 146 79.48 -34.20 -50.82
C LYS F 146 78.38 -33.70 -49.89
N GLY F 147 77.66 -34.64 -49.29
CA GLY F 147 76.59 -34.31 -48.37
C GLY F 147 75.79 -35.51 -47.90
N ALA F 148 75.28 -35.46 -46.68
CA ALA F 148 74.49 -36.56 -46.13
C ALA F 148 73.56 -36.05 -45.06
N LYS F 149 72.59 -36.88 -44.68
CA LYS F 149 71.59 -36.50 -43.66
C LYS F 149 70.77 -37.70 -43.21
N VAL F 150 70.53 -37.84 -41.91
CA VAL F 150 69.75 -38.97 -41.44
C VAL F 150 68.59 -38.44 -40.60
N ILE F 151 67.48 -39.17 -40.62
CA ILE F 151 66.29 -38.76 -39.87
C ILE F 151 65.65 -39.96 -39.20
N VAL F 152 65.44 -39.87 -37.89
CA VAL F 152 64.79 -40.96 -37.19
C VAL F 152 63.40 -40.44 -36.83
N SER F 153 62.40 -41.31 -36.95
CA SER F 153 61.01 -40.99 -36.68
C SER F 153 60.75 -40.52 -35.25
N GLY F 154 59.89 -41.24 -34.55
CA GLY F 154 59.56 -40.85 -33.18
C GLY F 154 59.35 -41.96 -32.17
N ARG F 155 59.47 -41.57 -30.91
CA ARG F 155 59.38 -42.42 -29.72
C ARG F 155 60.82 -42.75 -29.42
N ILE F 156 61.66 -41.78 -29.72
CA ILE F 156 63.09 -41.87 -29.49
C ILE F 156 63.32 -42.28 -28.04
N GLY F 157 64.05 -43.37 -27.86
CA GLY F 157 64.36 -43.85 -26.52
C GLY F 157 63.14 -44.44 -25.84
N GLY F 158 62.11 -44.73 -26.62
CA GLY F 158 60.90 -45.31 -26.05
C GLY F 158 60.04 -44.29 -25.35
N ALA F 159 60.42 -43.01 -25.49
CA ALA F 159 59.71 -41.90 -24.88
C ALA F 159 58.23 -41.91 -25.28
N GLU F 160 57.36 -41.62 -24.32
CA GLU F 160 55.92 -41.63 -24.54
C GLU F 160 55.47 -40.64 -25.64
N GLN F 161 56.25 -39.58 -25.82
CA GLN F 161 55.97 -38.56 -26.85
C GLN F 161 56.89 -38.78 -28.05
N ALA F 162 56.29 -39.03 -29.20
CA ALA F 162 57.03 -39.24 -30.43
C ALA F 162 57.80 -37.98 -30.80
N ARG F 163 59.08 -38.12 -31.09
CA ARG F 163 59.90 -36.96 -31.44
C ARG F 163 60.37 -37.16 -32.87
N THR F 164 61.45 -36.49 -33.24
CA THR F 164 62.03 -36.63 -34.57
C THR F 164 63.44 -36.08 -34.55
N GLU F 165 64.42 -36.96 -34.80
CA GLU F 165 65.81 -36.56 -34.77
C GLU F 165 66.42 -36.29 -36.14
N TRP F 166 67.35 -35.35 -36.14
CA TRP F 166 68.02 -34.86 -37.33
C TRP F 166 69.39 -35.40 -37.69
N ALA F 167 70.30 -34.45 -37.99
CA ALA F 167 71.70 -34.68 -38.37
C ALA F 167 71.97 -34.55 -39.86
N ALA F 168 72.85 -33.62 -40.23
CA ALA F 168 73.19 -33.41 -41.63
C ALA F 168 74.48 -32.62 -41.84
N GLN F 169 75.17 -32.88 -42.97
CA GLN F 169 76.41 -32.18 -43.31
C GLN F 169 76.55 -31.99 -44.83
N GLY F 170 77.15 -30.87 -45.24
CA GLY F 170 77.34 -30.59 -46.66
C GLY F 170 76.05 -30.49 -47.48
N ARG F 171 76.16 -29.96 -48.70
CA ARG F 171 74.99 -29.82 -49.57
C ARG F 171 74.18 -31.11 -49.68
N VAL F 172 72.86 -30.98 -49.57
CA VAL F 172 71.94 -32.11 -49.69
C VAL F 172 70.64 -31.56 -50.31
N PRO F 173 70.77 -30.85 -51.43
CA PRO F 173 69.71 -30.20 -52.22
C PRO F 173 68.59 -31.08 -52.73
N LEU F 174 67.55 -31.27 -51.93
CA LEU F 174 66.43 -32.08 -52.38
C LEU F 174 65.72 -31.43 -53.55
N HIS F 175 65.83 -30.11 -53.64
CA HIS F 175 65.15 -29.40 -54.72
C HIS F 175 65.84 -29.50 -56.05
N THR F 176 67.16 -29.49 -56.04
CA THR F 176 67.91 -29.56 -57.29
C THR F 176 67.66 -30.89 -58.00
N LEU F 177 66.98 -30.78 -59.13
CA LEU F 177 66.60 -31.92 -59.95
C LEU F 177 67.80 -32.30 -60.78
N ARG F 178 68.76 -32.98 -60.16
CA ARG F 178 70.00 -33.38 -60.84
C ARG F 178 71.09 -33.65 -59.80
N ALA F 179 70.72 -33.57 -58.53
CA ALA F 179 71.66 -33.79 -57.44
C ALA F 179 72.31 -35.15 -57.45
N ASN F 180 71.47 -36.16 -57.40
CA ASN F 180 71.90 -37.55 -57.35
C ASN F 180 72.07 -37.80 -55.87
N ILE F 181 70.93 -37.93 -55.24
CA ILE F 181 70.84 -38.16 -53.82
C ILE F 181 70.30 -39.56 -53.61
N ASP F 182 71.06 -40.39 -52.89
CA ASP F 182 70.59 -41.73 -52.64
C ASP F 182 69.66 -41.65 -51.44
N TYR F 183 68.47 -42.22 -51.58
CA TYR F 183 67.49 -42.21 -50.51
C TYR F 183 67.37 -43.63 -49.98
N GLY F 184 67.27 -43.75 -48.67
CA GLY F 184 67.14 -45.07 -48.10
C GLY F 184 66.30 -45.02 -46.85
N PHE F 185 65.33 -45.93 -46.76
CA PHE F 185 64.47 -45.98 -45.60
C PHE F 185 64.60 -47.30 -44.88
N ALA F 186 64.64 -47.25 -43.56
CA ALA F 186 64.73 -48.44 -42.76
C ALA F 186 63.69 -48.37 -41.64
N LEU F 187 62.99 -49.47 -41.43
CA LEU F 187 61.98 -49.56 -40.39
C LEU F 187 62.69 -49.75 -39.05
N ALA F 188 62.08 -50.46 -38.11
CA ALA F 188 62.71 -50.69 -36.80
C ALA F 188 61.67 -51.15 -35.75
N ARG F 189 61.14 -52.36 -35.93
CA ARG F 189 60.17 -52.88 -34.97
C ARG F 189 60.77 -52.79 -33.57
N THR F 190 59.93 -52.55 -32.56
CA THR F 190 60.42 -52.39 -31.19
C THR F 190 59.41 -52.71 -30.12
N THR F 191 59.91 -52.99 -28.92
CA THR F 191 59.05 -53.28 -27.78
C THR F 191 57.98 -52.22 -27.68
N TYR F 192 58.36 -50.97 -27.91
CA TYR F 192 57.41 -49.88 -27.82
C TYR F 192 56.77 -49.45 -29.14
N GLY F 193 57.34 -49.90 -30.27
CA GLY F 193 56.76 -49.54 -31.55
C GLY F 193 57.71 -49.26 -32.70
N VAL F 194 57.12 -49.15 -33.89
CA VAL F 194 57.87 -48.89 -35.12
C VAL F 194 58.50 -47.50 -35.12
N LEU F 195 59.70 -47.37 -35.68
CA LEU F 195 60.36 -46.07 -35.77
C LEU F 195 61.10 -46.04 -37.11
N GLY F 196 60.59 -45.28 -38.06
CA GLY F 196 61.23 -45.21 -39.37
C GLY F 196 62.57 -44.49 -39.38
N VAL F 197 63.45 -44.92 -40.29
CA VAL F 197 64.77 -44.31 -40.41
C VAL F 197 65.06 -43.88 -41.84
N LYS F 198 65.42 -42.62 -42.02
CA LYS F 198 65.71 -42.14 -43.36
C LYS F 198 67.14 -41.71 -43.56
N ALA F 199 67.76 -42.19 -44.64
CA ALA F 199 69.13 -41.84 -44.96
C ALA F 199 69.19 -41.16 -46.31
N TYR F 200 69.87 -40.02 -46.36
CA TYR F 200 70.04 -39.24 -47.59
C TYR F 200 71.51 -39.03 -47.87
N ILE F 201 71.98 -39.46 -49.04
CA ILE F 201 73.39 -39.23 -49.36
C ILE F 201 73.56 -38.50 -50.70
N PHE F 202 74.36 -37.45 -50.68
CA PHE F 202 74.59 -36.66 -51.86
C PHE F 202 75.96 -36.98 -52.45
N LEU F 203 76.01 -37.17 -53.77
CA LEU F 203 77.26 -37.48 -54.46
C LEU F 203 77.32 -36.64 -55.74
N GLY F 204 78.52 -36.14 -56.06
CA GLY F 204 78.67 -35.34 -57.25
C GLY F 204 77.47 -34.44 -57.56
N GLU F 205 77.09 -34.39 -58.83
CA GLU F 205 75.96 -33.57 -59.22
C GLU F 205 75.54 -33.81 -60.67
N VAL F 206 76.15 -33.09 -61.61
CA VAL F 206 75.81 -33.22 -63.04
C VAL F 206 75.34 -34.62 -63.47
N GLY G 1 74.32 -53.24 16.38
CA GLY G 1 75.07 -54.34 15.70
C GLY G 1 75.61 -53.95 14.33
N ARG G 2 76.94 -53.82 14.24
CA ARG G 2 77.59 -53.44 12.99
C ARG G 2 77.19 -54.31 11.82
N TYR G 3 76.48 -53.69 10.89
CA TYR G 3 75.99 -54.34 9.67
C TYR G 3 75.61 -55.81 9.77
N ILE G 4 76.53 -56.69 9.37
CA ILE G 4 76.28 -58.13 9.38
C ILE G 4 75.26 -58.43 8.28
N GLY G 5 75.77 -58.77 7.10
CA GLY G 5 74.92 -59.09 5.95
C GLY G 5 75.80 -59.26 4.73
N PRO G 6 75.25 -59.65 3.59
CA PRO G 6 76.13 -59.81 2.42
C PRO G 6 77.14 -58.65 2.36
N VAL G 7 78.40 -58.99 2.22
CA VAL G 7 79.46 -57.98 2.20
C VAL G 7 80.15 -57.75 0.87
N CYS G 8 80.30 -58.79 0.06
CA CYS G 8 80.94 -58.61 -1.23
C CYS G 8 80.02 -57.74 -2.10
N ARG G 9 78.84 -57.41 -1.58
CA ARG G 9 77.90 -56.56 -2.30
C ARG G 9 78.28 -55.08 -2.11
N LEU G 10 78.98 -54.80 -1.02
CA LEU G 10 79.43 -53.43 -0.75
C LEU G 10 80.63 -53.24 -1.66
N CYS G 11 81.49 -54.27 -1.72
CA CYS G 11 82.67 -54.25 -2.58
C CYS G 11 82.15 -53.74 -3.93
N ARG G 12 81.08 -54.38 -4.41
CA ARG G 12 80.47 -54.04 -5.69
C ARG G 12 79.88 -52.64 -5.84
N ARG G 13 79.11 -52.20 -4.86
CA ARG G 13 78.49 -50.87 -4.89
C ARG G 13 79.55 -49.75 -4.97
N GLU G 14 80.68 -49.97 -4.29
CA GLU G 14 81.74 -48.99 -4.31
C GLU G 14 82.59 -49.21 -5.55
N GLY G 15 82.19 -50.17 -6.38
CA GLY G 15 82.93 -50.46 -7.59
C GLY G 15 84.42 -50.60 -7.34
N VAL G 16 84.78 -50.80 -6.08
CA VAL G 16 86.17 -50.96 -5.68
C VAL G 16 86.30 -52.11 -4.70
N LYS G 17 87.44 -52.79 -4.76
CA LYS G 17 87.69 -53.93 -3.91
C LYS G 17 87.77 -53.52 -2.44
N LEU G 18 87.12 -54.31 -1.61
CA LEU G 18 87.12 -54.10 -0.18
C LEU G 18 87.49 -55.44 0.40
N TYR G 19 88.48 -55.42 1.27
CA TYR G 19 88.94 -56.65 1.89
C TYR G 19 88.17 -56.87 3.17
N LEU G 20 86.91 -57.24 3.01
CA LEU G 20 86.00 -57.49 4.12
C LEU G 20 85.93 -58.99 4.41
N LYS G 21 86.92 -59.72 3.91
CA LYS G 21 87.00 -61.16 4.09
C LYS G 21 88.42 -61.69 4.12
N GLY G 22 89.40 -60.81 4.17
CA GLY G 22 90.77 -61.27 4.18
C GLY G 22 90.96 -62.24 3.03
N GLU G 23 91.04 -63.54 3.33
CA GLU G 23 91.22 -64.53 2.28
C GLU G 23 90.04 -64.50 1.33
N ARG G 24 90.16 -65.21 0.21
CA ARG G 24 89.12 -65.25 -0.83
C ARG G 24 89.11 -63.95 -1.61
N CYS G 25 89.12 -62.82 -0.90
CA CYS G 25 89.11 -61.52 -1.56
C CYS G 25 90.39 -61.42 -2.41
N TYR G 26 90.96 -62.58 -2.72
CA TYR G 26 92.14 -62.74 -3.56
C TYR G 26 91.79 -63.80 -4.58
N SER G 27 91.44 -64.98 -4.08
CA SER G 27 91.05 -66.07 -4.97
C SER G 27 89.90 -65.61 -5.86
N PRO G 28 90.16 -65.46 -7.17
CA PRO G 28 89.21 -65.02 -8.20
C PRO G 28 87.74 -65.19 -7.82
N LYS G 29 87.32 -64.46 -6.79
CA LYS G 29 85.95 -64.54 -6.30
C LYS G 29 85.50 -63.36 -5.45
N CYS G 30 86.34 -62.33 -5.27
CA CYS G 30 85.92 -61.18 -4.46
C CYS G 30 84.73 -60.57 -5.16
N ALA G 31 84.36 -61.20 -6.27
CA ALA G 31 83.24 -60.81 -7.14
C ALA G 31 83.65 -59.61 -7.96
N MET G 32 84.54 -58.80 -7.39
CA MET G 32 85.03 -57.62 -8.09
C MET G 32 85.84 -58.15 -9.25
N GLU G 33 85.88 -59.49 -9.30
CA GLU G 33 86.56 -60.22 -10.35
C GLU G 33 85.43 -60.65 -11.27
N ARG G 34 85.46 -60.13 -12.49
CA ARG G 34 84.46 -60.44 -13.50
C ARG G 34 83.01 -60.17 -13.05
N ARG G 35 82.79 -59.02 -12.41
CA ARG G 35 81.48 -58.60 -11.92
C ARG G 35 81.54 -57.36 -11.01
N PRO G 36 82.42 -56.38 -11.31
CA PRO G 36 82.60 -55.16 -10.53
C PRO G 36 81.47 -54.13 -10.62
N TYR G 37 80.33 -54.53 -11.15
CA TYR G 37 79.22 -53.60 -11.24
C TYR G 37 78.33 -53.76 -10.01
N PRO G 38 77.68 -52.67 -9.58
CA PRO G 38 76.81 -52.66 -8.40
C PRO G 38 75.73 -53.76 -8.39
N PRO G 39 75.32 -54.16 -7.18
CA PRO G 39 74.30 -55.20 -7.00
C PRO G 39 72.92 -54.76 -7.45
N GLY G 40 72.00 -55.71 -7.58
CA GLY G 40 70.65 -55.39 -7.97
C GLY G 40 70.23 -55.43 -9.44
N GLN G 41 68.92 -55.44 -9.63
CA GLN G 41 68.30 -55.49 -10.94
C GLN G 41 68.82 -54.47 -11.93
N HIS G 42 69.54 -53.45 -11.45
CA HIS G 42 70.02 -52.41 -12.35
C HIS G 42 71.54 -52.31 -12.53
N GLY G 43 72.29 -53.03 -11.72
CA GLY G 43 73.74 -52.99 -11.81
C GLY G 43 74.38 -52.81 -13.18
N GLN G 44 73.90 -53.55 -14.17
CA GLN G 44 74.49 -53.47 -15.49
C GLN G 44 74.12 -52.26 -16.34
N LYS G 45 73.03 -51.57 -15.97
CA LYS G 45 72.61 -50.38 -16.71
C LYS G 45 73.64 -49.27 -16.55
N ARG G 46 73.66 -48.35 -17.52
CA ARG G 46 74.60 -47.23 -17.50
C ARG G 46 74.41 -46.30 -16.31
N ALA G 47 75.51 -45.84 -15.73
CA ALA G 47 75.45 -44.94 -14.58
C ALA G 47 75.42 -43.48 -15.03
N ARG G 48 74.65 -42.66 -14.31
CA ARG G 48 74.55 -41.25 -14.65
C ARG G 48 75.54 -40.41 -13.84
N ARG G 49 75.84 -39.22 -14.34
CA ARG G 49 76.77 -38.31 -13.70
C ARG G 49 76.33 -38.05 -12.26
N PRO G 50 77.04 -38.64 -11.28
CA PRO G 50 76.72 -38.47 -9.86
C PRO G 50 76.70 -37.01 -9.42
N SER G 51 75.88 -36.71 -8.41
CA SER G 51 75.80 -35.36 -7.87
C SER G 51 76.93 -35.16 -6.85
N ASP G 52 77.30 -33.91 -6.61
CA ASP G 52 78.36 -33.65 -5.65
C ASP G 52 78.04 -34.42 -4.37
N TYR G 53 76.76 -34.47 -4.00
CA TYR G 53 76.38 -35.20 -2.80
C TYR G 53 76.74 -36.67 -3.01
N ALA G 54 76.19 -37.27 -4.06
CA ALA G 54 76.45 -38.66 -4.38
C ALA G 54 77.93 -39.00 -4.23
N VAL G 55 78.79 -38.19 -4.82
CA VAL G 55 80.21 -38.45 -4.72
C VAL G 55 80.71 -38.42 -3.28
N ARG G 56 80.41 -37.35 -2.54
CA ARG G 56 80.85 -37.26 -1.16
C ARG G 56 80.19 -38.36 -0.36
N LEU G 57 78.96 -38.69 -0.70
CA LEU G 57 78.30 -39.74 0.03
C LEU G 57 79.07 -41.04 -0.21
N ARG G 58 79.17 -41.46 -1.47
CA ARG G 58 79.90 -42.68 -1.78
C ARG G 58 81.29 -42.74 -1.18
N GLU G 59 82.01 -41.62 -1.16
CA GLU G 59 83.35 -41.66 -0.61
C GLU G 59 83.35 -42.02 0.87
N LYS G 60 82.50 -41.37 1.65
CA LYS G 60 82.42 -41.65 3.08
C LYS G 60 82.01 -43.11 3.33
N GLN G 61 80.95 -43.54 2.67
CA GLN G 61 80.45 -44.92 2.81
C GLN G 61 81.58 -45.92 2.61
N LYS G 62 82.48 -45.60 1.70
CA LYS G 62 83.61 -46.46 1.42
C LYS G 62 84.49 -46.47 2.67
N LEU G 63 85.22 -45.37 2.88
CA LEU G 63 86.09 -45.24 4.03
C LEU G 63 85.49 -45.90 5.25
N ARG G 64 84.17 -45.80 5.41
CA ARG G 64 83.51 -46.39 6.57
C ARG G 64 83.26 -47.88 6.50
N ARG G 65 82.73 -48.37 5.38
CA ARG G 65 82.48 -49.80 5.27
C ARG G 65 83.79 -50.58 5.34
N ILE G 66 84.89 -49.88 5.11
CA ILE G 66 86.19 -50.52 5.17
C ILE G 66 86.48 -50.99 6.59
N TYR G 67 86.03 -50.21 7.57
CA TYR G 67 86.25 -50.58 8.96
C TYR G 67 84.99 -51.13 9.61
N GLY G 68 84.06 -51.61 8.78
CA GLY G 68 82.82 -52.16 9.29
C GLY G 68 82.27 -51.47 10.52
N ILE G 69 82.36 -50.14 10.54
CA ILE G 69 81.89 -49.34 11.66
C ILE G 69 80.57 -48.61 11.39
N SER G 70 79.80 -48.40 12.44
CA SER G 70 78.50 -47.72 12.36
C SER G 70 78.69 -46.24 12.13
N GLU G 71 77.76 -45.64 11.39
CA GLU G 71 77.85 -44.22 11.13
C GLU G 71 78.00 -43.53 12.48
N ARG G 72 77.12 -43.91 13.41
CA ARG G 72 77.13 -43.33 14.74
C ARG G 72 78.53 -43.18 15.33
N GLN G 73 79.28 -44.28 15.41
CA GLN G 73 80.65 -44.27 15.96
C GLN G 73 81.62 -43.56 15.03
N PHE G 74 81.46 -43.81 13.74
CA PHE G 74 82.29 -43.21 12.71
C PHE G 74 82.27 -41.68 12.86
N ARG G 75 81.07 -41.12 12.86
CA ARG G 75 80.84 -39.68 12.99
C ARG G 75 81.56 -39.07 14.21
N ASN G 76 81.40 -39.71 15.35
CA ASN G 76 82.03 -39.21 16.56
C ASN G 76 83.55 -39.15 16.43
N LEU G 77 84.13 -40.16 15.77
CA LEU G 77 85.57 -40.18 15.57
C LEU G 77 85.93 -38.96 14.75
N PHE G 78 85.18 -38.74 13.69
CA PHE G 78 85.41 -37.59 12.81
C PHE G 78 85.32 -36.26 13.58
N GLU G 79 84.22 -36.05 14.32
CA GLU G 79 84.10 -34.80 15.06
C GLU G 79 85.21 -34.69 16.09
N GLU G 80 85.82 -35.81 16.43
CA GLU G 80 86.91 -35.80 17.40
C GLU G 80 88.16 -35.38 16.65
N ALA G 81 88.33 -35.95 15.47
CA ALA G 81 89.48 -35.63 14.65
C ALA G 81 89.39 -34.22 14.07
N SER G 82 88.25 -33.57 14.27
CA SER G 82 88.07 -32.23 13.74
C SER G 82 88.53 -31.21 14.75
N LYS G 83 88.35 -31.53 16.03
CA LYS G 83 88.74 -30.61 17.10
C LYS G 83 90.24 -30.65 17.36
N LYS G 84 90.79 -31.86 17.41
CA LYS G 84 92.21 -32.03 17.66
C LYS G 84 93.04 -31.35 16.59
N LYS G 85 94.19 -30.81 16.99
CA LYS G 85 95.10 -30.13 16.07
C LYS G 85 95.50 -31.05 14.92
N GLY G 86 95.98 -30.44 13.82
CA GLY G 86 96.42 -31.24 12.70
C GLY G 86 95.40 -31.60 11.64
N VAL G 87 95.87 -31.63 10.40
CA VAL G 87 95.03 -31.96 9.26
C VAL G 87 93.97 -32.97 9.67
N THR G 88 92.75 -32.48 9.83
CA THR G 88 91.64 -33.34 10.20
C THR G 88 91.69 -34.64 9.40
N GLY G 89 91.73 -34.52 8.08
CA GLY G 89 91.75 -35.68 7.22
C GLY G 89 92.55 -36.86 7.75
N SER G 90 93.86 -36.68 7.88
CA SER G 90 94.70 -37.77 8.35
C SER G 90 94.46 -38.10 9.82
N VAL G 91 94.42 -37.08 10.68
CA VAL G 91 94.17 -37.31 12.10
C VAL G 91 92.99 -38.29 12.27
N PHE G 92 91.99 -38.12 11.43
CA PHE G 92 90.80 -38.96 11.43
C PHE G 92 91.22 -40.39 11.13
N LEU G 93 91.94 -40.59 10.03
CA LEU G 93 92.40 -41.91 9.66
C LEU G 93 93.27 -42.53 10.75
N GLY G 94 94.04 -41.70 11.45
CA GLY G 94 94.88 -42.21 12.51
C GLY G 94 94.00 -42.93 13.54
N LEU G 95 92.99 -42.22 14.01
CA LEU G 95 92.06 -42.76 15.00
C LEU G 95 91.33 -44.00 14.51
N LEU G 96 91.03 -44.05 13.22
CA LEU G 96 90.36 -45.22 12.68
C LEU G 96 91.28 -46.43 12.75
N GLU G 97 92.57 -46.20 12.51
CA GLU G 97 93.56 -47.27 12.54
C GLU G 97 94.00 -47.66 13.95
N SER G 98 93.56 -46.89 14.94
CA SER G 98 93.92 -47.18 16.34
C SER G 98 92.90 -48.04 17.09
N ARG G 99 91.87 -48.49 16.38
CA ARG G 99 90.88 -49.34 16.99
C ARG G 99 91.54 -50.69 17.24
N LEU G 100 91.45 -51.15 18.47
CA LEU G 100 92.01 -52.44 18.84
C LEU G 100 91.62 -53.50 17.81
N ASP G 101 90.35 -53.54 17.46
CA ASP G 101 89.90 -54.53 16.50
C ASP G 101 90.58 -54.36 15.15
N ASN G 102 90.93 -53.13 14.79
CA ASN G 102 91.61 -52.92 13.52
C ASN G 102 93.03 -53.43 13.64
N VAL G 103 93.74 -52.95 14.65
CA VAL G 103 95.10 -53.36 14.89
C VAL G 103 95.22 -54.88 14.78
N VAL G 104 94.42 -55.61 15.56
CA VAL G 104 94.47 -57.06 15.48
C VAL G 104 94.52 -57.50 14.02
N TYR G 105 93.61 -56.98 13.21
CA TYR G 105 93.59 -57.30 11.78
C TYR G 105 94.91 -56.91 11.15
N ARG G 106 95.34 -55.68 11.40
CA ARG G 106 96.59 -55.18 10.87
C ARG G 106 97.78 -56.08 11.24
N LEU G 107 97.76 -56.66 12.44
CA LEU G 107 98.85 -57.52 12.88
C LEU G 107 98.76 -58.99 12.45
N GLY G 108 97.84 -59.28 11.53
CA GLY G 108 97.71 -60.62 11.03
C GLY G 108 97.03 -61.67 11.89
N PHE G 109 96.70 -61.33 13.13
CA PHE G 109 96.04 -62.30 13.99
C PHE G 109 94.79 -62.82 13.31
N ALA G 110 93.97 -61.90 12.79
CA ALA G 110 92.75 -62.29 12.10
C ALA G 110 92.91 -62.06 10.61
N VAL G 111 92.15 -62.81 9.82
CA VAL G 111 92.20 -62.69 8.38
C VAL G 111 91.45 -61.46 7.90
N SER G 112 90.36 -61.13 8.56
CA SER G 112 89.55 -59.98 8.19
C SER G 112 89.38 -59.05 9.38
N ARG G 113 88.66 -57.94 9.16
CA ARG G 113 88.40 -56.98 10.21
C ARG G 113 87.26 -57.52 11.06
N ARG G 114 86.33 -58.22 10.41
CA ARG G 114 85.22 -58.80 11.15
C ARG G 114 85.80 -59.82 12.12
N GLN G 115 86.54 -60.78 11.57
CA GLN G 115 87.17 -61.84 12.37
C GLN G 115 87.88 -61.24 13.58
N ALA G 116 88.73 -60.26 13.34
CA ALA G 116 89.45 -59.59 14.41
C ALA G 116 88.47 -59.06 15.45
N ARG G 117 87.38 -58.47 14.97
CA ARG G 117 86.38 -57.92 15.87
C ARG G 117 85.97 -59.01 16.86
N GLN G 118 85.69 -60.21 16.33
CA GLN G 118 85.28 -61.33 17.18
C GLN G 118 86.37 -61.80 18.12
N LEU G 119 87.58 -61.94 17.61
CA LEU G 119 88.68 -62.38 18.46
C LEU G 119 88.79 -61.44 19.65
N VAL G 120 88.70 -60.15 19.39
CA VAL G 120 88.76 -59.17 20.46
C VAL G 120 87.57 -59.42 21.39
N ARG G 121 86.38 -59.51 20.78
CA ARG G 121 85.14 -59.73 21.49
C ARG G 121 85.14 -60.98 22.37
N HIS G 122 85.40 -62.14 21.77
CA HIS G 122 85.44 -63.40 22.49
C HIS G 122 86.65 -63.55 23.42
N GLY G 123 87.26 -62.42 23.79
CA GLY G 123 88.40 -62.43 24.73
C GLY G 123 89.78 -62.90 24.28
N HIS G 124 89.86 -63.52 23.11
CA HIS G 124 91.13 -64.04 22.58
C HIS G 124 92.24 -63.01 22.36
N ILE G 125 92.09 -61.80 22.91
CA ILE G 125 93.11 -60.76 22.74
C ILE G 125 93.59 -60.11 24.01
N THR G 126 94.78 -59.53 23.95
CA THR G 126 95.41 -58.88 25.09
C THR G 126 95.95 -57.50 24.75
N VAL G 127 96.15 -56.67 25.77
CA VAL G 127 96.70 -55.33 25.58
C VAL G 127 97.51 -55.01 26.83
N ASN G 128 98.81 -55.31 26.77
CA ASN G 128 99.70 -55.06 27.90
C ASN G 128 99.38 -56.03 29.01
N GLY G 129 98.97 -57.23 28.61
CA GLY G 129 98.60 -58.23 29.59
C GLY G 129 97.09 -58.24 29.71
N ARG G 130 96.53 -57.35 30.53
CA ARG G 130 95.08 -57.27 30.71
C ARG G 130 94.38 -57.52 29.38
N ARG G 131 93.39 -58.41 29.39
CA ARG G 131 92.65 -58.69 28.17
C ARG G 131 91.64 -57.58 27.96
N VAL G 132 91.30 -57.33 26.71
CA VAL G 132 90.36 -56.29 26.35
C VAL G 132 89.42 -56.83 25.27
N ASP G 133 88.12 -56.85 25.55
CA ASP G 133 87.14 -57.35 24.59
C ASP G 133 86.32 -56.24 23.95
N LEU G 134 86.88 -55.02 23.94
CA LEU G 134 86.22 -53.85 23.37
C LEU G 134 86.82 -53.47 22.02
N PRO G 135 86.15 -53.82 20.93
CA PRO G 135 86.62 -53.53 19.58
C PRO G 135 86.90 -52.06 19.35
N SER G 136 86.14 -51.20 20.00
CA SER G 136 86.32 -49.77 19.84
C SER G 136 87.43 -49.26 20.73
N TYR G 137 88.12 -50.18 21.39
CA TYR G 137 89.21 -49.79 22.29
C TYR G 137 90.33 -49.09 21.52
N ARG G 138 90.72 -47.90 21.98
CA ARG G 138 91.77 -47.16 21.29
C ARG G 138 93.18 -47.47 21.74
N VAL G 139 93.92 -48.16 20.88
CA VAL G 139 95.30 -48.54 21.12
C VAL G 139 96.22 -47.31 21.04
N ARG G 140 97.07 -47.12 22.03
CA ARG G 140 98.01 -45.98 22.01
C ARG G 140 99.39 -46.42 21.49
N PRO G 141 100.32 -45.48 21.30
CA PRO G 141 101.64 -45.89 20.82
C PRO G 141 102.41 -46.49 21.99
N GLY G 142 102.94 -47.69 21.80
CA GLY G 142 103.67 -48.34 22.88
C GLY G 142 102.82 -49.32 23.62
N ASP G 143 102.04 -50.11 22.89
CA ASP G 143 101.18 -51.10 23.50
C ASP G 143 101.44 -52.45 22.85
N GLU G 144 101.58 -53.48 23.66
CA GLU G 144 101.79 -54.82 23.13
C GLU G 144 100.42 -55.45 22.91
N ILE G 145 100.18 -55.97 21.72
CA ILE G 145 98.89 -56.58 21.47
C ILE G 145 99.04 -58.06 21.19
N ALA G 146 99.08 -58.82 22.27
CA ALA G 146 99.26 -60.26 22.19
C ALA G 146 97.98 -61.07 22.14
N VAL G 147 98.13 -62.30 21.66
CA VAL G 147 97.03 -63.22 21.57
C VAL G 147 96.91 -63.89 22.94
N ALA G 148 95.67 -64.11 23.37
CA ALA G 148 95.40 -64.72 24.66
C ALA G 148 96.04 -66.10 24.75
N GLU G 149 96.79 -66.31 25.83
CA GLU G 149 97.48 -67.56 26.07
C GLU G 149 96.54 -68.72 25.82
N LYS G 150 95.42 -68.73 26.53
CA LYS G 150 94.47 -69.82 26.38
C LYS G 150 94.05 -70.06 24.93
N SER G 151 94.18 -69.03 24.10
CA SER G 151 93.81 -69.13 22.70
C SER G 151 94.98 -69.39 21.78
N ARG G 152 96.21 -69.19 22.30
CA ARG G 152 97.41 -69.40 21.50
C ARG G 152 97.44 -70.79 20.90
N ASN G 153 96.61 -71.67 21.46
CA ASN G 153 96.51 -73.05 21.01
C ASN G 153 95.36 -73.23 20.03
N LEU G 154 94.55 -72.19 19.88
CA LEU G 154 93.39 -72.25 18.99
C LEU G 154 93.79 -72.44 17.54
N GLU G 155 93.20 -73.45 16.92
CA GLU G 155 93.46 -73.79 15.53
C GLU G 155 93.59 -72.54 14.65
N LEU G 156 92.56 -71.71 14.72
CA LEU G 156 92.47 -70.47 13.95
C LEU G 156 93.70 -69.61 14.13
N ILE G 157 94.04 -69.29 15.37
CA ILE G 157 95.19 -68.46 15.66
C ILE G 157 96.51 -69.02 15.17
N ARG G 158 96.64 -70.35 15.22
CA ARG G 158 97.88 -70.96 14.76
C ARG G 158 98.04 -70.85 13.24
N GLN G 159 96.95 -71.04 12.50
CA GLN G 159 97.00 -70.93 11.05
C GLN G 159 97.46 -69.53 10.61
N ASN G 160 96.70 -68.53 11.06
CA ASN G 160 96.96 -67.13 10.71
C ASN G 160 98.33 -66.63 11.14
N LEU G 161 98.77 -67.00 12.34
CA LEU G 161 100.09 -66.58 12.79
C LEU G 161 101.16 -67.34 12.05
N GLU G 162 100.79 -68.48 11.48
CA GLU G 162 101.71 -69.29 10.69
C GLU G 162 101.93 -68.54 9.39
N ALA G 163 100.92 -68.52 8.54
CA ALA G 163 100.99 -67.82 7.25
C ALA G 163 101.56 -66.42 7.46
N MET G 164 101.49 -65.94 8.70
CA MET G 164 102.02 -64.64 9.01
C MET G 164 103.54 -64.66 9.01
N LYS G 165 104.12 -65.85 8.83
CA LYS G 165 105.57 -65.97 8.79
C LYS G 165 106.05 -65.36 7.48
N GLY G 166 106.96 -64.39 7.58
CA GLY G 166 107.46 -63.73 6.39
C GLY G 166 106.71 -62.43 6.15
N ARG G 167 105.39 -62.50 6.04
CA ARG G 167 104.55 -61.33 5.83
C ARG G 167 105.07 -60.14 6.62
N LYS G 168 105.39 -59.05 5.94
CA LYS G 168 105.89 -57.86 6.62
C LYS G 168 104.73 -57.19 7.36
N VAL G 169 105.02 -56.09 8.03
CA VAL G 169 104.01 -55.38 8.79
C VAL G 169 104.14 -53.87 8.65
N GLY G 170 103.02 -53.14 8.77
CA GLY G 170 103.05 -51.69 8.66
C GLY G 170 104.20 -51.04 9.41
N PRO G 171 104.83 -50.00 8.84
CA PRO G 171 105.94 -49.29 9.46
C PRO G 171 105.63 -48.62 10.78
N TRP G 172 104.36 -48.66 11.20
CA TRP G 172 103.96 -48.05 12.47
C TRP G 172 103.67 -49.16 13.47
N LEU G 173 103.90 -50.39 13.02
CA LEU G 173 103.69 -51.58 13.83
C LEU G 173 104.97 -52.41 13.94
N SER G 174 104.80 -53.67 14.33
CA SER G 174 105.90 -54.63 14.49
C SER G 174 105.35 -55.80 15.28
N LEU G 175 105.78 -57.02 14.96
CA LEU G 175 105.26 -58.16 15.69
C LEU G 175 106.28 -59.28 15.91
N ASP G 176 106.15 -59.95 17.05
CA ASP G 176 107.01 -61.06 17.41
C ASP G 176 106.16 -62.29 17.19
N VAL G 177 106.23 -62.86 15.99
CA VAL G 177 105.42 -64.04 15.65
C VAL G 177 105.67 -65.25 16.56
N GLU G 178 106.65 -65.10 17.46
CA GLU G 178 107.00 -66.16 18.40
C GLU G 178 105.93 -66.23 19.48
N GLY G 179 105.97 -65.27 20.40
CA GLY G 179 105.00 -65.22 21.48
C GLY G 179 103.71 -64.59 21.01
N MET G 180 103.57 -64.48 19.69
CA MET G 180 102.38 -63.91 19.08
C MET G 180 102.08 -62.55 19.68
N LYS G 181 103.09 -61.69 19.70
CA LYS G 181 102.97 -60.35 20.24
C LYS G 181 103.16 -59.38 19.10
N GLY G 182 102.94 -58.10 19.37
CA GLY G 182 103.09 -57.06 18.37
C GLY G 182 102.97 -55.72 19.07
N LYS G 183 103.57 -54.68 18.50
CA LYS G 183 103.48 -53.36 19.12
C LYS G 183 103.00 -52.26 18.20
N PHE G 184 102.25 -51.34 18.79
CA PHE G 184 101.71 -50.18 18.08
C PHE G 184 102.79 -49.12 18.29
N LEU G 185 103.68 -48.98 17.30
CA LEU G 185 104.79 -48.04 17.39
C LEU G 185 104.37 -46.58 17.37
N ARG G 186 103.57 -46.21 16.37
CA ARG G 186 103.10 -44.83 16.28
C ARG G 186 101.80 -44.74 15.48
N LEU G 187 101.15 -43.57 15.54
CA LEU G 187 99.92 -43.36 14.79
C LEU G 187 100.26 -43.32 13.30
N PRO G 188 99.66 -44.20 12.50
CA PRO G 188 99.98 -44.17 11.07
C PRO G 188 99.62 -42.82 10.45
N ASP G 189 100.37 -42.46 9.41
CA ASP G 189 100.16 -41.20 8.73
C ASP G 189 99.43 -41.50 7.43
N ARG G 190 98.80 -40.49 6.85
CA ARG G 190 98.08 -40.69 5.61
C ARG G 190 98.86 -41.50 4.58
N GLU G 191 100.17 -41.26 4.48
CA GLU G 191 101.02 -41.98 3.52
C GLU G 191 101.11 -43.47 3.82
N ASP G 192 101.15 -43.81 5.11
CA ASP G 192 101.27 -45.21 5.56
C ASP G 192 100.12 -46.11 5.11
N LEU G 193 98.97 -45.50 4.84
CA LEU G 193 97.80 -46.26 4.41
C LEU G 193 97.59 -46.18 2.89
N ALA G 194 97.34 -47.31 2.26
CA ALA G 194 97.09 -47.30 0.83
C ALA G 194 95.58 -47.41 0.69
N LEU G 195 94.87 -46.50 1.36
CA LEU G 195 93.42 -46.51 1.31
C LEU G 195 92.86 -45.91 0.05
N PRO G 196 91.96 -46.63 -0.64
CA PRO G 196 91.34 -46.14 -1.88
C PRO G 196 90.32 -45.10 -1.45
N VAL G 197 90.75 -44.19 -0.60
CA VAL G 197 89.90 -43.16 -0.04
C VAL G 197 90.46 -41.77 -0.25
N ASN G 198 89.57 -40.80 -0.29
CA ASN G 198 89.95 -39.41 -0.43
C ASN G 198 89.27 -38.66 0.71
N GLU G 199 89.87 -38.71 1.89
CA GLU G 199 89.27 -38.06 3.05
C GLU G 199 88.84 -36.63 2.72
N GLN G 200 89.46 -36.05 1.69
CA GLN G 200 89.10 -34.69 1.26
C GLN G 200 87.58 -34.61 1.16
N LEU G 201 87.00 -35.54 0.41
CA LEU G 201 85.56 -35.58 0.24
C LEU G 201 84.84 -36.02 1.51
N VAL G 202 85.50 -36.77 2.38
CA VAL G 202 84.82 -37.18 3.60
C VAL G 202 84.63 -35.96 4.50
N ILE G 203 85.66 -35.12 4.55
CA ILE G 203 85.56 -33.92 5.37
C ILE G 203 84.48 -33.05 4.77
N GLU G 204 84.52 -32.88 3.46
CA GLU G 204 83.54 -32.06 2.78
C GLU G 204 82.10 -32.56 3.00
N PHE G 205 81.93 -33.87 3.08
CA PHE G 205 80.61 -34.42 3.28
C PHE G 205 80.05 -34.06 4.65
N TYR G 206 80.91 -33.98 5.65
CA TYR G 206 80.42 -33.64 6.97
C TYR G 206 80.33 -32.13 7.11
N SER G 207 80.68 -31.42 6.03
CA SER G 207 80.65 -29.96 6.00
C SER G 207 79.23 -29.50 5.72
N ARG G 208 78.59 -30.15 4.74
CA ARG G 208 77.22 -29.84 4.32
C ARG G 208 76.36 -29.44 5.50
N ASP H 1 98.40 -33.40 -17.23
CA ASP H 1 98.22 -31.94 -17.51
C ASP H 1 96.97 -31.36 -16.84
N PHE H 2 96.02 -30.90 -17.67
CA PHE H 2 94.78 -30.29 -17.18
C PHE H 2 93.66 -31.28 -16.90
N GLU H 3 93.20 -31.29 -15.65
CA GLU H 3 92.08 -32.13 -15.24
C GLU H 3 90.89 -31.28 -15.66
N GLU H 4 89.71 -31.88 -15.80
CA GLU H 4 88.56 -31.13 -16.28
C GLU H 4 87.26 -31.45 -15.53
N LYS H 5 86.82 -30.54 -14.66
CA LYS H 5 85.58 -30.74 -13.91
C LYS H 5 84.45 -29.88 -14.50
N MET H 6 83.25 -30.46 -14.56
CA MET H 6 82.07 -29.77 -15.10
C MET H 6 81.13 -29.30 -13.99
N ILE H 7 81.09 -28.00 -13.77
CA ILE H 7 80.25 -27.38 -12.74
C ILE H 7 78.75 -27.59 -12.90
N LEU H 8 78.21 -27.19 -14.05
CA LEU H 8 76.78 -27.39 -14.30
C LEU H 8 76.45 -27.24 -15.77
N ILE H 9 75.46 -27.99 -16.21
CA ILE H 9 74.99 -27.90 -17.59
C ILE H 9 73.48 -27.74 -17.51
N ARG H 10 72.98 -26.68 -18.14
CA ARG H 10 71.54 -26.41 -18.12
C ARG H 10 70.98 -26.45 -19.52
N ARG H 11 69.67 -26.66 -19.61
CA ARG H 11 69.02 -26.79 -20.88
C ARG H 11 68.50 -25.54 -21.57
N THR H 12 68.23 -24.47 -20.83
CA THR H 12 67.79 -23.20 -21.46
C THR H 12 66.93 -23.25 -22.77
N ALA H 13 65.74 -22.63 -22.75
CA ALA H 13 64.90 -22.64 -23.96
C ALA H 13 64.65 -21.27 -24.60
N ARG H 14 64.14 -21.31 -25.82
CA ARG H 14 63.85 -20.12 -26.61
C ARG H 14 62.54 -20.29 -27.40
N MET H 15 61.94 -19.19 -27.84
CA MET H 15 60.68 -19.27 -28.56
C MET H 15 60.69 -18.82 -30.00
N GLN H 16 59.96 -19.57 -30.81
CA GLN H 16 59.75 -19.29 -32.22
C GLN H 16 58.31 -19.71 -32.32
N ALA H 17 57.70 -19.48 -33.47
CA ALA H 17 56.35 -19.94 -33.63
C ALA H 17 56.55 -21.43 -33.56
N GLY H 18 55.49 -22.20 -33.74
CA GLY H 18 55.70 -23.63 -33.71
C GLY H 18 56.33 -24.17 -32.43
N GLY H 19 56.91 -23.33 -31.58
CA GLY H 19 57.46 -23.89 -30.35
C GLY H 19 58.77 -23.45 -29.71
N ARG H 20 59.19 -24.26 -28.75
CA ARG H 20 60.43 -24.05 -28.00
C ARG H 20 61.63 -24.56 -28.79
N ARG H 21 62.78 -23.97 -28.52
CA ARG H 21 64.00 -24.35 -29.20
C ARG H 21 65.15 -24.16 -28.24
N PHE H 22 65.64 -25.27 -27.71
CA PHE H 22 66.69 -25.26 -26.71
C PHE H 22 68.14 -25.20 -27.14
N ARG H 23 68.97 -24.80 -26.17
CA ARG H 23 70.42 -24.70 -26.29
C ARG H 23 70.93 -25.23 -24.98
N PHE H 24 72.20 -25.59 -24.90
CA PHE H 24 72.73 -26.08 -23.65
C PHE H 24 73.92 -25.23 -23.30
N GLY H 25 74.09 -25.00 -22.01
CA GLY H 25 75.21 -24.21 -21.56
C GLY H 25 75.94 -25.07 -20.56
N ALA H 26 77.25 -25.05 -20.62
CA ALA H 26 78.03 -25.84 -19.69
C ALA H 26 79.13 -25.00 -19.06
N LEU H 27 79.24 -25.07 -17.75
CA LEU H 27 80.28 -24.33 -17.05
C LEU H 27 81.35 -25.37 -16.79
N VAL H 28 82.58 -25.09 -17.20
CA VAL H 28 83.63 -26.06 -17.00
C VAL H 28 84.89 -25.47 -16.39
N VAL H 29 85.42 -26.17 -15.38
CA VAL H 29 86.66 -25.77 -14.72
C VAL H 29 87.77 -26.64 -15.26
N VAL H 30 88.94 -26.05 -15.40
CA VAL H 30 90.09 -26.76 -15.91
C VAL H 30 91.29 -26.35 -15.08
N GLY H 31 92.00 -27.34 -14.56
CA GLY H 31 93.17 -27.03 -13.75
C GLY H 31 94.19 -28.15 -13.75
N ASP H 32 95.41 -27.83 -13.34
CA ASP H 32 96.48 -28.82 -13.27
C ASP H 32 96.73 -29.22 -11.81
N ARG H 33 96.01 -28.58 -10.90
CA ARG H 33 96.15 -28.85 -9.48
C ARG H 33 97.51 -28.39 -9.04
N GLN H 34 98.17 -27.62 -9.89
CA GLN H 34 99.50 -27.09 -9.61
C GLN H 34 99.46 -25.59 -9.32
N GLY H 35 98.47 -24.90 -9.84
CA GLY H 35 98.39 -23.48 -9.58
C GLY H 35 97.76 -22.78 -10.76
N ARG H 36 97.24 -23.57 -11.68
CA ARG H 36 96.59 -23.05 -12.87
C ARG H 36 95.14 -23.53 -12.96
N VAL H 37 94.22 -22.57 -13.06
CA VAL H 37 92.80 -22.88 -13.20
C VAL H 37 92.21 -21.95 -14.22
N GLY H 38 91.25 -22.48 -14.95
CA GLY H 38 90.55 -21.72 -15.96
C GLY H 38 89.08 -22.06 -15.89
N LEU H 39 88.25 -21.05 -16.12
CA LEU H 39 86.81 -21.24 -16.09
C LEU H 39 86.27 -20.89 -17.46
N GLY H 40 85.39 -21.71 -17.98
CA GLY H 40 84.85 -21.43 -19.30
C GLY H 40 83.39 -21.77 -19.39
N PHE H 41 82.61 -20.86 -19.98
CA PHE H 41 81.19 -21.12 -20.13
C PHE H 41 80.87 -21.21 -21.60
N GLY H 42 80.56 -22.41 -22.06
CA GLY H 42 80.28 -22.62 -23.47
C GLY H 42 78.90 -23.15 -23.75
N LYS H 43 78.24 -22.52 -24.72
CA LYS H 43 76.90 -22.89 -25.12
C LYS H 43 76.90 -23.44 -26.52
N ALA H 44 76.01 -24.40 -26.75
CA ALA H 44 75.90 -25.05 -28.05
C ALA H 44 74.60 -25.83 -28.13
N PRO H 45 74.14 -26.11 -29.36
CA PRO H 45 72.90 -26.87 -29.57
C PRO H 45 72.91 -28.28 -29.02
N GLU H 46 74.06 -28.73 -28.53
CA GLU H 46 74.14 -30.08 -27.96
C GLU H 46 75.04 -30.09 -26.75
N VAL H 47 74.65 -30.91 -25.76
CA VAL H 47 75.42 -31.02 -24.52
C VAL H 47 76.93 -31.17 -24.74
N PRO H 48 77.34 -32.15 -25.57
CA PRO H 48 78.76 -32.36 -25.83
C PRO H 48 79.46 -31.17 -26.47
N LEU H 49 78.97 -30.69 -27.60
CA LEU H 49 79.62 -29.55 -28.22
C LEU H 49 79.76 -28.42 -27.19
N ALA H 50 78.82 -28.38 -26.26
CA ALA H 50 78.81 -27.37 -25.23
C ALA H 50 79.97 -27.55 -24.26
N VAL H 51 80.04 -28.74 -23.66
CA VAL H 51 81.12 -29.05 -22.72
C VAL H 51 82.44 -28.80 -23.45
N GLN H 52 82.58 -29.37 -24.64
CA GLN H 52 83.78 -29.17 -25.41
C GLN H 52 84.07 -27.70 -25.63
N LYS H 53 83.06 -26.93 -26.00
CA LYS H 53 83.27 -25.50 -26.22
C LYS H 53 83.74 -24.84 -24.91
N ALA H 54 83.12 -25.21 -23.80
CA ALA H 54 83.49 -24.66 -22.51
C ALA H 54 84.93 -25.03 -22.19
N GLY H 55 85.23 -26.33 -22.25
CA GLY H 55 86.59 -26.81 -21.98
C GLY H 55 87.58 -25.90 -22.68
N TYR H 56 87.44 -25.83 -24.00
CA TYR H 56 88.29 -24.99 -24.83
C TYR H 56 88.33 -23.56 -24.29
N TYR H 57 87.16 -23.00 -23.97
CA TYR H 57 87.10 -21.63 -23.48
C TYR H 57 87.80 -21.50 -22.14
N ALA H 58 87.67 -22.50 -21.29
CA ALA H 58 88.32 -22.44 -19.98
C ALA H 58 89.83 -22.43 -20.12
N ARG H 59 90.33 -23.29 -21.01
CA ARG H 59 91.76 -23.43 -21.27
C ARG H 59 92.39 -22.10 -21.66
N ARG H 60 91.60 -21.27 -22.33
CA ARG H 60 92.05 -19.94 -22.70
C ARG H 60 91.47 -19.19 -21.52
N ASN H 61 92.24 -18.28 -20.92
CA ASN H 61 91.78 -17.55 -19.74
C ASN H 61 92.05 -18.41 -18.49
N MET H 62 93.31 -18.52 -18.12
CA MET H 62 93.70 -19.30 -16.95
C MET H 62 94.17 -18.31 -15.89
N VAL H 63 94.11 -18.72 -14.62
CA VAL H 63 94.60 -17.85 -13.57
C VAL H 63 95.71 -18.55 -12.80
N GLU H 64 96.70 -17.76 -12.39
CA GLU H 64 97.84 -18.26 -11.62
C GLU H 64 97.59 -18.10 -10.12
N VAL H 65 97.23 -19.20 -9.47
CA VAL H 65 96.94 -19.20 -8.04
C VAL H 65 98.20 -19.30 -7.20
N PRO H 66 98.53 -18.24 -6.45
CA PRO H 66 99.70 -18.15 -5.58
C PRO H 66 99.60 -19.09 -4.38
N LEU H 67 99.53 -20.39 -4.63
CA LEU H 67 99.43 -21.36 -3.54
C LEU H 67 100.61 -21.27 -2.58
N GLN H 68 100.37 -21.66 -1.34
CA GLN H 68 101.41 -21.64 -0.32
C GLN H 68 101.11 -22.75 0.65
N ASN H 69 101.72 -23.90 0.46
CA ASN H 69 101.49 -25.02 1.32
C ASN H 69 100.02 -25.44 1.19
N GLY H 70 99.55 -25.52 -0.06
CA GLY H 70 98.18 -25.93 -0.32
C GLY H 70 97.07 -24.95 0.07
N THR H 71 97.45 -23.86 0.72
CA THR H 71 96.46 -22.87 1.10
C THR H 71 96.78 -21.53 0.46
N ILE H 72 95.99 -20.54 0.77
CA ILE H 72 96.14 -19.23 0.18
C ILE H 72 96.77 -18.20 1.10
N PRO H 73 97.45 -17.20 0.51
CA PRO H 73 98.14 -16.12 1.18
C PRO H 73 97.34 -15.18 2.06
N HIS H 74 96.06 -15.01 1.76
CA HIS H 74 95.23 -14.12 2.59
C HIS H 74 93.78 -14.22 2.21
N GLU H 75 92.91 -13.61 3.00
CA GLU H 75 91.48 -13.67 2.75
C GLU H 75 91.06 -12.55 1.82
N ILE H 76 90.22 -12.89 0.84
CA ILE H 76 89.68 -11.90 -0.06
C ILE H 76 88.20 -12.17 -0.08
N GLU H 77 87.44 -11.12 -0.30
CA GLU H 77 86.00 -11.23 -0.41
C GLU H 77 85.76 -10.57 -1.75
N VAL H 78 84.98 -11.21 -2.61
CA VAL H 78 84.73 -10.62 -3.90
C VAL H 78 83.28 -10.70 -4.28
N GLU H 79 82.73 -9.56 -4.70
CA GLU H 79 81.34 -9.51 -5.13
C GLU H 79 81.33 -9.50 -6.64
N PHE H 80 80.44 -10.26 -7.24
CA PHE H 80 80.33 -10.26 -8.69
C PHE H 80 78.84 -10.35 -8.92
N GLY H 81 78.23 -9.25 -9.32
CA GLY H 81 76.80 -9.26 -9.50
C GLY H 81 76.29 -9.20 -8.08
N ALA H 82 75.36 -10.09 -7.74
CA ALA H 82 74.82 -10.11 -6.38
C ALA H 82 75.45 -11.28 -5.64
N SER H 83 76.47 -11.88 -6.25
CA SER H 83 77.17 -13.01 -5.68
C SER H 83 78.43 -12.51 -5.00
N LYS H 84 78.60 -12.92 -3.76
CA LYS H 84 79.75 -12.53 -2.97
C LYS H 84 80.42 -13.83 -2.58
N ILE H 85 81.73 -13.93 -2.76
CA ILE H 85 82.45 -15.14 -2.40
C ILE H 85 83.48 -14.73 -1.37
N VAL H 86 83.68 -15.59 -0.37
CA VAL H 86 84.65 -15.29 0.67
C VAL H 86 85.65 -16.43 0.83
N LEU H 87 86.93 -16.10 0.73
CA LEU H 87 87.98 -17.10 0.90
C LEU H 87 88.88 -16.71 2.08
N LYS H 88 89.19 -17.71 2.89
CA LYS H 88 90.02 -17.52 4.10
C LYS H 88 91.02 -18.68 4.12
N PRO H 89 92.31 -18.38 4.34
CA PRO H 89 93.31 -19.47 4.38
C PRO H 89 93.18 -20.38 5.60
N ALA H 90 93.55 -21.64 5.42
CA ALA H 90 93.47 -22.61 6.52
C ALA H 90 94.76 -23.42 6.67
N ALA H 91 94.94 -24.02 7.85
CA ALA H 91 96.12 -24.84 8.09
C ALA H 91 95.92 -26.16 7.38
N PRO H 92 96.93 -27.04 7.40
CA PRO H 92 96.78 -28.33 6.73
C PRO H 92 95.90 -29.27 7.53
N GLY H 93 95.11 -30.09 6.84
CA GLY H 93 94.23 -31.01 7.51
C GLY H 93 92.83 -30.45 7.61
N THR H 94 92.68 -29.20 7.20
CA THR H 94 91.38 -28.53 7.22
C THR H 94 90.49 -29.02 6.09
N GLY H 95 91.05 -29.15 4.89
CA GLY H 95 90.31 -29.63 3.74
C GLY H 95 89.79 -28.46 2.93
N VAL H 96 89.26 -28.73 1.74
CA VAL H 96 88.70 -27.66 0.94
C VAL H 96 87.26 -27.60 1.39
N ILE H 97 86.98 -26.65 2.29
CA ILE H 97 85.64 -26.48 2.84
C ILE H 97 84.85 -25.38 2.13
N ALA H 98 84.11 -25.78 1.12
CA ALA H 98 83.33 -24.85 0.34
C ALA H 98 82.20 -25.58 -0.38
N GLY H 99 81.25 -24.80 -0.92
CA GLY H 99 80.16 -25.39 -1.67
C GLY H 99 80.73 -25.88 -2.98
N ALA H 100 80.04 -26.78 -3.66
CA ALA H 100 80.53 -27.33 -4.92
C ALA H 100 81.24 -26.33 -5.84
N VAL H 101 80.48 -25.56 -6.62
CA VAL H 101 81.08 -24.60 -7.53
C VAL H 101 82.41 -24.05 -7.01
N PRO H 102 82.42 -23.36 -5.86
CA PRO H 102 83.69 -22.84 -5.35
C PRO H 102 84.77 -23.91 -5.20
N ARG H 103 84.38 -25.03 -4.58
CA ARG H 103 85.31 -26.13 -4.36
C ARG H 103 85.95 -26.62 -5.66
N ALA H 104 85.12 -27.10 -6.58
CA ALA H 104 85.57 -27.60 -7.85
C ALA H 104 86.67 -26.75 -8.47
N ILE H 105 86.56 -25.44 -8.33
CA ILE H 105 87.58 -24.58 -8.88
C ILE H 105 88.79 -24.65 -7.97
N LEU H 106 88.60 -24.39 -6.69
CA LEU H 106 89.68 -24.44 -5.73
C LEU H 106 90.52 -25.72 -5.77
N GLU H 107 89.87 -26.86 -6.06
CA GLU H 107 90.58 -28.14 -6.15
C GLU H 107 91.51 -28.14 -7.34
N LEU H 108 90.98 -28.05 -8.55
CA LEU H 108 91.83 -28.02 -9.72
C LEU H 108 92.79 -26.87 -9.58
N ALA H 109 92.41 -25.88 -8.78
CA ALA H 109 93.29 -24.74 -8.59
C ALA H 109 94.55 -25.22 -7.90
N GLY H 110 94.46 -26.38 -7.24
CA GLY H 110 95.62 -26.88 -6.54
C GLY H 110 95.48 -26.62 -5.05
N VAL H 111 94.48 -25.85 -4.68
CA VAL H 111 94.26 -25.58 -3.27
C VAL H 111 93.88 -26.88 -2.62
N THR H 112 94.19 -27.01 -1.34
CA THR H 112 93.89 -28.25 -0.66
C THR H 112 93.35 -27.98 0.76
N ASP H 113 93.52 -26.74 1.21
CA ASP H 113 93.04 -26.36 2.53
C ASP H 113 92.54 -24.93 2.56
N ILE H 114 91.21 -24.73 2.61
CA ILE H 114 90.62 -23.39 2.71
C ILE H 114 89.29 -23.36 3.42
N LEU H 115 88.95 -22.16 3.89
CA LEU H 115 87.68 -21.86 4.54
C LEU H 115 86.98 -20.94 3.52
N THR H 116 85.75 -21.29 3.19
CA THR H 116 84.99 -20.59 2.18
C THR H 116 83.62 -20.14 2.64
N LYS H 117 82.97 -19.34 1.82
CA LYS H 117 81.61 -18.89 2.10
C LYS H 117 80.94 -18.11 0.99
N GLU H 118 79.81 -18.63 0.54
CA GLU H 118 79.03 -17.98 -0.51
C GLU H 118 78.00 -17.06 0.14
N LEU H 119 78.03 -15.80 -0.23
CA LEU H 119 77.09 -14.86 0.33
C LEU H 119 76.36 -14.16 -0.80
N GLY H 120 75.14 -13.68 -0.54
CA GLY H 120 74.36 -13.00 -1.56
C GLY H 120 73.77 -13.96 -2.56
N SER H 121 73.70 -13.55 -3.82
CA SER H 121 73.18 -14.41 -4.87
C SER H 121 74.04 -15.65 -4.97
N ARG H 122 73.41 -16.81 -5.02
CA ARG H 122 74.19 -18.03 -5.13
C ARG H 122 74.10 -18.69 -6.50
N ASN H 123 74.01 -17.84 -7.52
CA ASN H 123 73.93 -18.36 -8.87
C ASN H 123 75.27 -19.01 -9.16
N PRO H 124 75.30 -20.34 -9.30
CA PRO H 124 76.58 -20.98 -9.58
C PRO H 124 77.41 -20.18 -10.57
N ILE H 125 76.84 -19.88 -11.72
CA ILE H 125 77.58 -19.14 -12.73
C ILE H 125 78.17 -17.83 -12.23
N ASN H 126 77.48 -17.13 -11.34
CA ASN H 126 78.03 -15.89 -10.83
C ASN H 126 78.98 -16.11 -9.67
N ILE H 127 78.77 -17.19 -8.92
CA ILE H 127 79.64 -17.52 -7.81
C ILE H 127 80.96 -17.98 -8.42
N ALA H 128 80.87 -18.64 -9.58
CA ALA H 128 82.06 -19.11 -10.29
C ALA H 128 82.90 -17.88 -10.66
N TYR H 129 82.35 -17.01 -11.51
CA TYR H 129 83.07 -15.80 -11.92
C TYR H 129 83.62 -15.08 -10.69
N ALA H 130 82.82 -15.02 -9.64
CA ALA H 130 83.21 -14.37 -8.39
C ALA H 130 84.46 -15.03 -7.84
N THR H 131 84.46 -16.36 -7.81
CA THR H 131 85.61 -17.08 -7.31
C THR H 131 86.85 -16.74 -8.12
N MET H 132 86.81 -17.03 -9.42
CA MET H 132 87.92 -16.73 -10.30
C MET H 132 88.48 -15.32 -10.04
N GLU H 133 87.61 -14.33 -9.94
CA GLU H 133 88.08 -12.98 -9.67
C GLU H 133 88.81 -12.93 -8.35
N ALA H 134 88.24 -13.57 -7.34
CA ALA H 134 88.88 -13.59 -6.03
C ALA H 134 90.29 -14.17 -6.18
N LEU H 135 90.42 -15.25 -6.94
CA LEU H 135 91.73 -15.84 -7.12
C LEU H 135 92.66 -14.86 -7.82
N ARG H 136 92.23 -14.25 -8.92
CA ARG H 136 93.08 -13.29 -9.61
C ARG H 136 93.65 -12.22 -8.68
N GLN H 137 92.83 -11.74 -7.75
CA GLN H 137 93.27 -10.68 -6.87
C GLN H 137 94.24 -11.06 -5.77
N LEU H 138 94.46 -12.35 -5.56
CA LEU H 138 95.39 -12.80 -4.53
C LEU H 138 96.76 -12.19 -4.79
N ARG H 139 97.45 -11.81 -3.71
CA ARG H 139 98.77 -11.22 -3.81
C ARG H 139 99.68 -11.85 -2.78
N THR H 140 100.99 -11.72 -3.00
CA THR H 140 101.98 -12.29 -2.10
C THR H 140 102.83 -11.23 -1.46
N LYS H 141 103.29 -11.49 -0.23
CA LYS H 141 104.14 -10.55 0.48
C LYS H 141 105.18 -10.08 -0.54
N ALA H 142 105.50 -10.96 -1.48
CA ALA H 142 106.44 -10.65 -2.54
C ALA H 142 105.87 -9.49 -3.36
N ASP H 143 104.79 -9.78 -4.09
CA ASP H 143 104.10 -8.80 -4.94
C ASP H 143 103.84 -7.49 -4.22
N VAL H 144 103.40 -7.58 -2.97
CA VAL H 144 103.10 -6.43 -2.16
C VAL H 144 104.35 -5.62 -1.90
N GLU H 145 105.42 -6.30 -1.48
CA GLU H 145 106.70 -5.65 -1.20
C GLU H 145 107.16 -4.99 -2.49
N ARG H 146 107.03 -5.74 -3.57
CA ARG H 146 107.39 -5.28 -4.90
C ARG H 146 106.61 -4.00 -5.20
N LEU H 147 105.29 -4.05 -5.07
CA LEU H 147 104.42 -2.91 -5.32
C LEU H 147 104.72 -1.66 -4.54
N ARG H 148 105.25 -1.81 -3.32
CA ARG H 148 105.54 -0.66 -2.50
C ARG H 148 107.00 -0.22 -2.42
N LYS H 149 107.85 -0.71 -3.33
CA LYS H 149 109.26 -0.34 -3.34
C LYS H 149 109.43 1.14 -3.68
N GLY H 150 109.66 1.43 -4.96
CA GLY H 150 109.84 2.80 -5.39
C GLY H 150 111.03 3.52 -4.76
N MET I 1 63.64 61.48 -0.87
CA MET I 1 62.86 61.62 -2.12
C MET I 1 63.48 60.82 -3.26
N ARG I 2 62.69 60.57 -4.29
CA ARG I 2 63.13 59.81 -5.46
C ARG I 2 62.81 60.61 -6.73
N ARG I 3 63.67 60.51 -7.73
CA ARG I 3 63.50 61.21 -9.00
C ARG I 3 62.58 60.39 -9.94
N TYR I 4 61.50 61.03 -10.41
CA TYR I 4 60.54 60.34 -11.29
C TYR I 4 60.42 60.99 -12.67
N GLU I 5 59.45 60.52 -13.44
CA GLU I 5 59.17 61.03 -14.77
C GLU I 5 57.67 60.96 -15.01
N VAL I 6 57.01 62.11 -14.94
CA VAL I 6 55.58 62.17 -15.14
C VAL I 6 55.27 62.36 -16.63
N ASN I 7 54.31 61.58 -17.12
CA ASN I 7 53.86 61.65 -18.50
C ASN I 7 52.40 61.99 -18.40
N ILE I 8 51.93 62.86 -19.29
CA ILE I 8 50.53 63.23 -19.27
C ILE I 8 50.02 63.47 -20.68
N VAL I 9 48.97 62.75 -21.05
CA VAL I 9 48.39 62.89 -22.38
C VAL I 9 46.98 63.44 -22.21
N LEU I 10 46.76 64.65 -22.72
CA LEU I 10 45.45 65.28 -22.61
C LEU I 10 44.89 65.68 -23.96
N ASN I 11 43.57 65.89 -23.99
CA ASN I 11 42.83 66.26 -25.18
C ASN I 11 43.58 67.20 -26.14
N PRO I 12 43.66 66.84 -27.42
CA PRO I 12 44.36 67.63 -28.44
C PRO I 12 43.47 68.73 -29.04
N ASN I 13 42.31 68.95 -28.42
CA ASN I 13 41.39 69.95 -28.91
C ASN I 13 41.20 71.12 -27.95
N LEU I 14 42.18 71.35 -27.08
CA LEU I 14 42.06 72.46 -26.15
C LEU I 14 42.59 73.73 -26.81
N ASP I 15 41.90 74.85 -26.55
CA ASP I 15 42.32 76.13 -27.10
C ASP I 15 43.39 76.72 -26.20
N GLN I 16 44.18 77.63 -26.75
CA GLN I 16 45.27 78.27 -26.01
C GLN I 16 44.99 78.43 -24.51
N SER I 17 43.78 78.87 -24.20
CA SER I 17 43.36 79.08 -22.82
C SER I 17 43.06 77.76 -22.08
N GLN I 18 42.05 77.04 -22.55
CA GLN I 18 41.64 75.77 -21.96
C GLN I 18 42.84 74.91 -21.60
N LEU I 19 43.81 74.87 -22.51
CA LEU I 19 45.02 74.09 -22.30
C LEU I 19 45.82 74.61 -21.10
N ALA I 20 46.26 75.87 -21.20
CA ALA I 20 47.03 76.51 -20.14
C ALA I 20 46.35 76.40 -18.77
N LEU I 21 45.05 76.15 -18.76
CA LEU I 21 44.30 76.02 -17.51
C LEU I 21 44.55 74.65 -16.89
N GLU I 22 44.59 73.62 -17.74
CA GLU I 22 44.81 72.26 -17.27
C GLU I 22 46.24 72.14 -16.74
N LYS I 23 47.17 72.83 -17.41
CA LYS I 23 48.57 72.82 -17.00
C LYS I 23 48.64 73.49 -15.64
N GLU I 24 47.78 74.47 -15.44
CA GLU I 24 47.72 75.19 -14.17
C GLU I 24 47.53 74.15 -13.08
N ILE I 25 46.38 73.49 -13.10
CA ILE I 25 46.05 72.46 -12.11
C ILE I 25 47.16 71.44 -11.90
N ILE I 26 47.88 71.10 -12.97
CA ILE I 26 48.97 70.16 -12.89
C ILE I 26 50.08 70.71 -11.99
N GLN I 27 50.66 71.83 -12.43
CA GLN I 27 51.72 72.50 -11.68
C GLN I 27 51.26 72.71 -10.24
N ARG I 28 49.99 73.08 -10.10
CA ARG I 28 49.38 73.31 -8.80
C ARG I 28 49.38 72.01 -8.02
N ALA I 29 48.92 70.95 -8.69
CA ALA I 29 48.86 69.62 -8.09
C ALA I 29 50.22 69.14 -7.65
N LEU I 30 51.20 69.27 -8.54
CA LEU I 30 52.55 68.83 -8.24
C LEU I 30 53.07 69.35 -6.90
N GLU I 31 53.04 70.67 -6.72
CA GLU I 31 53.50 71.25 -5.46
C GLU I 31 52.72 70.65 -4.29
N ASN I 32 51.41 70.58 -4.45
CA ASN I 32 50.54 70.04 -3.42
C ASN I 32 50.99 68.67 -2.95
N TYR I 33 51.88 68.03 -3.72
CA TYR I 33 52.37 66.72 -3.36
C TYR I 33 53.88 66.65 -3.16
N GLY I 34 54.55 67.78 -3.32
CA GLY I 34 55.98 67.83 -3.12
C GLY I 34 56.78 67.72 -4.42
N ALA I 35 56.09 67.71 -5.54
CA ALA I 35 56.76 67.60 -6.83
C ALA I 35 57.67 68.80 -7.13
N ARG I 36 58.98 68.57 -7.01
CA ARG I 36 59.97 69.61 -7.29
C ARG I 36 60.38 69.48 -8.77
N VAL I 37 59.69 70.21 -9.63
CA VAL I 37 59.92 70.19 -11.08
C VAL I 37 61.36 70.39 -11.56
N GLU I 38 62.10 69.31 -11.76
CA GLU I 38 63.47 69.40 -12.22
C GLU I 38 63.57 69.89 -13.65
N LYS I 39 62.57 69.56 -14.45
CA LYS I 39 62.52 70.02 -15.83
C LYS I 39 61.29 69.58 -16.59
N VAL I 40 61.21 69.98 -17.85
CA VAL I 40 60.04 69.66 -18.66
C VAL I 40 60.27 69.69 -20.16
N GLU I 41 59.44 68.95 -20.87
CA GLU I 41 59.47 68.86 -22.32
C GLU I 41 58.00 68.92 -22.72
N GLU I 42 57.72 69.30 -23.96
CA GLU I 42 56.33 69.40 -24.40
C GLU I 42 56.15 69.12 -25.88
N LEU I 43 56.36 67.86 -26.27
CA LEU I 43 56.20 67.44 -27.66
C LEU I 43 54.83 67.87 -28.18
N GLY I 44 53.92 68.17 -27.26
CA GLY I 44 52.60 68.61 -27.65
C GLY I 44 51.77 67.56 -28.35
N LEU I 45 51.36 67.86 -29.58
CA LEU I 45 50.55 66.94 -30.36
C LEU I 45 51.31 65.80 -31.01
N ARG I 46 50.69 64.62 -31.02
CA ARG I 46 51.28 63.44 -31.66
C ARG I 46 50.20 62.45 -32.10
N ARG I 47 50.42 61.84 -33.26
CA ARG I 47 49.48 60.88 -33.82
C ARG I 47 49.60 59.54 -33.13
N LEU I 48 48.67 59.26 -32.23
CA LEU I 48 48.63 58.01 -31.46
C LEU I 48 48.56 56.77 -32.34
N ALA I 49 49.12 55.68 -31.84
CA ALA I 49 49.13 54.42 -32.59
C ALA I 49 47.72 53.88 -32.72
N TYR I 50 46.89 54.22 -31.74
CA TYR I 50 45.49 53.81 -31.71
C TYR I 50 44.75 54.94 -31.02
N PRO I 51 43.45 55.09 -31.29
CA PRO I 51 42.68 56.18 -30.66
C PRO I 51 42.54 56.08 -29.15
N ILE I 52 42.55 57.24 -28.50
CA ILE I 52 42.39 57.35 -27.07
C ILE I 52 41.21 58.29 -26.85
N ALA I 53 40.13 57.77 -26.28
CA ALA I 53 38.94 58.57 -26.05
C ALA I 53 38.40 58.99 -27.42
N LYS I 54 38.38 58.01 -28.33
CA LYS I 54 37.89 58.21 -29.71
C LYS I 54 38.82 59.11 -30.51
N ASP I 55 39.48 60.05 -29.82
CA ASP I 55 40.40 60.98 -30.44
C ASP I 55 41.67 60.27 -30.90
N PRO I 56 42.04 60.36 -32.20
CA PRO I 56 43.24 59.71 -32.75
C PRO I 56 44.55 60.45 -32.50
N GLN I 57 44.50 61.56 -31.78
CA GLN I 57 45.69 62.34 -31.48
C GLN I 57 45.78 62.58 -29.98
N GLY I 58 46.87 63.20 -29.55
CA GLY I 58 47.04 63.48 -28.14
C GLY I 58 48.05 64.59 -27.91
N TYR I 59 47.89 65.31 -26.80
CA TYR I 59 48.80 66.40 -26.43
C TYR I 59 49.68 65.90 -25.29
N PHE I 60 50.99 65.98 -25.44
CA PHE I 60 51.90 65.48 -24.42
C PHE I 60 52.64 66.46 -23.55
N LEU I 61 52.78 66.09 -22.29
CA LEU I 61 53.48 66.85 -21.27
C LEU I 61 54.40 65.88 -20.55
N TRP I 62 55.67 66.25 -20.42
CA TRP I 62 56.64 65.39 -19.74
C TRP I 62 57.34 66.17 -18.63
N TYR I 63 57.20 65.72 -17.39
CA TYR I 63 57.86 66.41 -16.28
C TYR I 63 58.73 65.46 -15.48
N GLN I 64 59.99 65.84 -15.30
CA GLN I 64 60.93 65.05 -14.52
C GLN I 64 60.99 65.68 -13.13
N VAL I 65 60.36 65.04 -12.14
CA VAL I 65 60.34 65.60 -10.80
C VAL I 65 61.16 64.86 -9.76
N GLU I 66 61.04 65.35 -8.53
CA GLU I 66 61.70 64.80 -7.37
C GLU I 66 60.66 64.99 -6.28
N MET I 67 60.27 63.92 -5.59
CA MET I 67 59.24 64.05 -4.57
C MET I 67 59.16 62.85 -3.63
N PRO I 68 58.36 62.98 -2.56
CA PRO I 68 58.18 61.92 -1.56
C PRO I 68 57.42 60.74 -2.16
N GLU I 69 58.13 59.64 -2.38
CA GLU I 69 57.53 58.44 -2.96
C GLU I 69 56.23 58.04 -2.26
N ASP I 70 56.15 58.29 -0.96
CA ASP I 70 54.96 57.93 -0.19
C ASP I 70 53.68 58.63 -0.69
N ARG I 71 53.81 59.46 -1.71
CA ARG I 71 52.65 60.16 -2.25
C ARG I 71 52.52 60.07 -3.78
N VAL I 72 53.54 59.56 -4.43
CA VAL I 72 53.52 59.42 -5.88
C VAL I 72 52.23 58.80 -6.37
N ASN I 73 51.69 57.86 -5.62
CA ASN I 73 50.45 57.25 -6.06
C ASN I 73 49.30 58.26 -6.01
N ASP I 74 49.24 59.08 -4.95
CA ASP I 74 48.18 60.08 -4.85
C ASP I 74 48.36 61.11 -5.96
N LEU I 75 49.58 61.62 -6.09
CA LEU I 75 49.91 62.59 -7.12
C LEU I 75 49.22 62.21 -8.44
N ALA I 76 49.20 60.93 -8.77
CA ALA I 76 48.57 60.52 -10.00
C ALA I 76 47.05 60.37 -9.88
N ARG I 77 46.55 60.03 -8.69
CA ARG I 77 45.11 59.90 -8.53
C ARG I 77 44.60 61.27 -8.92
N GLU I 78 45.26 62.27 -8.34
CA GLU I 78 44.93 63.67 -8.54
C GLU I 78 45.02 64.04 -10.01
N LEU I 79 46.15 63.72 -10.63
CA LEU I 79 46.33 64.05 -12.03
C LEU I 79 45.30 63.39 -12.96
N ARG I 80 44.75 62.25 -12.57
CA ARG I 80 43.77 61.57 -13.43
C ARG I 80 42.35 62.14 -13.30
N ILE I 81 42.10 62.87 -12.21
CA ILE I 81 40.79 63.47 -11.95
C ILE I 81 40.29 64.38 -13.06
N ARG I 82 41.20 65.10 -13.68
CA ARG I 82 40.86 66.01 -14.77
C ARG I 82 40.17 65.22 -15.90
N ASP I 83 39.23 65.88 -16.57
CA ASP I 83 38.49 65.27 -17.67
C ASP I 83 39.30 65.30 -18.96
N ASN I 84 40.10 66.35 -19.13
CA ASN I 84 40.92 66.47 -20.32
C ASN I 84 42.16 65.59 -20.21
N VAL I 85 42.43 65.13 -18.99
CA VAL I 85 43.57 64.24 -18.76
C VAL I 85 43.11 62.85 -19.14
N ARG I 86 43.71 62.31 -20.19
CA ARG I 86 43.35 60.98 -20.66
C ARG I 86 44.49 59.97 -20.64
N ARG I 87 45.48 60.22 -19.77
CA ARG I 87 46.65 59.35 -19.58
C ARG I 87 47.60 59.98 -18.59
N VAL I 88 48.13 59.16 -17.68
CA VAL I 88 49.09 59.64 -16.69
C VAL I 88 50.01 58.51 -16.30
N MET I 89 51.28 58.60 -16.67
CA MET I 89 52.22 57.55 -16.32
C MET I 89 53.47 58.06 -15.59
N VAL I 90 53.55 57.80 -14.29
CA VAL I 90 54.70 58.20 -13.48
C VAL I 90 55.71 57.07 -13.47
N VAL I 91 56.97 57.39 -13.76
CA VAL I 91 57.99 56.36 -13.82
C VAL I 91 59.31 56.70 -13.13
N LYS I 92 59.85 55.76 -12.35
CA LYS I 92 61.12 56.00 -11.67
C LYS I 92 62.17 56.29 -12.73
N SER I 93 62.84 57.43 -12.60
CA SER I 93 63.88 57.80 -13.56
C SER I 93 64.87 56.67 -13.56
N GLN I 94 65.51 56.43 -14.70
CA GLN I 94 66.50 55.37 -14.78
C GLN I 94 67.65 55.73 -15.70
N GLU I 95 68.84 55.32 -15.31
CA GLU I 95 70.06 55.57 -16.09
C GLU I 95 69.76 55.05 -17.48
N PRO I 96 70.14 55.80 -18.52
CA PRO I 96 69.89 55.37 -19.89
C PRO I 96 70.70 54.15 -20.34
N PHE I 97 70.10 52.96 -20.23
CA PHE I 97 70.78 51.75 -20.66
C PHE I 97 71.05 51.76 -22.18
N LEU I 98 72.27 52.12 -22.57
CA LEU I 98 72.62 52.16 -23.99
C LEU I 98 72.71 50.79 -24.66
N ALA I 99 72.83 50.79 -25.98
CA ALA I 99 72.91 49.56 -26.75
C ALA I 99 73.46 49.83 -28.14
N ASN I 100 73.99 48.78 -28.77
CA ASN I 100 74.55 48.88 -30.11
C ASN I 100 75.61 50.00 -30.17
N ALA I 101 76.35 50.16 -29.08
CA ALA I 101 77.39 51.18 -29.01
C ALA I 101 78.70 50.58 -28.52
N ALA J 1 46.52 -5.88 -61.67
CA ALA J 1 47.60 -5.06 -62.30
C ALA J 1 48.54 -4.30 -61.34
N ARG J 2 49.32 -5.00 -60.52
CA ARG J 2 50.24 -4.29 -59.61
C ARG J 2 51.47 -3.75 -60.35
N ARG J 3 52.04 -4.55 -61.24
CA ARG J 3 53.22 -4.16 -61.99
C ARG J 3 52.97 -3.21 -63.15
N ARG J 4 52.88 -3.76 -64.36
CA ARG J 4 52.66 -2.99 -65.59
C ARG J 4 51.40 -2.14 -65.55
N ARG J 5 51.13 -1.49 -66.66
CA ARG J 5 49.96 -0.65 -66.80
C ARG J 5 49.09 -1.27 -67.89
N ALA J 6 48.97 -2.59 -67.82
CA ALA J 6 48.19 -3.38 -68.78
C ALA J 6 47.74 -2.60 -70.00
N GLU J 7 48.43 -2.78 -71.11
CA GLU J 7 48.07 -2.08 -72.35
C GLU J 7 46.78 -2.64 -72.93
N VAL J 8 46.11 -1.82 -73.74
CA VAL J 8 44.85 -2.24 -74.35
C VAL J 8 45.02 -3.19 -75.54
N ARG J 9 44.26 -4.28 -75.53
CA ARG J 9 44.29 -5.23 -76.64
C ARG J 9 43.82 -4.44 -77.85
N GLN J 10 44.57 -4.48 -78.94
CA GLN J 10 44.18 -3.77 -80.17
C GLN J 10 43.37 -4.75 -81.02
N LEU J 11 42.18 -4.33 -81.44
CA LEU J 11 41.31 -5.22 -82.22
C LEU J 11 41.41 -5.07 -83.74
N GLN J 12 41.24 -6.19 -84.42
CA GLN J 12 41.28 -6.21 -85.88
C GLN J 12 40.04 -5.53 -86.44
N PRO J 13 40.21 -4.50 -87.29
CA PRO J 13 39.06 -3.79 -87.87
C PRO J 13 37.91 -4.63 -88.42
N ASP J 14 36.80 -3.97 -88.69
CA ASP J 14 35.60 -4.61 -89.19
C ASP J 14 35.82 -5.23 -90.56
N LEU J 15 35.14 -6.36 -90.81
CA LEU J 15 35.23 -7.09 -92.07
C LEU J 15 34.28 -6.50 -93.12
N VAL J 16 33.86 -5.25 -92.89
CA VAL J 16 32.95 -4.56 -93.79
C VAL J 16 33.17 -3.05 -93.77
N TYR J 17 33.38 -2.49 -92.58
CA TYR J 17 33.63 -1.08 -92.46
C TYR J 17 35.08 -0.86 -92.05
N GLY J 18 35.78 -1.97 -91.81
CA GLY J 18 37.18 -1.89 -91.40
C GLY J 18 37.37 -0.96 -90.23
N ASP J 19 36.30 -0.80 -89.45
CA ASP J 19 36.31 0.06 -88.29
C ASP J 19 36.46 -0.80 -87.04
N VAL J 20 37.50 -0.53 -86.26
CA VAL J 20 37.76 -1.27 -85.04
C VAL J 20 36.65 -1.10 -84.02
N LEU J 21 36.19 0.14 -83.83
CA LEU J 21 35.12 0.43 -82.90
C LEU J 21 33.93 -0.50 -83.13
N VAL J 22 33.71 -0.86 -84.38
CA VAL J 22 32.60 -1.75 -84.69
C VAL J 22 32.85 -3.14 -84.13
N THR J 23 34.04 -3.67 -84.37
CA THR J 23 34.38 -5.01 -83.87
C THR J 23 34.10 -5.03 -82.38
N ALA J 24 34.58 -3.99 -81.71
CA ALA J 24 34.38 -3.84 -80.29
C ALA J 24 32.90 -4.04 -79.94
N PHE J 25 32.03 -3.24 -80.57
CA PHE J 25 30.58 -3.34 -80.32
C PHE J 25 30.06 -4.73 -80.60
N ILE J 26 30.59 -5.37 -81.63
CA ILE J 26 30.17 -6.71 -82.01
C ILE J 26 30.61 -7.69 -80.93
N ASN J 27 31.77 -7.44 -80.33
CA ASN J 27 32.28 -8.30 -79.27
C ASN J 27 31.41 -8.19 -78.03
N LYS J 28 30.82 -7.01 -77.84
CA LYS J 28 29.96 -6.78 -76.69
C LYS J 28 28.60 -7.42 -76.91
N ILE J 29 28.27 -7.73 -78.17
CA ILE J 29 27.00 -8.36 -78.46
C ILE J 29 27.20 -9.86 -78.32
N MET J 30 28.36 -10.33 -78.77
CA MET J 30 28.71 -11.74 -78.71
C MET J 30 28.55 -12.38 -77.35
N ARG J 31 28.24 -13.66 -77.32
CA ARG J 31 28.08 -14.39 -76.07
C ARG J 31 28.37 -15.85 -76.32
N ASP J 32 29.30 -16.42 -75.55
CA ASP J 32 29.73 -17.81 -75.70
C ASP J 32 30.59 -17.90 -76.95
N GLY J 33 31.29 -16.81 -77.25
CA GLY J 33 32.15 -16.76 -78.40
C GLY J 33 31.50 -17.07 -79.73
N LYS J 34 30.17 -17.02 -79.81
CA LYS J 34 29.49 -17.28 -81.07
C LYS J 34 29.53 -15.99 -81.89
N LYS J 35 30.76 -15.58 -82.19
CA LYS J 35 31.06 -14.35 -82.93
C LYS J 35 30.40 -14.21 -84.30
N ASN J 36 29.88 -15.29 -84.88
CA ASN J 36 29.25 -15.17 -86.19
C ASN J 36 27.89 -14.54 -85.97
N LEU J 37 27.07 -15.24 -85.18
CA LEU J 37 25.74 -14.74 -84.82
C LEU J 37 25.85 -13.30 -84.36
N ALA J 38 26.93 -12.99 -83.64
CA ALA J 38 27.16 -11.65 -83.15
C ALA J 38 27.39 -10.66 -84.29
N ALA J 39 28.24 -11.03 -85.25
CA ALA J 39 28.54 -10.18 -86.40
C ALA J 39 27.28 -10.00 -87.21
N ARG J 40 26.58 -11.11 -87.46
CA ARG J 40 25.34 -11.04 -88.22
C ARG J 40 24.42 -10.00 -87.61
N ILE J 41 23.97 -10.25 -86.39
CA ILE J 41 23.07 -9.32 -85.71
C ILE J 41 23.44 -7.86 -85.96
N PHE J 42 24.70 -7.50 -85.80
CA PHE J 42 25.06 -6.10 -86.02
C PHE J 42 24.95 -5.62 -87.44
N TYR J 43 25.11 -6.53 -88.40
CA TYR J 43 25.02 -6.16 -89.80
C TYR J 43 23.56 -6.11 -90.22
N ASP J 44 22.78 -7.12 -89.82
CA ASP J 44 21.35 -7.15 -90.13
C ASP J 44 20.82 -5.81 -89.62
N ALA J 45 21.25 -5.44 -88.43
CA ALA J 45 20.83 -4.20 -87.81
C ALA J 45 21.23 -3.00 -88.68
N CYS J 46 22.45 -3.00 -89.17
CA CYS J 46 22.92 -1.90 -90.00
C CYS J 46 22.04 -1.74 -91.23
N LYS J 47 21.48 -2.86 -91.69
CA LYS J 47 20.62 -2.81 -92.85
C LYS J 47 19.21 -2.41 -92.45
N ILE J 48 18.93 -2.45 -91.15
CA ILE J 48 17.63 -2.04 -90.64
C ILE J 48 17.71 -0.52 -90.40
N ILE J 49 18.94 -0.03 -90.27
CA ILE J 49 19.16 1.39 -90.07
C ILE J 49 19.15 2.05 -91.43
N GLN J 50 19.36 1.25 -92.49
CA GLN J 50 19.36 1.77 -93.85
C GLN J 50 17.94 1.95 -94.33
N GLU J 51 17.11 0.94 -94.09
CA GLU J 51 15.72 1.01 -94.50
C GLU J 51 15.04 2.13 -93.74
N LYS J 52 14.56 1.83 -92.54
CA LYS J 52 13.86 2.82 -91.74
C LYS J 52 14.57 4.17 -91.55
N THR J 53 15.83 4.28 -91.98
CA THR J 53 16.56 5.55 -91.87
C THR J 53 17.40 5.75 -93.13
N GLY J 54 17.17 6.86 -93.82
CA GLY J 54 17.89 7.13 -95.04
C GLY J 54 19.37 7.44 -94.87
N GLN J 55 19.87 7.31 -93.65
CA GLN J 55 21.27 7.59 -93.37
C GLN J 55 22.16 6.35 -93.40
N GLU J 56 23.46 6.57 -93.56
CA GLU J 56 24.43 5.49 -93.59
C GLU J 56 24.50 4.91 -92.19
N PRO J 57 24.34 3.58 -92.05
CA PRO J 57 24.39 2.97 -90.73
C PRO J 57 25.62 3.38 -89.89
N LEU J 58 26.81 3.19 -90.45
CA LEU J 58 28.05 3.52 -89.76
C LEU J 58 28.04 4.86 -89.03
N LYS J 59 27.45 5.89 -89.64
CA LYS J 59 27.41 7.21 -89.03
C LYS J 59 26.35 7.30 -87.92
N VAL J 60 25.28 6.51 -88.05
CA VAL J 60 24.23 6.50 -87.04
C VAL J 60 24.85 5.89 -85.79
N PHE J 61 25.59 4.82 -85.99
CA PHE J 61 26.27 4.11 -84.92
C PHE J 61 27.19 5.03 -84.14
N LYS J 62 28.20 5.56 -84.81
CA LYS J 62 29.14 6.45 -84.15
C LYS J 62 28.43 7.59 -83.44
N GLN J 63 27.38 8.11 -84.05
CA GLN J 63 26.62 9.20 -83.45
C GLN J 63 26.09 8.71 -82.11
N ALA J 64 25.52 7.50 -82.12
CA ALA J 64 24.97 6.89 -80.92
C ALA J 64 26.02 6.87 -79.82
N VAL J 65 27.06 6.07 -80.02
CA VAL J 65 28.16 5.96 -79.07
C VAL J 65 28.42 7.31 -78.43
N GLU J 66 28.54 8.33 -79.27
CA GLU J 66 28.79 9.69 -78.81
C GLU J 66 27.84 10.17 -77.72
N ASN J 67 26.54 10.08 -77.95
CA ASN J 67 25.58 10.55 -76.96
C ASN J 67 25.53 9.69 -75.70
N VAL J 68 25.99 8.45 -75.81
CA VAL J 68 25.98 7.52 -74.69
C VAL J 68 27.25 7.48 -73.84
N LYS J 69 28.26 8.25 -74.22
CA LYS J 69 29.50 8.30 -73.45
C LYS J 69 29.36 9.26 -72.29
N PRO J 70 29.48 8.77 -71.05
CA PRO J 70 29.37 9.68 -69.91
C PRO J 70 30.67 10.46 -69.80
N ARG J 71 30.60 11.74 -69.43
CA ARG J 71 31.81 12.54 -69.32
C ARG J 71 32.21 12.74 -67.87
N MET J 72 31.30 12.40 -66.96
CA MET J 72 31.53 12.49 -65.52
C MET J 72 30.85 11.30 -64.90
N GLU J 73 31.47 10.69 -63.90
CA GLU J 73 30.87 9.53 -63.26
C GLU J 73 31.28 9.60 -61.80
N VAL J 74 30.51 8.94 -60.95
CA VAL J 74 30.79 8.92 -59.54
C VAL J 74 31.51 7.63 -59.12
N ARG J 75 32.60 7.77 -58.37
CA ARG J 75 33.36 6.62 -57.87
C ARG J 75 33.35 6.66 -56.35
N SER J 76 32.95 5.57 -55.73
CA SER J 76 32.90 5.51 -54.27
C SER J 76 34.28 5.70 -53.67
N ARG J 77 34.33 5.97 -52.37
CA ARG J 77 35.58 6.18 -51.67
C ARG J 77 35.34 6.35 -50.18
N ARG J 78 36.19 5.72 -49.38
CA ARG J 78 36.09 5.83 -47.92
C ARG J 78 36.88 7.06 -47.50
N VAL J 79 36.19 7.99 -46.87
CA VAL J 79 36.83 9.21 -46.38
C VAL J 79 36.27 9.48 -45.00
N GLY J 80 37.11 9.31 -43.99
CA GLY J 80 36.68 9.53 -42.62
C GLY J 80 35.30 8.96 -42.35
N GLY J 81 35.23 7.65 -42.07
CA GLY J 81 33.96 7.02 -41.80
C GLY J 81 33.15 6.63 -43.02
N ALA J 82 32.16 7.47 -43.36
CA ALA J 82 31.28 7.22 -44.50
C ALA J 82 32.02 7.03 -45.83
N ASN J 83 31.30 6.48 -46.80
CA ASN J 83 31.86 6.24 -48.13
C ASN J 83 31.28 7.23 -49.12
N TYR J 84 31.90 8.41 -49.17
CA TYR J 84 31.48 9.48 -50.06
C TYR J 84 31.71 9.15 -51.54
N GLN J 85 30.69 9.38 -52.34
CA GLN J 85 30.72 9.13 -53.78
C GLN J 85 31.40 10.29 -54.51
N VAL J 86 32.69 10.18 -54.78
CA VAL J 86 33.40 11.26 -55.46
C VAL J 86 33.17 11.31 -56.97
N PRO J 87 32.79 12.50 -57.47
CA PRO J 87 32.52 12.74 -58.89
C PRO J 87 33.82 13.01 -59.60
N MET J 88 33.98 12.46 -60.80
CA MET J 88 35.20 12.68 -61.55
C MET J 88 35.07 12.36 -63.02
N GLU J 89 36.01 12.89 -63.81
CA GLU J 89 36.04 12.70 -65.25
C GLU J 89 36.04 11.22 -65.59
N VAL J 90 35.97 10.92 -66.87
CA VAL J 90 35.99 9.54 -67.32
C VAL J 90 37.00 9.47 -68.43
N SER J 91 37.93 8.52 -68.33
CA SER J 91 38.97 8.35 -69.33
C SER J 91 38.33 8.18 -70.69
N PRO J 92 39.07 8.50 -71.76
CA PRO J 92 38.51 8.34 -73.09
C PRO J 92 38.23 6.86 -73.29
N ARG J 93 39.16 6.04 -72.79
CA ARG J 93 39.08 4.60 -72.88
C ARG J 93 37.81 4.06 -72.23
N ARG J 94 37.61 4.42 -70.96
CA ARG J 94 36.45 3.97 -70.19
C ARG J 94 35.13 4.45 -70.79
N GLN J 95 35.15 5.64 -71.38
CA GLN J 95 33.94 6.18 -71.99
C GLN J 95 33.41 5.21 -73.04
N GLN J 96 34.29 4.72 -73.88
CA GLN J 96 33.88 3.79 -74.91
C GLN J 96 33.31 2.52 -74.28
N SER J 97 34.13 1.84 -73.49
CA SER J 97 33.71 0.61 -72.83
C SER J 97 32.30 0.70 -72.28
N LEU J 98 32.03 1.81 -71.61
CA LEU J 98 30.72 2.04 -71.01
C LEU J 98 29.65 2.29 -72.07
N ALA J 99 29.95 3.15 -73.03
CA ALA J 99 29.01 3.49 -74.09
C ALA J 99 28.51 2.22 -74.80
N LEU J 100 29.46 1.46 -75.35
CA LEU J 100 29.13 0.23 -76.05
C LEU J 100 28.37 -0.74 -75.14
N ARG J 101 28.92 -0.96 -73.95
CA ARG J 101 28.26 -1.86 -73.02
C ARG J 101 26.81 -1.42 -72.81
N TRP J 102 26.64 -0.16 -72.45
CA TRP J 102 25.30 0.36 -72.20
C TRP J 102 24.37 0.15 -73.39
N LEU J 103 24.86 0.42 -74.60
CA LEU J 103 24.02 0.24 -75.77
C LEU J 103 23.49 -1.18 -75.81
N VAL J 104 24.38 -2.16 -75.91
CA VAL J 104 23.97 -3.55 -75.96
C VAL J 104 23.01 -3.91 -74.83
N GLN J 105 23.27 -3.39 -73.63
CA GLN J 105 22.42 -3.68 -72.48
C GLN J 105 21.00 -3.16 -72.66
N ALA J 106 20.88 -1.88 -72.97
CA ALA J 106 19.58 -1.25 -73.17
C ALA J 106 18.90 -1.87 -74.38
N ALA J 107 19.71 -2.22 -75.38
CA ALA J 107 19.20 -2.84 -76.58
C ALA J 107 18.53 -4.15 -76.23
N ASN J 108 19.17 -4.92 -75.37
CA ASN J 108 18.58 -6.20 -74.98
C ASN J 108 17.52 -5.99 -73.93
N GLN J 109 17.22 -4.73 -73.65
CA GLN J 109 16.21 -4.37 -72.68
C GLN J 109 14.93 -3.98 -73.42
N ARG J 110 15.05 -3.80 -74.73
CA ARG J 110 13.89 -3.45 -75.54
C ARG J 110 12.94 -4.63 -75.69
N PRO J 111 11.74 -4.37 -76.23
CA PRO J 111 10.71 -5.39 -76.43
C PRO J 111 10.79 -6.22 -77.72
N GLU J 112 10.88 -5.56 -78.88
CA GLU J 112 10.92 -6.28 -80.15
C GLU J 112 11.61 -7.64 -80.07
N ARG J 113 10.87 -8.69 -80.38
CA ARG J 113 11.36 -10.06 -80.32
C ARG J 113 12.71 -10.34 -81.01
N ARG J 114 13.02 -9.62 -82.09
CA ARG J 114 14.27 -9.86 -82.83
C ARG J 114 15.53 -9.12 -82.35
N ALA J 115 16.53 -9.91 -81.98
CA ALA J 115 17.80 -9.38 -81.50
C ALA J 115 18.33 -8.28 -82.41
N ALA J 116 18.49 -8.60 -83.69
CA ALA J 116 19.01 -7.66 -84.67
C ALA J 116 18.26 -6.34 -84.71
N VAL J 117 16.96 -6.36 -84.38
CA VAL J 117 16.16 -5.15 -84.39
C VAL J 117 16.43 -4.30 -83.16
N ARG J 118 16.39 -4.93 -82.00
CA ARG J 118 16.63 -4.20 -80.76
C ARG J 118 17.88 -3.37 -80.90
N ILE J 119 18.88 -3.91 -81.56
CA ILE J 119 20.13 -3.19 -81.74
C ILE J 119 19.90 -2.06 -82.74
N ALA J 120 19.20 -2.37 -83.81
CA ALA J 120 18.90 -1.40 -84.84
C ALA J 120 18.19 -0.21 -84.23
N HIS J 121 17.04 -0.47 -83.60
CA HIS J 121 16.25 0.59 -83.00
C HIS J 121 16.95 1.32 -81.85
N GLU J 122 17.71 0.59 -81.05
CA GLU J 122 18.41 1.20 -79.93
C GLU J 122 19.41 2.24 -80.44
N LEU J 123 20.22 1.82 -81.41
CA LEU J 123 21.20 2.71 -82.00
C LEU J 123 20.57 4.03 -82.47
N MET J 124 19.50 3.92 -83.25
CA MET J 124 18.78 5.08 -83.76
C MET J 124 18.33 5.99 -82.62
N ASP J 125 17.55 5.43 -81.70
CA ASP J 125 17.07 6.19 -80.54
C ASP J 125 18.23 6.92 -79.88
N ALA J 126 19.34 6.22 -79.74
CA ALA J 126 20.54 6.79 -79.13
C ALA J 126 20.99 8.00 -79.94
N ALA J 127 20.99 7.87 -81.25
CA ALA J 127 21.39 8.97 -82.11
C ALA J 127 20.53 10.19 -81.84
N GLU J 128 19.21 10.00 -81.80
CA GLU J 128 18.26 11.08 -81.57
C GLU J 128 18.42 11.70 -80.19
N GLY J 129 18.99 10.94 -79.25
CA GLY J 129 19.18 11.44 -77.91
C GLY J 129 18.19 10.83 -76.94
N LYS J 130 17.48 9.81 -77.39
CA LYS J 130 16.50 9.12 -76.55
C LYS J 130 16.91 7.67 -76.38
N GLY J 131 16.15 6.92 -75.59
CA GLY J 131 16.47 5.51 -75.40
C GLY J 131 17.15 5.14 -74.10
N GLY J 132 16.94 3.90 -73.67
CA GLY J 132 17.52 3.40 -72.43
C GLY J 132 19.02 3.58 -72.28
N ALA J 133 19.73 3.59 -73.41
CA ALA J 133 21.16 3.77 -73.38
C ALA J 133 21.47 5.15 -72.83
N VAL J 134 21.02 6.17 -73.55
CA VAL J 134 21.26 7.53 -73.11
C VAL J 134 20.70 7.83 -71.73
N LYS J 135 19.71 7.06 -71.30
CA LYS J 135 19.17 7.29 -69.96
C LYS J 135 20.35 7.13 -69.01
N LYS J 136 20.83 5.89 -68.88
CA LYS J 136 21.95 5.58 -67.99
C LYS J 136 23.04 6.66 -68.09
N LYS J 137 23.44 7.01 -69.30
CA LYS J 137 24.47 8.01 -69.46
C LYS J 137 24.14 9.31 -68.76
N GLU J 138 22.95 9.83 -68.99
CA GLU J 138 22.53 11.07 -68.36
C GLU J 138 22.30 10.89 -66.88
N ASP J 139 21.95 9.67 -66.47
CA ASP J 139 21.72 9.34 -65.06
C ASP J 139 23.04 9.42 -64.29
N VAL J 140 24.10 8.96 -64.94
CA VAL J 140 25.43 8.96 -64.37
C VAL J 140 25.85 10.40 -64.10
N GLU J 141 25.88 11.21 -65.14
CA GLU J 141 26.27 12.60 -64.99
C GLU J 141 25.45 13.26 -63.90
N ARG J 142 24.15 12.95 -63.86
CA ARG J 142 23.25 13.51 -62.84
C ARG J 142 23.76 13.10 -61.48
N MET J 143 24.09 11.82 -61.32
CA MET J 143 24.64 11.29 -60.07
C MET J 143 25.84 12.14 -59.63
N ALA J 144 26.76 12.40 -60.56
CA ALA J 144 27.90 13.25 -60.28
C ALA J 144 27.25 14.61 -60.36
N GLU J 145 27.95 15.69 -60.05
CA GLU J 145 27.30 17.00 -60.18
C GLU J 145 26.10 17.11 -59.24
N ALA J 146 25.89 16.08 -58.43
CA ALA J 146 24.80 16.03 -57.45
C ALA J 146 25.48 15.60 -56.17
N ASN J 147 26.77 15.29 -56.34
CA ASN J 147 27.67 14.87 -55.28
C ASN J 147 28.90 15.71 -55.53
N ARG J 148 28.73 16.81 -56.27
CA ARG J 148 29.83 17.69 -56.60
C ARG J 148 30.31 18.49 -55.41
N ALA J 149 29.94 18.05 -54.21
CA ALA J 149 30.36 18.74 -53.00
C ALA J 149 31.60 18.03 -52.49
N TYR J 150 31.60 16.70 -52.61
CA TYR J 150 32.72 15.88 -52.18
C TYR J 150 33.77 15.79 -53.28
N ALA J 151 33.65 16.68 -54.27
CA ALA J 151 34.58 16.69 -55.38
C ALA J 151 35.94 17.24 -54.99
N HIS J 152 36.10 17.65 -53.74
CA HIS J 152 37.40 18.16 -53.30
C HIS J 152 38.20 16.99 -52.77
N TYR J 153 37.72 15.79 -53.07
CA TYR J 153 38.38 14.54 -52.73
C TYR J 153 38.82 14.02 -54.10
N ARG J 154 39.07 14.99 -54.97
CA ARG J 154 39.49 14.79 -56.36
C ARG J 154 39.89 13.40 -56.79
N TRP J 155 40.75 12.75 -55.99
CA TRP J 155 41.17 11.39 -56.34
C TRP J 155 42.15 11.48 -57.51
N MET K 1 78.50 22.66 7.11
CA MET K 1 79.91 22.87 7.59
C MET K 1 80.77 21.64 7.27
N LEU K 2 82.06 21.70 7.59
CA LEU K 2 82.93 20.55 7.37
C LEU K 2 82.80 19.70 8.63
N THR K 3 81.89 18.76 8.56
CA THR K 3 81.55 17.83 9.63
C THR K 3 82.70 16.93 10.16
N ASP K 4 83.49 16.34 9.26
CA ASP K 4 84.59 15.47 9.68
C ASP K 4 85.86 15.72 8.88
N PRO K 5 86.77 16.57 9.41
CA PRO K 5 88.03 16.89 8.74
C PRO K 5 88.87 15.71 8.34
N ILE K 6 89.00 14.73 9.24
CA ILE K 6 89.79 13.53 8.97
C ILE K 6 89.20 12.72 7.84
N ALA K 7 87.89 12.53 7.88
CA ALA K 7 87.24 11.78 6.83
C ALA K 7 87.32 12.58 5.55
N ASP K 8 87.27 13.90 5.67
CA ASP K 8 87.36 14.69 4.47
C ASP K 8 88.68 14.44 3.75
N MET K 9 89.74 14.29 4.54
CA MET K 9 91.06 14.07 3.97
C MET K 9 91.23 12.70 3.35
N LEU K 10 90.75 11.66 4.00
CA LEU K 10 90.91 10.33 3.45
C LEU K 10 90.18 10.26 2.10
N THR K 11 89.08 10.98 2.02
CA THR K 11 88.29 10.98 0.80
C THR K 11 88.98 11.78 -0.29
N ARG K 12 89.46 12.97 0.03
CA ARG K 12 90.16 13.78 -0.95
C ARG K 12 91.21 12.89 -1.59
N ILE K 13 91.92 12.14 -0.75
CA ILE K 13 92.98 11.22 -1.17
C ILE K 13 92.41 10.07 -2.00
N ARG K 14 91.35 9.44 -1.50
CA ARG K 14 90.76 8.34 -2.25
C ARG K 14 90.31 8.89 -3.60
N ASN K 15 89.67 10.06 -3.59
CA ASN K 15 89.19 10.66 -4.83
C ASN K 15 90.28 11.01 -5.83
N ALA K 16 91.32 11.69 -5.36
CA ALA K 16 92.43 12.08 -6.25
C ALA K 16 93.16 10.89 -6.83
N THR K 17 93.47 9.91 -5.99
CA THR K 17 94.16 8.75 -6.50
C THR K 17 93.36 8.04 -7.59
N ARG K 18 92.04 7.97 -7.44
CA ARG K 18 91.25 7.28 -8.46
C ARG K 18 91.35 7.90 -9.83
N VAL K 19 91.77 9.16 -9.90
CA VAL K 19 91.94 9.79 -11.19
C VAL K 19 93.43 10.02 -11.44
N TYR K 20 94.24 9.49 -10.54
CA TYR K 20 95.67 9.57 -10.67
C TYR K 20 96.31 10.92 -10.59
N LYS K 21 95.82 11.78 -9.71
CA LYS K 21 96.43 13.08 -9.55
C LYS K 21 97.85 12.88 -9.01
N GLU K 22 98.77 13.79 -9.34
CA GLU K 22 100.12 13.67 -8.82
C GLU K 22 100.06 14.16 -7.37
N SER K 23 99.66 15.41 -7.19
CA SER K 23 99.53 16.03 -5.87
C SER K 23 98.06 15.94 -5.43
N THR K 24 97.66 16.82 -4.52
CA THR K 24 96.29 16.93 -3.97
C THR K 24 96.35 17.65 -2.63
N ASP K 25 95.60 18.75 -2.50
CA ASP K 25 95.61 19.57 -1.30
C ASP K 25 94.49 19.28 -0.33
N VAL K 26 94.78 19.44 0.96
CA VAL K 26 93.80 19.26 2.03
C VAL K 26 94.15 20.27 3.11
N PRO K 27 93.15 21.02 3.58
CA PRO K 27 93.34 22.03 4.62
C PRO K 27 94.14 21.41 5.76
N ALA K 28 95.18 22.11 6.20
CA ALA K 28 96.06 21.64 7.26
C ALA K 28 95.50 21.73 8.66
N SER K 29 95.84 20.69 9.44
CA SER K 29 95.45 20.58 10.84
C SER K 29 96.55 19.74 11.45
N ARG K 30 96.99 20.10 12.66
CA ARG K 30 98.06 19.34 13.32
C ARG K 30 97.78 17.84 13.17
N PHE K 31 96.61 17.44 13.65
CA PHE K 31 96.16 16.06 13.61
C PHE K 31 96.26 15.40 12.24
N LYS K 32 95.78 16.08 11.19
CA LYS K 32 95.81 15.55 9.85
C LYS K 32 97.25 15.31 9.40
N GLU K 33 98.13 16.20 9.82
CA GLU K 33 99.55 16.11 9.49
C GLU K 33 100.10 14.88 10.20
N GLU K 34 99.64 14.65 11.43
CA GLU K 34 100.08 13.49 12.19
C GLU K 34 99.77 12.22 11.44
N ILE K 35 98.58 12.16 10.84
CA ILE K 35 98.17 10.98 10.10
C ILE K 35 99.02 10.79 8.84
N LEU K 36 99.17 11.86 8.07
CA LEU K 36 99.96 11.82 6.85
C LEU K 36 101.37 11.28 7.15
N ARG K 37 101.92 11.61 8.33
CA ARG K 37 103.24 11.14 8.74
C ARG K 37 103.29 9.62 8.60
N ILE K 38 102.25 8.94 9.08
CA ILE K 38 102.20 7.48 9.00
C ILE K 38 102.04 7.04 7.55
N LEU K 39 101.12 7.70 6.86
CA LEU K 39 100.86 7.36 5.46
C LEU K 39 102.14 7.29 4.68
N ALA K 40 103.03 8.25 4.93
CA ALA K 40 104.30 8.27 4.23
C ALA K 40 105.18 7.13 4.73
N ARG K 41 105.46 7.12 6.03
CA ARG K 41 106.30 6.08 6.60
C ARG K 41 105.85 4.70 6.14
N GLU K 42 104.56 4.41 6.20
CA GLU K 42 104.12 3.10 5.77
C GLU K 42 104.19 2.95 4.26
N GLY K 43 104.70 3.97 3.61
CA GLY K 43 104.87 3.95 2.17
C GLY K 43 103.63 4.03 1.29
N PHE K 44 102.56 4.63 1.79
CA PHE K 44 101.31 4.76 1.02
C PHE K 44 101.29 6.02 0.17
N ILE K 45 102.12 6.99 0.52
CA ILE K 45 102.16 8.21 -0.24
C ILE K 45 103.60 8.68 -0.36
N LYS K 46 103.97 9.18 -1.53
CA LYS K 46 105.32 9.67 -1.74
C LYS K 46 105.72 10.54 -0.57
N GLY K 47 104.76 11.25 0.01
CA GLY K 47 105.03 12.12 1.12
C GLY K 47 104.11 13.31 0.99
N TYR K 48 104.28 14.33 1.83
CA TYR K 48 103.41 15.48 1.78
C TYR K 48 104.18 16.70 2.26
N GLU K 49 103.65 17.91 2.07
CA GLU K 49 104.34 19.10 2.52
C GLU K 49 103.41 20.30 2.74
N ARG K 50 103.72 21.10 3.76
CA ARG K 50 102.92 22.28 4.08
C ARG K 50 102.98 23.20 2.88
N VAL K 51 101.88 23.92 2.64
CA VAL K 51 101.78 24.82 1.50
C VAL K 51 100.72 25.84 1.84
N ASP K 52 100.71 26.98 1.17
CA ASP K 52 99.71 28.01 1.40
C ASP K 52 98.85 28.27 0.17
N VAL K 53 97.56 27.98 0.29
CA VAL K 53 96.61 28.19 -0.80
C VAL K 53 95.67 29.35 -0.46
N ASP K 54 95.73 30.40 -1.29
CA ASP K 54 94.90 31.58 -1.08
C ASP K 54 95.20 32.22 0.25
N GLY K 55 96.36 31.91 0.82
CA GLY K 55 96.71 32.50 2.10
C GLY K 55 96.53 31.54 3.26
N LYS K 56 95.70 30.52 3.07
CA LYS K 56 95.48 29.58 4.13
C LYS K 56 96.31 28.31 4.00
N PRO K 57 96.68 27.73 5.15
CA PRO K 57 97.47 26.51 5.26
C PRO K 57 96.84 25.25 4.69
N TYR K 58 97.64 24.50 3.93
CA TYR K 58 97.19 23.25 3.33
C TYR K 58 98.33 22.27 3.37
N LEU K 59 98.01 21.01 3.09
CA LEU K 59 99.01 19.98 3.07
C LEU K 59 98.97 19.33 1.70
N ARG K 60 100.03 19.48 0.92
CA ARG K 60 100.09 18.83 -0.38
C ARG K 60 100.30 17.38 -0.10
N VAL K 61 99.52 16.51 -0.71
CA VAL K 61 99.74 15.10 -0.48
C VAL K 61 100.20 14.52 -1.81
N TYR K 62 101.45 14.06 -1.83
CA TYR K 62 102.00 13.48 -3.05
C TYR K 62 101.65 12.00 -3.19
N LEU K 63 100.74 11.76 -4.11
CA LEU K 63 100.24 10.43 -4.38
C LEU K 63 101.24 9.52 -5.07
N LYS K 64 101.04 8.22 -4.87
CA LYS K 64 101.92 7.17 -5.38
C LYS K 64 101.12 6.04 -6.03
N TYR K 65 101.60 5.52 -7.15
CA TYR K 65 100.88 4.47 -7.85
C TYR K 65 101.84 3.40 -8.31
N GLY K 66 101.29 2.28 -8.76
CA GLY K 66 102.11 1.21 -9.26
C GLY K 66 102.59 1.59 -10.65
N PRO K 67 103.19 0.66 -11.41
CA PRO K 67 103.63 1.04 -12.74
C PRO K 67 102.49 0.85 -13.73
N ARG K 68 102.72 1.33 -14.95
CA ARG K 68 101.76 1.23 -16.05
C ARG K 68 101.55 -0.25 -16.31
N ARG K 69 100.39 -0.62 -16.86
CA ARG K 69 100.12 -2.02 -17.11
C ARG K 69 99.97 -2.44 -18.58
N GLN K 70 99.79 -3.75 -18.78
CA GLN K 70 99.65 -4.34 -20.11
C GLN K 70 98.18 -4.53 -20.47
N GLY K 71 97.94 -4.89 -21.73
CA GLY K 71 96.58 -5.10 -22.20
C GLY K 71 95.75 -3.84 -22.12
N PRO K 72 94.42 -3.95 -22.30
CA PRO K 72 93.56 -2.78 -22.24
C PRO K 72 93.58 -2.17 -20.85
N ASP K 73 93.33 -0.87 -20.77
CA ASP K 73 93.35 -0.17 -19.49
C ASP K 73 94.71 -0.30 -18.80
N PRO K 74 95.67 0.49 -19.27
CA PRO K 74 97.03 0.51 -18.74
C PRO K 74 97.13 1.23 -17.40
N ARG K 75 95.98 1.61 -16.84
CA ARG K 75 96.01 2.32 -15.57
C ARG K 75 96.69 1.55 -14.46
N PRO K 76 97.64 2.19 -13.81
CA PRO K 76 98.45 1.66 -12.72
C PRO K 76 97.61 1.15 -11.56
N GLU K 77 98.11 0.09 -10.91
CA GLU K 77 97.44 -0.46 -9.75
C GLU K 77 97.64 0.58 -8.65
N GLN K 78 96.66 0.77 -7.79
CA GLN K 78 96.80 1.76 -6.73
C GLN K 78 97.71 1.20 -5.65
N VAL K 79 98.34 2.10 -4.90
CA VAL K 79 99.19 1.68 -3.80
C VAL K 79 98.23 1.65 -2.63
N ILE K 80 97.26 2.57 -2.68
CA ILE K 80 96.20 2.67 -1.68
C ILE K 80 94.96 2.05 -2.24
N HIS K 81 94.84 0.72 -2.15
CA HIS K 81 93.68 0.04 -2.68
C HIS K 81 92.46 0.36 -1.83
N HIS K 82 92.71 0.73 -0.58
CA HIS K 82 91.63 0.98 0.34
C HIS K 82 92.03 2.07 1.30
N ILE K 83 91.06 2.59 2.03
CA ILE K 83 91.29 3.65 3.01
C ILE K 83 89.92 4.11 3.47
N ARG K 84 89.43 3.50 4.55
CA ARG K 84 88.09 3.78 5.10
C ARG K 84 88.04 4.34 6.53
N ARG K 85 87.25 5.40 6.75
CA ARG K 85 87.12 5.97 8.08
C ARG K 85 86.33 5.02 8.96
N ILE K 86 86.67 4.98 10.23
CA ILE K 86 86.00 4.07 11.14
C ILE K 86 85.35 4.82 12.28
N SER K 87 86.17 5.34 13.19
CA SER K 87 85.60 6.11 14.25
C SER K 87 85.04 7.32 13.48
N LYS K 88 83.85 7.78 13.82
CA LYS K 88 83.27 8.94 13.15
C LYS K 88 82.45 9.61 14.21
N PRO K 89 82.23 10.91 14.07
CA PRO K 89 81.43 11.68 15.05
C PRO K 89 80.09 10.97 15.17
N GLY K 90 79.51 10.98 16.37
CA GLY K 90 78.25 10.27 16.50
C GLY K 90 78.41 8.82 16.05
N ARG K 91 79.36 8.16 16.71
CA ARG K 91 79.74 6.76 16.53
C ARG K 91 81.24 6.62 16.62
N ARG K 92 81.76 7.11 17.74
CA ARG K 92 83.16 7.04 18.05
C ARG K 92 83.53 5.56 18.28
N VAL K 93 84.73 5.17 17.90
CA VAL K 93 85.14 3.80 18.08
C VAL K 93 86.51 3.67 18.73
N TYR K 94 86.52 3.13 19.95
CA TYR K 94 87.76 2.95 20.69
C TYR K 94 88.04 1.47 20.95
N VAL K 95 89.32 1.11 20.98
CA VAL K 95 89.69 -0.27 21.23
C VAL K 95 90.81 -0.45 22.24
N GLY K 96 90.72 -1.55 22.99
CA GLY K 96 91.75 -1.87 23.96
C GLY K 96 92.91 -2.44 23.16
N VAL K 97 94.07 -2.54 23.79
CA VAL K 97 95.24 -3.06 23.08
C VAL K 97 95.04 -4.51 22.65
N LYS K 98 94.08 -5.18 23.27
CA LYS K 98 93.79 -6.57 22.92
C LYS K 98 92.77 -6.66 21.78
N GLU K 99 92.13 -5.53 21.45
CA GLU K 99 91.11 -5.46 20.40
C GLU K 99 91.57 -4.76 19.12
N ILE K 100 92.83 -4.35 19.06
CA ILE K 100 93.36 -3.66 17.88
C ILE K 100 93.31 -4.64 16.72
N PRO K 101 92.46 -4.38 15.74
CA PRO K 101 92.33 -5.26 14.56
C PRO K 101 93.61 -5.58 13.81
N ARG K 102 93.57 -6.68 13.06
CA ARG K 102 94.69 -7.12 12.22
C ARG K 102 94.19 -6.95 10.80
N VAL K 103 94.45 -5.76 10.25
CA VAL K 103 94.03 -5.41 8.90
C VAL K 103 94.65 -6.22 7.76
N ARG K 104 93.79 -6.65 6.85
CA ARG K 104 94.21 -7.41 5.67
C ARG K 104 95.28 -8.44 6.01
N ARG K 105 95.01 -9.27 7.01
CA ARG K 105 95.95 -10.31 7.43
C ARG K 105 97.36 -9.77 7.59
N GLY K 106 97.49 -8.53 8.03
CA GLY K 106 98.81 -7.96 8.21
C GLY K 106 99.34 -7.14 7.06
N LEU K 107 98.82 -7.33 5.84
CA LEU K 107 99.31 -6.57 4.69
C LEU K 107 98.77 -5.15 4.66
N GLY K 108 97.81 -4.84 5.52
CA GLY K 108 97.26 -3.50 5.56
C GLY K 108 97.46 -2.94 6.94
N ILE K 109 97.20 -1.66 7.13
CA ILE K 109 97.37 -1.12 8.46
C ILE K 109 96.08 -0.55 9.04
N ALA K 110 96.21 0.04 10.21
CA ALA K 110 95.09 0.64 10.88
C ALA K 110 95.69 1.76 11.71
N ILE K 111 95.21 2.97 11.52
CA ILE K 111 95.77 4.07 12.26
C ILE K 111 94.96 4.39 13.50
N LEU K 112 95.59 4.29 14.67
CA LEU K 112 94.91 4.58 15.92
C LEU K 112 95.42 5.89 16.46
N SER K 113 94.67 6.45 17.40
CA SER K 113 95.08 7.67 18.08
C SER K 113 95.10 7.30 19.56
N THR K 114 96.30 7.20 20.11
CA THR K 114 96.51 6.82 21.50
C THR K 114 97.03 7.95 22.35
N SER K 115 96.95 7.81 23.68
CA SER K 115 97.46 8.87 24.54
C SER K 115 98.97 8.91 24.40
N LYS K 116 99.50 8.03 23.55
CA LYS K 116 100.93 7.96 23.26
C LYS K 116 101.16 8.47 21.84
N GLY K 117 100.14 9.10 21.25
CA GLY K 117 100.24 9.63 19.90
C GLY K 117 99.57 8.82 18.80
N VAL K 118 99.68 9.26 17.56
CA VAL K 118 99.06 8.54 16.46
C VAL K 118 100.01 7.44 16.01
N LEU K 119 99.58 6.19 16.12
CA LEU K 119 100.44 5.07 15.72
C LEU K 119 99.67 4.10 14.85
N THR K 120 100.39 3.17 14.24
CA THR K 120 99.77 2.17 13.40
C THR K 120 99.44 1.02 14.34
N ASP K 121 98.64 0.06 13.89
CA ASP K 121 98.27 -1.06 14.76
C ASP K 121 99.49 -1.77 15.32
N ARG K 122 100.51 -1.99 14.50
CA ARG K 122 101.70 -2.65 15.02
C ARG K 122 102.38 -1.78 16.09
N GLU K 123 102.59 -0.51 15.78
CA GLU K 123 103.23 0.41 16.72
C GLU K 123 102.49 0.42 18.05
N ALA K 124 101.17 0.50 17.98
CA ALA K 124 100.33 0.53 19.16
C ALA K 124 100.52 -0.73 20.00
N ARG K 125 100.42 -1.88 19.33
CA ARG K 125 100.56 -3.15 20.01
C ARG K 125 101.90 -3.18 20.73
N LYS K 126 102.95 -2.72 20.05
CA LYS K 126 104.28 -2.68 20.66
C LYS K 126 104.15 -1.89 21.96
N LEU K 127 103.93 -0.58 21.84
CA LEU K 127 103.78 0.30 22.99
C LEU K 127 102.65 -0.17 23.92
N GLY K 128 102.02 -1.29 23.58
CA GLY K 128 100.94 -1.84 24.39
C GLY K 128 99.83 -0.87 24.80
N VAL K 129 99.23 -0.20 23.82
CA VAL K 129 98.16 0.75 24.14
C VAL K 129 97.03 0.67 23.13
N GLY K 130 95.90 1.29 23.45
CA GLY K 130 94.76 1.28 22.57
C GLY K 130 94.28 2.70 22.37
N GLY K 131 93.08 2.87 21.81
CA GLY K 131 92.54 4.20 21.60
C GLY K 131 91.65 4.31 20.39
N GLU K 132 91.06 5.49 20.16
CA GLU K 132 90.19 5.74 19.02
C GLU K 132 90.76 5.15 17.74
N LEU K 133 89.94 4.38 17.03
CA LEU K 133 90.34 3.71 15.80
C LEU K 133 90.08 4.58 14.57
N ILE K 134 90.93 5.58 14.38
CA ILE K 134 90.81 6.53 13.27
C ILE K 134 90.43 5.99 11.91
N CYS K 135 91.22 5.05 11.37
CA CYS K 135 90.91 4.49 10.07
C CYS K 135 91.60 3.16 9.77
N GLU K 136 91.50 2.74 8.52
CA GLU K 136 92.03 1.46 8.08
C GLU K 136 92.54 1.67 6.65
N VAL K 137 93.78 1.31 6.39
CA VAL K 137 94.36 1.49 5.06
C VAL K 137 95.04 0.23 4.57
N TRP K 138 94.92 -0.07 3.28
CA TRP K 138 95.58 -1.23 2.69
C TRP K 138 95.59 -1.28 1.17
N GLU L 1 58.43 -20.43 -110.83
CA GLU L 1 57.78 -21.73 -111.11
C GLU L 1 56.80 -22.05 -109.98
N GLN L 2 57.28 -21.97 -108.74
CA GLN L 2 56.44 -22.27 -107.58
C GLN L 2 57.05 -21.72 -106.29
N TYR L 3 56.21 -21.52 -105.28
CA TYR L 3 56.68 -21.00 -104.00
C TYR L 3 55.96 -21.66 -102.82
N TYR L 4 56.68 -21.80 -101.72
CA TYR L 4 56.17 -22.47 -100.54
C TYR L 4 56.29 -21.69 -99.23
N GLY L 5 55.42 -22.05 -98.29
CA GLY L 5 55.39 -21.45 -96.97
C GLY L 5 54.38 -22.30 -96.23
N THR L 6 54.73 -22.78 -95.04
CA THR L 6 53.78 -23.60 -94.31
C THR L 6 52.74 -22.77 -93.59
N GLY L 7 52.91 -22.54 -92.30
CA GLY L 7 51.93 -21.75 -91.57
C GLY L 7 51.11 -22.59 -90.59
N ARG L 8 51.32 -22.34 -89.30
CA ARG L 8 50.59 -23.05 -88.26
C ARG L 8 49.95 -22.07 -87.27
N ARG L 9 48.75 -22.40 -86.82
CA ARG L 9 48.02 -21.57 -85.87
C ARG L 9 47.08 -22.37 -85.00
N LYS L 10 47.12 -22.11 -83.70
CA LYS L 10 46.25 -22.78 -82.74
C LYS L 10 45.98 -24.23 -83.12
N GLU L 11 47.03 -24.91 -83.58
CA GLU L 11 46.94 -26.31 -83.97
C GLU L 11 46.31 -26.57 -85.35
N ALA L 12 46.89 -25.92 -86.35
CA ALA L 12 46.46 -26.04 -87.73
C ALA L 12 47.69 -25.91 -88.61
N VAL L 13 47.73 -26.70 -89.68
CA VAL L 13 48.83 -26.67 -90.63
C VAL L 13 48.29 -26.40 -92.02
N ALA L 14 48.88 -25.40 -92.70
CA ALA L 14 48.43 -25.05 -94.02
C ALA L 14 49.58 -25.03 -95.02
N ARG L 15 49.49 -25.87 -96.05
CA ARG L 15 50.53 -25.91 -97.07
C ARG L 15 50.16 -24.84 -98.09
N VAL L 16 50.98 -23.79 -98.19
CA VAL L 16 50.70 -22.72 -99.12
C VAL L 16 51.64 -22.73 -100.32
N PHE L 17 51.05 -22.88 -101.51
CA PHE L 17 51.80 -22.92 -102.76
C PHE L 17 51.37 -21.79 -103.68
N LEU L 18 52.21 -20.76 -103.77
CA LEU L 18 51.93 -19.63 -104.65
C LEU L 18 52.47 -19.99 -106.03
N ARG L 19 51.87 -19.42 -107.08
CA ARG L 19 52.30 -19.69 -108.45
C ARG L 19 51.82 -18.55 -109.33
N PRO L 20 52.76 -17.83 -109.97
CA PRO L 20 52.37 -16.70 -110.83
C PRO L 20 51.19 -17.08 -111.72
N GLY L 21 50.10 -16.33 -111.58
CA GLY L 21 48.91 -16.62 -112.37
C GLY L 21 47.79 -15.61 -112.24
N ASN L 22 46.55 -16.10 -112.21
CA ASN L 22 45.36 -15.26 -112.10
C ASN L 22 45.19 -14.62 -110.72
N GLY L 23 45.00 -15.46 -109.71
CA GLY L 23 44.83 -14.97 -108.35
C GLY L 23 43.81 -15.80 -107.59
N LYS L 24 43.46 -16.95 -108.14
CA LYS L 24 42.49 -17.84 -107.52
C LYS L 24 43.15 -18.69 -106.43
N VAL L 25 42.33 -19.39 -105.66
CA VAL L 25 42.83 -20.22 -104.58
C VAL L 25 42.05 -21.52 -104.41
N THR L 26 42.76 -22.63 -104.44
CA THR L 26 42.13 -23.93 -104.29
C THR L 26 42.46 -24.48 -102.91
N VAL L 27 41.56 -24.27 -101.96
CA VAL L 27 41.79 -24.78 -100.63
C VAL L 27 41.22 -26.19 -100.49
N ASN L 28 42.12 -27.18 -100.47
CA ASN L 28 41.72 -28.58 -100.33
C ASN L 28 40.79 -29.00 -101.44
N GLY L 29 40.90 -28.33 -102.57
CA GLY L 29 40.05 -28.66 -103.69
C GLY L 29 39.03 -27.56 -103.92
N GLN L 30 38.10 -27.41 -102.99
CA GLN L 30 37.06 -26.38 -103.11
C GLN L 30 37.69 -25.02 -103.35
N ASP L 31 36.89 -24.09 -103.86
CA ASP L 31 37.40 -22.75 -104.11
C ASP L 31 37.60 -22.06 -102.76
N PHE L 32 38.46 -21.06 -102.71
CA PHE L 32 38.70 -20.34 -101.46
C PHE L 32 37.36 -20.01 -100.82
N ASN L 33 36.46 -19.47 -101.63
CA ASN L 33 35.12 -19.06 -101.20
C ASN L 33 34.20 -20.24 -101.03
N GLU L 34 34.67 -21.43 -101.39
CA GLU L 34 33.85 -22.63 -101.28
C GLU L 34 34.09 -23.40 -99.99
N TYR L 35 35.35 -23.43 -99.53
CA TYR L 35 35.70 -24.13 -98.29
C TYR L 35 35.21 -23.28 -97.12
N PHE L 36 35.45 -21.96 -97.23
CA PHE L 36 35.06 -20.98 -96.22
C PHE L 36 33.72 -20.36 -96.62
N GLN L 37 32.79 -21.21 -97.02
CA GLN L 37 31.47 -20.75 -97.44
C GLN L 37 30.74 -20.03 -96.32
N GLY L 38 30.82 -18.70 -96.30
CA GLY L 38 30.13 -17.93 -95.28
C GLY L 38 30.84 -17.84 -93.94
N LEU L 39 31.95 -17.10 -93.92
CA LEU L 39 32.74 -16.89 -92.71
C LEU L 39 33.36 -15.50 -92.83
N VAL L 40 32.69 -14.53 -92.23
CA VAL L 40 33.12 -13.13 -92.26
C VAL L 40 34.63 -12.88 -92.05
N ARG L 41 35.35 -13.90 -91.62
CA ARG L 41 36.78 -13.77 -91.35
C ARG L 41 37.69 -14.16 -92.51
N ALA L 42 37.27 -15.20 -93.25
CA ALA L 42 38.01 -15.72 -94.40
C ALA L 42 38.93 -14.71 -95.08
N VAL L 43 38.35 -13.58 -95.44
CA VAL L 43 39.07 -12.49 -96.10
C VAL L 43 40.46 -12.28 -95.53
N ALA L 44 40.62 -12.60 -94.24
CA ALA L 44 41.89 -12.43 -93.56
C ALA L 44 43.07 -13.15 -94.24
N ALA L 45 42.96 -14.47 -94.38
CA ALA L 45 44.00 -15.30 -94.99
C ALA L 45 44.82 -14.65 -96.11
N LEU L 46 44.15 -13.98 -97.04
CA LEU L 46 44.80 -13.35 -98.18
C LEU L 46 45.34 -11.95 -97.90
N GLU L 47 45.16 -11.47 -96.66
CA GLU L 47 45.64 -10.14 -96.31
C GLU L 47 47.14 -9.96 -96.58
N PRO L 48 47.95 -11.02 -96.40
CA PRO L 48 49.38 -10.85 -96.66
C PRO L 48 49.66 -10.55 -98.13
N LEU L 49 48.71 -10.89 -98.99
CA LEU L 49 48.86 -10.64 -100.43
C LEU L 49 48.64 -9.16 -100.69
N ARG L 50 47.43 -8.68 -100.39
CA ARG L 50 47.08 -7.27 -100.58
C ARG L 50 48.16 -6.42 -99.92
N ALA L 51 48.91 -7.06 -99.03
CA ALA L 51 49.99 -6.42 -98.30
C ALA L 51 50.99 -5.83 -99.28
N VAL L 52 51.34 -6.60 -100.30
CA VAL L 52 52.30 -6.17 -101.31
C VAL L 52 51.73 -6.18 -102.74
N ASP L 53 50.43 -5.89 -102.85
CA ASP L 53 49.75 -5.87 -104.14
C ASP L 53 49.92 -7.14 -104.95
N ALA L 54 49.62 -8.27 -104.33
CA ALA L 54 49.71 -9.56 -104.98
C ALA L 54 48.29 -9.97 -105.37
N LEU L 55 47.93 -11.22 -105.09
CA LEU L 55 46.61 -11.75 -105.40
C LEU L 55 46.46 -11.74 -106.92
N GLY L 56 45.99 -10.62 -107.46
CA GLY L 56 45.84 -10.49 -108.89
C GLY L 56 47.22 -10.37 -109.49
N ARG L 57 47.99 -11.45 -109.36
CA ARG L 57 49.35 -11.50 -109.85
C ARG L 57 49.88 -12.90 -109.55
N PHE L 58 49.37 -13.49 -108.47
CA PHE L 58 49.77 -14.84 -108.07
C PHE L 58 48.63 -15.82 -108.26
N ASP L 59 48.67 -16.88 -107.45
CA ASP L 59 47.66 -17.93 -107.49
C ASP L 59 48.07 -18.82 -106.33
N ALA L 60 47.13 -19.55 -105.75
CA ALA L 60 47.50 -20.41 -104.62
C ALA L 60 46.76 -21.73 -104.45
N TYR L 61 47.56 -22.79 -104.34
CA TYR L 61 47.03 -24.12 -104.11
C TYR L 61 47.33 -24.31 -102.64
N ILE L 62 46.33 -24.72 -101.87
CA ILE L 62 46.51 -24.87 -100.44
C ILE L 62 45.91 -26.13 -99.82
N THR L 63 46.74 -26.82 -99.03
CA THR L 63 46.30 -28.02 -98.32
C THR L 63 46.18 -27.57 -96.89
N VAL L 64 45.05 -27.89 -96.26
CA VAL L 64 44.82 -27.49 -94.89
C VAL L 64 44.17 -28.62 -94.07
N ARG L 65 44.85 -29.02 -93.00
CA ARG L 65 44.34 -30.08 -92.15
C ARG L 65 44.69 -29.79 -90.69
N GLY L 66 43.70 -29.86 -89.80
CA GLY L 66 43.96 -29.62 -88.40
C GLY L 66 43.27 -28.42 -87.78
N GLY L 67 42.58 -28.66 -86.67
CA GLY L 67 41.89 -27.60 -85.97
C GLY L 67 40.47 -27.25 -86.42
N GLY L 68 40.28 -25.97 -86.73
CA GLY L 68 38.98 -25.49 -87.17
C GLY L 68 39.17 -24.46 -88.27
N LYS L 69 38.14 -24.29 -89.10
CA LYS L 69 38.22 -23.36 -90.21
C LYS L 69 38.67 -21.96 -89.82
N SER L 70 38.71 -21.67 -88.52
CA SER L 70 39.16 -20.36 -88.09
C SER L 70 40.66 -20.41 -87.92
N GLY L 71 41.13 -21.49 -87.29
CA GLY L 71 42.56 -21.65 -87.09
C GLY L 71 43.25 -21.82 -88.43
N GLN L 72 42.57 -22.51 -89.34
CA GLN L 72 43.10 -22.74 -90.65
C GLN L 72 43.23 -21.40 -91.34
N ILE L 73 42.23 -20.53 -91.18
CA ILE L 73 42.28 -19.21 -91.81
C ILE L 73 43.52 -18.44 -91.39
N ASP L 74 44.05 -18.72 -90.20
CA ASP L 74 45.24 -18.02 -89.74
C ASP L 74 46.53 -18.74 -90.16
N ALA L 75 46.46 -20.06 -90.28
CA ALA L 75 47.61 -20.85 -90.70
C ALA L 75 47.87 -20.47 -92.15
N ILE L 76 46.79 -20.52 -92.94
CA ILE L 76 46.83 -20.17 -94.35
C ILE L 76 47.32 -18.73 -94.51
N LYS L 77 46.88 -17.85 -93.63
CA LYS L 77 47.32 -16.46 -93.70
C LYS L 77 48.84 -16.39 -93.49
N LEU L 78 49.37 -17.24 -92.62
CA LEU L 78 50.80 -17.26 -92.34
C LEU L 78 51.51 -17.94 -93.50
N GLY L 79 50.89 -18.98 -94.05
CA GLY L 79 51.49 -19.66 -95.18
C GLY L 79 51.74 -18.68 -96.32
N ILE L 80 50.66 -18.06 -96.78
CA ILE L 80 50.69 -17.06 -97.85
C ILE L 80 51.68 -15.94 -97.51
N ALA L 81 51.98 -15.79 -96.22
CA ALA L 81 52.91 -14.76 -95.77
C ALA L 81 54.35 -15.25 -95.92
N ARG L 82 54.60 -16.50 -95.58
CA ARG L 82 55.93 -17.10 -95.69
C ARG L 82 56.30 -17.28 -97.14
N ALA L 83 55.49 -18.07 -97.84
CA ALA L 83 55.73 -18.33 -99.25
C ALA L 83 56.00 -17.05 -99.99
N LEU L 84 55.24 -16.01 -99.68
CA LEU L 84 55.40 -14.71 -100.34
C LEU L 84 56.81 -14.14 -100.10
N VAL L 85 57.60 -14.82 -99.27
CA VAL L 85 58.96 -14.35 -98.97
C VAL L 85 60.02 -15.16 -99.72
N GLN L 86 59.80 -16.46 -99.87
CA GLN L 86 60.75 -17.29 -100.61
C GLN L 86 60.82 -16.69 -102.01
N TYR L 87 59.68 -16.21 -102.48
CA TYR L 87 59.57 -15.56 -103.77
C TYR L 87 60.51 -14.37 -103.66
N ASN L 88 59.98 -13.22 -103.24
CA ASN L 88 60.82 -12.05 -103.08
C ASN L 88 61.10 -11.87 -101.58
N PRO L 89 62.35 -12.13 -101.15
CA PRO L 89 62.75 -12.00 -99.76
C PRO L 89 62.71 -10.57 -99.27
N ASP L 90 62.49 -9.64 -100.20
CA ASP L 90 62.44 -8.22 -99.90
C ASP L 90 61.10 -7.78 -99.30
N TYR L 91 60.12 -8.67 -99.35
CA TYR L 91 58.78 -8.39 -98.83
C TYR L 91 58.74 -8.21 -97.31
N ARG L 92 59.67 -8.86 -96.62
CA ARG L 92 59.76 -8.77 -95.16
C ARG L 92 59.60 -7.33 -94.70
N ALA L 93 60.40 -6.43 -95.26
CA ALA L 93 60.36 -5.01 -94.89
C ALA L 93 58.97 -4.44 -94.66
N LYS L 94 57.97 -4.92 -95.40
CA LYS L 94 56.60 -4.43 -95.25
C LYS L 94 55.64 -5.49 -94.73
N LEU L 95 55.97 -6.74 -95.00
CA LEU L 95 55.14 -7.86 -94.59
C LEU L 95 55.24 -8.14 -93.08
N LYS L 96 56.43 -7.93 -92.51
CA LYS L 96 56.66 -8.16 -91.09
C LYS L 96 56.06 -7.11 -90.16
N PRO L 97 56.30 -5.82 -90.42
CA PRO L 97 55.75 -4.79 -89.56
C PRO L 97 54.26 -4.99 -89.24
N LEU L 98 53.58 -5.75 -90.08
CA LEU L 98 52.16 -6.05 -89.88
C LEU L 98 52.05 -7.25 -88.92
N GLY L 99 53.15 -8.00 -88.83
CA GLY L 99 53.19 -9.15 -87.95
C GLY L 99 52.71 -10.43 -88.59
N PHE L 100 52.54 -10.41 -89.90
CA PHE L 100 52.08 -11.60 -90.61
C PHE L 100 53.08 -12.76 -90.53
N LEU L 101 54.35 -12.44 -90.29
CA LEU L 101 55.38 -13.46 -90.21
C LEU L 101 55.62 -13.99 -88.80
N THR L 102 54.60 -13.88 -87.96
CA THR L 102 54.68 -14.36 -86.59
C THR L 102 53.80 -15.59 -86.50
N ARG L 103 54.07 -16.46 -85.53
CA ARG L 103 53.26 -17.65 -85.37
C ARG L 103 52.51 -17.58 -84.05
N ASP L 104 51.32 -16.99 -84.08
CA ASP L 104 50.50 -16.83 -82.89
C ASP L 104 50.61 -18.11 -82.05
N ALA L 105 51.30 -18.01 -80.92
CA ALA L 105 51.52 -19.17 -80.05
C ALA L 105 50.41 -19.45 -79.02
N ARG L 106 49.28 -18.76 -79.15
CA ARG L 106 48.16 -18.92 -78.25
C ARG L 106 47.48 -20.27 -78.52
N VAL L 107 47.57 -21.17 -77.54
CA VAL L 107 47.01 -22.51 -77.64
C VAL L 107 46.08 -22.77 -76.45
N VAL L 108 45.25 -23.81 -76.54
CA VAL L 108 44.35 -24.14 -75.44
C VAL L 108 45.19 -24.38 -74.19
N GLU L 109 44.65 -23.99 -73.04
CA GLU L 109 45.34 -24.20 -71.77
C GLU L 109 44.91 -25.51 -71.15
N ARG L 110 45.89 -26.26 -70.67
CA ARG L 110 45.66 -27.55 -70.05
C ARG L 110 44.57 -27.41 -69.00
N LYS L 111 43.80 -28.48 -68.81
CA LYS L 111 42.72 -28.52 -67.83
C LYS L 111 43.29 -29.05 -66.53
N LYS L 112 43.60 -28.18 -65.58
CA LYS L 112 44.17 -28.61 -64.30
C LYS L 112 43.14 -29.26 -63.39
N TYR L 113 43.60 -30.16 -62.52
CA TYR L 113 42.66 -30.84 -61.63
C TYR L 113 42.24 -29.88 -60.55
N GLY L 114 41.21 -30.28 -59.81
CA GLY L 114 40.71 -29.41 -58.75
C GLY L 114 39.85 -28.28 -59.29
N LYS L 115 40.09 -27.92 -60.54
CA LYS L 115 39.33 -26.85 -61.17
C LYS L 115 38.50 -27.37 -62.32
N HIS L 116 37.43 -26.66 -62.65
CA HIS L 116 36.52 -27.06 -63.70
C HIS L 116 37.02 -26.91 -65.12
N LYS L 117 37.90 -25.95 -65.35
CA LYS L 117 38.35 -25.72 -66.70
C LYS L 117 39.73 -25.10 -66.88
N ALA L 118 40.69 -25.48 -66.04
CA ALA L 118 42.04 -24.90 -66.15
C ALA L 118 42.15 -23.68 -65.25
N ARG L 119 41.03 -22.99 -65.08
CA ARG L 119 40.99 -21.82 -64.24
C ARG L 119 39.64 -21.74 -63.52
N ARG L 120 38.57 -21.80 -64.30
CA ARG L 120 37.23 -21.76 -63.73
C ARG L 120 37.26 -22.65 -62.49
N ALA L 121 37.29 -22.02 -61.32
CA ALA L 121 37.34 -22.74 -60.06
C ALA L 121 35.95 -22.99 -59.52
N PRO L 122 35.71 -24.16 -58.91
CA PRO L 122 34.38 -24.46 -58.37
C PRO L 122 33.99 -23.43 -57.33
N GLN L 123 32.69 -23.22 -57.13
CA GLN L 123 32.18 -22.22 -56.18
C GLN L 123 31.73 -22.78 -54.86
N TYR L 124 31.79 -21.93 -53.84
CA TYR L 124 31.37 -22.31 -52.48
C TYR L 124 30.25 -21.40 -51.99
N SER L 125 29.64 -21.80 -50.89
CA SER L 125 28.54 -21.05 -50.31
C SER L 125 28.96 -20.29 -49.07
N LYS L 126 28.35 -20.65 -47.94
CA LYS L 126 28.66 -20.02 -46.66
C LYS L 126 30.03 -20.40 -46.16
N ARG L 127 31.05 -20.16 -46.99
CA ARG L 127 32.42 -20.44 -46.62
C ARG L 127 32.73 -19.63 -45.36
N LYS M 1 61.86 -59.95 -97.49
CA LYS M 1 60.71 -59.18 -96.94
C LYS M 1 60.37 -59.64 -95.52
N ILE M 2 61.33 -59.47 -94.62
CA ILE M 2 61.13 -59.85 -93.22
C ILE M 2 60.87 -58.59 -92.40
N ARG M 3 59.60 -58.41 -92.02
CA ARG M 3 59.18 -57.25 -91.24
C ARG M 3 59.41 -57.44 -89.75
N ILE M 4 60.29 -56.60 -89.21
CA ILE M 4 60.63 -56.66 -87.79
C ILE M 4 59.97 -55.48 -87.08
N LYS M 5 59.47 -55.72 -85.86
CA LYS M 5 58.84 -54.66 -85.10
C LYS M 5 59.41 -54.72 -83.68
N LEU M 6 60.16 -53.69 -83.32
CA LEU M 6 60.79 -53.60 -82.00
C LEU M 6 60.13 -52.62 -81.06
N ARG M 7 59.84 -53.06 -79.84
CA ARG M 7 59.21 -52.21 -78.85
C ARG M 7 60.01 -52.28 -77.56
N GLY M 8 60.20 -51.11 -76.94
CA GLY M 8 60.93 -51.04 -75.69
C GLY M 8 60.55 -49.83 -74.88
N PHE M 9 60.95 -49.83 -73.62
CA PHE M 9 60.64 -48.73 -72.73
C PHE M 9 61.72 -47.66 -72.82
N ASP M 10 62.95 -48.10 -73.05
CA ASP M 10 64.08 -47.19 -73.17
C ASP M 10 64.30 -46.82 -74.63
N HIS M 11 64.32 -45.53 -74.93
CA HIS M 11 64.51 -45.10 -76.30
C HIS M 11 65.96 -45.29 -76.75
N LYS M 12 66.76 -45.94 -75.93
CA LYS M 12 68.17 -46.20 -76.27
C LYS M 12 68.35 -47.71 -76.41
N THR M 13 67.67 -48.45 -75.54
CA THR M 13 67.74 -49.89 -75.55
C THR M 13 67.14 -50.42 -76.86
N LEU M 14 66.59 -49.50 -77.65
CA LEU M 14 66.03 -49.86 -78.95
C LEU M 14 66.93 -49.32 -80.04
N ASP M 15 67.17 -48.02 -80.03
CA ASP M 15 68.05 -47.43 -81.03
C ASP M 15 69.37 -48.21 -81.06
N ALA M 16 69.70 -48.84 -79.93
CA ALA M 16 70.91 -49.66 -79.85
C ALA M 16 70.51 -50.97 -80.51
N SER M 17 69.55 -51.65 -79.91
CA SER M 17 69.03 -52.91 -80.39
C SER M 17 68.72 -52.87 -81.90
N ALA M 18 67.62 -52.24 -82.28
CA ALA M 18 67.23 -52.16 -83.68
C ALA M 18 68.34 -51.69 -84.61
N GLN M 19 69.36 -51.00 -84.07
CA GLN M 19 70.44 -50.55 -84.94
C GLN M 19 71.42 -51.68 -85.22
N LYS M 20 71.55 -52.62 -84.29
CA LYS M 20 72.43 -53.75 -84.49
C LYS M 20 71.87 -54.50 -85.69
N ILE M 21 70.57 -54.77 -85.62
CA ILE M 21 69.84 -55.47 -86.66
C ILE M 21 70.03 -54.83 -88.05
N VAL M 22 70.34 -53.54 -88.08
CA VAL M 22 70.53 -52.87 -89.36
C VAL M 22 71.93 -53.10 -89.92
N GLU M 23 72.95 -52.86 -89.09
CA GLU M 23 74.34 -53.04 -89.52
C GLU M 23 74.65 -54.50 -89.82
N ALA M 24 74.06 -55.41 -89.06
CA ALA M 24 74.27 -56.84 -89.26
C ALA M 24 73.82 -57.28 -90.64
N ALA M 25 72.50 -57.41 -90.81
CA ALA M 25 71.92 -57.84 -92.08
C ALA M 25 72.33 -57.01 -93.30
N ARG M 26 72.96 -55.86 -93.08
CA ARG M 26 73.41 -55.01 -94.19
C ARG M 26 74.62 -55.65 -94.88
N ARG M 27 74.76 -56.95 -94.70
CA ARG M 27 75.89 -57.68 -95.27
C ARG M 27 75.45 -59.12 -95.57
N SER M 28 74.19 -59.28 -95.97
CA SER M 28 73.67 -60.61 -96.27
C SER M 28 72.25 -60.61 -96.84
N GLY M 29 71.73 -59.43 -97.13
CA GLY M 29 70.39 -59.31 -97.68
C GLY M 29 70.28 -58.03 -98.48
N ALA M 30 69.09 -57.43 -98.52
CA ALA M 30 68.91 -56.18 -99.24
C ALA M 30 69.76 -55.12 -98.56
N GLN M 31 69.21 -53.93 -98.36
CA GLN M 31 69.98 -52.88 -97.68
C GLN M 31 69.20 -52.28 -96.53
N VAL M 32 68.13 -52.96 -96.14
CA VAL M 32 67.29 -52.53 -95.01
C VAL M 32 66.62 -51.18 -95.25
N SER M 33 65.37 -51.05 -94.79
CA SER M 33 64.60 -49.82 -94.93
C SER M 33 64.96 -48.82 -93.84
N GLY M 34 66.10 -49.03 -93.19
CA GLY M 34 66.52 -48.13 -92.12
C GLY M 34 65.55 -48.27 -90.96
N PRO M 35 66.01 -48.10 -89.71
CA PRO M 35 65.08 -48.23 -88.60
C PRO M 35 64.08 -47.07 -88.53
N ILE M 36 62.89 -47.29 -89.08
CA ILE M 36 61.85 -46.26 -89.06
C ILE M 36 61.24 -46.21 -87.67
N PRO M 37 61.14 -45.00 -87.10
CA PRO M 37 60.59 -44.72 -85.76
C PRO M 37 59.27 -45.37 -85.40
N LEU M 38 58.19 -44.61 -85.56
CA LEU M 38 56.82 -45.02 -85.23
C LEU M 38 56.37 -44.39 -83.92
N PRO M 39 55.21 -43.72 -83.92
CA PRO M 39 54.65 -43.06 -82.74
C PRO M 39 54.76 -43.86 -81.45
N THR M 40 54.90 -43.14 -80.35
CA THR M 40 55.01 -43.74 -79.02
C THR M 40 53.67 -43.68 -78.31
N ARG M 41 53.31 -44.73 -77.58
CA ARG M 41 52.03 -44.72 -76.84
C ARG M 41 52.27 -44.55 -75.35
N VAL M 42 51.82 -43.42 -74.81
CA VAL M 42 51.99 -43.12 -73.40
C VAL M 42 50.79 -43.43 -72.51
N ARG M 43 51.07 -44.02 -71.36
CA ARG M 43 50.04 -44.39 -70.38
C ARG M 43 50.21 -43.46 -69.18
N ARG M 44 49.19 -42.65 -68.88
CA ARG M 44 49.27 -41.76 -67.72
C ARG M 44 48.54 -42.35 -66.52
N PHE M 45 49.10 -42.16 -65.34
CA PHE M 45 48.51 -42.62 -64.10
C PHE M 45 48.53 -41.41 -63.19
N THR M 46 47.38 -40.77 -63.05
CA THR M 46 47.29 -39.60 -62.20
C THR M 46 46.78 -40.07 -60.86
N VAL M 47 47.63 -39.92 -59.85
CA VAL M 47 47.32 -40.38 -58.51
C VAL M 47 47.38 -39.29 -57.44
N ILE M 48 46.49 -39.39 -56.46
CA ILE M 48 46.44 -38.46 -55.33
C ILE M 48 47.73 -38.74 -54.58
N ARG M 49 48.46 -37.70 -54.19
CA ARG M 49 49.72 -37.90 -53.48
C ARG M 49 49.66 -38.65 -52.18
N GLY M 50 48.88 -38.17 -51.22
CA GLY M 50 48.85 -38.89 -49.96
C GLY M 50 47.62 -39.74 -49.78
N PRO M 51 47.53 -40.51 -48.70
CA PRO M 51 46.32 -41.32 -48.50
C PRO M 51 45.31 -40.35 -47.91
N PHE M 52 44.17 -40.83 -47.46
CA PHE M 52 43.15 -39.96 -46.86
C PHE M 52 43.10 -38.49 -47.31
N LYS M 53 42.03 -38.15 -48.03
CA LYS M 53 41.74 -36.81 -48.56
C LYS M 53 42.84 -36.08 -49.32
N HIS M 54 42.78 -34.75 -49.31
CA HIS M 54 43.76 -33.91 -50.03
C HIS M 54 43.56 -34.05 -51.54
N LYS M 55 42.30 -34.14 -51.96
CA LYS M 55 41.91 -34.29 -53.37
C LYS M 55 42.82 -33.63 -54.40
N ASP M 56 43.50 -32.55 -54.03
CA ASP M 56 44.32 -31.86 -55.01
C ASP M 56 45.81 -32.06 -54.91
N SER M 57 46.22 -33.23 -54.43
CA SER M 57 47.64 -33.55 -54.31
C SER M 57 48.17 -33.92 -55.68
N ARG M 58 47.83 -35.13 -56.13
CA ARG M 58 48.21 -35.66 -57.43
C ARG M 58 49.63 -36.16 -57.70
N GLU M 59 50.27 -35.62 -58.73
CA GLU M 59 51.61 -36.07 -59.20
C GLU M 59 51.37 -37.14 -60.29
N HIS M 60 51.92 -36.88 -61.48
CA HIS M 60 51.78 -37.73 -62.65
C HIS M 60 52.87 -38.76 -62.96
N PHE M 61 52.42 -39.94 -63.39
CA PHE M 61 53.28 -41.05 -63.76
C PHE M 61 52.87 -41.56 -65.13
N GLU M 62 53.84 -41.69 -66.04
CA GLU M 62 53.54 -42.21 -67.37
C GLU M 62 54.46 -43.36 -67.75
N LEU M 63 53.93 -44.32 -68.52
CA LEU M 63 54.70 -45.49 -68.97
C LEU M 63 54.74 -45.49 -70.49
N ARG M 64 55.62 -44.68 -71.07
CA ARG M 64 55.74 -44.57 -72.52
C ARG M 64 56.39 -45.76 -73.21
N THR M 65 55.69 -46.31 -74.19
CA THR M 65 56.15 -47.46 -74.99
C THR M 65 56.63 -46.99 -76.35
N HIS M 66 57.87 -47.34 -76.71
CA HIS M 66 58.40 -46.93 -78.00
C HIS M 66 58.43 -48.06 -79.02
N ASN M 67 58.41 -47.70 -80.30
CA ASN M 67 58.40 -48.68 -81.37
C ASN M 67 59.44 -48.39 -82.46
N ARG M 68 59.85 -49.46 -83.15
CA ARG M 68 60.82 -49.38 -84.23
C ARG M 68 60.41 -50.43 -85.27
N LEU M 69 60.80 -50.24 -86.53
CA LEU M 69 60.40 -51.19 -87.56
C LEU M 69 61.53 -51.86 -88.35
N VAL M 70 62.24 -51.09 -89.16
CA VAL M 70 63.36 -51.61 -89.96
C VAL M 70 62.93 -52.15 -91.34
N ASP M 71 62.53 -53.42 -91.39
CA ASP M 71 62.10 -54.06 -92.65
C ASP M 71 63.24 -54.47 -93.59
N ILE M 72 63.47 -55.77 -93.70
CA ILE M 72 64.51 -56.32 -94.56
C ILE M 72 63.92 -57.14 -95.70
N ILE M 73 63.87 -56.56 -96.90
CA ILE M 73 63.36 -57.29 -98.05
C ILE M 73 64.56 -58.03 -98.61
N ASN M 74 64.33 -59.06 -99.42
CA ASN M 74 65.42 -59.86 -99.98
C ASN M 74 66.14 -60.61 -98.86
N PRO M 75 65.46 -61.57 -98.22
CA PRO M 75 66.03 -62.38 -97.14
C PRO M 75 67.02 -63.37 -97.74
N ASN M 76 68.23 -63.42 -97.18
CA ASN M 76 69.23 -64.31 -97.73
C ASN M 76 70.08 -65.08 -96.71
N ARG M 77 69.55 -66.21 -96.24
CA ARG M 77 70.24 -67.10 -95.30
C ARG M 77 71.23 -66.45 -94.33
N LYS M 78 72.31 -65.87 -94.87
CA LYS M 78 73.34 -65.22 -94.06
C LYS M 78 72.72 -64.08 -93.25
N THR M 79 71.64 -63.49 -93.76
CA THR M 79 70.96 -62.42 -93.05
C THR M 79 70.46 -63.05 -91.77
N ILE M 80 69.74 -64.16 -91.94
CA ILE M 80 69.19 -64.92 -90.83
C ILE M 80 70.31 -65.64 -90.11
N GLU M 81 71.53 -65.15 -90.32
CA GLU M 81 72.72 -65.72 -89.70
C GLU M 81 73.32 -64.65 -88.81
N GLN M 82 73.47 -63.45 -89.37
CA GLN M 82 74.02 -62.31 -88.66
C GLN M 82 73.02 -61.81 -87.62
N LEU M 83 71.76 -62.21 -87.77
CA LEU M 83 70.70 -61.80 -86.87
C LEU M 83 70.29 -62.95 -85.95
N MET M 84 69.80 -64.02 -86.57
CA MET M 84 69.33 -65.23 -85.87
C MET M 84 69.67 -65.40 -84.40
N THR M 85 70.94 -65.22 -84.05
CA THR M 85 71.34 -65.38 -82.65
C THR M 85 72.52 -64.51 -82.28
N LEU M 86 72.30 -63.19 -82.24
CA LEU M 86 73.36 -62.24 -81.90
C LEU M 86 72.83 -60.92 -81.30
N ASP M 87 71.76 -61.00 -80.52
CA ASP M 87 71.17 -59.82 -79.89
C ASP M 87 71.86 -59.52 -78.56
N LEU M 88 71.37 -58.50 -77.85
CA LEU M 88 71.99 -58.13 -76.58
C LEU M 88 71.10 -57.50 -75.49
N PRO M 89 70.33 -56.44 -75.83
CA PRO M 89 69.45 -55.78 -74.84
C PRO M 89 68.44 -56.67 -74.10
N THR M 90 68.14 -56.28 -72.85
CA THR M 90 67.21 -57.00 -71.98
C THR M 90 65.89 -56.27 -71.82
N GLY M 91 65.91 -54.95 -71.99
CA GLY M 91 64.69 -54.16 -71.86
C GLY M 91 63.94 -54.07 -73.18
N VAL M 92 64.20 -55.05 -74.05
CA VAL M 92 63.55 -55.10 -75.35
C VAL M 92 62.83 -56.42 -75.55
N GLU M 93 61.96 -56.45 -76.55
CA GLU M 93 61.18 -57.64 -76.87
C GLU M 93 60.69 -57.46 -78.31
N ILE M 94 61.07 -58.40 -79.17
CA ILE M 94 60.70 -58.33 -80.58
C ILE M 94 59.52 -59.19 -81.00
N GLU M 95 59.09 -58.94 -82.22
CA GLU M 95 58.01 -59.64 -82.89
C GLU M 95 58.37 -59.46 -84.36
N ILE M 96 58.47 -60.57 -85.08
CA ILE M 96 58.80 -60.51 -86.49
C ILE M 96 57.81 -61.31 -87.30
N LYS M 97 57.48 -60.80 -88.48
CA LYS M 97 56.54 -61.48 -89.38
C LYS M 97 56.98 -61.24 -90.81
N THR M 98 57.79 -62.15 -91.33
CA THR M 98 58.29 -62.06 -92.69
C THR M 98 57.16 -62.21 -93.70
N LYS N 1 16.49 48.01 -56.10
CA LYS N 1 15.75 49.22 -56.55
C LYS N 1 16.05 50.44 -55.68
N ARG N 2 17.28 50.93 -55.81
CA ARG N 2 17.79 52.08 -55.07
C ARG N 2 18.98 52.57 -55.88
N GLN N 3 19.74 51.60 -56.38
CA GLN N 3 20.93 51.84 -57.19
C GLN N 3 22.06 52.36 -56.32
N VAL N 4 22.82 51.41 -55.78
CA VAL N 4 23.94 51.69 -54.90
C VAL N 4 25.27 51.78 -55.64
N ALA N 5 25.68 50.64 -56.21
CA ALA N 5 26.92 50.54 -56.97
C ALA N 5 28.10 50.10 -56.11
N SER N 6 28.60 51.01 -55.27
CA SER N 6 29.73 50.73 -54.38
C SER N 6 29.27 50.21 -53.02
N GLY N 7 29.83 49.09 -52.57
CA GLY N 7 29.43 48.55 -51.28
C GLY N 7 30.34 47.49 -50.69
N ARG N 8 29.86 46.86 -49.62
CA ARG N 8 30.61 45.82 -48.91
C ARG N 8 30.01 44.42 -49.05
N ALA N 9 30.87 43.41 -48.99
CA ALA N 9 30.41 42.02 -49.08
C ALA N 9 31.01 41.25 -47.91
N TYR N 10 30.15 40.78 -47.01
CA TYR N 10 30.60 40.04 -45.85
C TYR N 10 30.49 38.54 -46.08
N ILE N 11 31.63 37.87 -46.03
CA ILE N 11 31.66 36.44 -46.22
C ILE N 11 31.88 35.83 -44.85
N HIS N 12 30.86 35.14 -44.37
CA HIS N 12 30.88 34.48 -43.08
C HIS N 12 31.02 32.95 -43.21
N ALA N 13 32.26 32.49 -43.32
CA ALA N 13 32.53 31.06 -43.44
C ALA N 13 32.41 30.34 -42.11
N SER N 14 32.20 29.03 -42.17
CA SER N 14 32.06 28.19 -40.98
C SER N 14 32.10 26.74 -41.42
N TYR N 15 32.42 25.83 -40.50
CA TYR N 15 32.49 24.45 -40.91
C TYR N 15 31.14 23.79 -41.14
N ASN N 16 30.07 24.58 -41.11
CA ASN N 16 28.73 24.04 -41.34
C ASN N 16 27.98 24.71 -42.47
N ASN N 17 28.38 25.93 -42.80
CA ASN N 17 27.72 26.69 -43.85
C ASN N 17 28.41 28.01 -44.15
N THR N 18 28.10 28.57 -45.32
CA THR N 18 28.70 29.84 -45.72
C THR N 18 27.54 30.77 -46.02
N ILE N 19 27.63 32.00 -45.55
CA ILE N 19 26.57 32.95 -45.82
C ILE N 19 27.14 34.33 -46.13
N VAL N 20 26.82 34.81 -47.32
CA VAL N 20 27.29 36.08 -47.81
C VAL N 20 26.21 37.14 -47.72
N THR N 21 26.58 38.32 -47.23
CA THR N 21 25.65 39.41 -47.08
C THR N 21 26.27 40.61 -47.77
N ILE N 22 25.56 41.20 -48.72
CA ILE N 22 26.09 42.39 -49.41
C ILE N 22 25.50 43.64 -48.76
N THR N 23 26.28 44.70 -48.67
CA THR N 23 25.82 45.93 -48.04
C THR N 23 26.27 47.21 -48.72
N ASP N 24 25.65 48.31 -48.31
CA ASP N 24 25.95 49.62 -48.84
C ASP N 24 27.21 50.19 -48.18
N PRO N 25 27.78 51.26 -48.75
CA PRO N 25 28.98 51.91 -48.24
C PRO N 25 29.12 52.07 -46.74
N ASP N 26 28.05 51.83 -45.99
CA ASP N 26 28.17 51.94 -44.54
C ASP N 26 27.49 50.87 -43.67
N GLY N 27 27.38 49.66 -44.20
CA GLY N 27 26.86 48.58 -43.40
C GLY N 27 25.48 47.96 -43.55
N ASN N 28 24.48 48.75 -43.93
CA ASN N 28 23.13 48.18 -44.05
C ASN N 28 23.04 47.23 -45.24
N PRO N 29 22.63 45.99 -44.97
CA PRO N 29 22.51 44.98 -46.03
C PRO N 29 21.54 45.28 -47.15
N ILE N 30 21.92 44.88 -48.36
CA ILE N 30 21.09 45.05 -49.53
C ILE N 30 20.42 43.71 -49.83
N THR N 31 21.23 42.65 -49.81
CA THR N 31 20.75 41.29 -50.06
C THR N 31 21.67 40.31 -49.36
N TRP N 32 21.20 39.09 -49.16
CA TRP N 32 21.99 38.05 -48.52
C TRP N 32 21.69 36.66 -49.07
N SER N 33 22.70 35.80 -49.08
CA SER N 33 22.54 34.42 -49.55
C SER N 33 23.26 33.44 -48.63
N SER N 34 23.05 32.16 -48.84
CA SER N 34 23.70 31.16 -48.01
C SER N 34 23.61 29.79 -48.66
N GLY N 35 24.06 28.76 -47.95
CA GLY N 35 24.00 27.41 -48.47
C GLY N 35 22.56 26.93 -48.44
N GLY N 36 21.78 27.49 -47.51
CA GLY N 36 20.39 27.11 -47.40
C GLY N 36 19.55 27.89 -48.39
N VAL N 37 19.82 29.20 -48.50
CA VAL N 37 19.07 30.05 -49.42
C VAL N 37 18.91 29.31 -50.73
N ILE N 38 19.98 28.64 -51.14
CA ILE N 38 19.94 27.87 -52.36
C ILE N 38 19.69 26.42 -51.97
N GLY N 39 19.44 25.58 -52.96
CA GLY N 39 19.17 24.17 -52.72
C GLY N 39 19.52 23.57 -51.37
N TYR N 40 20.76 23.11 -51.26
CA TYR N 40 21.36 22.45 -50.10
C TYR N 40 20.72 22.66 -48.72
N LYS N 41 20.52 21.55 -48.01
CA LYS N 41 19.89 21.61 -46.70
C LYS N 41 20.71 21.23 -45.46
N GLY N 42 21.50 20.17 -45.51
CA GLY N 42 22.24 19.78 -44.31
C GLY N 42 23.72 19.95 -44.38
N SER N 43 24.41 18.83 -44.55
CA SER N 43 25.85 18.87 -44.64
C SER N 43 26.24 19.65 -45.92
N ARG N 44 25.55 19.34 -47.02
CA ARG N 44 25.81 19.96 -48.31
C ARG N 44 25.95 21.47 -48.21
N LYS N 45 25.16 22.06 -47.32
CA LYS N 45 25.15 23.50 -47.10
C LYS N 45 26.55 24.11 -46.91
N GLY N 46 27.43 23.39 -46.22
CA GLY N 46 28.77 23.89 -46.00
C GLY N 46 29.62 23.96 -47.24
N THR N 47 29.96 22.78 -47.76
CA THR N 47 30.78 22.61 -48.97
C THR N 47 31.08 23.84 -49.81
N PRO N 48 32.33 23.98 -50.26
CA PRO N 48 32.79 25.11 -51.08
C PRO N 48 31.89 25.40 -52.28
N TYR N 49 31.33 24.36 -52.87
CA TYR N 49 30.45 24.59 -54.01
C TYR N 49 29.33 25.50 -53.56
N ALA N 50 28.62 25.10 -52.50
CA ALA N 50 27.54 25.92 -51.98
C ALA N 50 28.07 27.33 -51.76
N ALA N 51 29.16 27.46 -51.02
CA ALA N 51 29.76 28.77 -50.80
C ALA N 51 29.77 29.48 -52.14
N GLN N 52 30.27 28.81 -53.18
CA GLN N 52 30.31 29.43 -54.49
C GLN N 52 28.93 29.92 -54.91
N LEU N 53 28.02 28.99 -55.10
CA LEU N 53 26.67 29.35 -55.51
C LEU N 53 26.14 30.54 -54.69
N ALA N 54 26.23 30.43 -53.37
CA ALA N 54 25.75 31.50 -52.50
C ALA N 54 26.42 32.85 -52.78
N ALA N 55 27.72 32.81 -53.05
CA ALA N 55 28.44 34.04 -53.35
C ALA N 55 27.78 34.69 -54.56
N LEU N 56 27.69 33.89 -55.63
CA LEU N 56 27.09 34.34 -56.88
C LEU N 56 25.69 34.89 -56.64
N ASP N 57 24.82 34.06 -56.06
CA ASP N 57 23.45 34.48 -55.77
C ASP N 57 23.50 35.85 -55.10
N ALA N 58 24.42 36.01 -54.16
CA ALA N 58 24.55 37.28 -53.45
C ALA N 58 24.85 38.41 -54.43
N ALA N 59 25.84 38.24 -55.29
CA ALA N 59 26.18 39.28 -56.25
C ALA N 59 25.04 39.52 -57.23
N LYS N 60 24.64 38.48 -57.97
CA LYS N 60 23.54 38.59 -58.92
C LYS N 60 22.44 39.44 -58.33
N LYS N 61 21.83 39.00 -57.23
CA LYS N 61 20.77 39.77 -56.57
C LYS N 61 21.17 41.22 -56.30
N ALA N 62 22.43 41.42 -55.93
CA ALA N 62 22.91 42.75 -55.63
C ALA N 62 23.14 43.56 -56.90
N MET N 63 23.29 42.85 -58.02
CA MET N 63 23.49 43.51 -59.31
C MET N 63 22.24 44.32 -59.59
N ALA N 64 21.10 43.81 -59.12
CA ALA N 64 19.81 44.45 -59.28
C ALA N 64 19.83 45.85 -58.69
N TYR N 65 20.22 45.97 -57.43
CA TYR N 65 20.30 47.27 -56.77
C TYR N 65 21.40 48.09 -57.45
N GLY N 66 21.86 47.61 -58.60
CA GLY N 66 22.88 48.32 -59.35
C GLY N 66 24.29 48.28 -58.78
N MET N 67 24.61 47.27 -57.98
CA MET N 67 25.95 47.14 -57.40
C MET N 67 26.96 46.92 -58.51
N GLN N 68 28.21 47.27 -58.25
CA GLN N 68 29.27 47.08 -59.22
C GLN N 68 30.60 46.76 -58.54
N SER N 69 31.00 47.62 -57.62
CA SER N 69 32.24 47.47 -56.87
C SER N 69 31.92 47.09 -55.42
N VAL N 70 32.74 46.22 -54.84
CA VAL N 70 32.53 45.78 -53.46
C VAL N 70 33.83 45.55 -52.73
N ASP N 71 33.79 45.64 -51.40
CA ASP N 71 34.95 45.38 -50.55
C ASP N 71 34.57 44.11 -49.82
N VAL N 72 35.39 43.07 -49.95
CA VAL N 72 35.08 41.82 -49.30
C VAL N 72 35.66 41.75 -47.89
N ILE N 73 34.88 41.15 -46.99
CA ILE N 73 35.27 41.00 -45.60
C ILE N 73 35.00 39.58 -45.17
N VAL N 74 36.07 38.85 -44.91
CA VAL N 74 35.99 37.46 -44.53
C VAL N 74 35.98 37.30 -43.03
N ARG N 75 35.02 36.54 -42.53
CA ARG N 75 34.91 36.31 -41.10
C ARG N 75 34.85 34.81 -40.89
N GLY N 76 35.74 34.29 -40.06
CA GLY N 76 35.76 32.87 -39.78
C GLY N 76 36.50 32.03 -40.80
N THR N 77 36.62 30.75 -40.50
CA THR N 77 37.29 29.81 -41.37
C THR N 77 36.31 28.69 -41.58
N GLY N 78 36.36 28.04 -42.73
CA GLY N 78 35.43 26.95 -42.93
C GLY N 78 35.35 26.32 -44.29
N ALA N 79 34.45 25.34 -44.39
CA ALA N 79 34.22 24.60 -45.62
C ALA N 79 34.13 25.56 -46.80
N GLY N 80 35.25 25.77 -47.48
CA GLY N 80 35.26 26.65 -48.64
C GLY N 80 34.88 28.12 -48.42
N ARG N 81 35.82 28.90 -47.93
CA ARG N 81 35.60 30.32 -47.71
C ARG N 81 36.25 31.00 -48.90
N GLU N 82 37.33 30.41 -49.40
CA GLU N 82 38.05 30.98 -50.53
C GLU N 82 37.21 30.91 -51.81
N GLN N 83 36.44 29.84 -51.96
CA GLN N 83 35.58 29.69 -53.13
C GLN N 83 34.62 30.87 -53.22
N ALA N 84 34.11 31.28 -52.07
CA ALA N 84 33.20 32.40 -51.98
C ALA N 84 33.93 33.66 -52.41
N ILE N 85 35.14 33.85 -51.90
CA ILE N 85 35.93 35.02 -52.25
C ILE N 85 36.28 34.99 -53.74
N ARG N 86 36.10 33.85 -54.38
CA ARG N 86 36.41 33.73 -55.80
C ARG N 86 35.16 33.98 -56.62
N ALA N 87 34.09 33.27 -56.27
CA ALA N 87 32.83 33.42 -56.99
C ALA N 87 32.46 34.89 -57.06
N LEU N 88 32.93 35.67 -56.09
CA LEU N 88 32.65 37.09 -56.09
C LEU N 88 33.48 37.74 -57.15
N GLN N 89 34.79 37.63 -57.03
CA GLN N 89 35.69 38.22 -58.01
C GLN N 89 35.22 37.97 -59.44
N ALA N 90 34.63 36.80 -59.67
CA ALA N 90 34.15 36.45 -61.01
C ALA N 90 32.70 36.89 -61.25
N SER N 91 31.87 36.80 -60.22
CA SER N 91 30.47 37.18 -60.32
C SER N 91 30.22 38.30 -61.32
N GLY N 92 31.14 39.25 -61.35
CA GLY N 92 31.00 40.37 -62.25
C GLY N 92 31.41 41.62 -61.51
N LEU N 93 31.12 41.62 -60.21
CA LEU N 93 31.46 42.74 -59.34
C LEU N 93 32.97 42.90 -59.28
N GLN N 94 33.42 44.14 -59.37
CA GLN N 94 34.83 44.38 -59.27
C GLN N 94 35.10 44.35 -57.78
N VAL N 95 35.94 43.41 -57.35
CA VAL N 95 36.29 43.29 -55.94
C VAL N 95 37.43 44.27 -55.63
N LYS N 96 37.15 45.27 -54.81
CA LYS N 96 38.15 46.28 -54.44
C LYS N 96 39.19 45.77 -53.46
N SER N 97 38.78 44.87 -52.57
CA SER N 97 39.71 44.34 -51.59
C SER N 97 39.11 43.23 -50.74
N ILE N 98 39.96 42.29 -50.37
CA ILE N 98 39.56 41.19 -49.52
C ILE N 98 40.26 41.45 -48.18
N VAL N 99 39.53 41.24 -47.09
CA VAL N 99 40.06 41.52 -45.76
C VAL N 99 39.55 40.55 -44.69
N ASP N 100 40.48 39.95 -43.97
CA ASP N 100 40.12 39.03 -42.90
C ASP N 100 39.89 39.84 -41.64
N ASP N 101 38.68 39.75 -41.09
CA ASP N 101 38.30 40.47 -39.89
C ASP N 101 37.63 39.48 -38.94
N THR N 102 38.05 38.21 -39.03
CA THR N 102 37.50 37.16 -38.18
C THR N 102 37.75 37.55 -36.73
N PRO N 103 36.68 37.62 -35.92
CA PRO N 103 36.81 37.99 -34.50
C PRO N 103 37.58 36.96 -33.66
N VAL N 104 38.25 37.45 -32.63
CA VAL N 104 38.99 36.58 -31.76
C VAL N 104 39.04 37.23 -30.40
N PRO N 105 38.73 36.47 -29.34
CA PRO N 105 38.75 37.09 -28.02
C PRO N 105 40.18 37.21 -27.56
N HIS N 106 40.38 38.05 -26.57
CA HIS N 106 41.69 38.22 -25.98
C HIS N 106 41.53 37.40 -24.69
N ASN N 107 40.86 36.27 -24.89
CA ASN N 107 40.52 35.27 -23.90
C ASN N 107 39.47 35.77 -22.95
N GLY N 108 38.20 35.52 -23.27
CA GLY N 108 37.14 36.01 -22.42
C GLY N 108 36.15 34.99 -21.87
N CYS N 109 35.45 34.28 -22.76
CA CYS N 109 34.47 33.29 -22.32
C CYS N 109 34.94 31.87 -22.47
N ARG N 110 34.68 31.04 -21.46
CA ARG N 110 35.08 29.64 -21.56
C ARG N 110 34.29 29.11 -22.72
N PRO N 111 34.96 28.47 -23.68
CA PRO N 111 34.20 27.94 -24.82
C PRO N 111 33.56 26.63 -24.42
N LYS N 112 32.56 26.19 -25.19
CA LYS N 112 31.89 24.93 -24.88
C LYS N 112 32.90 23.80 -25.03
N LYS N 113 32.68 22.75 -24.26
CA LYS N 113 33.55 21.57 -24.25
C LYS N 113 34.10 21.29 -25.62
N LYS N 114 33.21 21.12 -26.59
CA LYS N 114 33.58 20.84 -27.96
C LYS N 114 34.76 21.69 -28.45
N PHE N 115 34.95 22.89 -27.91
CA PHE N 115 36.04 23.72 -28.38
C PHE N 115 37.11 24.01 -27.34
N ARG N 116 37.17 23.21 -26.29
CA ARG N 116 38.17 23.44 -25.25
C ARG N 116 39.48 22.72 -25.48
N LYS N 117 39.66 21.58 -24.80
CA LYS N 117 40.88 20.77 -24.89
C LYS N 117 41.99 21.46 -25.65
N ALA N 118 42.53 22.52 -25.04
CA ALA N 118 43.58 23.31 -25.66
C ALA N 118 44.63 23.77 -24.63
N SER N 119 44.92 25.06 -24.64
CA SER N 119 45.90 25.68 -23.73
C SER N 119 47.26 25.00 -23.75
N PRO O 1 69.17 3.05 8.34
CA PRO O 1 68.85 3.79 9.57
C PRO O 1 70.19 4.18 10.16
N THR O 2 70.28 5.40 10.67
CA THR O 2 71.52 5.89 11.28
C THR O 2 71.79 5.15 12.59
N ILE O 3 73.04 5.14 13.01
CA ILE O 3 73.38 4.47 14.26
C ILE O 3 72.57 5.07 15.39
N ASN O 4 72.46 6.40 15.42
CA ASN O 4 71.70 7.05 16.47
C ASN O 4 70.24 6.64 16.38
N GLN O 5 69.75 6.40 15.16
CA GLN O 5 68.37 5.98 15.00
C GLN O 5 68.23 4.59 15.59
N LEU O 6 69.16 3.70 15.24
CA LEU O 6 69.12 2.34 15.76
C LEU O 6 69.09 2.40 17.26
N VAL O 7 69.82 3.35 17.83
CA VAL O 7 69.84 3.47 19.27
C VAL O 7 68.49 3.88 19.80
N ARG O 8 67.81 4.74 19.07
CA ARG O 8 66.51 5.22 19.47
C ARG O 8 65.42 4.18 19.29
N LYS O 9 65.14 3.80 18.06
CA LYS O 9 64.10 2.82 17.78
C LYS O 9 64.59 1.38 17.78
N GLY O 10 65.75 1.11 17.22
CA GLY O 10 66.25 -0.25 17.25
C GLY O 10 65.50 -1.24 16.38
N ARG O 11 66.11 -2.39 16.11
CA ARG O 11 65.48 -3.40 15.27
C ARG O 11 64.35 -4.13 15.97
N GLU O 12 63.33 -4.52 15.21
CA GLU O 12 62.17 -5.22 15.75
C GLU O 12 62.33 -6.68 15.40
N LYS O 13 62.28 -7.55 16.40
CA LYS O 13 62.44 -8.99 16.16
C LYS O 13 61.20 -9.62 15.55
N VAL O 14 61.41 -10.47 14.56
CA VAL O 14 60.31 -11.13 13.85
C VAL O 14 59.56 -12.14 14.71
N ARG O 15 58.23 -12.17 14.56
CA ARG O 15 57.37 -13.10 15.32
C ARG O 15 56.70 -14.14 14.44
N LYS O 16 56.79 -15.08 14.54
CA LYS O 16 56.12 -16.11 13.77
C LYS O 16 54.73 -16.40 14.34
N LYS O 17 53.77 -16.70 13.46
CA LYS O 17 52.40 -16.98 13.91
C LYS O 17 52.13 -18.46 13.68
N SER O 18 51.57 -19.14 14.68
CA SER O 18 51.30 -20.56 14.54
C SER O 18 50.37 -20.87 13.40
N LYS O 19 50.42 -22.11 12.91
CA LYS O 19 49.55 -22.53 11.83
C LYS O 19 48.72 -23.69 12.32
N VAL O 20 48.76 -23.93 13.62
CA VAL O 20 48.04 -25.05 14.20
C VAL O 20 47.57 -24.79 15.62
N PRO O 21 46.48 -24.01 15.79
CA PRO O 21 46.05 -23.81 17.19
C PRO O 21 45.42 -25.07 17.81
N ALA O 22 46.24 -26.12 17.85
CA ALA O 22 45.90 -27.41 18.44
C ALA O 22 46.05 -27.05 19.91
N LEU O 23 45.93 -25.75 20.18
CA LEU O 23 46.06 -25.14 21.50
C LEU O 23 47.17 -25.81 22.26
N LYS O 24 47.37 -25.40 23.50
CA LYS O 24 48.41 -25.97 24.34
C LYS O 24 49.68 -26.20 23.54
N GLY O 25 49.71 -25.67 22.31
CA GLY O 25 50.86 -25.90 21.45
C GLY O 25 51.27 -27.35 21.66
N ALA O 26 50.26 -28.23 21.68
CA ALA O 26 50.47 -29.65 21.90
C ALA O 26 50.82 -30.34 20.62
N PRO O 27 51.36 -31.56 20.70
CA PRO O 27 51.75 -32.36 19.53
C PRO O 27 50.51 -32.98 18.90
N PHE O 28 49.54 -33.31 19.74
CA PHE O 28 48.30 -33.92 19.29
C PHE O 28 47.16 -33.49 20.21
N ARG O 29 45.95 -33.58 19.68
CA ARG O 29 44.78 -33.23 20.47
C ARG O 29 43.72 -34.21 20.04
N ARG O 30 42.91 -34.66 21.00
CA ARG O 30 41.83 -35.59 20.69
C ARG O 30 40.49 -34.87 20.76
N GLY O 31 39.64 -35.18 19.79
CA GLY O 31 38.34 -34.56 19.71
C GLY O 31 37.28 -35.59 19.36
N VAL O 32 36.04 -35.12 19.23
CA VAL O 32 34.94 -36.00 18.91
C VAL O 32 34.38 -35.60 17.57
N CYS O 33 34.11 -36.59 16.72
CA CYS O 33 33.56 -36.32 15.41
C CYS O 33 32.15 -35.73 15.50
N THR O 34 31.80 -34.90 14.54
CA THR O 34 30.49 -34.27 14.52
C THR O 34 29.82 -34.56 13.19
N VAL O 35 30.59 -34.37 12.13
CA VAL O 35 30.10 -34.58 10.78
C VAL O 35 31.19 -35.26 9.96
N VAL O 36 30.85 -36.39 9.34
CA VAL O 36 31.83 -37.08 8.52
C VAL O 36 31.52 -36.79 7.05
N ARG O 37 31.49 -35.51 6.69
CA ARG O 37 31.20 -35.08 5.32
C ARG O 37 32.22 -35.56 4.28
N THR O 38 32.21 -34.89 3.13
CA THR O 38 33.11 -35.19 2.03
C THR O 38 33.16 -34.01 1.08
N VAL O 39 34.20 -33.20 1.25
CA VAL O 39 34.43 -32.00 0.48
C VAL O 39 34.98 -32.28 -0.91
N THR O 40 34.99 -31.26 -1.75
CA THR O 40 35.53 -31.37 -3.10
C THR O 40 36.78 -30.49 -3.15
N PRO O 41 37.78 -30.88 -3.98
CA PRO O 41 39.04 -30.17 -4.17
C PRO O 41 38.89 -28.73 -4.67
N LYS O 42 40.02 -28.09 -4.86
CA LYS O 42 40.10 -26.70 -5.31
C LYS O 42 40.81 -26.51 -6.69
N LYS O 43 40.92 -25.26 -7.13
CA LYS O 43 41.55 -24.93 -8.39
C LYS O 43 41.47 -26.07 -9.43
N PRO O 44 42.51 -26.91 -9.57
CA PRO O 44 42.39 -27.98 -10.58
C PRO O 44 41.77 -29.28 -10.08
N ASN O 45 42.45 -29.90 -9.14
CA ASN O 45 42.03 -31.16 -8.56
C ASN O 45 40.54 -31.38 -8.40
N SER O 46 40.15 -32.65 -8.50
CA SER O 46 38.76 -33.07 -8.35
C SER O 46 38.71 -34.46 -7.71
N ALA O 47 37.75 -34.67 -6.80
CA ALA O 47 37.58 -35.94 -6.10
C ALA O 47 36.72 -35.73 -4.87
N LEU O 48 36.54 -36.77 -4.07
CA LEU O 48 35.73 -36.66 -2.87
C LEU O 48 36.57 -36.83 -1.62
N ARG O 49 37.24 -35.76 -1.20
CA ARG O 49 38.07 -35.83 -0.02
C ARG O 49 37.26 -36.10 1.24
N LYS O 50 37.63 -37.14 1.99
CA LYS O 50 36.92 -37.47 3.23
C LYS O 50 37.39 -36.60 4.38
N VAL O 51 36.46 -35.85 4.95
CA VAL O 51 36.78 -34.93 6.03
C VAL O 51 35.90 -35.18 7.27
N ALA O 52 36.19 -34.46 8.36
CA ALA O 52 35.43 -34.63 9.59
C ALA O 52 35.49 -33.43 10.53
N LYS O 53 34.34 -32.91 10.95
CA LYS O 53 34.31 -31.80 11.89
C LYS O 53 34.66 -32.46 13.23
N VAL O 54 35.48 -31.80 14.03
CA VAL O 54 35.90 -32.37 15.30
C VAL O 54 35.79 -31.36 16.43
N ARG O 55 35.30 -31.82 17.58
CA ARG O 55 35.16 -30.97 18.76
C ARG O 55 36.35 -31.35 19.62
N LEU O 56 37.37 -30.50 19.64
CA LEU O 56 38.58 -30.79 20.43
C LEU O 56 38.42 -30.56 21.93
N THR O 57 39.34 -31.17 22.68
CA THR O 57 39.37 -31.02 24.13
C THR O 57 40.04 -29.69 24.40
N SER O 58 40.56 -29.07 23.33
CA SER O 58 41.21 -27.79 23.45
C SER O 58 40.16 -26.67 23.33
N GLY O 59 38.90 -27.07 23.23
CA GLY O 59 37.82 -26.11 23.14
C GLY O 59 37.51 -25.68 21.72
N TYR O 60 38.36 -26.04 20.76
CA TYR O 60 38.16 -25.68 19.37
C TYR O 60 37.40 -26.74 18.57
N GLU O 61 36.63 -26.28 17.59
CA GLU O 61 35.82 -27.11 16.71
C GLU O 61 36.48 -27.00 15.34
N VAL O 62 37.13 -28.06 14.88
CA VAL O 62 37.83 -28.02 13.60
C VAL O 62 37.50 -29.11 12.57
N THR O 63 38.04 -28.91 11.38
CA THR O 63 37.86 -29.82 10.24
C THR O 63 39.19 -30.54 10.03
N ALA O 64 39.14 -31.86 9.89
CA ALA O 64 40.37 -32.63 9.73
C ALA O 64 40.33 -33.65 8.59
N TYR O 65 41.44 -33.81 7.89
CA TYR O 65 41.51 -34.77 6.81
C TYR O 65 41.56 -36.19 7.38
N ILE O 66 41.07 -37.16 6.61
CA ILE O 66 41.09 -38.56 7.03
C ILE O 66 41.87 -39.32 5.96
N PRO O 67 43.19 -39.44 6.14
CA PRO O 67 44.05 -40.14 5.18
C PRO O 67 43.70 -41.62 5.04
N GLY O 68 44.09 -42.22 3.93
CA GLY O 68 43.81 -43.63 3.75
C GLY O 68 42.75 -44.00 2.72
N GLU O 69 42.93 -45.18 2.12
CA GLU O 69 42.02 -45.71 1.11
C GLU O 69 40.58 -45.69 1.58
N GLY O 70 40.33 -46.20 2.79
CA GLY O 70 38.97 -46.20 3.32
C GLY O 70 38.92 -46.14 4.84
N HIS O 71 38.04 -45.31 5.39
CA HIS O 71 37.91 -45.18 6.85
C HIS O 71 36.65 -45.78 7.46
N ASN O 72 36.50 -45.62 8.78
CA ASN O 72 35.37 -46.17 9.53
C ASN O 72 34.79 -45.16 10.53
N LEU O 73 35.08 -43.89 10.32
CA LEU O 73 34.62 -42.83 11.21
C LEU O 73 33.14 -42.49 11.09
N GLN O 74 32.50 -42.25 12.23
CA GLN O 74 31.08 -41.94 12.31
C GLN O 74 30.78 -40.66 13.05
N GLU O 75 29.51 -40.47 13.39
CA GLU O 75 29.07 -39.29 14.10
C GLU O 75 29.80 -38.95 15.39
N HIS O 76 29.73 -39.81 16.39
CA HIS O 76 30.39 -39.50 17.66
C HIS O 76 31.67 -40.26 17.95
N SER O 77 32.44 -40.56 16.91
CA SER O 77 33.68 -41.30 17.12
C SER O 77 34.81 -40.45 17.63
N VAL O 78 35.49 -40.94 18.68
CA VAL O 78 36.62 -40.26 19.27
C VAL O 78 37.82 -40.38 18.33
N VAL O 79 38.56 -39.30 18.18
CA VAL O 79 39.69 -39.31 17.27
C VAL O 79 40.89 -38.49 17.78
N LEU O 80 42.04 -38.66 17.13
CA LEU O 80 43.24 -37.90 17.48
C LEU O 80 43.68 -37.05 16.26
N ILE O 81 43.93 -35.79 16.50
CA ILE O 81 44.34 -34.84 15.46
C ILE O 81 45.85 -34.57 15.49
N ARG O 82 46.51 -34.56 14.34
CA ARG O 82 47.95 -34.35 14.34
C ARG O 82 48.50 -33.10 13.67
N GLY O 83 47.64 -32.27 13.11
CA GLY O 83 48.20 -31.08 12.48
C GLY O 83 48.89 -31.38 11.16
N GLY O 84 48.51 -30.62 10.15
CA GLY O 84 49.04 -30.80 8.81
C GLY O 84 47.88 -30.44 7.93
N ARG O 85 48.03 -29.39 7.15
CA ARG O 85 46.96 -28.96 6.27
C ARG O 85 46.85 -29.86 5.05
N VAL O 86 45.91 -29.52 4.15
CA VAL O 86 45.70 -30.24 2.91
C VAL O 86 45.56 -29.16 1.85
N LYS O 87 46.56 -29.06 0.97
CA LYS O 87 46.57 -28.03 -0.07
C LYS O 87 45.26 -27.78 -0.82
N ASP O 88 44.48 -28.82 -1.09
CA ASP O 88 43.23 -28.68 -1.84
C ASP O 88 41.99 -28.33 -1.09
N LEU O 89 41.96 -28.66 0.20
CA LEU O 89 40.79 -28.40 1.01
C LEU O 89 40.94 -27.17 1.86
N PRO O 90 40.48 -26.02 1.35
CA PRO O 90 40.60 -24.80 2.14
C PRO O 90 39.84 -25.04 3.43
N GLY O 91 40.47 -24.77 4.57
CA GLY O 91 39.79 -24.95 5.82
C GLY O 91 40.15 -26.20 6.61
N VAL O 92 40.99 -27.05 6.04
CA VAL O 92 41.37 -28.24 6.76
C VAL O 92 42.82 -28.07 7.16
N ARG O 93 43.06 -27.95 8.46
CA ARG O 93 44.41 -27.72 8.96
C ARG O 93 45.05 -28.87 9.70
N TYR O 94 44.35 -29.97 9.90
CA TYR O 94 44.95 -31.08 10.62
C TYR O 94 44.54 -32.37 9.97
N HIS O 95 45.34 -33.41 10.19
CA HIS O 95 45.05 -34.73 9.67
C HIS O 95 44.57 -35.55 10.85
N ILE O 96 43.85 -36.63 10.58
CA ILE O 96 43.42 -37.50 11.66
C ILE O 96 44.37 -38.67 11.75
N VAL O 97 44.80 -38.98 12.96
CA VAL O 97 45.72 -40.08 13.18
C VAL O 97 45.01 -41.41 13.10
N ARG O 98 45.33 -42.18 12.07
CA ARG O 98 44.73 -43.48 11.90
C ARG O 98 45.39 -44.53 12.77
N GLY O 99 44.57 -45.32 13.46
CA GLY O 99 45.12 -46.35 14.31
C GLY O 99 45.04 -45.97 15.77
N VAL O 100 44.43 -44.82 16.04
CA VAL O 100 44.27 -44.33 17.41
C VAL O 100 42.80 -44.10 17.73
N TYR O 101 42.39 -44.48 18.94
CA TYR O 101 41.02 -44.31 19.41
C TYR O 101 39.97 -45.03 18.57
N ASP O 102 39.09 -44.28 17.91
CA ASP O 102 38.03 -44.88 17.10
C ASP O 102 38.39 -45.02 15.62
N ALA O 103 39.35 -44.22 15.16
CA ALA O 103 39.75 -44.28 13.77
C ALA O 103 40.59 -45.54 13.57
N ALA O 104 40.02 -46.51 12.87
CA ALA O 104 40.74 -47.74 12.62
C ALA O 104 41.81 -47.47 11.56
N GLY O 105 42.79 -48.35 11.49
CA GLY O 105 43.85 -48.19 10.51
C GLY O 105 43.35 -48.58 9.15
N VAL O 106 44.17 -48.38 8.13
CA VAL O 106 43.76 -48.73 6.78
C VAL O 106 43.95 -50.23 6.54
N LYS O 107 42.91 -50.87 6.02
CA LYS O 107 42.97 -52.30 5.74
C LYS O 107 43.71 -52.55 4.43
N ASP O 108 44.53 -53.58 4.41
CA ASP O 108 45.28 -53.97 3.23
C ASP O 108 46.41 -53.01 2.87
N ARG O 109 46.93 -52.32 3.89
CA ARG O 109 48.02 -51.39 3.70
C ARG O 109 49.32 -52.15 3.85
N LYS O 110 50.00 -52.41 2.74
CA LYS O 110 51.23 -53.16 2.78
C LYS O 110 52.51 -52.33 2.64
N LYS O 111 52.38 -51.01 2.71
CA LYS O 111 53.57 -50.17 2.60
C LYS O 111 53.80 -49.22 3.76
N SER O 112 53.60 -47.93 3.49
CA SER O 112 53.82 -46.89 4.49
C SER O 112 52.93 -47.02 5.71
N ARG O 113 52.79 -48.24 6.22
CA ARG O 113 51.93 -48.53 7.37
C ARG O 113 52.18 -47.70 8.63
N SER O 114 53.42 -47.23 8.85
CA SER O 114 53.71 -46.42 10.03
C SER O 114 52.62 -45.34 10.08
N LYS O 115 52.29 -44.82 8.91
CA LYS O 115 51.24 -43.82 8.77
C LYS O 115 50.09 -44.73 8.39
N TYR O 116 48.84 -44.36 8.68
CA TYR O 116 47.71 -45.25 8.35
C TYR O 116 47.67 -46.38 9.39
N GLY O 117 48.34 -46.16 10.51
CA GLY O 117 48.40 -47.11 11.61
C GLY O 117 47.91 -48.53 11.42
N THR O 118 48.59 -49.31 10.57
CA THR O 118 48.22 -50.71 10.35
C THR O 118 49.35 -51.66 10.80
N LYS O 119 49.00 -52.62 11.64
CA LYS O 119 49.97 -53.58 12.17
C LYS O 119 50.65 -54.36 11.05
N LYS O 120 51.75 -55.01 11.41
CA LYS O 120 52.52 -55.81 10.46
C LYS O 120 51.81 -57.09 10.07
N PRO O 121 51.47 -57.23 8.78
CA PRO O 121 50.78 -58.43 8.32
C PRO O 121 51.73 -59.63 8.40
N LYS O 122 51.22 -60.73 8.93
CA LYS O 122 51.96 -61.96 9.08
C LYS O 122 52.02 -62.71 7.75
N GLU O 123 53.18 -62.70 7.13
CA GLU O 123 53.37 -63.37 5.84
C GLU O 123 53.19 -64.88 5.99
N ALA O 124 52.14 -65.39 5.37
CA ALA O 124 51.80 -66.80 5.41
C ALA O 124 52.97 -67.68 5.01
N ALA P 1 -10.77 -28.04 -86.50
CA ALA P 1 -11.97 -28.92 -86.51
C ALA P 1 -12.00 -29.84 -85.30
N ARG P 2 -13.18 -30.04 -84.72
CA ARG P 2 -13.32 -30.91 -83.57
C ARG P 2 -13.09 -32.36 -83.95
N ILE P 3 -12.20 -33.04 -83.23
CA ILE P 3 -11.91 -34.43 -83.55
C ILE P 3 -12.35 -35.43 -82.48
N ALA P 4 -11.45 -35.78 -81.55
CA ALA P 4 -11.82 -36.76 -80.52
C ALA P 4 -12.61 -36.16 -79.38
N GLY P 5 -13.02 -37.02 -78.44
CA GLY P 5 -13.78 -36.56 -77.29
C GLY P 5 -13.55 -35.11 -76.94
N VAL P 6 -14.47 -34.25 -77.38
CA VAL P 6 -14.42 -32.81 -77.14
C VAL P 6 -13.11 -32.15 -77.57
N GLU P 7 -12.54 -32.61 -78.66
CA GLU P 7 -11.27 -32.06 -79.16
C GLU P 7 -11.49 -30.97 -80.21
N ILE P 8 -10.84 -29.82 -80.02
CA ILE P 8 -10.98 -28.70 -80.95
C ILE P 8 -9.66 -27.96 -81.16
N PRO P 9 -8.67 -28.60 -81.78
CA PRO P 9 -7.37 -27.95 -82.02
C PRO P 9 -7.50 -27.03 -83.24
N ARG P 10 -7.22 -25.74 -83.08
CA ARG P 10 -7.38 -24.87 -84.25
C ARG P 10 -6.34 -23.77 -84.47
N ASN P 11 -6.30 -23.27 -85.71
CA ASN P 11 -5.41 -22.20 -86.14
C ASN P 11 -3.90 -22.45 -86.02
N LYS P 12 -3.50 -23.70 -85.89
CA LYS P 12 -2.10 -24.06 -85.79
C LYS P 12 -1.88 -25.20 -86.75
N ARG P 13 -0.63 -25.58 -86.97
CA ARG P 13 -0.34 -26.69 -87.85
C ARG P 13 -1.13 -27.90 -87.33
N VAL P 14 -1.65 -28.72 -88.24
CA VAL P 14 -2.44 -29.88 -87.84
C VAL P 14 -1.71 -30.81 -86.89
N ASP P 15 -0.44 -31.09 -87.15
CA ASP P 15 0.32 -31.96 -86.26
C ASP P 15 0.26 -31.33 -84.87
N VAL P 16 0.91 -30.18 -84.72
CA VAL P 16 0.93 -29.43 -83.47
C VAL P 16 -0.42 -29.52 -82.79
N ALA P 17 -1.44 -29.16 -83.56
CA ALA P 17 -2.82 -29.14 -83.12
C ALA P 17 -3.34 -30.49 -82.58
N LEU P 18 -3.03 -31.57 -83.29
CA LEU P 18 -3.48 -32.87 -82.84
C LEU P 18 -2.86 -33.19 -81.48
N THR P 19 -1.70 -32.57 -81.23
CA THR P 19 -0.97 -32.76 -79.98
C THR P 19 -1.84 -32.36 -78.82
N TYR P 20 -2.69 -31.36 -79.05
CA TYR P 20 -3.61 -30.85 -78.05
C TYR P 20 -4.67 -31.85 -77.57
N ILE P 21 -4.57 -33.09 -78.07
CA ILE P 21 -5.48 -34.15 -77.68
C ILE P 21 -4.78 -34.97 -76.58
N TYR P 22 -5.58 -35.57 -75.71
CA TYR P 22 -5.02 -36.32 -74.61
C TYR P 22 -4.05 -37.42 -74.98
N GLY P 23 -4.46 -38.32 -75.87
CA GLY P 23 -3.57 -39.41 -76.24
C GLY P 23 -2.69 -39.19 -77.45
N ILE P 24 -2.54 -37.95 -77.91
CA ILE P 24 -1.70 -37.73 -79.07
C ILE P 24 -0.47 -36.88 -78.77
N GLY P 25 0.67 -37.38 -79.24
CA GLY P 25 1.93 -36.68 -79.03
C GLY P 25 2.54 -36.35 -80.37
N LYS P 26 3.71 -35.70 -80.37
CA LYS P 26 4.38 -35.33 -81.61
C LYS P 26 4.63 -36.53 -82.49
N ALA P 27 4.52 -37.73 -81.90
CA ALA P 27 4.73 -38.96 -82.65
C ALA P 27 3.47 -39.32 -83.44
N ARG P 28 2.39 -39.62 -82.75
CA ARG P 28 1.15 -39.97 -83.43
C ARG P 28 0.71 -38.87 -84.38
N ALA P 29 1.22 -37.66 -84.17
CA ALA P 29 0.90 -36.51 -85.01
C ALA P 29 1.31 -36.76 -86.46
N LYS P 30 2.61 -36.90 -86.70
CA LYS P 30 3.13 -37.15 -88.04
C LYS P 30 2.59 -38.43 -88.65
N GLU P 31 2.18 -39.38 -87.81
CA GLU P 31 1.66 -40.63 -88.33
C GLU P 31 0.22 -40.44 -88.81
N ALA P 32 -0.68 -40.03 -87.90
CA ALA P 32 -2.07 -39.81 -88.27
C ALA P 32 -2.17 -38.95 -89.52
N LEU P 33 -1.18 -38.09 -89.73
CA LEU P 33 -1.16 -37.22 -90.91
C LEU P 33 -0.51 -38.01 -92.04
N GLU P 34 0.46 -38.83 -91.67
CA GLU P 34 1.18 -39.68 -92.62
C GLU P 34 0.16 -40.54 -93.36
N LYS P 35 -0.44 -41.47 -92.62
CA LYS P 35 -1.45 -42.39 -93.16
C LYS P 35 -2.58 -41.69 -93.88
N THR P 36 -3.27 -40.81 -93.17
CA THR P 36 -4.40 -40.07 -93.73
C THR P 36 -3.95 -39.12 -94.84
N GLY P 37 -2.66 -39.18 -95.16
CA GLY P 37 -2.10 -38.35 -96.20
C GLY P 37 -2.59 -36.91 -96.23
N ILE P 38 -2.10 -36.11 -95.30
CA ILE P 38 -2.47 -34.70 -95.21
C ILE P 38 -1.19 -33.95 -94.91
N ASN P 39 -1.04 -32.76 -95.48
CA ASN P 39 0.16 -31.99 -95.18
C ASN P 39 0.08 -31.70 -93.70
N PRO P 40 1.20 -31.85 -92.98
CA PRO P 40 1.14 -31.58 -91.54
C PRO P 40 1.14 -30.08 -91.32
N ALA P 41 1.79 -29.38 -92.23
CA ALA P 41 1.93 -27.94 -92.16
C ALA P 41 0.65 -27.13 -92.37
N THR P 42 -0.36 -27.74 -92.98
CA THR P 42 -1.60 -27.00 -93.21
C THR P 42 -2.17 -26.49 -91.89
N ARG P 43 -2.59 -25.21 -91.88
CA ARG P 43 -3.18 -24.62 -90.69
C ARG P 43 -4.52 -25.30 -90.49
N VAL P 44 -4.82 -25.74 -89.28
CA VAL P 44 -6.08 -26.44 -89.03
C VAL P 44 -7.28 -25.76 -89.69
N LYS P 45 -7.27 -24.43 -89.71
CA LYS P 45 -8.37 -23.70 -90.33
C LYS P 45 -8.42 -23.95 -91.84
N ASP P 46 -7.26 -23.96 -92.48
CA ASP P 46 -7.15 -24.17 -93.92
C ASP P 46 -7.38 -25.63 -94.34
N LEU P 47 -7.67 -26.50 -93.39
CA LEU P 47 -7.92 -27.90 -93.72
C LEU P 47 -9.13 -28.10 -94.62
N THR P 48 -9.35 -29.32 -95.06
CA THR P 48 -10.49 -29.67 -95.92
C THR P 48 -11.46 -30.56 -95.15
N GLU P 49 -12.74 -30.46 -95.49
CA GLU P 49 -13.76 -31.25 -94.82
C GLU P 49 -13.51 -32.73 -95.09
N ALA P 50 -12.85 -33.00 -96.20
CA ALA P 50 -12.54 -34.36 -96.59
C ALA P 50 -11.41 -34.89 -95.70
N GLU P 51 -10.42 -34.04 -95.46
CA GLU P 51 -9.27 -34.38 -94.64
C GLU P 51 -9.67 -34.49 -93.18
N VAL P 52 -10.54 -33.60 -92.75
CA VAL P 52 -11.02 -33.58 -91.38
C VAL P 52 -11.87 -34.81 -91.08
N VAL P 53 -12.33 -35.49 -92.12
CA VAL P 53 -13.13 -36.69 -91.90
C VAL P 53 -12.23 -37.92 -91.84
N ARG P 54 -11.21 -37.96 -92.69
CA ARG P 54 -10.27 -39.07 -92.71
C ARG P 54 -9.46 -39.06 -91.40
N LEU P 55 -9.15 -37.85 -90.92
CA LEU P 55 -8.41 -37.66 -89.68
C LEU P 55 -9.32 -38.03 -88.53
N ARG P 56 -10.48 -37.38 -88.49
CA ARG P 56 -11.46 -37.62 -87.45
C ARG P 56 -11.74 -39.10 -87.31
N GLU P 57 -11.82 -39.81 -88.44
CA GLU P 57 -12.10 -41.24 -88.43
C GLU P 57 -10.88 -42.10 -88.18
N TYR P 58 -9.78 -41.79 -88.85
CA TYR P 58 -8.56 -42.58 -88.64
C TYR P 58 -8.08 -42.52 -87.19
N VAL P 59 -8.01 -41.33 -86.63
CA VAL P 59 -7.56 -41.14 -85.26
C VAL P 59 -8.51 -41.72 -84.23
N GLU P 60 -9.75 -41.21 -84.20
CA GLU P 60 -10.72 -41.69 -83.24
C GLU P 60 -10.79 -43.21 -83.23
N ASN P 61 -10.55 -43.80 -84.40
CA ASN P 61 -10.57 -45.25 -84.55
C ASN P 61 -9.19 -45.73 -85.00
N THR P 62 -8.32 -45.97 -84.02
CA THR P 62 -6.96 -46.43 -84.27
C THR P 62 -6.21 -46.36 -82.92
N TRP P 63 -6.59 -45.40 -82.10
CA TRP P 63 -5.99 -45.20 -80.77
C TRP P 63 -7.05 -44.95 -79.72
N LYS P 64 -6.71 -45.28 -78.48
CA LYS P 64 -7.59 -45.08 -77.34
C LYS P 64 -7.20 -43.71 -76.80
N LEU P 65 -8.08 -42.72 -76.98
CA LEU P 65 -7.79 -41.35 -76.56
C LEU P 65 -8.70 -40.78 -75.49
N GLU P 66 -8.47 -39.51 -75.18
CA GLU P 66 -9.23 -38.75 -74.19
C GLU P 66 -9.82 -39.53 -73.01
N GLY P 67 -10.93 -39.01 -72.50
CA GLY P 67 -11.61 -39.60 -71.37
C GLY P 67 -11.48 -41.10 -71.20
N GLU P 68 -11.79 -41.86 -72.26
CA GLU P 68 -11.71 -43.33 -72.21
C GLU P 68 -10.33 -43.79 -71.76
N LEU P 69 -9.31 -43.02 -72.13
CA LEU P 69 -7.93 -43.31 -71.79
C LEU P 69 -7.68 -43.02 -70.30
N ARG P 70 -7.97 -41.80 -69.87
CA ARG P 70 -7.80 -41.42 -68.47
C ARG P 70 -8.55 -42.43 -67.63
N ALA P 71 -9.58 -43.01 -68.22
CA ALA P 71 -10.37 -44.01 -67.53
C ALA P 71 -9.51 -45.25 -67.32
N GLU P 72 -8.80 -45.64 -68.37
CA GLU P 72 -7.93 -46.81 -68.33
C GLU P 72 -6.85 -46.58 -67.29
N VAL P 73 -5.98 -45.61 -67.54
CA VAL P 73 -4.91 -45.28 -66.61
C VAL P 73 -5.40 -45.29 -65.17
N ALA P 74 -6.43 -44.51 -64.90
CA ALA P 74 -6.98 -44.46 -63.55
C ALA P 74 -7.32 -45.89 -63.12
N ALA P 75 -7.91 -46.65 -64.04
CA ALA P 75 -8.29 -48.02 -63.77
C ALA P 75 -7.06 -48.83 -63.37
N ASN P 76 -5.98 -48.69 -64.14
CA ASN P 76 -4.74 -49.41 -63.84
C ASN P 76 -4.33 -49.16 -62.40
N ILE P 77 -3.89 -47.94 -62.13
CA ILE P 77 -3.46 -47.51 -60.79
C ILE P 77 -4.33 -48.09 -59.68
N LYS P 78 -5.64 -47.99 -59.86
CA LYS P 78 -6.61 -48.51 -58.90
C LYS P 78 -6.32 -49.97 -58.61
N ARG P 79 -5.95 -50.71 -59.65
CA ARG P 79 -5.65 -52.13 -59.55
C ARG P 79 -4.43 -52.48 -58.67
N LEU P 80 -3.25 -52.07 -59.12
CA LEU P 80 -2.04 -52.34 -58.36
C LEU P 80 -2.12 -51.70 -56.99
N MET P 81 -3.19 -50.93 -56.80
CA MET P 81 -3.43 -50.24 -55.56
C MET P 81 -4.34 -51.10 -54.66
N ASP P 82 -5.21 -51.87 -55.30
CA ASP P 82 -6.13 -52.74 -54.56
C ASP P 82 -5.42 -53.96 -54.05
N ILE P 83 -4.49 -54.48 -54.85
CA ILE P 83 -3.71 -55.64 -54.44
C ILE P 83 -2.52 -55.10 -53.64
N GLY P 84 -2.10 -55.86 -52.64
CA GLY P 84 -0.99 -55.45 -51.79
C GLY P 84 0.24 -54.91 -52.50
N CYS P 85 0.16 -54.83 -53.82
CA CYS P 85 1.24 -54.35 -54.66
C CYS P 85 1.97 -53.15 -54.06
N TYR P 86 3.21 -52.40 -53.56
CA TYR P 86 4.08 -51.37 -53.01
C TYR P 86 3.92 -50.12 -53.86
N ARG P 87 4.16 -50.31 -55.15
CA ARG P 87 4.05 -49.25 -56.13
C ARG P 87 2.71 -48.53 -55.94
N GLY P 88 1.70 -49.27 -55.52
CA GLY P 88 0.39 -48.67 -55.30
C GLY P 88 0.37 -47.85 -54.02
N LEU P 89 1.12 -48.32 -53.02
CA LEU P 89 1.20 -47.62 -51.75
C LEU P 89 1.91 -46.29 -51.97
N ARG P 90 2.89 -46.29 -52.86
CA ARG P 90 3.63 -45.06 -53.16
C ARG P 90 2.69 -44.02 -53.72
N HIS P 91 1.58 -44.47 -54.31
CA HIS P 91 0.61 -43.54 -54.86
C HIS P 91 -0.21 -42.98 -53.70
N ARG P 92 -0.67 -43.87 -52.82
CA ARG P 92 -1.46 -43.47 -51.65
C ARG P 92 -0.65 -42.47 -50.85
N ARG P 93 0.51 -42.91 -50.39
CA ARG P 93 1.40 -42.07 -49.58
C ARG P 93 1.81 -40.81 -50.31
N GLY P 94 1.58 -40.77 -51.61
CA GLY P 94 1.94 -39.60 -52.39
C GLY P 94 3.42 -39.39 -52.59
N LEU P 95 4.24 -40.43 -52.44
CA LEU P 95 5.69 -40.30 -52.64
C LEU P 95 6.12 -40.83 -54.00
N PRO P 96 7.31 -40.46 -54.47
CA PRO P 96 7.73 -40.97 -55.78
C PRO P 96 7.68 -42.49 -55.89
N VAL P 97 7.21 -42.95 -57.03
CA VAL P 97 7.05 -44.38 -57.28
C VAL P 97 8.22 -45.09 -57.93
N ARG P 98 8.85 -44.44 -58.90
CA ARG P 98 9.97 -45.04 -59.62
C ARG P 98 11.30 -45.09 -58.87
N GLY P 99 11.23 -45.47 -57.59
CA GLY P 99 12.40 -45.60 -56.75
C GLY P 99 13.44 -44.51 -56.79
N GLN P 100 13.08 -43.33 -56.28
CA GLN P 100 14.02 -42.22 -56.24
C GLN P 100 14.26 -41.93 -54.78
N ARG P 101 15.14 -40.97 -54.50
CA ARG P 101 15.44 -40.60 -53.11
C ARG P 101 14.36 -39.72 -52.53
N THR P 102 13.95 -40.00 -51.30
CA THR P 102 12.93 -39.16 -50.69
C THR P 102 13.44 -38.41 -49.47
N ARG P 103 14.76 -38.27 -49.38
CA ARG P 103 15.39 -37.56 -48.28
C ARG P 103 15.56 -36.13 -48.74
N THR P 104 15.67 -35.94 -50.04
CA THR P 104 15.80 -34.62 -50.62
C THR P 104 15.35 -34.77 -52.06
N ASN P 105 14.88 -33.69 -52.67
CA ASN P 105 14.43 -33.71 -54.07
C ASN P 105 13.25 -34.65 -54.35
N ALA P 106 12.04 -34.21 -54.06
CA ALA P 106 10.86 -35.01 -54.30
C ALA P 106 9.71 -34.03 -54.28
N ARG P 107 10.07 -32.77 -54.45
CA ARG P 107 9.10 -31.69 -54.40
C ARG P 107 8.06 -31.75 -55.49
N THR P 108 8.46 -32.28 -56.64
CA THR P 108 7.55 -32.39 -57.76
C THR P 108 6.41 -33.38 -57.41
N ARG P 109 6.67 -34.23 -56.43
CA ARG P 109 5.70 -35.23 -56.01
C ARG P 109 5.11 -34.93 -54.64
N LYS P 110 5.85 -34.18 -53.83
CA LYS P 110 5.40 -33.83 -52.48
C LYS P 110 4.63 -32.51 -52.42
N GLY P 111 5.05 -31.56 -53.25
CA GLY P 111 4.41 -30.26 -53.26
C GLY P 111 5.39 -29.25 -52.69
N PRO P 112 4.91 -28.19 -52.05
CA PRO P 112 5.79 -27.17 -51.47
C PRO P 112 6.44 -27.68 -50.20
N ARG P 113 7.64 -27.18 -49.89
CA ARG P 113 8.31 -27.63 -48.67
C ARG P 113 7.42 -27.33 -47.48
N LYS P 114 7.42 -28.24 -46.52
CA LYS P 114 6.59 -28.09 -45.33
C LYS P 114 7.49 -27.96 -44.10
N THR P 115 8.31 -26.93 -44.09
CA THR P 115 9.26 -26.65 -43.01
C THR P 115 8.76 -26.91 -41.59
N VAL P 116 9.64 -27.46 -40.75
CA VAL P 116 9.33 -27.78 -39.35
C VAL P 116 10.47 -27.23 -38.51
N ALA P 117 10.34 -27.30 -37.19
CA ALA P 117 11.40 -26.83 -36.30
C ALA P 117 12.54 -27.86 -36.41
N GLY P 118 13.74 -27.50 -35.98
CA GLY P 118 14.85 -28.43 -36.10
C GLY P 118 16.00 -28.33 -35.11
N LYS P 119 17.10 -29.00 -35.43
CA LYS P 119 18.30 -29.04 -34.60
C LYS P 119 19.45 -28.25 -35.21
N LYS P 120 19.77 -27.11 -34.59
CA LYS P 120 20.84 -26.23 -35.06
C LYS P 120 22.26 -26.79 -34.96
N LYS P 121 23.00 -26.37 -33.93
CA LYS P 121 24.38 -26.83 -33.72
C LYS P 121 24.55 -28.33 -33.83
N ALA P 122 24.85 -28.74 -35.06
CA ALA P 122 25.07 -30.13 -35.45
C ALA P 122 25.23 -29.99 -36.95
N PRO P 123 26.21 -29.16 -37.38
CA PRO P 123 26.52 -28.88 -38.79
C PRO P 123 25.71 -29.64 -39.82
N ARG P 124 24.46 -29.22 -39.99
CA ARG P 124 23.55 -29.82 -40.97
C ARG P 124 23.87 -29.24 -42.34
N LYS P 125 24.99 -28.55 -42.44
CA LYS P 125 25.42 -27.94 -43.69
C LYS P 125 25.57 -29.00 -44.78
N ALA Q 1 40.13 -55.49 -45.45
CA ALA Q 1 41.32 -56.25 -45.91
C ALA Q 1 41.70 -57.26 -44.83
N ARG Q 2 40.80 -58.22 -44.62
CA ARG Q 2 41.02 -59.28 -43.65
C ARG Q 2 41.29 -60.54 -44.46
N LYS Q 3 42.29 -61.32 -44.04
CA LYS Q 3 42.61 -62.55 -44.74
C LYS Q 3 41.28 -63.17 -45.15
N ALA Q 4 40.43 -63.36 -44.16
CA ALA Q 4 39.12 -63.95 -44.34
C ALA Q 4 38.38 -63.40 -45.57
N LEU Q 5 38.44 -62.08 -45.76
CA LEU Q 5 37.76 -61.45 -46.88
C LEU Q 5 38.58 -61.44 -48.16
N ILE Q 6 39.64 -62.23 -48.21
CA ILE Q 6 40.42 -62.33 -49.43
C ILE Q 6 40.14 -63.74 -49.94
N GLU Q 7 38.85 -63.97 -50.13
CA GLU Q 7 38.29 -65.21 -50.64
C GLU Q 7 38.03 -64.86 -52.09
N LYS Q 8 38.43 -63.65 -52.46
CA LYS Q 8 38.26 -63.16 -53.82
C LYS Q 8 39.05 -64.05 -54.77
N ALA Q 9 40.19 -64.53 -54.28
CA ALA Q 9 41.03 -65.40 -55.09
C ALA Q 9 40.38 -66.76 -55.29
N LYS Q 10 39.30 -67.00 -54.57
CA LYS Q 10 38.57 -68.28 -54.65
C LYS Q 10 37.93 -68.62 -55.98
N ARG Q 11 38.05 -67.75 -56.98
CA ARG Q 11 37.40 -68.04 -58.26
C ARG Q 11 35.93 -68.26 -57.93
N THR Q 12 35.60 -69.53 -57.67
CA THR Q 12 34.25 -69.98 -57.31
C THR Q 12 33.31 -68.82 -57.05
N PRO Q 13 32.94 -68.10 -58.11
CA PRO Q 13 32.05 -66.96 -57.92
C PRO Q 13 30.61 -67.44 -57.85
N LYS Q 14 30.40 -68.71 -58.17
CA LYS Q 14 29.07 -69.31 -58.19
C LYS Q 14 28.39 -68.64 -59.38
N PHE Q 15 28.76 -67.39 -59.61
CA PHE Q 15 28.28 -66.56 -60.71
C PHE Q 15 29.42 -65.55 -60.86
N LYS Q 16 29.94 -65.38 -62.08
CA LYS Q 16 31.08 -64.48 -62.29
C LYS Q 16 30.91 -62.98 -62.02
N VAL Q 17 29.74 -62.57 -61.55
CA VAL Q 17 29.53 -61.16 -61.26
C VAL Q 17 29.99 -60.80 -59.85
N ARG Q 18 30.22 -61.83 -59.04
CA ARG Q 18 30.68 -61.64 -57.67
C ARG Q 18 32.19 -61.50 -57.58
N ALA Q 19 32.87 -61.42 -58.72
CA ALA Q 19 34.33 -61.28 -58.79
C ALA Q 19 34.75 -59.83 -58.56
N TYR Q 20 35.89 -59.62 -57.89
CA TYR Q 20 36.35 -58.25 -57.64
C TYR Q 20 37.82 -57.96 -57.40
N THR Q 21 38.42 -57.24 -58.35
CA THR Q 21 39.82 -56.82 -58.33
C THR Q 21 40.74 -57.08 -57.13
N ARG Q 22 40.59 -56.28 -56.06
CA ARG Q 22 41.42 -56.39 -54.86
C ARG Q 22 42.89 -56.09 -55.13
N CYS Q 23 43.54 -55.42 -54.18
CA CYS Q 23 44.95 -55.08 -54.37
C CYS Q 23 45.79 -56.32 -54.24
N VAL Q 24 46.77 -56.43 -55.14
CA VAL Q 24 47.64 -57.58 -55.15
C VAL Q 24 48.85 -57.31 -54.26
N ARG Q 25 48.63 -56.53 -53.19
CA ARG Q 25 49.70 -56.19 -52.28
C ARG Q 25 49.24 -55.75 -50.91
N CYS Q 26 48.07 -55.11 -50.84
CA CYS Q 26 47.52 -54.66 -49.56
C CYS Q 26 46.06 -55.06 -49.42
N GLY Q 27 45.48 -55.51 -50.53
CA GLY Q 27 44.09 -55.94 -50.54
C GLY Q 27 43.13 -54.78 -50.72
N ARG Q 28 43.69 -53.58 -50.84
CA ARG Q 28 42.89 -52.38 -51.01
C ARG Q 28 41.92 -52.52 -52.17
N ALA Q 29 40.78 -53.14 -51.89
CA ALA Q 29 39.73 -53.34 -52.89
C ALA Q 29 39.19 -52.05 -53.51
N ARG Q 30 39.14 -51.00 -52.71
CA ARG Q 30 38.57 -49.70 -53.08
C ARG Q 30 39.01 -48.92 -54.30
N SER Q 31 40.25 -49.01 -54.74
CA SER Q 31 40.60 -48.23 -55.93
C SER Q 31 41.76 -48.84 -56.68
N VAL Q 32 41.60 -50.14 -56.94
CA VAL Q 32 42.58 -50.96 -57.63
C VAL Q 32 42.64 -50.75 -59.13
N TYR Q 33 43.81 -50.39 -59.64
CA TYR Q 33 43.97 -50.19 -61.07
C TYR Q 33 44.16 -51.57 -61.69
N ARG Q 34 43.67 -51.76 -62.92
CA ARG Q 34 43.79 -53.06 -63.61
C ARG Q 34 45.20 -53.35 -64.09
N PHE Q 35 45.71 -52.44 -64.93
CA PHE Q 35 47.02 -52.52 -65.53
C PHE Q 35 48.13 -52.86 -64.55
N PHE Q 36 47.85 -52.77 -63.25
CA PHE Q 36 48.88 -53.06 -62.26
C PHE Q 36 48.50 -54.07 -61.20
N GLY Q 37 47.21 -54.22 -60.94
CA GLY Q 37 46.77 -55.15 -59.90
C GLY Q 37 46.92 -54.47 -58.56
N LEU Q 38 47.50 -53.26 -58.61
CA LEU Q 38 47.74 -52.45 -57.43
C LEU Q 38 46.68 -51.36 -57.22
N CYS Q 39 46.53 -50.94 -55.96
CA CYS Q 39 45.58 -49.88 -55.58
C CYS Q 39 46.27 -48.52 -55.74
N ARG Q 40 45.48 -47.45 -55.80
CA ARG Q 40 46.01 -46.10 -55.98
C ARG Q 40 47.21 -45.76 -55.09
N ILE Q 41 47.24 -46.34 -53.89
CA ILE Q 41 48.34 -46.07 -52.97
C ILE Q 41 49.65 -46.77 -53.38
N CYS Q 42 49.61 -48.10 -53.37
CA CYS Q 42 50.75 -48.92 -53.72
C CYS Q 42 51.31 -48.49 -55.07
N LEU Q 43 50.42 -48.24 -56.03
CA LEU Q 43 50.84 -47.76 -57.34
C LEU Q 43 51.75 -46.54 -57.15
N ARG Q 44 51.33 -45.62 -56.28
CA ARG Q 44 52.09 -44.40 -56.01
C ARG Q 44 53.38 -44.70 -55.24
N GLU Q 45 53.31 -45.63 -54.28
CA GLU Q 45 54.49 -45.99 -53.48
C GLU Q 45 55.57 -46.56 -54.37
N LEU Q 46 55.20 -47.57 -55.17
CA LEU Q 46 56.15 -48.21 -56.09
C LEU Q 46 56.65 -47.30 -57.19
N ALA Q 47 55.79 -46.43 -57.71
CA ALA Q 47 56.24 -45.53 -58.76
C ALA Q 47 57.37 -44.68 -58.23
N HIS Q 48 57.35 -44.41 -56.92
CA HIS Q 48 58.38 -43.59 -56.29
C HIS Q 48 59.71 -44.32 -56.14
N LYS Q 49 59.63 -45.64 -55.96
CA LYS Q 49 60.82 -46.45 -55.81
C LYS Q 49 61.51 -46.74 -57.14
N GLY Q 50 60.70 -46.92 -58.19
CA GLY Q 50 61.23 -47.21 -59.51
C GLY Q 50 60.95 -48.65 -59.89
N GLN Q 51 60.19 -49.32 -59.04
CA GLN Q 51 59.84 -50.70 -59.27
C GLN Q 51 58.70 -50.86 -60.28
N LEU Q 52 58.26 -49.74 -60.84
CA LEU Q 52 57.22 -49.78 -61.86
C LEU Q 52 57.93 -49.38 -63.14
N PRO Q 53 58.42 -50.40 -63.88
CA PRO Q 53 59.14 -50.28 -65.15
C PRO Q 53 58.59 -49.25 -66.12
N GLY Q 54 59.40 -48.23 -66.40
CA GLY Q 54 58.98 -47.19 -67.32
C GLY Q 54 57.76 -46.41 -66.87
N VAL Q 55 57.60 -46.24 -65.56
CA VAL Q 55 56.47 -45.48 -65.01
C VAL Q 55 57.04 -44.24 -64.33
N ARG Q 56 57.37 -43.24 -65.14
CA ARG Q 56 57.95 -42.00 -64.66
C ARG Q 56 56.85 -41.07 -64.12
N LYS Q 57 57.23 -39.89 -63.66
CA LYS Q 57 56.28 -38.91 -63.15
C LYS Q 57 55.82 -38.06 -64.33
N ALA Q 58 54.51 -37.91 -64.46
CA ALA Q 58 53.92 -37.11 -65.54
C ALA Q 58 54.07 -35.62 -65.26
N SER Q 59 53.88 -34.81 -66.29
CA SER Q 59 53.98 -33.37 -66.18
C SER Q 59 53.88 -32.77 -67.57
N TRP Q 60 53.13 -31.69 -67.71
CA TRP Q 60 52.98 -31.05 -69.01
C TRP Q 60 52.21 -29.74 -68.90
N PRO R 1 61.20 52.02 3.32
CA PRO R 1 62.56 51.44 3.34
C PRO R 1 63.44 52.15 4.36
N ILE R 2 64.68 51.67 4.49
CA ILE R 2 65.61 52.27 5.44
C ILE R 2 66.73 52.98 4.70
N THR R 3 66.75 54.30 4.76
CA THR R 3 67.77 55.10 4.09
C THR R 3 69.19 54.76 4.58
N LYS R 4 70.20 55.12 3.79
CA LYS R 4 71.58 54.88 4.19
C LYS R 4 71.76 55.61 5.50
N GLU R 5 71.13 56.79 5.58
CA GLU R 5 71.17 57.63 6.78
C GLU R 5 70.58 56.80 7.92
N GLU R 6 69.31 56.47 7.77
CA GLU R 6 68.60 55.66 8.76
C GLU R 6 69.50 54.52 9.23
N LYS R 7 70.22 53.92 8.28
CA LYS R 7 71.11 52.80 8.56
C LYS R 7 72.34 53.18 9.35
N GLN R 8 73.25 53.92 8.72
CA GLN R 8 74.47 54.33 9.37
C GLN R 8 74.21 54.94 10.75
N LYS R 9 73.10 55.66 10.89
CA LYS R 9 72.76 56.24 12.18
C LYS R 9 72.80 55.15 13.25
N VAL R 10 72.22 53.99 12.93
CA VAL R 10 72.18 52.87 13.86
C VAL R 10 73.55 52.23 13.99
N ILE R 11 74.25 52.09 12.86
CA ILE R 11 75.57 51.50 12.86
C ILE R 11 76.51 52.29 13.76
N GLN R 12 76.51 53.61 13.65
CA GLN R 12 77.39 54.41 14.49
C GLN R 12 76.88 54.42 15.93
N GLU R 13 75.57 54.37 16.10
CA GLU R 13 74.96 54.37 17.42
C GLU R 13 75.21 53.09 18.21
N PHE R 14 75.74 52.06 17.56
CA PHE R 14 75.99 50.82 18.26
C PHE R 14 77.43 50.35 18.21
N ALA R 15 78.11 50.68 17.12
CA ALA R 15 79.50 50.31 16.93
C ALA R 15 80.29 50.28 18.24
N ARG R 16 81.20 49.32 18.39
CA ARG R 16 82.00 49.21 19.61
C ARG R 16 83.10 50.25 19.61
N PHE R 17 83.49 50.69 18.41
CA PHE R 17 84.55 51.69 18.27
C PHE R 17 84.54 52.26 16.85
N PRO R 18 85.15 53.45 16.69
CA PRO R 18 85.23 54.14 15.40
C PRO R 18 85.54 53.20 14.25
N GLY R 19 84.53 52.96 13.41
CA GLY R 19 84.72 52.09 12.26
C GLY R 19 84.18 50.69 12.43
N ASP R 20 83.54 50.43 13.56
CA ASP R 20 82.98 49.11 13.81
C ASP R 20 81.72 48.89 12.97
N THR R 21 81.80 47.98 12.00
CA THR R 21 80.64 47.72 11.15
C THR R 21 79.98 46.36 11.37
N GLY R 22 80.72 45.40 11.91
CA GLY R 22 80.17 44.07 12.10
C GLY R 22 80.22 43.46 13.49
N SER R 23 80.12 44.28 14.52
CA SER R 23 80.14 43.74 15.87
C SER R 23 78.79 43.13 16.09
N THR R 24 78.71 42.11 16.93
CA THR R 24 77.43 41.49 17.21
C THR R 24 76.43 42.57 17.57
N GLU R 25 76.84 43.50 18.43
CA GLU R 25 75.93 44.57 18.82
C GLU R 25 75.33 45.22 17.59
N VAL R 26 76.18 45.66 16.66
CA VAL R 26 75.69 46.32 15.46
C VAL R 26 74.71 45.44 14.71
N GLN R 27 75.19 44.28 14.25
CA GLN R 27 74.34 43.37 13.53
C GLN R 27 72.99 43.26 14.21
N VAL R 28 72.98 42.85 15.46
CA VAL R 28 71.72 42.72 16.18
C VAL R 28 70.89 43.98 16.04
N ALA R 29 71.54 45.14 16.16
CA ALA R 29 70.82 46.41 16.04
C ALA R 29 70.12 46.52 14.68
N LEU R 30 70.91 46.37 13.61
CA LEU R 30 70.40 46.44 12.24
C LEU R 30 69.26 45.46 11.99
N LEU R 31 69.37 44.26 12.55
CA LEU R 31 68.33 43.24 12.40
C LEU R 31 67.08 43.64 13.16
N THR R 32 67.28 44.24 14.31
CA THR R 32 66.14 44.66 15.10
C THR R 32 65.42 45.72 14.30
N LEU R 33 66.19 46.53 13.58
CA LEU R 33 65.61 47.59 12.77
C LEU R 33 64.80 46.98 11.62
N ARG R 34 65.41 46.07 10.87
CA ARG R 34 64.70 45.47 9.76
C ARG R 34 63.45 44.74 10.24
N ILE R 35 63.59 43.99 11.33
CA ILE R 35 62.48 43.24 11.89
C ILE R 35 61.29 44.15 12.15
N ASN R 36 61.53 45.18 12.95
CA ASN R 36 60.46 46.10 13.29
C ASN R 36 59.75 46.62 12.06
N ARG R 37 60.49 47.10 11.07
CA ARG R 37 59.86 47.60 9.85
C ARG R 37 58.97 46.50 9.28
N LEU R 38 59.53 45.30 9.17
CA LEU R 38 58.80 44.16 8.61
C LEU R 38 57.62 43.83 9.48
N SER R 39 57.83 43.68 10.78
CA SER R 39 56.73 43.38 11.69
C SER R 39 55.62 44.39 11.47
N GLU R 40 56.04 45.61 11.14
CA GLU R 40 55.14 46.73 10.88
C GLU R 40 54.40 46.43 9.58
N HIS R 41 55.14 46.44 8.48
CA HIS R 41 54.57 46.14 7.17
C HIS R 41 53.54 45.05 7.31
N LEU R 42 53.88 44.02 8.08
CA LEU R 42 53.01 42.87 8.29
C LEU R 42 51.81 43.07 9.21
N LYS R 43 51.75 44.15 9.97
CA LYS R 43 50.58 44.34 10.83
C LYS R 43 49.43 44.60 9.87
N VAL R 44 49.80 45.11 8.71
CA VAL R 44 48.88 45.35 7.61
C VAL R 44 49.41 44.24 6.70
N HIS R 45 48.76 43.95 5.59
CA HIS R 45 49.29 42.88 4.73
C HIS R 45 49.49 41.55 5.45
N LYS R 46 48.47 41.13 6.19
CA LYS R 46 48.55 39.89 6.91
C LYS R 46 48.58 38.72 5.94
N LYS R 47 48.38 39.00 4.66
CA LYS R 47 48.39 37.96 3.63
C LYS R 47 49.76 37.76 3.00
N ASP R 48 50.60 38.79 3.03
CA ASP R 48 51.94 38.71 2.45
C ASP R 48 52.78 37.71 3.26
N HIS R 49 52.45 36.42 3.10
CA HIS R 49 53.14 35.36 3.81
C HIS R 49 54.58 35.25 3.34
N HIS R 50 54.77 35.45 2.05
CA HIS R 50 56.11 35.37 1.49
C HIS R 50 57.09 36.21 2.24
N SER R 51 56.69 37.43 2.59
CA SER R 51 57.58 38.32 3.32
C SER R 51 57.76 37.81 4.75
N HIS R 52 56.70 37.23 5.30
CA HIS R 52 56.72 36.72 6.65
C HIS R 52 57.84 35.69 6.89
N ARG R 53 58.13 34.88 5.89
CA ARG R 53 59.20 33.91 6.03
C ARG R 53 60.49 34.72 6.22
N GLY R 54 60.60 35.80 5.45
CA GLY R 54 61.77 36.64 5.57
C GLY R 54 61.94 37.07 7.01
N LEU R 55 60.82 37.35 7.69
CA LEU R 55 60.87 37.78 9.09
C LEU R 55 61.32 36.63 9.96
N LEU R 56 60.70 35.47 9.78
CA LEU R 56 61.04 34.28 10.56
C LEU R 56 62.54 34.08 10.57
N MET R 57 63.15 34.40 9.44
CA MET R 57 64.58 34.25 9.30
C MET R 57 65.35 35.36 10.02
N MET R 58 64.92 36.61 9.85
CA MET R 58 65.59 37.72 10.52
C MET R 58 65.58 37.43 12.02
N VAL R 59 64.39 37.22 12.54
CA VAL R 59 64.22 36.92 13.95
C VAL R 59 65.12 35.74 14.28
N GLY R 60 65.20 34.80 13.36
CA GLY R 60 66.04 33.64 13.59
C GLY R 60 67.50 34.01 13.76
N GLN R 61 68.10 34.59 12.72
CA GLN R 61 69.49 34.98 12.74
C GLN R 61 69.81 35.89 13.91
N ARG R 62 68.81 36.62 14.39
CA ARG R 62 69.07 37.51 15.51
C ARG R 62 69.15 36.72 16.80
N ARG R 63 68.08 36.00 17.12
CA ARG R 63 68.08 35.25 18.37
C ARG R 63 69.27 34.31 18.42
N ARG R 64 69.88 34.05 17.28
CA ARG R 64 71.02 33.17 17.23
C ARG R 64 72.35 33.91 17.49
N LEU R 65 72.40 35.19 17.12
CA LEU R 65 73.60 36.00 17.37
C LEU R 65 73.60 36.35 18.85
N LEU R 66 72.43 36.70 19.37
CA LEU R 66 72.29 37.02 20.77
C LEU R 66 72.70 35.84 21.62
N ARG R 67 72.26 34.66 21.22
CA ARG R 67 72.61 33.45 21.96
C ARG R 67 74.12 33.41 22.11
N TYR R 68 74.81 33.83 21.05
CA TYR R 68 76.27 33.86 21.01
C TYR R 68 76.86 34.89 21.96
N LEU R 69 76.14 35.99 22.17
CA LEU R 69 76.59 37.06 23.04
C LEU R 69 76.64 36.60 24.49
N GLN R 70 75.55 36.06 25.02
CA GLN R 70 75.55 35.57 26.40
C GLN R 70 76.77 34.72 26.57
N ARG R 71 76.75 33.57 25.90
CA ARG R 71 77.85 32.62 25.95
C ARG R 71 79.20 33.32 26.10
N GLU R 72 79.48 34.32 25.25
CA GLU R 72 80.74 35.04 25.34
C GLU R 72 80.73 36.09 26.45
N ASP R 73 80.27 37.29 26.15
CA ASP R 73 80.22 38.33 27.18
C ASP R 73 78.80 38.50 27.70
N PRO R 74 78.46 37.86 28.84
CA PRO R 74 77.12 37.97 29.42
C PRO R 74 76.72 39.40 29.79
N GLU R 75 77.69 40.31 29.82
CA GLU R 75 77.43 41.70 30.16
C GLU R 75 76.94 42.50 28.96
N ARG R 76 77.74 42.52 27.89
CA ARG R 76 77.38 43.25 26.67
C ARG R 76 75.99 42.82 26.27
N TYR R 77 75.68 41.55 26.54
CA TYR R 77 74.40 40.97 26.23
C TYR R 77 73.26 41.74 26.91
N ARG R 78 73.20 41.67 28.23
CA ARG R 78 72.18 42.36 29.00
C ARG R 78 72.18 43.81 28.56
N ALA R 79 73.35 44.30 28.18
CA ALA R 79 73.52 45.67 27.74
C ALA R 79 72.79 45.93 26.43
N LEU R 80 73.04 45.06 25.45
CA LEU R 80 72.43 45.18 24.13
C LEU R 80 70.92 45.12 24.22
N ILE R 81 70.42 44.10 24.90
CA ILE R 81 68.99 43.92 25.07
C ILE R 81 68.35 45.20 25.58
N GLU R 82 68.60 45.50 26.85
CA GLU R 82 68.07 46.69 27.49
C GLU R 82 68.01 47.86 26.51
N LYS R 83 69.14 48.12 25.86
CA LYS R 83 69.25 49.18 24.89
C LYS R 83 68.25 48.96 23.75
N LEU R 84 68.55 48.05 22.84
CA LEU R 84 67.65 47.76 21.73
C LEU R 84 66.21 47.60 22.20
N GLY R 85 66.04 47.06 23.40
CA GLY R 85 64.71 46.84 23.93
C GLY R 85 64.13 45.52 23.46
N ILE R 86 64.98 44.49 23.35
CA ILE R 86 64.57 43.16 22.90
C ILE R 86 64.04 42.27 24.03
N ARG R 87 63.20 41.31 23.65
CA ARG R 87 62.54 40.35 24.54
C ARG R 87 61.04 40.65 24.49
N GLY R 88 60.42 40.75 25.66
CA GLY R 88 59.00 41.04 25.72
C GLY R 88 58.12 39.83 25.97
N MET S 1 76.96 -24.26 62.51
CA MET S 1 78.35 -24.40 63.00
C MET S 1 79.25 -24.90 61.88
N VAL S 2 80.32 -24.17 61.60
CA VAL S 2 81.23 -24.51 60.52
C VAL S 2 81.96 -25.83 60.74
N LYS S 3 81.90 -26.69 59.74
CA LYS S 3 82.54 -28.00 59.82
C LYS S 3 83.56 -28.33 58.74
N ILE S 4 84.33 -29.38 58.99
CA ILE S 4 85.31 -29.88 58.03
C ILE S 4 84.81 -31.29 57.82
N ARG S 5 84.25 -31.56 56.64
CA ARG S 5 83.71 -32.89 56.39
C ARG S 5 83.86 -33.32 54.94
N LEU S 6 83.37 -34.53 54.66
CA LEU S 6 83.41 -35.09 53.32
C LEU S 6 82.18 -34.69 52.50
N ALA S 7 82.35 -34.66 51.17
CA ALA S 7 81.28 -34.31 50.24
C ALA S 7 81.29 -35.31 49.09
N ARG S 8 80.22 -36.07 48.99
CA ARG S 8 80.12 -37.08 47.94
C ARG S 8 80.23 -36.45 46.57
N PHE S 9 81.24 -36.87 45.81
CA PHE S 9 81.42 -36.34 44.47
C PHE S 9 81.72 -37.42 43.47
N GLY S 10 81.76 -38.66 43.93
CA GLY S 10 82.08 -39.73 43.01
C GLY S 10 81.06 -39.97 41.91
N SER S 11 80.44 -41.14 42.02
CA SER S 11 79.41 -41.60 41.09
C SER S 11 79.04 -42.95 41.65
N LYS S 12 78.03 -43.60 41.07
CA LYS S 12 77.61 -44.88 41.61
C LYS S 12 78.75 -45.88 41.71
N HIS S 13 78.96 -46.36 42.93
CA HIS S 13 80.00 -47.31 43.24
C HIS S 13 81.39 -46.80 43.02
N ASN S 14 81.49 -45.52 42.67
CA ASN S 14 82.79 -44.89 42.44
C ASN S 14 82.84 -43.58 43.22
N PRO S 15 82.59 -43.66 44.52
CA PRO S 15 82.60 -42.52 45.45
C PRO S 15 83.94 -41.83 45.50
N HIS S 16 83.92 -40.51 45.60
CA HIS S 16 85.12 -39.68 45.70
C HIS S 16 84.70 -38.47 46.53
N TYR S 17 85.21 -38.38 47.76
CA TYR S 17 84.81 -37.27 48.60
C TYR S 17 85.72 -36.05 48.48
N ARG S 18 85.26 -34.92 49.02
CA ARG S 18 86.04 -33.70 48.98
C ARG S 18 86.10 -33.11 50.38
N ILE S 19 87.22 -33.30 51.07
CA ILE S 19 87.36 -32.73 52.41
C ILE S 19 87.06 -31.24 52.27
N VAL S 20 85.96 -30.83 52.88
CA VAL S 20 85.48 -29.47 52.73
C VAL S 20 85.18 -28.70 54.01
N VAL S 21 85.21 -27.37 53.92
CA VAL S 21 84.89 -26.51 55.06
C VAL S 21 83.56 -25.85 54.73
N THR S 22 82.47 -26.38 55.27
CA THR S 22 81.14 -25.82 54.99
C THR S 22 80.40 -25.50 56.29
N ASP S 23 79.18 -24.99 56.17
CA ASP S 23 78.38 -24.69 57.35
C ASP S 23 77.59 -25.98 57.63
N ALA S 24 77.50 -26.37 58.91
CA ALA S 24 76.81 -27.61 59.29
C ALA S 24 75.47 -27.81 58.61
N ARG S 25 74.76 -26.71 58.38
CA ARG S 25 73.43 -26.76 57.77
C ARG S 25 73.28 -27.01 56.26
N ARG S 26 74.34 -27.01 55.47
CA ARG S 26 74.16 -27.21 54.04
C ARG S 26 73.91 -28.63 53.63
N LYS S 27 73.51 -28.83 52.37
CA LYS S 27 73.32 -30.17 51.85
C LYS S 27 74.74 -30.71 52.00
N ARG S 28 74.93 -32.02 52.03
CA ARG S 28 76.29 -32.50 52.18
C ARG S 28 77.00 -32.20 50.89
N ASP S 29 76.26 -32.22 49.78
CA ASP S 29 76.83 -31.95 48.48
C ASP S 29 76.58 -30.54 48.02
N GLY S 30 76.23 -29.68 48.97
CA GLY S 30 75.94 -28.29 48.64
C GLY S 30 77.17 -27.42 48.54
N LYS S 31 76.94 -26.11 48.49
CA LYS S 31 78.03 -25.14 48.38
C LYS S 31 78.89 -25.03 49.62
N TYR S 32 80.17 -25.37 49.50
CA TYR S 32 81.06 -25.26 50.65
C TYR S 32 81.74 -23.90 50.73
N ILE S 33 82.48 -23.68 51.80
CA ILE S 33 83.19 -22.42 52.02
C ILE S 33 84.57 -22.48 51.39
N GLU S 34 85.16 -23.66 51.38
CA GLU S 34 86.47 -23.88 50.80
C GLU S 34 86.78 -25.35 50.71
N LYS S 35 87.60 -25.73 49.75
CA LYS S 35 87.99 -27.12 49.60
C LYS S 35 89.37 -27.17 50.25
N ILE S 36 89.69 -28.27 50.92
CA ILE S 36 91.00 -28.35 51.54
C ILE S 36 91.60 -29.73 51.37
N GLY S 37 90.90 -30.59 50.66
CA GLY S 37 91.45 -31.91 50.43
C GLY S 37 90.47 -32.79 49.69
N TYR S 38 90.87 -34.01 49.44
CA TYR S 38 90.00 -34.96 48.76
C TYR S 38 90.38 -36.35 49.25
N TYR S 39 89.48 -37.29 49.08
CA TYR S 39 89.71 -38.64 49.55
C TYR S 39 89.08 -39.70 48.67
N ASP S 40 89.89 -40.67 48.26
CA ASP S 40 89.42 -41.78 47.42
C ASP S 40 89.32 -43.02 48.32
N PRO S 41 88.10 -43.33 48.77
CA PRO S 41 87.81 -44.47 49.64
C PRO S 41 88.46 -45.76 49.22
N ARG S 42 88.48 -46.00 47.92
CA ARG S 42 89.03 -47.24 47.40
C ARG S 42 90.48 -47.21 46.93
N LYS S 43 91.18 -46.15 47.30
CA LYS S 43 92.58 -46.01 46.92
C LYS S 43 92.80 -46.61 45.53
N THR S 44 92.04 -46.13 44.54
CA THR S 44 92.16 -46.62 43.17
C THR S 44 93.44 -46.13 42.48
N THR S 45 94.12 -45.21 43.16
CA THR S 45 95.36 -44.64 42.64
C THR S 45 96.31 -44.41 43.81
N PRO S 46 97.63 -44.34 43.54
CA PRO S 46 98.64 -44.13 44.56
C PRO S 46 98.43 -42.83 45.33
N ASP S 47 97.67 -41.94 44.73
CA ASP S 47 97.39 -40.66 45.33
C ASP S 47 95.93 -40.60 45.75
N TRP S 48 95.57 -41.37 46.78
CA TRP S 48 94.18 -41.37 47.22
C TRP S 48 93.83 -40.51 48.41
N LEU S 49 94.69 -39.55 48.76
CA LEU S 49 94.36 -38.69 49.89
C LEU S 49 95.27 -37.48 50.07
N LYS S 50 94.84 -36.33 49.57
CA LYS S 50 95.63 -35.10 49.71
C LYS S 50 94.94 -34.33 50.82
N VAL S 51 95.65 -33.48 51.54
CA VAL S 51 94.98 -32.76 52.62
C VAL S 51 95.33 -31.32 52.88
N ASP S 52 96.40 -30.79 52.30
CA ASP S 52 96.72 -29.37 52.53
C ASP S 52 96.56 -29.00 54.00
N VAL S 53 97.34 -29.66 54.84
CA VAL S 53 97.30 -29.44 56.28
C VAL S 53 97.43 -27.99 56.68
N GLU S 54 98.08 -27.19 55.85
CA GLU S 54 98.24 -25.78 56.16
C GLU S 54 96.87 -25.16 56.45
N ARG S 55 95.98 -25.24 55.46
CA ARG S 55 94.65 -24.67 55.56
C ARG S 55 93.77 -25.26 56.67
N ALA S 56 93.73 -26.58 56.76
CA ALA S 56 92.94 -27.24 57.80
C ALA S 56 93.20 -26.53 59.13
N ARG S 57 94.44 -26.61 59.59
CA ARG S 57 94.86 -25.99 60.83
C ARG S 57 94.29 -24.59 60.93
N TYR S 58 94.17 -23.91 59.80
CA TYR S 58 93.61 -22.56 59.87
C TYR S 58 92.15 -22.65 60.29
N TRP S 59 91.39 -23.49 59.59
CA TRP S 59 89.98 -23.62 59.91
C TRP S 59 89.75 -24.06 61.34
N LEU S 60 90.48 -25.08 61.79
CA LEU S 60 90.37 -25.53 63.17
C LEU S 60 90.72 -24.32 64.05
N SER S 61 91.67 -23.52 63.57
CA SER S 61 92.06 -22.32 64.28
C SER S 61 90.84 -21.50 64.66
N VAL S 62 89.72 -21.70 63.97
CA VAL S 62 88.54 -20.90 64.30
C VAL S 62 87.19 -21.61 64.35
N GLY S 63 87.12 -22.71 65.08
CA GLY S 63 85.85 -23.41 65.24
C GLY S 63 85.50 -24.51 64.28
N ALA S 64 86.29 -24.72 63.23
CA ALA S 64 85.96 -25.79 62.31
C ALA S 64 85.91 -27.07 63.15
N GLN S 65 84.80 -27.80 63.04
CA GLN S 65 84.64 -29.02 63.80
C GLN S 65 84.54 -30.14 62.80
N PRO S 66 85.55 -30.99 62.74
CA PRO S 66 85.58 -32.12 61.79
C PRO S 66 84.69 -33.31 62.08
N THR S 67 84.07 -33.84 61.03
CA THR S 67 83.25 -35.03 61.13
C THR S 67 84.24 -36.05 61.67
N ASP S 68 83.77 -37.17 62.20
CA ASP S 68 84.75 -38.11 62.70
C ASP S 68 85.63 -38.54 61.52
N THR S 69 85.03 -39.19 60.52
CA THR S 69 85.80 -39.65 59.35
C THR S 69 86.70 -38.57 58.75
N ALA S 70 86.27 -37.32 58.79
CA ALA S 70 87.09 -36.25 58.24
C ALA S 70 88.34 -36.10 59.10
N ARG S 71 88.16 -36.14 60.41
CA ARG S 71 89.28 -36.01 61.34
C ARG S 71 90.30 -37.14 61.17
N ARG S 72 89.79 -38.34 60.98
CA ARG S 72 90.61 -39.52 60.80
C ARG S 72 91.51 -39.43 59.57
N LEU S 73 91.05 -38.68 58.56
CA LEU S 73 91.82 -38.50 57.34
C LEU S 73 92.76 -37.35 57.59
N LEU S 74 92.29 -36.34 58.30
CA LEU S 74 93.14 -35.22 58.61
C LEU S 74 94.29 -35.71 59.48
N ARG S 75 94.02 -36.69 60.34
CA ARG S 75 95.09 -37.19 61.19
C ARG S 75 96.12 -37.88 60.31
N GLN S 76 95.66 -38.72 59.39
CA GLN S 76 96.55 -39.43 58.47
C GLN S 76 97.55 -38.50 57.79
N ALA S 77 97.10 -37.31 57.41
CA ALA S 77 97.99 -36.35 56.76
C ALA S 77 98.59 -35.51 57.86
N GLY S 78 98.69 -36.11 59.03
CA GLY S 78 99.26 -35.44 60.19
C GLY S 78 98.90 -33.98 60.34
N VAL S 79 97.61 -33.70 60.53
CA VAL S 79 97.21 -32.32 60.72
C VAL S 79 97.34 -32.05 62.21
N PHE S 80 97.34 -33.14 62.98
CA PHE S 80 97.42 -33.01 64.42
C PHE S 80 98.80 -33.29 65.01
N ARG S 81 99.55 -34.20 64.39
CA ARG S 81 100.90 -34.52 64.86
C ARG S 81 101.59 -33.21 65.24
N GLN S 82 101.86 -33.04 66.53
CA GLN S 82 102.48 -31.82 67.01
C GLN S 82 103.95 -31.90 67.37
N GLU S 83 104.59 -33.03 67.03
CA GLU S 83 106.00 -33.28 67.30
C GLU S 83 106.84 -32.03 67.60
N PRO T 1 83.14 2.41 50.26
CA PRO T 1 83.19 3.89 50.28
C PRO T 1 81.80 4.43 50.07
N LYS T 2 81.36 5.30 50.97
CA LYS T 2 80.07 5.91 50.80
C LYS T 2 80.20 6.65 49.47
N LYS T 3 79.36 6.28 48.52
CA LYS T 3 79.31 6.86 47.18
C LYS T 3 79.15 8.37 47.20
N VAL T 4 79.99 9.05 46.42
CA VAL T 4 79.93 10.51 46.34
C VAL T 4 79.55 10.90 44.90
N LEU T 5 78.63 11.84 44.77
CA LEU T 5 78.18 12.27 43.44
C LEU T 5 78.17 13.78 43.30
N THR T 6 78.19 14.25 42.05
CA THR T 6 78.16 15.69 41.78
C THR T 6 77.02 16.01 40.82
N GLY T 7 76.27 17.05 41.16
CA GLY T 7 75.15 17.43 40.32
C GLY T 7 74.76 18.86 40.58
N VAL T 8 73.61 19.26 40.07
CA VAL T 8 73.15 20.63 40.26
C VAL T 8 71.87 20.63 41.02
N VAL T 9 71.66 21.69 41.78
CA VAL T 9 70.44 21.82 42.57
C VAL T 9 69.40 22.40 41.62
N VAL T 10 68.46 21.57 41.20
CA VAL T 10 67.44 22.04 40.29
C VAL T 10 66.18 22.44 41.05
N SER T 11 66.17 22.21 42.36
CA SER T 11 65.01 22.57 43.16
C SER T 11 65.31 22.84 44.64
N ASP T 12 64.82 23.98 45.10
CA ASP T 12 65.00 24.42 46.48
C ASP T 12 63.62 24.62 47.10
N LYS T 13 62.62 23.97 46.52
CA LYS T 13 61.25 24.10 46.97
C LYS T 13 60.83 23.37 48.25
N MET T 14 61.73 22.59 48.84
CA MET T 14 61.38 21.87 50.06
C MET T 14 62.17 22.36 51.26
N GLN T 15 61.72 21.94 52.44
CA GLN T 15 62.36 22.31 53.70
C GLN T 15 63.54 21.38 54.00
N LYS T 16 64.70 21.96 54.28
CA LYS T 16 65.93 21.21 54.58
C LYS T 16 66.29 20.14 53.55
N THR T 17 65.69 20.24 52.36
CA THR T 17 65.95 19.27 51.31
C THR T 17 66.15 19.97 49.97
N VAL T 18 66.97 19.39 49.10
CA VAL T 18 67.18 19.96 47.76
C VAL T 18 67.22 18.84 46.73
N THR T 19 66.89 19.18 45.48
CA THR T 19 66.90 18.20 44.41
C THR T 19 68.14 18.37 43.57
N VAL T 20 69.05 17.43 43.68
CA VAL T 20 70.28 17.47 42.91
C VAL T 20 70.15 16.59 41.68
N LEU T 21 70.50 17.16 40.53
CA LEU T 21 70.39 16.46 39.27
C LEU T 21 71.77 15.98 38.80
N VAL T 22 72.10 14.75 39.19
CA VAL T 22 73.37 14.12 38.87
C VAL T 22 73.43 13.56 37.45
N GLU T 23 74.37 14.03 36.63
CA GLU T 23 74.48 13.53 35.26
C GLU T 23 75.45 12.33 35.22
N ARG T 24 75.30 11.46 34.23
CA ARG T 24 76.13 10.27 34.12
C ARG T 24 76.38 9.89 32.68
N GLN T 25 77.51 9.27 32.39
CA GLN T 25 77.81 8.85 31.01
C GLN T 25 78.30 7.43 30.97
N PHE T 26 78.30 6.83 29.79
CA PHE T 26 78.76 5.46 29.65
C PHE T 26 78.50 4.94 28.27
N PRO T 27 79.14 3.85 27.91
CA PRO T 27 78.99 3.23 26.59
C PRO T 27 77.81 2.31 26.53
N HIS T 28 77.01 2.50 25.51
CA HIS T 28 75.85 1.67 25.30
C HIS T 28 76.34 0.23 25.24
N PRO T 29 75.73 -0.66 26.03
CA PRO T 29 76.12 -2.07 26.05
C PRO T 29 76.18 -2.78 24.70
N LEU T 30 75.37 -2.36 23.71
CA LEU T 30 75.45 -3.03 22.42
C LEU T 30 75.93 -2.17 21.25
N TYR T 31 75.54 -0.90 21.23
CA TYR T 31 75.95 -0.01 20.14
C TYR T 31 77.16 0.84 20.48
N GLY T 32 77.71 0.61 21.66
CA GLY T 32 78.90 1.31 22.09
C GLY T 32 79.01 2.82 22.20
N LYS T 33 78.25 3.59 21.43
CA LYS T 33 78.40 5.04 21.57
C LYS T 33 78.20 5.49 23.02
N VAL T 34 78.86 6.56 23.41
CA VAL T 34 78.72 7.06 24.77
C VAL T 34 77.41 7.83 24.89
N ILE T 35 76.48 7.27 25.64
CA ILE T 35 75.19 7.91 25.83
C ILE T 35 75.26 8.61 27.16
N LYS T 36 74.29 9.45 27.47
CA LYS T 36 74.33 10.18 28.71
C LYS T 36 72.96 10.32 29.35
N ARG T 37 72.75 9.61 30.45
CA ARG T 37 71.49 9.64 31.17
C ARG T 37 71.65 10.54 32.40
N SER T 38 70.59 10.67 33.20
CA SER T 38 70.69 11.51 34.39
C SER T 38 69.57 11.18 35.38
N LYS T 39 69.86 11.38 36.67
CA LYS T 39 68.93 11.05 37.74
C LYS T 39 68.88 12.14 38.80
N LYS T 40 67.71 12.33 39.42
CA LYS T 40 67.56 13.35 40.46
C LYS T 40 67.58 12.71 41.83
N TYR T 41 68.38 13.28 42.73
CA TYR T 41 68.47 12.80 44.10
C TYR T 41 67.99 13.89 45.06
N LEU T 42 67.26 13.51 46.10
CA LEU T 42 66.83 14.48 47.08
C LEU T 42 67.88 14.41 48.17
N ALA T 43 68.59 15.52 48.36
CA ALA T 43 69.65 15.58 49.35
C ALA T 43 69.27 16.45 50.53
N HIS T 44 69.79 16.06 51.69
CA HIS T 44 69.50 16.77 52.92
C HIS T 44 70.30 18.05 53.07
N ASP T 45 69.59 19.17 53.24
CA ASP T 45 70.19 20.48 53.40
C ASP T 45 69.66 21.14 54.67
N PRO T 46 70.19 20.75 55.84
CA PRO T 46 69.79 21.26 57.15
C PRO T 46 69.84 22.78 57.28
N GLU T 47 71.03 23.33 57.03
CA GLU T 47 71.26 24.76 57.12
C GLU T 47 70.48 25.54 56.06
N GLU T 48 69.80 24.83 55.16
CA GLU T 48 69.05 25.48 54.08
C GLU T 48 70.04 26.31 53.29
N LYS T 49 71.31 25.92 53.42
CA LYS T 49 72.45 26.56 52.79
C LYS T 49 72.39 26.64 51.27
N TYR T 50 72.52 25.49 50.62
CA TYR T 50 72.53 25.39 49.16
C TYR T 50 71.31 25.96 48.46
N LYS T 51 71.60 26.77 47.44
CA LYS T 51 70.57 27.45 46.66
C LYS T 51 70.46 26.97 45.21
N LEU T 52 69.32 27.27 44.60
CA LEU T 52 69.04 26.89 43.22
C LEU T 52 70.09 27.35 42.23
N GLY T 53 70.81 26.40 41.65
CA GLY T 53 71.85 26.74 40.69
C GLY T 53 73.22 26.28 41.12
N ASP T 54 73.34 25.88 42.38
CA ASP T 54 74.61 25.40 42.94
C ASP T 54 75.02 24.01 42.45
N VAL T 55 76.30 23.81 42.28
CA VAL T 55 76.81 22.50 41.90
C VAL T 55 77.28 21.95 43.23
N VAL T 56 76.82 20.76 43.58
CA VAL T 56 77.21 20.18 44.85
C VAL T 56 77.68 18.74 44.77
N GLU T 57 78.32 18.29 45.85
CA GLU T 57 78.77 16.91 45.96
C GLU T 57 77.82 16.25 46.96
N ILE T 58 77.20 15.17 46.50
CA ILE T 58 76.26 14.40 47.28
C ILE T 58 77.03 13.22 47.87
N ILE T 59 76.62 12.79 49.06
CA ILE T 59 77.31 11.70 49.72
C ILE T 59 76.31 10.68 50.26
N GLU T 60 76.58 9.40 50.00
CA GLU T 60 75.70 8.33 50.47
C GLU T 60 75.59 8.45 51.98
N SER T 61 74.35 8.50 52.48
CA SER T 61 74.14 8.63 53.91
C SER T 61 73.12 7.66 54.43
N ARG T 62 72.83 7.78 55.73
CA ARG T 62 71.84 6.95 56.39
C ARG T 62 70.50 7.57 56.04
N PRO T 63 69.47 6.74 55.77
CA PRO T 63 68.18 7.31 55.42
C PRO T 63 67.78 8.48 56.32
N ILE T 64 67.20 9.50 55.70
CA ILE T 64 66.75 10.70 56.38
C ILE T 64 65.24 10.76 56.27
N SER T 65 64.74 10.25 55.16
CA SER T 65 63.31 10.20 54.89
C SER T 65 63.15 9.10 53.85
N LYS T 66 61.92 8.85 53.42
CA LYS T 66 61.67 7.86 52.39
C LYS T 66 62.14 8.52 51.12
N ARG T 67 62.84 7.82 50.25
CA ARG T 67 63.27 8.53 49.05
C ARG T 67 64.13 9.72 49.47
N LYS T 68 65.29 9.44 50.06
CA LYS T 68 66.22 10.47 50.54
C LYS T 68 67.31 9.76 51.36
N ARG T 69 68.40 9.46 50.67
CA ARG T 69 69.55 8.76 51.24
C ARG T 69 70.85 9.47 50.87
N PHE T 70 70.82 10.80 50.77
CA PHE T 70 72.03 11.54 50.42
C PHE T 70 72.08 12.90 51.14
N ARG T 71 73.29 13.29 51.51
CA ARG T 71 73.49 14.57 52.18
C ARG T 71 74.44 15.41 51.34
N VAL T 72 74.20 16.72 51.31
CA VAL T 72 75.03 17.60 50.54
C VAL T 72 76.39 17.68 51.18
N LEU T 73 77.35 16.96 50.62
CA LEU T 73 78.70 16.96 51.15
C LEU T 73 79.27 18.36 51.10
N ARG T 74 79.27 18.96 49.93
CA ARG T 74 79.81 20.31 49.78
C ARG T 74 79.51 21.00 48.45
N LEU T 75 79.89 22.28 48.39
CA LEU T 75 79.65 23.09 47.21
C LEU T 75 80.88 23.08 46.31
N VAL T 76 80.67 22.82 45.02
CA VAL T 76 81.77 22.78 44.06
C VAL T 76 81.92 24.09 43.28
N GLU T 77 80.80 24.68 42.91
CA GLU T 77 80.82 25.95 42.20
C GLU T 77 79.41 26.52 42.29
N SER T 78 79.32 27.75 42.77
CA SER T 78 78.04 28.42 42.95
C SER T 78 77.46 28.91 41.63
N GLY T 79 76.21 29.38 41.72
CA GLY T 79 75.48 29.92 40.58
C GLY T 79 75.86 29.50 39.17
N ARG T 80 74.84 29.05 38.44
CA ARG T 80 74.97 28.63 37.06
C ARG T 80 73.69 27.95 36.59
N MET T 81 72.71 28.82 36.35
CA MET T 81 71.38 28.44 35.92
C MET T 81 71.36 27.88 34.50
N ASP T 82 72.45 28.04 33.78
CA ASP T 82 72.51 27.53 32.43
C ASP T 82 72.10 26.06 32.43
N LEU T 83 72.35 25.39 33.56
CA LEU T 83 72.00 23.98 33.71
C LEU T 83 70.56 23.80 34.17
N VAL T 84 70.18 24.56 35.19
CA VAL T 84 68.82 24.49 35.69
C VAL T 84 67.89 24.69 34.49
N GLU T 85 68.27 25.58 33.58
CA GLU T 85 67.49 25.88 32.38
C GLU T 85 67.14 24.63 31.58
N LYS T 86 68.16 23.89 31.17
CA LYS T 86 67.95 22.67 30.41
C LYS T 86 66.87 21.87 31.11
N TYR T 87 67.13 21.54 32.37
CA TYR T 87 66.18 20.77 33.18
C TYR T 87 64.76 21.36 33.16
N LEU T 88 64.63 22.66 33.38
CA LEU T 88 63.29 23.28 33.39
C LEU T 88 62.64 23.28 32.02
N ILE T 89 63.41 23.69 31.02
CA ILE T 89 62.93 23.74 29.65
C ILE T 89 62.43 22.36 29.25
N ARG T 90 63.12 21.32 29.70
CA ARG T 90 62.73 19.96 29.36
C ARG T 90 61.43 19.62 30.08
N ARG T 91 61.27 20.12 31.30
CA ARG T 91 60.05 19.85 32.04
C ARG T 91 58.90 20.55 31.32
N GLN T 92 59.22 21.69 30.71
CA GLN T 92 58.24 22.49 29.99
C GLN T 92 57.65 21.81 28.75
N ASN T 93 58.48 21.06 28.02
CA ASN T 93 57.98 20.37 26.83
C ASN T 93 56.98 19.32 27.26
N TYR T 94 57.17 18.77 28.45
CA TYR T 94 56.26 17.77 28.97
C TYR T 94 54.87 18.38 29.02
N GLN T 95 54.83 19.67 29.36
CA GLN T 95 53.60 20.45 29.48
C GLN T 95 52.77 20.32 28.22
N SER T 96 53.02 19.26 27.47
CA SER T 96 52.31 19.05 26.23
C SER T 96 52.43 17.62 25.73
N LEU T 97 52.97 17.44 24.52
CA LEU T 97 53.11 16.12 23.91
C LEU T 97 52.19 15.04 24.51
N SER T 98 50.89 15.37 24.63
CA SER T 98 49.89 14.45 25.20
C SER T 98 48.59 14.35 24.40
N LYS T 99 47.87 15.47 24.35
CA LYS T 99 46.61 15.61 23.60
C LYS T 99 46.73 16.93 22.85
N ARG T 100 47.77 17.70 23.21
CA ARG T 100 48.06 19.00 22.59
C ARG T 100 49.39 18.95 21.83
N GLY T 101 50.48 19.22 22.53
CA GLY T 101 51.80 19.19 21.91
C GLY T 101 52.80 20.20 22.45
N GLY T 102 54.06 19.79 22.59
CA GLY T 102 55.09 20.68 23.13
C GLY T 102 55.69 21.73 22.21
N LYS T 103 55.63 23.00 22.62
CA LYS T 103 56.14 24.13 21.83
C LYS T 103 57.41 23.93 21.00
N ALA T 104 58.36 24.86 21.11
CA ALA T 104 59.61 24.80 20.36
C ALA T 104 60.27 26.17 20.33
N PRO U 1 64.61 30.93 -42.78
CA PRO U 1 66.02 31.32 -42.54
C PRO U 1 66.12 32.48 -41.54
N SER U 2 65.41 33.56 -41.84
CA SER U 2 65.39 34.77 -41.01
C SER U 2 66.74 35.47 -41.04
N ARG U 3 67.33 35.56 -42.23
CA ARG U 3 68.62 36.22 -42.40
C ARG U 3 68.49 37.41 -43.35
N LYS U 4 67.57 38.30 -43.02
CA LYS U 4 67.31 39.49 -43.82
C LYS U 4 68.16 40.65 -43.33
N ALA U 5 68.19 40.85 -42.02
CA ALA U 5 68.98 41.91 -41.39
C ALA U 5 68.56 42.06 -39.94
N LYS U 6 69.53 42.12 -39.03
CA LYS U 6 69.23 42.29 -37.62
C LYS U 6 68.83 43.74 -37.36
N VAL U 7 67.65 43.93 -36.78
CA VAL U 7 67.14 45.27 -36.49
C VAL U 7 68.17 46.11 -35.72
N LYS U 8 68.98 45.46 -34.89
CA LYS U 8 70.00 46.12 -34.10
C LYS U 8 71.08 46.74 -34.99
N ALA U 9 71.68 45.91 -35.84
CA ALA U 9 72.73 46.37 -36.75
C ALA U 9 72.23 47.50 -37.62
N THR U 10 71.04 47.32 -38.18
CA THR U 10 70.41 48.32 -39.04
C THR U 10 69.91 49.45 -38.15
N LEU U 11 70.83 50.10 -37.44
CA LEU U 11 70.45 51.17 -36.53
C LEU U 11 71.64 51.72 -35.71
N GLY U 12 71.39 52.80 -34.97
CA GLY U 12 72.44 53.41 -34.19
C GLY U 12 72.50 53.02 -32.72
N GLU U 13 73.20 53.83 -31.92
CA GLU U 13 73.34 53.58 -30.49
C GLU U 13 72.17 54.22 -29.76
N PHE U 14 71.18 53.40 -29.39
CA PHE U 14 70.00 53.91 -28.72
C PHE U 14 69.88 53.47 -27.28
N ASP U 15 69.08 54.22 -26.53
CA ASP U 15 68.85 53.93 -25.12
C ASP U 15 67.66 53.01 -24.99
N LEU U 16 67.94 51.71 -24.94
CA LEU U 16 66.89 50.71 -24.83
C LEU U 16 65.86 50.99 -23.73
N ARG U 17 66.21 51.89 -22.81
CA ARG U 17 65.33 52.22 -21.69
C ARG U 17 64.32 53.33 -22.03
N ASP U 18 64.61 54.10 -23.06
CA ASP U 18 63.75 55.21 -23.49
C ASP U 18 62.43 54.77 -24.11
N TYR U 19 61.34 55.03 -23.38
CA TYR U 19 60.02 54.64 -23.84
C TYR U 19 59.27 55.64 -24.70
N ARG U 20 59.97 56.62 -25.26
CA ARG U 20 59.31 57.62 -26.09
C ARG U 20 59.89 57.74 -27.48
N ASN U 21 60.98 57.04 -27.75
CA ASN U 21 61.62 57.10 -29.05
C ASN U 21 60.86 56.27 -30.08
N VAL U 22 59.61 56.68 -30.33
CA VAL U 22 58.74 56.00 -31.28
C VAL U 22 59.53 55.73 -32.56
N GLU U 23 60.41 56.66 -32.87
CA GLU U 23 61.23 56.59 -34.06
C GLU U 23 61.98 55.26 -34.13
N VAL U 24 62.74 54.97 -33.09
CA VAL U 24 63.52 53.75 -33.05
C VAL U 24 62.73 52.52 -32.58
N LEU U 25 62.00 52.66 -31.47
CA LEU U 25 61.21 51.55 -30.94
C LEU U 25 60.39 50.84 -32.02
N LYS U 26 59.64 51.63 -32.78
CA LYS U 26 58.80 51.15 -33.87
C LYS U 26 59.54 50.16 -34.78
N ARG U 27 60.86 50.23 -34.73
CA ARG U 27 61.73 49.36 -35.52
C ARG U 27 61.69 47.88 -35.11
N PHE U 28 61.45 47.63 -33.82
CA PHE U 28 61.42 46.27 -33.29
C PHE U 28 60.05 45.63 -33.32
N LEU U 29 59.12 46.21 -34.06
CA LEU U 29 57.79 45.64 -34.12
C LEU U 29 57.53 44.92 -35.44
N SER U 30 56.81 43.81 -35.35
CA SER U 30 56.50 43.04 -36.55
C SER U 30 55.65 43.90 -37.45
N GLU U 31 55.16 43.31 -38.53
CA GLU U 31 54.29 44.01 -39.46
C GLU U 31 52.95 44.16 -38.73
N THR U 32 53.00 43.91 -37.43
CA THR U 32 51.88 44.00 -36.51
C THR U 32 52.47 44.59 -35.22
N GLY U 33 51.63 44.94 -34.26
CA GLY U 33 52.17 45.53 -33.04
C GLY U 33 53.07 44.59 -32.26
N LYS U 34 53.21 43.36 -32.76
CA LYS U 34 54.01 42.34 -32.11
C LYS U 34 55.49 42.69 -32.01
N ILE U 35 56.06 42.33 -30.86
CA ILE U 35 57.47 42.54 -30.59
C ILE U 35 58.24 41.42 -31.26
N LEU U 36 59.26 41.77 -32.03
CA LEU U 36 60.03 40.77 -32.73
C LEU U 36 60.90 39.93 -31.81
N PRO U 37 61.17 38.68 -32.21
CA PRO U 37 61.98 37.71 -31.47
C PRO U 37 63.44 38.14 -31.60
N ARG U 38 64.30 37.64 -30.73
CA ARG U 38 65.70 38.02 -30.80
C ARG U 38 66.28 37.62 -32.15
N ARG U 39 65.73 36.56 -32.75
CA ARG U 39 66.19 36.09 -34.04
C ARG U 39 66.25 37.27 -35.01
N ARG U 40 65.27 38.17 -34.91
CA ARG U 40 65.16 39.31 -35.80
C ARG U 40 65.56 40.63 -35.16
N THR U 41 65.47 40.74 -33.84
CA THR U 41 65.87 41.99 -33.20
C THR U 41 67.37 42.05 -33.00
N GLY U 42 68.05 40.92 -33.18
CA GLY U 42 69.49 40.90 -33.00
C GLY U 42 69.94 41.37 -31.62
N LEU U 43 69.00 41.54 -30.70
CA LEU U 43 69.34 41.95 -29.36
C LEU U 43 69.74 40.70 -28.58
N SER U 44 70.17 40.90 -27.33
CA SER U 44 70.58 39.80 -26.48
C SER U 44 69.49 39.55 -25.45
N GLY U 45 69.62 38.45 -24.72
CA GLY U 45 68.64 38.12 -23.71
C GLY U 45 68.35 39.30 -22.82
N LYS U 46 69.40 39.94 -22.31
CA LYS U 46 69.22 41.07 -21.42
C LYS U 46 68.65 42.29 -22.14
N GLU U 47 69.27 42.68 -23.25
CA GLU U 47 68.80 43.83 -24.00
C GLU U 47 67.32 43.62 -24.36
N GLN U 48 67.05 42.53 -25.04
CA GLN U 48 65.71 42.14 -25.49
C GLN U 48 64.68 42.14 -24.37
N ARG U 49 65.15 41.88 -23.16
CA ARG U 49 64.25 41.84 -22.03
C ARG U 49 63.86 43.24 -21.57
N ILE U 50 64.75 44.20 -21.82
CA ILE U 50 64.53 45.59 -21.44
C ILE U 50 63.67 46.26 -22.49
N LEU U 51 63.83 45.83 -23.73
CA LEU U 51 63.06 46.38 -24.84
C LEU U 51 61.60 46.19 -24.55
N ALA U 52 61.23 44.95 -24.28
CA ALA U 52 59.84 44.59 -24.00
C ALA U 52 59.14 45.58 -23.08
N LYS U 53 59.74 45.86 -21.92
CA LYS U 53 59.13 46.78 -20.98
C LYS U 53 58.95 48.15 -21.61
N THR U 54 59.95 48.57 -22.37
CA THR U 54 59.92 49.86 -23.06
C THR U 54 58.83 49.87 -24.12
N ILE U 55 58.82 48.86 -24.99
CA ILE U 55 57.81 48.78 -26.02
C ILE U 55 56.41 48.68 -25.43
N LYS U 56 56.30 48.10 -24.23
CA LYS U 56 55.00 47.98 -23.59
C LYS U 56 54.60 49.33 -22.99
N ARG U 57 55.55 49.99 -22.34
CA ARG U 57 55.30 51.31 -21.76
C ARG U 57 54.81 52.24 -22.85
N ALA U 58 55.50 52.19 -23.98
CA ALA U 58 55.17 53.03 -25.13
C ALA U 58 53.78 52.75 -25.67
N ARG U 59 53.32 51.51 -25.46
CA ARG U 59 51.99 51.13 -25.94
C ARG U 59 50.93 51.81 -25.09
N ILE U 60 51.09 51.77 -23.77
CA ILE U 60 50.12 52.42 -22.91
C ILE U 60 49.99 53.91 -23.28
N LEU U 61 51.12 54.61 -23.35
CA LEU U 61 51.11 56.03 -23.69
C LEU U 61 50.43 56.33 -25.01
N GLY U 62 50.22 55.29 -25.82
CA GLY U 62 49.56 55.47 -27.11
C GLY U 62 50.52 55.72 -28.27
N LEU U 63 51.82 55.75 -27.99
CA LEU U 63 52.80 55.99 -29.03
C LEU U 63 52.99 54.77 -29.92
N LEU U 64 52.98 53.59 -29.32
CA LEU U 64 53.14 52.34 -30.06
C LEU U 64 51.86 51.52 -30.01
N PRO U 65 51.58 50.77 -31.08
CA PRO U 65 50.40 49.92 -31.20
C PRO U 65 50.48 48.64 -30.38
N PHE U 66 49.34 48.00 -30.20
CA PHE U 66 49.32 46.74 -29.49
C PHE U 66 49.26 45.68 -30.58
N THR U 67 48.55 46.01 -31.66
CA THR U 67 48.40 45.08 -32.78
C THR U 67 47.89 45.75 -34.04
N GLU U 68 48.43 45.36 -35.19
CA GLU U 68 48.04 45.91 -36.48
C GLU U 68 47.47 44.82 -37.41
N LYS U 69 46.68 45.23 -38.40
CA LYS U 69 46.08 44.31 -39.35
C LYS U 69 47.08 43.88 -40.43
N LEU U 70 46.92 42.66 -40.94
CA LEU U 70 47.82 42.15 -41.97
C LEU U 70 47.29 42.44 -43.37
N VAL U 71 48.18 42.92 -44.24
CA VAL U 71 47.82 43.25 -45.62
C VAL U 71 48.41 42.27 -46.63
N ARG U 72 47.54 41.79 -47.53
CA ARG U 72 47.85 40.81 -48.58
C ARG U 72 46.92 39.62 -48.34
N LYS U 73 47.50 38.47 -48.00
CA LYS U 73 46.74 37.26 -47.72
C LYS U 73 45.91 36.75 -48.91
N PRO V 1 7.01 -49.77 -66.83
CA PRO V 1 7.79 -50.13 -68.03
C PRO V 1 8.92 -51.11 -67.71
N ARG V 2 8.60 -52.12 -66.91
CA ARG V 2 9.56 -53.15 -66.47
C ARG V 2 10.01 -54.04 -67.64
N SER V 3 10.97 -54.93 -67.39
CA SER V 3 11.48 -55.80 -68.47
C SER V 3 12.60 -56.78 -68.14
N LEU V 4 12.39 -58.04 -68.52
CA LEU V 4 13.38 -59.09 -68.32
C LEU V 4 13.90 -59.59 -69.67
N LYS V 5 12.99 -59.79 -70.62
CA LYS V 5 13.29 -60.25 -71.99
C LYS V 5 12.54 -61.50 -72.43
N LYS V 6 13.32 -62.58 -72.60
CA LYS V 6 12.83 -63.88 -73.01
C LYS V 6 13.26 -64.97 -72.01
N GLY V 7 12.35 -65.31 -71.09
CA GLY V 7 12.66 -66.32 -70.10
C GLY V 7 12.25 -65.95 -68.67
N VAL V 8 10.98 -65.54 -68.49
CA VAL V 8 10.45 -65.15 -67.17
C VAL V 8 11.11 -65.92 -66.03
N PHE V 9 11.99 -65.26 -65.28
CA PHE V 9 12.69 -65.93 -64.20
C PHE V 9 11.87 -66.20 -62.93
N VAL V 10 12.09 -67.38 -62.36
CA VAL V 10 11.44 -67.84 -61.14
C VAL V 10 12.33 -68.88 -60.49
N ASP V 11 12.85 -68.59 -59.30
CA ASP V 11 13.70 -69.56 -58.60
C ASP V 11 12.91 -70.83 -58.42
N ASP V 12 13.54 -71.97 -58.66
CA ASP V 12 12.85 -73.25 -58.53
C ASP V 12 12.91 -73.87 -57.13
N HIS V 13 12.99 -73.02 -56.10
CA HIS V 13 12.99 -73.52 -54.73
C HIS V 13 11.52 -73.74 -54.46
N LEU V 14 10.77 -72.68 -54.70
CA LEU V 14 9.33 -72.63 -54.52
C LEU V 14 8.58 -73.13 -55.74
N LEU V 15 9.20 -72.99 -56.91
CA LEU V 15 8.56 -73.43 -58.14
C LEU V 15 8.29 -74.92 -58.07
N GLU V 16 9.34 -75.72 -58.20
CA GLU V 16 9.17 -77.17 -58.14
C GLU V 16 8.61 -77.60 -56.79
N LYS V 17 8.47 -76.66 -55.87
CA LYS V 17 7.92 -76.96 -54.54
C LYS V 17 6.46 -76.53 -54.48
N VAL V 18 6.07 -75.66 -55.39
CA VAL V 18 4.69 -75.18 -55.42
C VAL V 18 3.84 -76.09 -56.29
N LEU V 19 4.39 -76.53 -57.42
CA LEU V 19 3.66 -77.41 -58.32
C LEU V 19 3.56 -78.82 -57.76
N GLU V 20 4.48 -79.19 -56.88
CA GLU V 20 4.43 -80.52 -56.28
C GLU V 20 3.16 -80.54 -55.45
N LEU V 21 2.79 -79.37 -54.94
CA LEU V 21 1.59 -79.23 -54.13
C LEU V 21 0.37 -79.13 -55.03
N ASN V 22 0.62 -78.93 -56.33
CA ASN V 22 -0.46 -78.83 -57.31
C ASN V 22 -0.97 -80.24 -57.59
N ALA V 23 -0.16 -81.23 -57.25
CA ALA V 23 -0.53 -82.63 -57.45
C ALA V 23 -1.60 -83.04 -56.45
N LYS V 24 -1.44 -82.61 -55.20
CA LYS V 24 -2.41 -82.92 -54.13
C LYS V 24 -3.36 -81.73 -53.96
N GLY V 25 -3.42 -80.89 -55.00
CA GLY V 25 -4.28 -79.72 -54.94
C GLY V 25 -3.46 -78.49 -54.60
N GLU V 26 -3.42 -78.16 -53.31
CA GLU V 26 -2.65 -77.00 -52.84
C GLU V 26 -1.87 -77.41 -51.60
N LYS V 27 -2.07 -76.67 -50.53
CA LYS V 27 -1.41 -76.93 -49.25
C LYS V 27 -1.81 -75.84 -48.28
N ARG V 28 -1.02 -75.70 -47.21
CA ARG V 28 -1.27 -74.69 -46.19
C ARG V 28 0.04 -74.00 -45.83
N LEU V 29 0.42 -73.02 -46.65
CA LEU V 29 1.65 -72.23 -46.48
C LEU V 29 2.85 -72.68 -47.27
N ILE V 30 3.83 -71.78 -47.30
CA ILE V 30 5.11 -71.95 -47.97
C ILE V 30 5.93 -70.88 -47.27
N LYS V 31 7.13 -70.63 -47.76
CA LYS V 31 8.02 -69.61 -47.21
C LYS V 31 9.34 -69.68 -47.94
N THR V 32 9.62 -68.67 -48.75
CA THR V 32 10.86 -68.65 -49.50
C THR V 32 11.55 -67.32 -49.35
N TRP V 33 12.87 -67.32 -49.52
CA TRP V 33 13.66 -66.11 -49.44
C TRP V 33 13.81 -65.60 -50.86
N SER V 34 13.20 -66.33 -51.80
CA SER V 34 13.28 -65.98 -53.21
C SER V 34 12.26 -64.92 -53.62
N ARG V 35 12.40 -63.72 -53.07
CA ARG V 35 11.50 -62.63 -53.42
C ARG V 35 11.93 -62.14 -54.80
N ARG V 36 13.03 -62.72 -55.28
CA ARG V 36 13.62 -62.40 -56.58
C ARG V 36 12.82 -62.99 -57.74
N SER V 37 11.95 -63.94 -57.43
CA SER V 37 11.17 -64.63 -58.46
C SER V 37 9.86 -64.02 -58.91
N THR V 38 9.60 -64.16 -60.22
CA THR V 38 8.39 -63.67 -60.85
C THR V 38 7.28 -64.62 -60.44
N ILE V 39 6.02 -64.21 -60.59
CA ILE V 39 4.92 -65.09 -60.23
C ILE V 39 4.25 -65.67 -61.46
N VAL V 40 4.08 -66.98 -61.45
CA VAL V 40 3.45 -67.70 -62.54
C VAL V 40 2.09 -68.23 -62.07
N PRO V 41 1.15 -68.43 -63.01
CA PRO V 41 -0.20 -68.92 -62.72
C PRO V 41 -0.26 -70.00 -61.65
N GLU V 42 0.53 -71.05 -61.81
CA GLU V 42 0.57 -72.16 -60.86
C GLU V 42 0.64 -71.70 -59.41
N MET V 43 1.08 -70.46 -59.20
CA MET V 43 1.19 -69.91 -57.86
C MET V 43 -0.17 -69.43 -57.36
N VAL V 44 -1.01 -68.97 -58.29
CA VAL V 44 -2.34 -68.48 -57.95
C VAL V 44 -2.99 -69.38 -56.90
N GLY V 45 -3.96 -68.83 -56.18
CA GLY V 45 -4.64 -69.59 -55.15
C GLY V 45 -3.77 -69.87 -53.95
N HIS V 46 -2.49 -70.16 -54.19
CA HIS V 46 -1.57 -70.46 -53.11
C HIS V 46 -1.33 -69.32 -52.13
N THR V 47 -0.53 -69.57 -51.11
CA THR V 47 -0.25 -68.56 -50.10
C THR V 47 1.21 -68.65 -49.67
N ILE V 48 2.07 -67.98 -50.42
CA ILE V 48 3.49 -67.98 -50.12
C ILE V 48 3.86 -66.87 -49.14
N ALA V 49 4.65 -67.21 -48.14
CA ALA V 49 5.07 -66.22 -47.15
C ALA V 49 6.49 -65.75 -47.48
N VAL V 50 6.61 -64.49 -47.90
CA VAL V 50 7.90 -63.90 -48.27
C VAL V 50 8.66 -63.32 -47.08
N TYR V 51 9.96 -63.11 -47.28
CA TYR V 51 10.85 -62.60 -46.24
C TYR V 51 11.13 -61.09 -46.32
N ASN V 52 10.83 -60.38 -45.24
CA ASN V 52 11.07 -58.94 -45.13
C ASN V 52 12.57 -58.72 -45.23
N GLY V 53 13.27 -59.63 -44.58
CA GLY V 53 14.72 -59.58 -44.48
C GLY V 53 14.83 -59.71 -42.97
N LYS V 54 13.65 -59.98 -42.38
CA LYS V 54 13.48 -60.12 -40.94
C LYS V 54 12.28 -61.01 -40.60
N GLN V 55 11.23 -60.93 -41.39
CA GLN V 55 10.01 -61.71 -41.16
C GLN V 55 9.54 -62.50 -42.38
N HIS V 56 8.60 -63.40 -42.14
CA HIS V 56 8.02 -64.20 -43.19
C HIS V 56 6.55 -63.82 -43.28
N VAL V 57 6.24 -62.88 -44.16
CA VAL V 57 4.87 -62.41 -44.31
C VAL V 57 4.03 -63.22 -45.27
N PRO V 58 2.81 -63.60 -44.85
CA PRO V 58 1.85 -64.38 -45.62
C PRO V 58 1.23 -63.57 -46.77
N VAL V 59 1.51 -63.98 -48.00
CA VAL V 59 0.98 -63.29 -49.18
C VAL V 59 0.08 -64.19 -50.02
N TYR V 60 -1.22 -63.90 -50.03
CA TYR V 60 -2.16 -64.68 -50.82
C TYR V 60 -2.01 -64.24 -52.28
N ILE V 61 -1.58 -65.17 -53.13
CA ILE V 61 -1.36 -64.88 -54.54
C ILE V 61 -2.59 -65.09 -55.42
N THR V 62 -3.17 -63.98 -55.90
CA THR V 62 -4.35 -64.01 -56.75
C THR V 62 -3.96 -63.74 -58.20
N GLU V 63 -4.91 -63.93 -59.10
CA GLU V 63 -4.66 -63.71 -60.52
C GLU V 63 -4.18 -62.29 -60.81
N ASN V 64 -4.96 -61.31 -60.36
CA ASN V 64 -4.65 -59.89 -60.56
C ASN V 64 -3.19 -59.51 -60.31
N MET V 65 -2.50 -60.32 -59.51
CA MET V 65 -1.10 -60.04 -59.17
C MET V 65 -0.11 -61.07 -59.69
N VAL V 66 -0.39 -61.65 -60.87
CA VAL V 66 0.52 -62.65 -61.41
C VAL V 66 1.87 -62.09 -61.82
N GLY V 67 1.94 -61.51 -63.00
CA GLY V 67 3.19 -60.96 -63.51
C GLY V 67 4.18 -60.31 -62.54
N HIS V 68 3.71 -59.88 -61.37
CA HIS V 68 4.59 -59.22 -60.40
C HIS V 68 5.66 -60.13 -59.80
N LYS V 69 6.36 -59.66 -58.75
CA LYS V 69 7.43 -60.46 -58.16
C LYS V 69 7.47 -60.63 -56.64
N LEU V 70 6.51 -61.35 -56.09
CA LEU V 70 6.45 -61.65 -54.65
C LEU V 70 6.92 -60.54 -53.72
N GLY V 71 8.21 -60.21 -53.78
CA GLY V 71 8.75 -59.16 -52.93
C GLY V 71 7.93 -57.89 -52.99
N GLU V 72 7.32 -57.64 -54.14
CA GLU V 72 6.49 -56.45 -54.33
C GLU V 72 5.30 -56.50 -53.39
N PHE V 73 5.18 -57.57 -52.61
CA PHE V 73 4.04 -57.74 -51.70
C PHE V 73 4.50 -57.99 -50.27
N ALA V 74 5.80 -57.81 -50.05
CA ALA V 74 6.40 -57.98 -48.75
C ALA V 74 7.28 -56.78 -48.51
N PRO V 75 6.71 -55.71 -47.96
CA PRO V 75 7.42 -54.45 -47.66
C PRO V 75 8.66 -54.65 -46.80
N THR V 76 9.72 -53.91 -47.14
CA THR V 76 10.99 -53.99 -46.44
C THR V 76 11.11 -53.04 -45.26
N ARG V 77 11.16 -51.76 -45.58
CA ARG V 77 11.33 -50.72 -44.58
C ARG V 77 10.08 -50.41 -43.77
N THR V 78 10.27 -49.79 -42.61
CA THR V 78 9.18 -49.43 -41.75
C THR V 78 9.20 -47.89 -41.61
N TYR V 79 8.09 -47.24 -41.98
CA TYR V 79 8.00 -45.78 -41.93
C TYR V 79 6.71 -45.26 -41.28
N ARG V 80 6.78 -44.03 -40.74
CA ARG V 80 5.63 -43.40 -40.09
C ARG V 80 5.00 -44.40 -39.13
N ARG W 1 49.03 -37.31 63.29
CA ARG W 1 48.82 -36.13 64.17
C ARG W 1 49.89 -36.08 65.27
N ASN W 2 49.72 -35.13 66.18
CA ASN W 2 50.62 -34.97 67.32
C ASN W 2 52.11 -34.87 67.02
N LEU W 3 52.60 -33.63 66.94
CA LEU W 3 54.02 -33.37 66.73
C LEU W 3 54.37 -32.74 68.07
N SER W 4 54.53 -33.57 69.10
CA SER W 4 54.81 -33.13 70.45
C SER W 4 55.56 -31.82 70.64
N ALA W 5 56.18 -31.30 69.59
CA ALA W 5 56.84 -30.01 69.68
C ALA W 5 55.77 -28.89 69.59
N LEU W 6 54.56 -29.20 70.06
CA LEU W 6 53.46 -28.22 70.11
C LEU W 6 53.90 -27.38 71.28
N LYS W 7 54.61 -28.07 72.18
CA LYS W 7 55.20 -27.53 73.38
C LYS W 7 55.73 -26.12 73.10
N ARG W 8 56.30 -25.95 71.92
CA ARG W 8 56.84 -24.66 71.49
C ARG W 8 55.75 -23.59 71.53
N HIS W 9 54.61 -23.91 70.93
CA HIS W 9 53.52 -22.95 70.94
C HIS W 9 53.15 -22.71 72.39
N ARG W 10 53.01 -23.83 73.11
CA ARG W 10 52.67 -23.85 74.52
C ARG W 10 53.51 -22.83 75.30
N GLN W 11 54.81 -22.78 74.98
CA GLN W 11 55.73 -21.89 75.64
C GLN W 11 55.71 -20.50 75.07
N SER W 12 55.42 -20.39 73.77
CA SER W 12 55.37 -19.08 73.11
C SER W 12 54.36 -18.21 73.86
N LEU W 13 53.22 -18.81 74.15
CA LEU W 13 52.16 -18.11 74.85
C LEU W 13 52.62 -17.56 76.18
N LYS W 14 53.40 -18.34 76.91
CA LYS W 14 53.87 -17.86 78.21
C LYS W 14 54.74 -16.64 78.01
N ARG W 15 55.81 -16.85 77.25
CA ARG W 15 56.79 -15.82 76.94
C ARG W 15 56.06 -14.58 76.44
N ARG W 16 55.07 -14.79 75.57
CA ARG W 16 54.29 -13.69 75.05
C ARG W 16 53.74 -12.92 76.23
N LEU W 17 53.09 -13.63 77.15
CA LEU W 17 52.52 -12.99 78.31
C LEU W 17 53.58 -12.35 79.22
N ARG W 18 54.71 -13.02 79.38
CA ARG W 18 55.75 -12.48 80.24
C ARG W 18 56.29 -11.16 79.68
N ASN W 19 56.49 -11.12 78.36
CA ASN W 19 57.00 -9.93 77.68
C ASN W 19 56.00 -8.82 77.78
N LYS W 20 54.84 -9.07 77.20
CA LYS W 20 53.74 -8.13 77.20
C LYS W 20 53.65 -7.38 78.54
N ALA W 21 53.82 -8.12 79.63
CA ALA W 21 53.74 -7.58 80.98
C ALA W 21 54.89 -6.67 81.33
N LYS W 22 56.07 -6.95 80.81
CA LYS W 22 57.22 -6.10 81.11
C LYS W 22 57.05 -4.75 80.44
N LYS W 23 56.73 -4.81 79.16
CA LYS W 23 56.55 -3.61 78.36
C LYS W 23 55.47 -2.67 78.88
N SER W 24 54.30 -3.18 79.19
CA SER W 24 53.26 -2.28 79.68
C SER W 24 53.71 -1.52 80.92
N ALA W 25 54.48 -2.18 81.78
CA ALA W 25 54.99 -1.54 82.98
C ALA W 25 55.90 -0.41 82.53
N ILE W 26 56.75 -0.74 81.58
CA ILE W 26 57.69 0.20 80.99
C ILE W 26 56.99 1.46 80.50
N LYS W 27 56.04 1.28 79.58
CA LYS W 27 55.31 2.42 79.03
C LYS W 27 54.67 3.24 80.13
N THR W 28 53.94 2.58 81.02
CA THR W 28 53.28 3.29 82.11
C THR W 28 54.22 4.21 82.88
N LEU W 29 55.35 3.67 83.30
CA LEU W 29 56.32 4.45 84.04
C LEU W 29 56.91 5.56 83.17
N SER W 30 57.19 5.26 81.92
CA SER W 30 57.76 6.24 81.00
C SER W 30 56.90 7.49 80.95
N LYS W 31 55.61 7.32 80.64
CA LYS W 31 54.70 8.46 80.59
C LYS W 31 54.76 9.07 81.99
N LYS W 32 54.32 8.28 82.97
CA LYS W 32 54.31 8.65 84.37
C LYS W 32 55.40 9.68 84.61
N ALA W 33 56.61 9.36 84.21
CA ALA W 33 57.75 10.24 84.40
C ALA W 33 57.66 11.47 83.51
N VAL W 34 57.54 11.25 82.20
CA VAL W 34 57.45 12.34 81.23
C VAL W 34 56.39 13.35 81.67
N GLN W 35 55.27 12.83 82.15
CA GLN W 35 54.19 13.68 82.59
C GLN W 35 54.55 14.45 83.88
N LEU W 36 55.43 13.89 84.71
CA LEU W 36 55.83 14.60 85.92
C LEU W 36 56.76 15.72 85.57
N ALA W 37 57.71 15.43 84.68
CA ALA W 37 58.68 16.42 84.21
C ALA W 37 57.83 17.48 83.53
N GLN W 38 56.87 16.97 82.76
CA GLN W 38 55.90 17.78 82.04
C GLN W 38 55.42 18.91 82.94
N GLU W 39 54.76 18.54 84.04
CA GLU W 39 54.23 19.48 85.03
C GLU W 39 55.31 20.22 85.80
N GLY W 40 56.57 20.02 85.42
CA GLY W 40 57.67 20.70 86.09
C GLY W 40 58.18 20.15 87.42
N LYS W 41 57.54 19.14 87.99
CA LYS W 41 57.99 18.58 89.27
C LYS W 41 59.29 17.78 89.13
N ALA W 42 60.40 18.44 89.42
CA ALA W 42 61.73 17.85 89.31
C ALA W 42 61.91 16.49 89.97
N GLU W 43 62.10 16.48 91.29
CA GLU W 43 62.32 15.25 92.05
C GLU W 43 61.59 14.00 91.59
N GLU W 44 60.29 13.93 91.86
CA GLU W 44 59.53 12.74 91.48
C GLU W 44 59.57 12.40 89.99
N ALA W 45 59.78 13.40 89.14
CA ALA W 45 59.87 13.15 87.71
C ALA W 45 61.10 12.28 87.45
N LEU W 46 62.22 12.64 88.06
CA LEU W 46 63.44 11.87 87.88
C LEU W 46 63.33 10.52 88.58
N LYS W 47 62.90 10.55 89.85
CA LYS W 47 62.74 9.33 90.65
C LYS W 47 62.07 8.25 89.83
N ILE W 48 60.96 8.60 89.20
CA ILE W 48 60.25 7.65 88.37
C ILE W 48 61.07 7.31 87.14
N MET W 49 61.66 8.33 86.51
CA MET W 49 62.48 8.10 85.33
C MET W 49 63.48 6.96 85.60
N ARG W 50 64.22 7.05 86.72
CA ARG W 50 65.19 6.02 87.05
C ARG W 50 64.57 4.62 87.03
N LYS W 51 63.34 4.47 87.53
CA LYS W 51 62.69 3.16 87.51
C LYS W 51 62.53 2.76 86.06
N ALA W 52 61.97 3.67 85.27
CA ALA W 52 61.77 3.41 83.86
C ALA W 52 63.10 2.94 83.28
N GLU W 53 64.15 3.74 83.48
CA GLU W 53 65.46 3.37 82.97
C GLU W 53 65.80 1.94 83.37
N SER W 54 65.58 1.61 84.62
CA SER W 54 65.87 0.27 85.14
C SER W 54 65.08 -0.83 84.46
N LEU W 55 63.76 -0.73 84.52
CA LEU W 55 62.91 -1.73 83.90
C LEU W 55 63.32 -1.97 82.45
N ILE W 56 63.63 -0.89 81.75
CA ILE W 56 64.05 -0.99 80.37
C ILE W 56 65.30 -1.83 80.22
N ASP W 57 66.37 -1.47 80.94
CA ASP W 57 67.59 -2.23 80.82
C ASP W 57 67.43 -3.69 81.23
N LYS W 58 66.50 -3.96 82.14
CA LYS W 58 66.24 -5.31 82.58
C LYS W 58 65.44 -6.01 81.50
N ALA W 59 64.57 -5.26 80.84
CA ALA W 59 63.77 -5.83 79.78
C ALA W 59 64.73 -6.32 78.70
N ALA W 60 65.82 -5.59 78.52
CA ALA W 60 66.83 -5.93 77.53
C ALA W 60 67.75 -7.01 78.03
N LYS W 61 67.62 -7.34 79.31
CA LYS W 61 68.42 -8.38 79.97
C LYS W 61 68.06 -9.69 79.28
N GLY W 62 66.80 -10.08 79.40
CA GLY W 62 66.33 -11.27 78.73
C GLY W 62 65.94 -10.79 77.35
N SER W 63 65.19 -11.59 76.59
CA SER W 63 64.81 -11.17 75.25
C SER W 63 63.49 -10.42 75.12
N THR W 64 63.21 -9.46 75.98
CA THR W 64 61.96 -8.72 75.84
C THR W 64 62.24 -7.57 74.91
N LEU W 65 62.77 -6.48 75.45
CA LEU W 65 63.11 -5.33 74.64
C LEU W 65 64.30 -5.70 73.80
N HIS W 66 65.37 -6.06 74.49
CA HIS W 66 66.61 -6.47 73.84
C HIS W 66 67.17 -5.54 72.74
N LYS W 67 68.51 -5.46 72.72
CA LYS W 67 69.29 -4.67 71.77
C LYS W 67 69.32 -3.18 72.07
N ASN W 68 69.24 -2.42 70.98
CA ASN W 68 69.26 -0.97 70.96
C ASN W 68 67.84 -0.52 71.23
N ALA W 69 66.94 -1.50 71.29
CA ALA W 69 65.53 -1.24 71.59
C ALA W 69 65.54 -0.54 72.93
N ALA W 70 66.36 -1.07 73.83
CA ALA W 70 66.50 -0.51 75.17
C ALA W 70 67.10 0.89 75.08
N ALA W 71 68.18 1.01 74.31
CA ALA W 71 68.86 2.28 74.13
C ALA W 71 67.90 3.36 73.64
N ARG W 72 67.15 3.06 72.57
CA ARG W 72 66.19 4.02 72.03
C ARG W 72 65.26 4.52 73.12
N ARG W 73 64.68 3.58 73.86
CA ARG W 73 63.75 3.90 74.93
C ARG W 73 64.34 4.88 75.92
N LYS W 74 65.52 4.56 76.43
CA LYS W 74 66.17 5.42 77.41
C LYS W 74 66.40 6.83 76.88
N SER W 75 67.06 6.95 75.73
CA SER W 75 67.31 8.27 75.16
C SER W 75 66.03 9.08 74.93
N ARG W 76 65.06 8.51 74.22
CA ARG W 76 63.79 9.20 73.96
C ARG W 76 63.15 9.63 75.28
N LEU W 77 63.49 8.91 76.36
CA LEU W 77 62.96 9.17 77.70
C LEU W 77 63.69 10.30 78.44
N MET W 78 65.00 10.12 78.63
CA MET W 78 65.83 11.11 79.32
C MET W 78 65.77 12.44 78.58
N ARG W 79 65.60 12.36 77.26
CA ARG W 79 65.50 13.54 76.43
C ARG W 79 64.19 14.23 76.83
N LYS W 80 63.06 13.65 76.42
CA LYS W 80 61.75 14.21 76.74
C LYS W 80 61.72 14.77 78.15
N VAL W 81 62.24 14.03 79.12
CA VAL W 81 62.22 14.47 80.52
C VAL W 81 63.02 15.71 80.84
N ARG W 82 64.28 15.75 80.42
CA ARG W 82 65.12 16.91 80.70
C ARG W 82 64.58 18.18 80.03
N GLN W 83 64.07 18.03 78.82
CA GLN W 83 63.53 19.16 78.09
C GLN W 83 62.28 19.71 78.78
N LEU W 84 61.29 18.85 78.99
CA LEU W 84 60.06 19.27 79.65
C LEU W 84 60.40 19.92 80.99
N LEU W 85 61.55 19.54 81.53
CA LEU W 85 62.00 20.08 82.80
C LEU W 85 62.49 21.52 82.64
N GLU W 86 62.54 21.99 81.39
CA GLU W 86 62.94 23.37 81.11
C GLU W 86 61.63 24.16 81.24
N ALA W 87 61.33 24.48 82.49
CA ALA W 87 60.13 25.20 82.88
C ALA W 87 60.43 25.68 84.28
N ALA W 88 61.73 25.85 84.56
CA ALA W 88 62.28 26.27 85.85
C ALA W 88 62.57 25.00 86.63
N GLY W 89 62.92 23.96 85.89
CA GLY W 89 63.22 22.65 86.47
C GLY W 89 64.32 22.57 87.50
N ALA W 90 65.56 22.53 87.04
CA ALA W 90 66.69 22.40 87.95
C ALA W 90 66.61 20.96 88.44
N PRO W 91 67.20 20.01 87.68
CA PRO W 91 67.18 18.59 88.05
C PRO W 91 67.76 18.32 89.43
N LEU W 92 66.88 18.28 90.43
CA LEU W 92 67.30 18.01 91.80
C LEU W 92 68.01 16.66 91.88
N ILE W 93 67.21 15.61 92.03
CA ILE W 93 67.72 14.25 92.12
C ILE W 93 68.74 13.94 91.03
N GLY W 94 68.63 14.66 89.92
CA GLY W 94 69.53 14.47 88.80
C GLY W 94 69.82 13.01 88.55
N GLY W 95 68.91 12.14 88.97
CA GLY W 95 69.09 10.71 88.79
C GLY W 95 69.60 10.39 87.41
N GLY W 96 68.72 9.90 86.55
CA GLY W 96 69.13 9.56 85.20
C GLY W 96 69.39 10.83 84.41
N LEU W 97 70.30 11.67 84.90
CA LEU W 97 70.62 12.92 84.22
C LEU W 97 71.96 13.50 84.59
N SER W 98 72.94 13.31 83.70
CA SER W 98 74.27 13.84 83.91
C SER W 98 74.17 15.35 83.81
N ALA W 99 74.09 16.01 84.96
CA ALA W 99 73.99 17.47 84.98
C ALA W 99 75.32 18.08 84.59
CA LYS Z 1 31.79 42.34 6.29
CA LYS Z 2 33.25 41.48 9.70
CA TYR Z 3 36.96 41.69 8.91
CA ARG Z 4 38.37 45.23 8.89
CA PRO Z 5 35.50 47.42 7.70
CA TYR Z 6 33.34 46.43 10.67
CA THR Z 7 33.49 47.89 14.18
CA PRO Z 8 35.84 47.38 17.12
CA SER Z 9 34.28 43.99 17.89
CA ARG Z 10 33.24 40.64 16.42
CA ARG Z 11 30.61 37.90 16.55
CA GLN Z 12 30.03 37.91 20.31
CA MET Z 13 28.43 34.49 20.68
CA THR Z 14 26.93 33.83 24.11
CA THR Z 15 27.95 30.80 26.16
CA ALA Z 16 26.71 27.34 25.16
CA ASP Z 17 24.27 27.59 28.07
CA PHE Z 18 20.61 26.55 27.87
CA SER Z 19 19.79 27.50 24.27
CA GLY Z 20 22.49 30.15 24.54
CA LEU Z 21 23.36 31.88 21.27
CA THR Z 22 22.17 35.31 20.12
CA LYS Z 23 24.67 37.85 18.80
CA LYS Z 24 25.75 40.85 20.88
CA ARG Z 25 26.63 44.03 18.99
CA PRO Z 26 29.80 46.10 19.24
CA GLU Z 27 30.96 48.07 22.28
CA LYS Z 28 30.09 51.74 22.76
CA ALA Z 29 29.46 54.49 25.32
CA LEU Z 30 26.25 56.02 26.66
CA THR Z 31 25.83 59.53 25.26
CA GLU Z 32 22.57 61.38 24.54
CA ALA Z 33 21.63 64.85 23.33
CA LEU Z 34 18.03 65.45 22.26
CA PRO Z 35 15.40 62.76 22.81
CA LYS Z 36 11.67 62.74 22.11
CA THR Z 37 8.50 60.65 22.34
CA GLY Z 38 8.01 57.23 20.78
CA GLY Z 39 5.09 55.61 19.03
CA ARG Z 40 2.07 53.34 19.37
CA ASN Z 41 0.87 50.17 17.62
CA ASN Z 42 -2.76 51.22 17.20
CA ARG Z 43 -4.08 52.00 13.72
CA GLY Z 44 -6.34 54.94 14.49
CA ARG Z 45 -9.91 53.79 15.12
CA ILE Z 46 -9.17 50.25 13.92
CA THR Z 47 -5.95 48.29 14.42
CA SER Z 48 -4.75 46.90 11.09
CA ARG Z 49 -1.14 46.02 11.93
CA PHE Z 50 -0.18 42.53 13.10
CA ILE Z 51 3.29 43.07 14.56
CA GLY Z 52 4.33 45.78 17.00
CA GLY Z 53 5.56 44.48 20.32
CA GLY Z 54 5.38 46.26 23.65
CA HIS Z 55 8.81 47.75 24.31
CA LYS Z 56 10.32 51.23 24.44
CA ARG Z 57 11.29 53.38 21.45
CA LEU Z 58 12.78 56.85 21.04
CA TYR Z 59 12.09 59.13 18.08
CA ARG Z 60 15.24 60.90 16.85
CA ILE Z 61 15.12 63.83 14.41
CA ILE Z 62 17.92 63.25 11.91
CA ASP Z 63 19.06 65.84 9.38
CA PHE Z 64 19.96 63.54 6.47
CA LYS Z 65 20.03 66.75 4.43
CA ARG Z 66 23.07 68.69 3.23
CA ARG Z 67 21.80 72.05 1.99
CA ASP Z 68 20.83 74.06 5.07
CA LYS Z 69 24.42 73.83 6.32
CA SER Z 70 25.66 75.56 3.16
CA GLY Z 71 29.31 75.27 2.16
CA VAL Z 72 30.64 74.71 5.67
CA ASN Z 73 32.97 72.10 7.19
CA ALA Z 74 32.24 69.69 10.04
CA LYS Z 75 33.79 67.02 12.25
CA VAL Z 76 33.10 63.89 14.30
CA ALA Z 77 32.75 63.60 18.08
CA ALA Z 78 30.93 60.45 19.21
CA ILE Z 79 28.64 57.74 17.84
CA GLU Z 80 24.86 57.56 18.10
CA TYR Z 81 22.95 54.52 19.36
CA ASP Z 82 20.08 52.74 17.62
CA PRO Z 83 17.04 54.31 19.27
CA ASN Z 84 14.31 52.84 17.06
CA ARG Z 85 15.66 52.47 13.53
CA SER Z 86 18.68 50.42 12.43
CA ALA Z 87 21.83 51.53 10.61
CA ARG Z 88 24.76 53.09 12.49
CA ILE Z 89 24.41 56.82 13.13
CA ALA Z 90 27.00 59.00 14.85
CA LEU Z 91 26.29 61.89 17.21
CA LEU Z 92 29.11 63.94 15.69
CA HIS Z 93 29.29 67.37 17.33
CA TYR Z 94 29.43 69.51 14.19
CA ALA Z 95 30.35 73.19 14.25
CA ASP Z 96 28.04 76.16 13.67
CA GLY Z 97 26.66 75.34 17.11
CA GLU Z 98 24.53 72.62 15.55
CA LYS Z 99 23.89 69.18 17.05
CA ARG Z 100 22.18 67.64 14.03
CA TYR Z 101 22.39 63.85 13.76
CA ILE Z 102 23.32 61.86 10.66
CA LEU Z 103 24.41 58.42 9.46
CA ALA Z 104 28.04 57.26 9.63
CA PRO Z 105 29.81 55.28 6.90
CA GLU Z 106 31.78 52.11 7.64
CA GLY Z 107 34.95 54.04 6.92
CA LEU Z 108 34.75 56.81 9.52
CA THR Z 109 36.36 56.59 12.96
CA VAL Z 110 35.87 58.08 16.42
CA GLY Z 111 37.29 61.35 15.14
CA ALA Z 112 36.74 61.45 11.39
CA THR Z 113 36.21 64.53 9.23
CA VAL Z 114 32.92 65.74 7.76
CA ASN Z 115 31.69 68.51 5.46
CA ALA Z 116 28.63 70.02 3.77
CA GLY Z 117 27.60 72.06 0.74
CA PRO Z 118 26.61 71.61 -2.90
CA GLU Z 119 30.21 72.30 -3.92
CA ALA Z 120 31.59 69.64 -1.58
CA GLU Z 121 34.69 67.92 -2.95
CA PRO Z 122 35.20 65.42 -0.15
CA LYS Z 123 33.70 61.95 -0.52
CA LEU Z 124 33.90 60.84 3.11
CA GLY Z 125 30.45 61.82 4.33
CA ASN Z 126 29.82 64.83 2.11
CA ALA Z 127 26.58 64.86 0.11
CA LEU Z 128 26.79 66.29 -3.41
CA PRO Z 129 25.13 65.98 -6.81
CA LEU Z 130 26.12 63.15 -9.15
CA ARG Z 131 27.51 65.77 -11.52
CA PHE Z 132 30.01 66.95 -8.90
CA VAL Z 133 30.89 63.34 -8.12
CA PRO Z 134 31.83 61.41 -11.27
CA VAL Z 135 33.76 58.88 -9.18
CA GLY Z 136 30.93 56.38 -9.54
CA ALA Z 137 31.83 54.92 -6.15
CA VAL Z 138 29.46 53.75 -3.41
CA VAL Z 139 26.62 56.16 -2.65
CA HIS Z 140 24.99 56.98 0.69
CA ALA Z 141 21.31 57.80 0.19
CA LEU Z 142 18.95 59.51 -2.27
CA GLU Z 143 15.72 61.50 -2.36
CA LEU Z 144 12.66 61.52 -4.62
CA VAL Z 145 12.20 65.25 -3.99
CA PRO Z 146 14.37 68.29 -4.75
CA GLY Z 147 16.77 67.85 -1.85
CA LYS Z 148 14.57 67.09 1.15
CA GLY Z 149 17.16 64.89 2.82
CA ALA Z 150 18.21 61.25 2.69
CA GLN Z 151 15.94 58.30 1.97
CA LEU Z 152 18.14 55.34 1.00
CA ALA Z 153 20.54 54.36 3.79
CA ARG Z 154 20.67 51.52 6.31
CA SER Z 155 22.89 48.85 7.89
CA ALA Z 156 24.44 45.73 6.39
CA GLY Z 157 25.64 47.13 3.08
CA THR Z 158 23.13 49.47 1.45
CA SER Z 159 25.11 51.27 -1.26
CA VAL Z 160 25.11 51.96 -4.99
CA GLN Z 161 27.35 52.30 -8.05
CA VAL Z 162 25.76 55.37 -9.67
CA GLN Z 163 26.95 55.21 -13.28
CA GLY Z 164 24.75 57.52 -15.34
CA LYS Z 165 24.96 60.86 -17.13
CA GLU Z 166 22.41 62.75 -19.23
CA SER Z 167 20.17 65.81 -19.38
CA ASP Z 168 18.88 64.80 -15.94
CA TYR Z 169 21.01 61.97 -14.54
CA VAL Z 170 20.06 58.35 -15.16
CA ILE Z 171 20.66 55.10 -13.26
CA VAL Z 172 21.28 55.14 -9.51
CA ARG Z 173 21.91 51.45 -8.80
CA LEU Z 174 20.85 51.79 -5.16
CA PRO Z 175 20.39 48.80 -2.84
CA SER Z 176 18.27 46.41 -4.92
CA GLY Z 177 20.19 47.05 -8.12
CA GLU Z 178 17.46 47.47 -10.71
CA LEU Z 179 18.74 50.81 -12.00
CA ARG Z 180 16.54 53.55 -10.52
CA ARG Z 181 16.03 56.32 -13.08
CA VAL Z 182 15.39 59.48 -11.05
CA HIS Z 183 16.29 63.17 -11.01
CA SER Z 184 19.27 62.77 -8.67
CA GLU Z 185 19.24 66.56 -8.35
CA CYS Z 186 19.59 66.21 -4.57
CA TYR Z 187 22.81 65.74 -2.58
CA ALA Z 188 24.04 62.14 -2.67
CA THR Z 189 27.00 61.35 -0.41
CA ILE Z 190 29.42 58.43 -0.65
CA GLY Z 191 30.28 55.32 1.34
CA ALA Z 192 28.10 52.73 3.05
CA VAL Z 193 26.79 52.99 6.61
CA GLY Z 194 26.59 49.93 8.84
CA ASN Z 195 28.19 48.19 11.82
CA ALA Z 196 28.70 44.61 10.65
CA GLU Z 197 26.01 42.38 9.15
CA HIS Z 198 22.60 40.89 9.92
CA LYS Z 199 23.65 37.51 8.51
CA ASN Z 200 26.25 36.99 11.25
CA ILE Z 201 23.56 37.51 13.91
CA VAL Z 202 20.94 35.06 15.16
CA LEU Z 203 18.95 38.11 16.29
CA GLY Z 204 18.84 36.56 19.74
CA LYS Z 205 16.47 33.85 20.92
CA ALA Z 206 12.69 33.98 21.32
CA GLY Z 207 11.29 37.02 23.11
CA ARG Z 208 14.43 39.06 22.60
CA SER Z 209 13.29 39.65 19.03
CA ARG Z 210 9.65 40.10 20.06
CA TRP Z 211 10.65 43.56 21.29
CA LEU Z 212 10.45 44.95 17.75
CA GLY Z 213 7.49 42.81 16.73
CA ARG Z 214 4.27 41.60 18.34
CA LYS Z 215 3.87 37.94 19.30
CA PRO Z 216 1.31 37.70 16.50
CA HIS Z 217 3.67 36.26 13.90
CA GLN Z 218 1.90 33.02 12.98
CA ARG Z 219 0.77 32.12 9.45
CA GLY Z 220 -1.96 29.70 8.43
CA SER Z 221 -1.72 27.05 11.14
CA ALA Z 222 -4.43 29.06 12.89
CA MET Z 223 -7.29 27.30 11.07
CA ASN Z 224 -10.72 28.91 11.46
CA PRO Z 225 -12.49 29.51 8.14
CA VAL Z 226 -13.38 32.94 9.55
CA ASP Z 227 -9.86 34.36 9.83
CA HIS Z 228 -7.58 33.84 6.83
CA PRO Z 229 -9.33 31.72 4.21
CA HIS Z 230 -6.91 28.78 4.25
CA GLY Z 231 -6.91 25.05 4.85
CA GLY Z 232 -8.85 25.13 8.10
CA GLY Z 233 -9.69 21.46 8.35
CA GLU Z 234 -9.15 18.57 10.77
CA GLY Z 235 -5.76 17.84 9.25
CA ARG Z 236 -2.81 20.03 8.31
CA THR Z 237 -3.53 20.71 4.64
CA GLY Z 238 -3.86 24.01 2.80
CA ALA Z 239 -4.58 25.00 -0.80
CA GLY Z 240 -5.06 28.03 -3.02
CA ARG Z 241 -2.06 29.70 -1.41
CA VAL Z 242 -4.32 32.42 -0.04
CA PRO Z 243 -2.73 35.39 1.72
CA VAL Z 244 -4.02 37.92 4.26
CA THR Z 245 -7.78 37.61 3.85
CA PRO Z 246 -8.04 38.28 0.11
CA TRP Z 247 -5.50 38.43 -2.72
CA GLY Z 248 -2.56 36.04 -2.77
CA LYS Z 249 1.06 35.54 -1.76
CA PRO Z 250 2.13 33.43 -4.73
CA THR Z 251 3.52 36.10 -7.07
CA LYS Z 252 0.90 38.85 -6.75
CA GLY Z 253 2.51 41.71 -8.65
CA LEU Z 254 -0.15 44.14 -7.49
CA LYS Z 255 0.92 47.32 -9.29
CA THR Z 256 -0.90 49.97 -11.35
CA ARG Z 257 0.36 51.06 -14.76
CA ARG Z 258 0.80 54.60 -13.46
CA LYS Z 259 3.74 57.00 -13.73
CA ARG Z 260 6.69 57.17 -11.32
CA LYS Z 261 7.52 53.46 -11.51
CA THR Z 262 6.90 53.60 -15.25
CA SER Z 263 9.53 56.32 -15.64
CA ASP Z 264 12.31 54.26 -14.05
CA ARG Z 265 12.33 51.25 -16.37
CA PHE Z 266 14.54 48.17 -16.07
CA ILE Z 267 13.26 48.06 -12.49
CA VAL Z 268 11.46 44.77 -13.11
CA THR Z 269 12.58 41.52 -11.49
CA ARG Z 270 16.20 41.24 -10.32
CA MET AA 1 -30.03 -32.52 79.27
CA LYS AA 2 -26.71 -31.59 80.88
CA GLY AA 3 -27.81 -28.50 82.77
CA ILE AA 4 -26.92 -24.80 82.56
CA LEU AA 5 -23.67 -23.02 83.42
CA GLY AA 6 -22.18 -19.53 83.31
CA THR AA 7 -19.17 -18.77 81.15
CA LYS AA 8 -16.50 -17.04 83.25
CA ILE AA 9 -13.12 -16.74 81.52
CA GLY AA 10 -11.11 -19.06 79.31
CA MET AA 11 -7.53 -20.07 80.12
CA THR AA 12 -4.69 -22.34 79.01
CA GLN AA 13 -4.62 -25.70 80.77
CA ILE AA 14 -1.94 -28.36 80.27
CA TRP AA 15 -3.42 -31.76 79.42
CA LYS AA 16 -1.61 -34.88 78.24
CA ASN AA 17 1.62 -32.90 77.96
CA ASP AA 18 -0.06 -30.53 75.50
CA ARG AA 19 -1.45 -26.99 75.67
CA ALA AA 20 -5.18 -27.21 74.94
CA ILE AA 21 -7.95 -24.61 75.08
CA PRO AA 22 -10.33 -24.38 78.03
CA VAL AA 23 -13.54 -22.53 78.94
CA THR AA 24 -14.50 -22.08 82.59
CA VAL AA 25 -18.17 -22.96 82.93
CA VAL AA 26 -19.29 -22.49 86.54
CA LEU AA 27 -22.57 -24.34 87.04
CA ALA AA 28 -24.84 -23.90 90.06
CA GLY AA 29 -26.31 -26.71 92.14
CA PRO AA 30 -29.50 -26.32 90.10
CA CYS AA 31 -32.94 -27.49 91.24
CA PRO AA 32 -36.26 -28.92 90.04
CA ILE AA 33 -38.25 -25.79 89.22
CA VAL AA 34 -40.96 -27.71 87.38
CA GLN AA 35 -41.53 -31.25 86.13
CA ARG AA 36 -43.11 -31.92 82.73
CA LYS AA 37 -45.08 -35.13 82.23
CA THR AA 38 -46.27 -36.83 79.05
CA ALA AA 39 -49.85 -36.78 80.35
CA GLN AA 40 -50.32 -33.45 82.11
CA THR AA 41 -48.04 -31.11 80.17
CA ASP AA 42 -48.06 -33.53 77.23
CA GLY AA 43 -44.33 -33.86 76.57
CA TYR AA 44 -41.04 -34.93 78.14
CA GLU AA 45 -39.07 -32.05 79.65
CA ALA AA 46 -37.25 -30.89 82.78
CA VAL AA 47 -37.11 -27.34 84.15
CA GLN AA 48 -34.02 -26.27 86.10
CA ILE AA 49 -32.87 -23.07 87.77
CA GLY AA 50 -29.14 -22.38 87.99
CA TYR AA 51 -29.03 -18.88 89.43
CA ALA AA 52 -29.10 -16.89 92.67
CA PRO AA 53 -31.46 -14.10 93.75
CA LYS AA 54 -33.39 -12.71 96.72
CA ALA AA 55 -36.93 -13.24 98.00
CA GLU AA 56 -37.65 -9.52 98.33
CA ARG AA 57 -36.42 -9.08 94.75
CA LYS AA 58 -38.46 -11.92 93.28
CA VAL AA 59 -42.05 -11.62 92.07
CA ASN AA 60 -44.92 -13.28 93.96
CA LYS AA 61 -46.11 -15.36 91.00
CA PRO AA 62 -42.49 -16.37 90.45
CA MET AA 63 -41.63 -17.20 94.06
CA GLN AA 64 -44.84 -19.07 94.87
CA GLY AA 65 -44.54 -21.02 91.63
CA HIS AA 66 -41.81 -23.06 93.30
CA PHE AA 67 -43.55 -24.02 96.53
CA ALA AA 68 -43.75 -27.69 95.58
CA LYS AA 69 -40.52 -29.66 95.25
CA ALA AA 70 -38.13 -26.95 94.09
CA GLY AA 71 -35.23 -24.75 95.12
CA VAL AA 72 -34.81 -21.47 96.99
CA ALA AA 73 -35.17 -18.41 94.74
CA PRO AA 74 -34.25 -18.34 91.05
CA THR AA 75 -33.30 -15.67 88.50
CA ARG AA 76 -32.94 -17.89 85.43
CA ILE AA 77 -34.76 -21.02 84.26
CA LEU AA 78 -34.31 -23.38 81.31
CA ARG AA 79 -36.12 -26.51 80.13
CA GLU AA 80 -34.51 -29.65 78.70
CA PHE AA 81 -36.53 -32.19 76.74
CA ARG AA 82 -36.00 -35.89 77.47
CA GLY AA 83 -34.32 -34.86 80.70
CA PHE AA 84 -34.42 -37.37 83.55
CA ALA AA 85 -33.34 -35.89 86.89
CA PRO AA 86 -31.66 -38.29 89.32
CA ASP AA 87 -32.41 -36.10 92.34
CA GLY AA 88 -33.33 -32.60 93.46
CA ASP AA 89 -29.90 -31.44 92.32
CA SER AA 90 -28.77 -31.90 88.71
CA VAL AA 91 -25.20 -30.66 89.19
CA ASN AA 92 -22.49 -32.02 86.90
CA VAL AA 93 -20.68 -34.55 89.08
CA ASP AA 94 -22.68 -37.49 87.75
CA ILE AA 95 -23.17 -36.02 84.27
CA PHE AA 96 -20.72 -35.04 81.53
CA ALA AA 97 -17.43 -36.60 82.65
CA GLU AA 98 -13.92 -35.50 81.65
CA GLY AA 99 -13.85 -38.21 79.00
CA GLU AA 100 -17.04 -37.61 77.03
CA LYS AA 101 -18.10 -34.96 74.51
CA ILE AA 102 -20.68 -32.21 74.96
CA ASP AA 103 -21.86 -28.88 73.54
CA ALA AA 104 -22.76 -25.28 74.38
CA THR AA 105 -25.31 -22.61 73.45
CA GLY AA 106 -25.47 -18.90 74.28
CA THR AA 107 -25.97 -15.39 72.95
CA SER AA 108 -23.71 -13.41 70.60
CA LYS AA 109 -20.93 -10.93 71.38
CA GLY AA 110 -21.38 -7.26 72.25
CA LYS AA 111 -21.70 -6.47 68.55
CA GLY AA 112 -24.72 -4.32 67.72
CA THR AA 113 -25.61 -3.00 64.27
CA GLN AA 114 -23.33 -3.57 61.28
CA GLY AA 115 -23.25 -3.69 57.49
CA VAL AA 116 -22.32 -6.15 54.75
CA MET AA 117 -18.83 -6.19 56.27
CA LYS AA 118 -20.10 -8.48 59.02
CA ARG AA 119 -22.35 -10.92 57.17
CA TRP AA 120 -20.38 -11.00 53.92
CA ASN AA 121 -16.69 -11.55 54.73
CA PHE AA 122 -16.01 -10.81 51.06
CA ALA AA 123 -17.85 -7.53 50.51
CA GLY AA 124 -15.32 -5.13 49.00
CA GLY AA 125 -14.97 -2.14 46.71
CA PRO AA 126 -12.56 0.48 45.39
CA ALA AA 127 -10.18 2.12 47.86
CA SER AA 128 -7.83 3.74 45.34
CA HIS AA 129 -9.82 3.81 42.10
CA GLY AA 130 -12.79 6.13 42.52
CA SER AA 131 -13.03 6.34 46.30
CA LYS AA 132 -16.77 6.72 45.76
CA LYS AA 133 -17.16 3.50 47.73
CA TRP AA 134 -14.62 2.24 50.28
CA HIS AA 135 -15.74 -1.35 50.88
CA ARG AA 136 -19.33 -0.99 52.05
CA ARG AA 137 -20.70 -0.72 48.52
CA PRO AA 138 -23.67 -3.09 48.83
CA GLY AA 139 -24.02 -5.04 45.60
CA SER AA 140 -27.19 -5.19 43.53
CA ILE AA 141 -29.93 -7.23 45.20
CA GLY AA 142 -31.85 -8.42 42.16
CA GLN AA 143 -32.11 -7.81 38.42
CA ARG AA 144 -34.13 -5.05 36.74
CA LYS AA 145 -37.87 -4.95 36.09
CA THR AA 146 -38.41 -8.71 35.79
CA PRO AA 147 -37.98 -10.30 39.22
CA GLY AA 148 -37.19 -6.96 40.82
CA ARG AA 149 -38.35 -8.21 44.21
CA VAL AA 150 -35.27 -8.59 46.40
CA TYR AA 151 -34.59 -12.00 47.95
CA LYS AA 152 -34.98 -12.53 51.69
CA GLY AA 153 -31.56 -12.03 53.27
CA LYS AA 154 -29.73 -10.46 50.35
CA ARG AA 155 -26.99 -9.05 52.58
CA MET AA 156 -28.41 -6.06 54.45
CA ALA AA 157 -27.39 -3.84 57.38
CA GLY AA 158 -29.17 -5.96 59.98
CA HIS AA 159 -27.89 -6.76 63.46
CA MET AA 160 -25.59 -9.78 63.27
CA GLY AA 161 -25.46 -9.73 67.06
CA MET AA 162 -27.57 -11.21 69.86
CA GLU AA 163 -27.53 -14.38 67.76
CA ARG AA 164 -28.04 -17.49 69.89
CA VAL AA 165 -25.33 -19.57 68.21
CA THR AA 166 -24.27 -22.99 69.46
CA VAL AA 167 -21.01 -24.89 69.07
CA GLN AA 168 -21.87 -28.54 68.38
CA ASN AA 169 -19.56 -31.19 69.87
CA LEU AA 170 -16.67 -30.50 72.23
CA GLU AA 171 -13.79 -31.97 74.25
CA VAL AA 172 -13.63 -32.25 78.04
CA VAL AA 173 -10.18 -32.43 79.61
CA GLU AA 174 -11.10 -31.83 83.26
CA ILE AA 175 -14.24 -31.92 85.40
CA ARG AA 176 -14.11 -31.01 89.09
CA ALA AA 177 -17.12 -31.35 91.38
CA GLY AA 178 -16.11 -28.23 93.27
CA GLU AA 179 -18.36 -25.40 92.04
CA ASN AA 180 -18.69 -27.48 88.87
CA LEU AA 181 -15.60 -25.94 87.29
CA ILE AA 182 -16.11 -27.19 83.72
CA LEU AA 183 -13.63 -26.91 80.85
CA VAL AA 184 -14.11 -26.89 77.08
CA LYS AA 185 -11.68 -27.05 74.14
CA GLY AA 186 -12.02 -23.63 72.56
CA ALA AA 187 -14.83 -21.13 71.97
CA ILE AA 188 -17.63 -21.93 74.43
CA PRO AA 189 -20.68 -20.03 73.19
CA GLY AA 190 -21.05 -16.50 74.53
CA ALA AA 191 -18.59 -13.76 75.49
CA ASN AA 192 -17.88 -13.19 79.19
CA GLY AA 193 -20.62 -14.05 81.66
CA GLY AA 194 -23.76 -15.38 80.02
CA LEU AA 195 -26.23 -18.24 79.70
CA VAL AA 196 -23.99 -21.08 78.52
CA VAL AA 197 -26.37 -24.00 78.05
CA LEU AA 198 -24.61 -27.36 77.88
CA ARG AA 199 -26.27 -30.30 76.14
CA SER AA 200 -25.27 -33.92 75.49
CA ALA AA 201 -26.02 -36.30 72.61
CA ALA AA 202 -26.03 -33.41 70.14
CA LYS AA 203 -24.12 -35.29 67.45
CA ALA AA 204 -23.94 -39.08 67.36
CA SER AA 205 -20.84 -39.93 65.33
CA ALA BA 1 -110.09 58.01 12.07
CA GLN BA 2 -109.45 60.11 15.19
CA ILE BA 3 -110.58 63.73 15.54
CA ASN BA 4 -109.05 67.01 16.67
CA VAL BA 5 -109.37 68.66 20.09
CA ILE BA 6 -109.42 72.46 20.29
CA GLY BA 7 -109.42 74.52 17.11
CA GLN BA 8 -111.19 72.75 14.25
CA ASN BA 9 -113.13 69.49 14.46
CA GLY BA 10 -112.14 67.28 11.55
CA GLY BA 11 -110.00 64.18 11.19
CA ARG BA 12 -110.51 62.02 8.12
CA THR BA 13 -107.62 62.60 5.71
CA ILE BA 14 -104.58 60.34 6.11
CA GLU BA 15 -103.08 57.53 4.04
CA LEU BA 16 -101.29 55.93 6.98
CA PRO BA 17 -100.32 52.26 6.88
CA LEU BA 18 -103.53 50.60 8.06
CA PRO BA 19 -102.14 47.06 7.84
CA GLU BA 20 -102.93 44.15 10.16
CA VAL BA 21 -100.51 45.66 12.69
CA ASN BA 22 -97.54 43.44 11.80
CA SER BA 23 -94.68 42.90 14.25
CA GLY BA 24 -91.98 42.07 11.72
CA VAL BA 25 -91.91 45.35 9.80
CA LEU BA 26 -92.36 47.14 13.12
CA HIS BA 27 -89.53 45.50 15.06
CA GLU BA 28 -87.31 45.78 11.99
CA VAL BA 29 -87.41 49.55 12.44
CA VAL BA 30 -87.09 49.62 16.23
CA THR BA 31 -84.11 47.27 16.23
CA TRP BA 32 -82.51 49.12 13.31
CA GLN BA 33 -83.06 52.63 14.64
CA LEU BA 34 -81.71 51.57 18.03
CA ALA BA 35 -78.71 49.77 16.54
CA SER BA 36 -77.75 53.09 14.95
CA ARG BA 37 -78.38 54.94 18.22
CA ARG BA 38 -75.38 53.18 19.75
CA ARG BA 39 -71.82 54.50 19.99
CA GLY BA 40 -69.07 52.03 19.13
CA THR BA 41 -66.30 53.11 21.50
CA ALA BA 42 -64.58 51.17 24.28
CA SER BA 43 -61.24 49.87 25.57
CA THR BA 44 -61.17 46.23 24.44
CA ARG BA 45 -57.78 44.57 25.00
CA THR BA 46 -58.07 42.89 21.59
CA ARG BA 47 -54.46 43.81 20.81
CA ALA BA 48 -52.75 42.29 23.84
CA GLN BA 49 -49.52 42.65 21.88
CA VAL BA 50 -49.94 46.23 20.67
CA SER BA 51 -50.04 47.09 24.37
CA LYS BA 52 -47.22 48.19 26.67
CA THR BA 53 -45.59 44.78 27.00
CA GLY BA 54 -42.39 42.94 26.15
CA ARG BA 55 -41.40 40.65 23.28
CA LYS BA 56 -38.49 38.56 24.56
CA MET BA 57 -38.52 36.60 27.81
CA TYR BA 58 -36.79 33.63 29.45
CA GLY BA 59 -35.53 30.51 27.70
CA GLN BA 60 -37.65 28.37 25.40
CA LYS BA 61 -36.48 24.76 25.24
CA GLY BA 62 -34.79 23.56 28.41
CA THR BA 63 -35.65 26.50 30.66
CA GLY BA 64 -38.51 26.82 33.13
CA ASN BA 65 -40.40 24.03 31.37
CA ALA BA 66 -42.84 26.42 29.70
CA ARG BA 67 -43.28 27.27 26.02
CA HIS BA 68 -44.00 30.96 26.44
CA GLY BA 69 -41.47 33.68 25.64
CA ASP BA 70 -43.79 36.68 25.70
CA ARG BA 71 -45.58 38.41 28.58
CA SER BA 72 -48.53 39.56 26.47
CA VAL BA 73 -50.27 36.33 25.49
CA PRO BA 74 -54.01 36.00 26.06
CA THR BA 75 -53.25 32.89 28.12
CA PHE BA 76 -51.58 35.06 30.76
CA VAL BA 77 -52.44 37.63 33.43
CA GLY BA 78 -52.08 41.36 32.84
CA GLY BA 79 -51.58 41.19 29.09
CA GLY BA 80 -54.92 41.64 27.37
CA VAL BA 81 -57.78 39.80 25.68
CA ALA BA 82 -57.95 38.30 22.20
CA PHE BA 83 -61.12 39.33 20.36
CA GLY BA 84 -61.99 42.43 22.34
CA PRO BA 85 -64.77 44.85 21.42
CA LYS BA 86 -62.83 46.80 18.79
CA PRO BA 87 -64.16 50.22 17.81
CA ARG BA 88 -66.97 49.68 15.30
CA SER BA 89 -69.54 51.85 13.53
CA TYR BA 90 -72.51 49.49 13.92
CA ASP BA 91 -74.73 51.04 11.25
CA TYR BA 92 -77.68 49.50 9.41
CA THR BA 93 -79.25 51.86 6.86
CA LEU BA 94 -82.50 50.10 6.00
CA PRO BA 95 -84.85 50.97 3.13
CA ARG BA 96 -86.85 54.20 3.10
CA GLN BA 97 -89.96 52.15 2.33
CA VAL BA 98 -89.67 50.15 5.55
CA ARG BA 99 -89.01 53.41 7.39
CA GLN BA 100 -92.28 54.98 6.25
CA LEU BA 101 -94.28 51.76 6.44
CA GLY BA 102 -92.88 51.13 9.91
CA LEU BA 103 -93.42 54.62 11.27
CA ALA BA 104 -97.02 54.71 10.06
CA MET BA 105 -97.56 51.29 11.63
CA ALA BA 106 -97.00 52.80 15.08
CA ILE BA 107 -99.39 55.69 14.48
CA ALA BA 108 -102.03 53.34 13.09
CA SER BA 109 -101.67 50.93 16.01
CA ARG BA 110 -102.25 53.84 18.37
CA GLN BA 111 -105.36 54.97 16.50
CA GLU BA 112 -107.27 52.11 18.12
CA GLY BA 113 -106.09 52.18 21.72
CA GLY BA 114 -106.10 55.93 22.23
CA LYS BA 115 -105.06 58.71 19.86
CA LEU BA 116 -105.38 62.44 20.53
CA VAL BA 117 -104.94 65.53 18.36
CA ALA BA 118 -104.53 69.30 18.68
CA VAL BA 119 -105.47 71.64 15.83
CA ASP BA 120 -104.71 74.83 17.74
CA GLY BA 121 -104.12 73.71 21.32
CA PHE BA 122 -104.95 77.12 22.75
CA ASP BA 123 -104.40 76.29 26.42
CA ILE BA 124 -101.24 77.74 27.95
CA ALA BA 125 -100.68 80.66 30.33
CA ASP BA 126 -97.40 82.00 28.91
CA ALA BA 127 -95.86 78.54 29.35
CA LYS BA 128 -96.40 77.79 33.04
CA THR BA 129 -96.44 74.00 32.73
CA LYS BA 130 -99.77 74.17 34.54
CA ASN BA 131 -102.30 74.75 31.75
CA PHE BA 132 -100.78 71.84 29.85
CA ILE BA 133 -101.25 69.47 32.79
CA SER BA 134 -104.80 70.65 33.41
CA TRP BA 135 -105.82 70.18 29.78
CA ALA BA 136 -104.78 66.53 30.06
CA LYS BA 137 -107.69 65.84 32.42
CA GLN BA 138 -110.01 67.37 29.81
CA ASN BA 139 -109.52 64.32 27.60
CA GLY BA 140 -108.39 61.13 29.29
CA LEU BA 141 -104.91 61.56 30.76
CA ASP BA 142 -105.22 60.87 34.49
CA GLY BA 143 -101.79 59.41 35.23
CA THR BA 144 -101.15 55.92 33.90
CA GLU BA 145 -100.13 56.48 30.28
CA LYS BA 146 -97.03 58.11 28.78
CA VAL BA 147 -98.32 60.84 26.46
CA LEU BA 148 -96.20 61.96 23.51
CA LEU BA 149 -96.57 65.58 22.38
CA VAL BA 150 -94.77 65.44 19.02
CA THR BA 151 -95.57 68.91 17.69
CA ASP BA 152 -94.16 72.33 16.84
CA ASP BA 153 -94.59 75.73 18.50
CA GLU BA 154 -91.81 76.40 21.00
CA ASN BA 155 -94.48 77.96 23.21
CA THR BA 156 -96.45 74.71 23.49
CA ARG BA 157 -93.32 72.56 23.68
CA ARG BA 158 -92.42 74.63 26.74
CA ALA BA 159 -95.21 73.46 29.06
CA ALA BA 160 -93.83 69.92 29.38
CA ARG BA 161 -91.39 68.22 31.75
CA ASN BA 162 -93.23 65.21 33.13
CA VAL BA 163 -90.79 62.30 32.88
CA SER BA 164 -93.59 59.75 33.24
CA TRP BA 165 -96.51 61.61 31.65
CA VAL BA 166 -95.48 64.29 29.16
CA SER BA 167 -93.08 64.03 26.21
CA VAL BA 168 -92.26 67.10 24.13
CA LEU BA 169 -90.95 66.63 20.60
CA PRO BA 170 -90.38 69.55 18.23
CA VAL BA 171 -88.70 69.76 14.82
CA ALA BA 172 -91.28 67.19 13.74
CA GLY BA 173 -89.28 64.09 14.61
CA VAL BA 174 -92.05 61.61 15.42
CA ASN BA 175 -90.17 58.35 14.91
CA VAL BA 176 -91.51 54.81 15.30
CA TYR BA 177 -89.17 54.09 18.21
CA ASP BA 178 -89.93 57.26 20.16
CA ILE BA 179 -93.69 56.85 19.82
CA LEU BA 180 -93.44 53.23 20.96
CA ARG BA 181 -91.34 54.23 23.97
CA HIS BA 182 -94.48 55.92 25.30
CA ASP BA 183 -98.12 54.89 25.67
CA ARG BA 184 -100.38 57.48 24.04
CA LEU BA 185 -99.82 60.13 21.37
CA VAL BA 186 -101.00 63.74 21.51
CA ILE BA 187 -99.79 64.96 18.11
CA ASP BA 188 -100.99 68.47 17.28
CA ALA BA 189 -101.79 69.67 13.76
CA ALA BA 190 -101.11 66.97 11.17
CA ALA BA 191 -98.35 68.76 9.25
CA LEU BA 192 -96.92 65.42 8.13
CA GLU BA 193 -100.09 63.31 8.18
CA ILE BA 194 -102.96 65.31 6.68
CA VAL BA 195 -100.65 67.21 4.33
CA GLU BA 196 -99.47 64.51 1.92
CA GLU BA 197 -97.84 64.74 -1.52
CA GLN CA 1 -39.24 -29.70 -85.23
CA GLN CA 2 -40.36 -32.34 -87.71
CA LEU CA 3 -38.78 -35.05 -85.56
CA LYS CA 4 -40.91 -34.47 -82.45
CA THR CA 5 -44.20 -34.07 -84.31
CA LYS CA 6 -44.65 -37.85 -84.41
CA TYR CA 7 -43.50 -38.28 -80.82
CA ASN CA 8 -47.10 -37.91 -79.62
CA ASP CA 9 -49.14 -39.09 -82.60
CA GLN CA 10 -47.61 -42.48 -83.39
CA VAL CA 11 -44.85 -43.13 -80.85
CA ARG CA 12 -46.84 -42.59 -77.65
CA PRO CA 13 -49.80 -44.34 -79.29
CA ALA CA 14 -47.78 -47.49 -79.99
CA LEU CA 15 -46.09 -47.30 -76.59
CA MET CA 16 -49.50 -47.37 -74.92
CA GLN CA 17 -50.59 -50.69 -76.42
CA GLN CA 18 -47.40 -52.46 -75.33
CA PHE CA 19 -47.38 -51.68 -71.61
CA GLY CA 20 -50.81 -50.97 -70.17
CA TYR CA 21 -54.24 -50.65 -71.79
CA SER CA 22 -56.49 -47.77 -70.74
CA SER CA 23 -57.38 -45.01 -73.20
CA VAL CA 24 -56.02 -42.47 -75.70
CA MET CA 25 -55.38 -40.16 -72.75
CA ALA CA 26 -53.59 -40.70 -69.44
CA VAL CA 27 -50.26 -40.41 -71.28
CA PRO CA 28 -46.98 -38.69 -70.46
CA ARG CA 29 -47.96 -35.06 -70.99
CA ILE CA 30 -45.09 -32.61 -70.45
CA GLU CA 31 -46.59 -29.57 -68.74
CA LYS CA 32 -43.51 -27.37 -68.39
CA ILE CA 33 -39.71 -27.57 -68.34
CA VAL CA 34 -37.80 -25.98 -65.47
CA VAL CA 35 -34.35 -24.57 -66.26
CA ASN CA 36 -32.24 -22.97 -63.53
CA GLU CA 37 -28.66 -21.71 -63.75
CA GLY CA 38 -25.76 -21.78 -61.31
CA LEU CA 39 -24.95 -19.16 -58.68
CA GLY CA 40 -23.27 -15.89 -59.61
CA SER CA 41 -23.10 -13.71 -56.51
CA SER CA 42 -19.54 -14.51 -55.43
CA LYS CA 43 -18.40 -14.36 -59.06
CA GLU CA 44 -18.16 -10.62 -59.65
CA ASP CA 45 -19.83 -7.26 -58.98
CA SER CA 46 -22.85 -6.03 -60.93
CA LYS CA 47 -21.13 -6.98 -64.18
CA ALA CA 48 -21.88 -10.65 -63.50
CA ILE CA 49 -25.64 -10.17 -63.82
CA ASP CA 50 -25.63 -8.45 -67.20
CA LYS CA 51 -23.28 -11.15 -68.49
CA ALA CA 52 -25.60 -14.06 -67.74
CA ALA CA 53 -28.52 -12.07 -69.16
CA LYS CA 54 -27.20 -12.08 -72.74
CA GLU CA 55 -25.98 -15.69 -72.69
CA LEU CA 56 -29.28 -17.29 -71.70
CA ALA CA 57 -31.03 -15.17 -74.32
CA LEU CA 58 -29.01 -16.74 -77.14
CA ILE CA 59 -29.85 -20.16 -75.72
CA THR CA 60 -33.63 -19.85 -75.34
CA LEU CA 61 -35.47 -17.03 -77.12
CA GLN CA 62 -36.54 -14.56 -74.44
CA LYS CA 63 -34.76 -12.60 -71.71
CA PRO CA 64 -33.72 -14.22 -68.43
CA ILE CA 65 -35.29 -13.72 -65.01
CA ILE CA 66 -34.10 -12.14 -61.76
CA THR CA 67 -35.09 -14.30 -58.79
CA LYS CA 68 -33.91 -13.67 -55.24
CA ALA CA 69 -33.03 -15.66 -52.12
CA LYS CA 70 -35.53 -17.40 -49.84
CA LYS CA 71 -35.13 -14.68 -47.21
CA SER CA 72 -32.80 -17.03 -45.35
CA ILE CA 73 -30.03 -15.35 -43.37
CA SER CA 74 -27.25 -17.56 -42.00
CA ASN CA 75 -24.00 -16.95 -40.11
CA PHE CA 76 -21.48 -16.79 -42.94
CA LYS CA 77 -22.11 -14.58 -45.97
CA LEU CA 78 -25.65 -13.77 -47.10
CA ARG CA 79 -28.18 -10.94 -47.28
CA GLN CA 80 -31.85 -10.34 -48.08
CA GLY CA 81 -32.53 -8.60 -51.38
CA MET CA 82 -29.70 -9.98 -53.50
CA PRO CA 83 -29.89 -11.91 -56.76
CA VAL CA 84 -28.58 -15.48 -56.64
CA GLY CA 85 -29.21 -16.40 -60.25
CA ILE CA 86 -31.71 -16.51 -63.11
CA LYS CA 87 -34.35 -19.16 -63.81
CA VAL CA 88 -36.00 -19.73 -67.18
CA THR CA 89 -38.67 -22.17 -68.37
CA LEU CA 90 -40.14 -23.43 -71.64
CA ARG CA 91 -43.80 -24.19 -72.39
CA GLY CA 92 -45.91 -24.62 -75.50
CA GLU CA 93 -44.36 -24.58 -78.98
CA ARG CA 94 -41.09 -23.45 -77.40
CA MET CA 95 -40.86 -26.75 -75.52
CA TYR CA 96 -40.33 -28.91 -78.60
CA VAL CA 97 -37.30 -26.94 -79.77
CA PHE CA 98 -35.18 -27.17 -76.62
CA LEU CA 99 -34.87 -30.96 -76.68
CA GLU CA 100 -33.72 -31.41 -80.28
CA LYS CA 101 -30.79 -28.99 -80.55
CA LEU CA 102 -28.97 -29.79 -77.31
CA ILE CA 103 -29.44 -33.56 -77.28
CA ASN CA 104 -28.55 -34.97 -80.69
CA ILE CA 105 -26.13 -32.19 -81.64
CA GLY CA 106 -24.01 -30.97 -78.75
CA LEU CA 107 -23.46 -34.06 -76.61
CA PRO CA 108 -21.33 -35.96 -79.11
CA ARG CA 109 -18.90 -33.04 -79.31
CA ILE CA 110 -18.15 -32.61 -75.60
CA ARG CA 111 -14.98 -33.87 -73.92
CA ASP CA 112 -15.23 -36.67 -71.35
CA PHE CA 113 -18.83 -37.85 -71.73
CA ARG CA 114 -20.06 -41.17 -70.35
CA GLY CA 115 -23.60 -42.51 -70.58
CA ILE CA 116 -23.90 -44.00 -67.11
CA ASN CA 117 -26.98 -43.27 -65.00
CA PRO CA 118 -26.73 -43.79 -61.24
CA ASN CA 119 -30.48 -44.23 -60.83
CA ALA CA 120 -32.16 -40.82 -61.10
CA PHE CA 121 -35.63 -40.19 -59.69
CA ASP CA 122 -37.27 -43.08 -57.82
CA GLY CA 123 -40.64 -41.89 -56.56
CA ARG CA 124 -42.08 -39.29 -58.92
CA GLY CA 125 -40.88 -38.87 -62.49
CA ASN CA 126 -38.93 -35.64 -62.07
CA TYR CA 127 -35.70 -36.68 -63.81
CA ASN CA 128 -33.09 -34.52 -62.06
CA LEU CA 129 -29.91 -34.24 -64.12
CA GLY CA 130 -26.85 -32.08 -63.54
CA ILE CA 131 -24.28 -31.20 -66.19
CA LYS CA 132 -20.75 -29.92 -65.58
CA GLU CA 133 -19.28 -26.51 -66.41
CA GLN CA 134 -17.46 -27.84 -69.48
CA LEU CA 135 -19.92 -27.71 -72.39
CA ILE CA 136 -19.47 -27.39 -76.14
CA PHE CA 137 -22.61 -26.18 -77.94
CA PRO CA 138 -22.90 -25.30 -81.62
CA GLU CA 139 -24.99 -22.26 -80.68
CA ILE CA 140 -22.36 -20.97 -78.26
CA THR CA 141 -19.03 -19.57 -79.46
CA TYR CA 142 -15.66 -20.90 -78.28
CA ASP CA 143 -13.48 -17.95 -79.26
CA MET CA 144 -15.17 -15.11 -77.37
CA VAL CA 145 -16.23 -16.62 -74.05
CA ASP CA 146 -15.98 -15.73 -70.37
CA LYS CA 147 -16.41 -18.16 -67.46
CA THR CA 148 -17.87 -21.62 -68.08
CA ARG CA 149 -21.61 -22.24 -67.72
CA GLY CA 150 -23.42 -24.37 -65.17
CA MET CA 151 -27.13 -25.04 -65.66
CA ASP CA 152 -29.32 -27.84 -64.32
CA ILE CA 153 -31.80 -29.69 -66.51
CA THR CA 154 -35.03 -30.68 -64.75
CA ILE CA 155 -38.32 -31.65 -66.42
CA VAL CA 156 -41.74 -32.36 -64.94
CA THR CA 157 -43.91 -35.24 -66.17
CA THR CA 158 -47.34 -36.17 -64.80
CA ALA CA 159 -46.93 -39.95 -64.61
CA LYS CA 160 -47.71 -42.48 -61.88
CA THR CA 161 -45.43 -45.27 -63.07
CA ASP CA 162 -41.65 -44.76 -63.04
CA GLU CA 163 -40.99 -47.73 -65.32
CA GLU CA 164 -43.31 -46.17 -67.91
CA ALA CA 165 -41.84 -42.67 -67.71
CA ARG CA 166 -38.39 -44.04 -68.52
CA ALA CA 167 -39.14 -45.35 -72.00
CA LEU CA 168 -39.76 -41.80 -73.22
CA LEU CA 169 -36.24 -40.66 -72.37
CA GLN CA 170 -34.80 -43.65 -74.22
CA SER CA 171 -36.56 -42.46 -77.37
CA MET CA 172 -34.73 -39.17 -77.85
CA GLY CA 173 -31.77 -40.17 -75.70
CA LEU CA 174 -29.60 -43.27 -75.28
CA PRO CA 175 -27.28 -42.50 -72.38
CA PHE CA 176 -28.40 -44.97 -69.70
CA ARG CA 177 -26.58 -47.45 -67.47
CA LYS CA 178 -27.55 -51.08 -68.08
CA GLY DA 1 -54.63 -71.12 30.37
CA LYS DA 2 -54.50 -72.74 33.80
CA GLN DA 3 -57.90 -74.06 34.90
CA PRO DA 4 -56.93 -77.10 36.95
CA ILE DA 5 -54.46 -77.51 39.82
CA ALA DA 6 -53.33 -80.53 41.83
CA VAL DA 7 -53.77 -80.70 45.59
CA PRO DA 8 -52.91 -83.87 47.51
CA SER DA 9 -52.19 -84.03 51.25
CA GLY DA 10 -54.51 -82.63 53.89
CA VAL DA 11 -54.14 -78.86 53.55
CA THR DA 12 -57.74 -77.62 53.75
CA VAL DA 13 -57.81 -74.85 51.14
CA ASN DA 14 -60.95 -73.04 52.30
CA ALA DA 15 -61.92 -70.05 50.15
CA GLN DA 16 -63.78 -67.88 52.66
CA ASP DA 17 -64.35 -64.13 52.28
CA GLY DA 18 -62.74 -64.53 48.88
CA VAL DA 19 -59.26 -64.63 50.37
CA PHE DA 20 -57.80 -68.13 50.11
CA LYS DA 21 -55.64 -69.90 52.69
CA VAL DA 22 -53.81 -73.14 53.50
CA LYS DA 23 -53.05 -75.36 56.48
CA GLY DA 24 -51.10 -78.55 55.82
CA PRO DA 25 -48.44 -79.89 58.17
CA LYS DA 26 -47.61 -76.33 59.21
CA GLY DA 27 -50.11 -73.80 57.90
CA GLU DA 28 -48.27 -70.53 57.25
CA LEU DA 29 -49.27 -69.07 53.88
CA THR DA 30 -51.94 -66.48 53.08
CA VAL DA 31 -53.25 -65.58 49.63
CA PRO DA 32 -55.22 -62.63 48.25
CA TYR DA 33 -58.27 -62.54 46.00
CA ASN DA 34 -59.80 -60.62 43.08
CA THR DA 35 -63.23 -60.36 44.71
CA GLU DA 36 -65.24 -61.15 41.57
CA LEU DA 37 -62.96 -64.16 41.11
CA THR DA 38 -64.24 -67.42 42.59
CA VAL DA 39 -62.70 -70.77 43.50
CA ARG DA 40 -64.29 -74.23 43.65
CA GLN DA 41 -62.56 -77.37 44.92
CA ASP DA 42 -63.95 -80.84 45.60
CA GLY DA 43 -62.76 -84.44 45.73
CA ASP DA 44 -58.98 -84.66 45.46
CA GLN DA 45 -58.35 -81.78 43.07
CA LEU DA 46 -59.00 -78.04 42.84
CA LEU DA 47 -60.33 -76.10 39.86
CA VAL DA 48 -60.87 -72.40 39.09
CA GLU DA 49 -63.45 -70.50 37.05
CA ARG DA 50 -63.98 -66.91 35.91
CA PRO DA 51 -66.64 -64.69 34.34
CA SER DA 52 -65.74 -64.28 30.67
CA ASP DA 53 -63.18 -62.63 28.38
CA ALA DA 54 -62.00 -59.04 28.89
CA GLN DA 55 -58.41 -58.24 29.85
CA LYS DA 56 -59.85 -57.08 33.17
CA HIS DA 57 -60.48 -60.70 34.20
CA ARG DA 58 -58.17 -62.50 31.77
CA ALA DA 59 -55.12 -61.17 33.62
CA LEU DA 60 -55.95 -61.12 37.32
CA HIS DA 61 -57.42 -64.63 37.35
CA GLY DA 62 -54.37 -65.81 35.43
CA LEU DA 63 -51.86 -64.78 38.09
CA THR DA 64 -54.30 -65.90 40.79
CA ARG DA 65 -54.53 -69.49 39.56
CA THR DA 66 -50.75 -69.82 39.48
CA LEU DA 67 -50.51 -68.22 42.92
CA VAL DA 68 -52.32 -71.29 44.24
CA ALA DA 69 -49.14 -73.34 43.87
CA ASN DA 70 -47.28 -70.81 46.01
CA ALA DA 71 -49.40 -71.97 48.94
CA VAL DA 72 -50.61 -75.48 48.14
CA LYS DA 73 -47.67 -76.88 46.17
CA GLY DA 74 -45.41 -75.13 48.66
CA VAL DA 75 -46.93 -76.44 51.88
CA SER DA 76 -47.37 -79.99 50.57
CA ASP DA 77 -43.77 -80.72 49.58
CA GLY DA 78 -40.49 -78.86 49.97
CA TYR DA 79 -39.44 -75.62 48.27
CA THR DA 80 -35.73 -75.03 48.88
CA ILE DA 81 -33.35 -73.16 46.59
CA ASN DA 82 -29.87 -74.47 45.74
CA LEU DA 83 -27.48 -71.55 45.23
CA GLU DA 84 -23.79 -72.07 44.45
CA LEU DA 85 -20.76 -69.90 45.19
CA ARG DA 86 -17.77 -70.40 42.88
CA GLY DA 87 -14.54 -68.43 43.01
CA VAL DA 88 -11.69 -68.32 45.52
CA GLY DA 89 -13.46 -66.79 48.51
CA PHE DA 90 -16.18 -69.39 49.08
CA ARG DA 91 -17.21 -69.66 52.73
CA ALA DA 92 -20.46 -69.92 54.68
CA LYS DA 93 -21.26 -70.32 58.38
CA LEU DA 94 -24.51 -71.11 60.20
CA THR DA 95 -23.69 -68.85 63.15
CA GLY DA 96 -26.73 -66.80 64.07
CA LYS DA 97 -28.61 -68.02 60.99
CA ALA DA 98 -27.62 -65.15 58.72
CA LEU DA 99 -25.44 -66.89 56.12
CA GLU DA 100 -21.96 -65.79 57.20
CA MET DA 101 -20.26 -65.48 53.81
CA ASN DA 102 -16.69 -64.40 53.07
CA ILE DA 103 -16.79 -63.54 49.36
CA GLY DA 104 -15.79 -60.00 50.25
CA TYR DA 105 -12.72 -58.06 51.36
CA SER DA 106 -14.15 -56.28 54.41
CA HIS DA 107 -15.78 -59.41 55.85
CA PRO DA 108 -19.06 -57.49 55.65
CA VAL DA 109 -21.39 -60.30 54.59
CA ILE DA 110 -24.82 -60.72 56.17
CA ILE DA 111 -28.18 -61.85 54.79
CA GLU DA 112 -31.16 -59.97 56.24
CA PRO DA 113 -33.65 -62.54 57.53
CA PRO DA 114 -37.30 -61.85 56.77
CA ALA DA 115 -40.18 -63.85 58.25
CA GLY DA 116 -40.19 -67.56 59.07
CA VAL DA 117 -37.31 -68.84 56.96
CA THR DA 118 -34.18 -70.95 57.41
CA PHE DA 119 -30.87 -71.10 55.55
CA ALA DA 120 -28.09 -73.66 55.15
CA VAL DA 121 -24.40 -74.00 54.32
CA PRO DA 122 -23.03 -77.18 52.74
CA GLU DA 123 -19.22 -77.33 52.60
CA PRO DA 124 -19.43 -73.54 52.64
CA THR DA 125 -19.62 -73.77 48.85
CA ARG DA 126 -23.35 -74.25 48.25
CA ILE DA 127 -25.39 -72.03 50.55
CA ASP DA 128 -29.04 -73.02 50.10
CA VAL DA 129 -32.21 -71.57 51.64
CA SER DA 130 -35.14 -73.64 52.91
CA GLY DA 131 -37.81 -71.01 53.45
CA ILE DA 132 -41.54 -71.41 54.06
CA ASP DA 133 -43.60 -69.90 51.25
CA LYS DA 134 -42.89 -69.66 47.53
CA GLN DA 135 -43.90 -66.00 47.69
CA LEU DA 136 -41.19 -65.16 50.23
CA VAL DA 137 -38.38 -67.69 49.81
CA GLY DA 138 -37.77 -66.59 46.24
CA GLN DA 139 -37.50 -62.94 47.25
CA VAL DA 140 -35.35 -63.77 50.28
CA ALA DA 141 -32.93 -65.83 48.18
CA ALA DA 142 -32.69 -62.96 45.70
CA ASN DA 143 -30.78 -60.93 48.29
CA VAL DA 144 -28.03 -63.55 48.41
CA ARG DA 145 -27.70 -63.54 44.61
CA LYS DA 146 -27.62 -59.74 44.56
CA VAL DA 147 -24.22 -59.91 46.25
CA ARG DA 148 -22.23 -59.80 43.00
CA LYS DA 149 -23.05 -62.56 40.52
CA PRO DA 150 -21.99 -61.05 37.19
CA ASP DA 151 -18.29 -61.69 36.52
CA ALA DA 152 -17.92 -61.39 32.75
CA TYR DA 153 -14.21 -62.24 32.94
CA HIS DA 154 -14.16 -65.12 35.42
CA GLY DA 155 -16.31 -67.45 37.48
CA LYS DA 156 -17.43 -66.18 40.88
CA GLY DA 157 -20.39 -64.90 42.89
CA VAL DA 158 -23.67 -66.79 43.13
CA ARG DA 159 -24.81 -69.30 40.50
CA PHE DA 160 -27.68 -71.75 40.06
CA VAL DA 161 -26.82 -75.39 39.33
CA GLY DA 162 -24.05 -74.23 37.03
CA GLU DA 163 -25.26 -71.44 34.75
CA GLN DA 164 -22.88 -69.64 32.39
CA ILE DA 165 -23.90 -66.14 31.33
CA ALA DA 166 -21.37 -64.77 28.84
CA LEU DA 167 -17.83 -65.00 30.21
CA LYS DA 168 -16.18 -62.69 27.68
CA ALA DA 169 -12.44 -62.73 26.94
CA GLY DA 170 -10.16 -60.78 29.24
CA LYS DA 171 -6.43 -60.41 28.57
CA ALA DA 172 -4.42 -62.43 26.06
CA GLY DA 173 -5.93 -65.63 27.40
CA ALA DA 174 -4.51 -67.92 30.07
CA THR DA 175 -1.66 -69.63 28.22
CA GLY DA 176 -0.62 -66.57 26.24
CA GLY DA 177 2.71 -65.14 27.31
CA MET EA 1 -15.74 79.36 -26.53
CA GLN EA 2 -15.93 82.79 -28.18
CA VAL EA 3 -12.68 84.29 -26.89
CA ILE EA 4 -11.67 87.35 -28.90
CA LEU EA 5 -8.22 88.88 -28.43
CA LEU EA 6 -5.72 91.24 -30.06
CA GLU EA 7 -2.40 90.40 -28.43
CA PRO EA 8 -2.10 86.64 -28.93
CA SER EA 9 0.51 85.34 -31.37
CA ARG EA 10 -0.34 81.79 -32.46
CA LEU EA 11 -3.04 81.79 -35.14
CA GLY EA 12 -5.05 84.99 -34.86
CA LYS EA 13 -3.85 88.44 -33.82
CA THR EA 14 -6.64 91.03 -33.65
CA GLY EA 15 -10.26 89.92 -33.81
CA GLU EA 16 -9.49 86.23 -33.34
CA VAL EA 17 -12.77 84.68 -32.19
CA VAL EA 18 -11.92 81.33 -33.77
CA SER EA 19 -11.17 78.09 -31.92
CA VAL EA 20 -9.60 78.42 -28.47
CA LYS EA 21 -9.10 76.70 -25.11
CA ASP EA 22 -12.18 75.50 -23.22
CA GLY EA 23 -12.08 76.25 -19.51
CA TYR EA 24 -8.29 76.13 -19.41
CA ALA EA 25 -8.30 79.47 -21.23
CA ARG EA 26 -9.44 81.33 -18.11
CA ASN EA 27 -6.45 79.82 -16.29
CA TRP EA 28 -3.58 81.11 -18.42
CA LEU EA 29 -4.69 82.39 -21.82
CA ILE EA 30 -7.00 85.05 -20.36
CA PRO EA 31 -5.29 84.95 -16.97
CA GLN EA 32 -1.55 85.37 -17.56
CA GLY EA 33 -1.28 87.95 -20.32
CA LEU EA 34 -3.68 88.52 -23.21
CA ALA EA 35 -6.51 90.56 -21.68
CA VAL EA 36 -9.89 88.91 -22.25
CA SER EA 37 -13.38 88.87 -20.75
CA ALA EA 38 -16.19 86.33 -20.45
CA THR EA 39 -19.24 88.50 -19.81
CA ARG EA 40 -21.73 89.76 -22.41
CA THR EA 41 -19.39 92.72 -22.93
CA ASN EA 42 -17.58 90.63 -25.54
CA MET EA 43 -20.46 91.03 -27.98
CA LYS EA 44 -20.25 94.81 -27.56
CA THR EA 45 -16.47 94.88 -28.03
CA LEU EA 46 -16.84 93.11 -31.37
CA GLU EA 47 -19.19 95.88 -32.50
CA ALA EA 48 -16.57 98.60 -32.14
CA GLN EA 49 -14.18 96.41 -34.11
CA LEU EA 50 -15.74 96.97 -37.53
CA ARG EA 51 -16.97 100.38 -36.38
CA SER EA 52 -13.40 101.68 -36.17
CA MET FA 1 -6.33 -93.39 23.39
CA LYS FA 2 -7.77 -91.69 26.46
CA LYS FA 3 -10.67 -89.23 26.54
CA VAL FA 4 -8.52 -86.32 25.38
CA ALA FA 5 -7.85 -87.01 21.71
CA GLY FA 6 -7.62 -84.15 19.23
CA ILE FA 7 -9.28 -84.50 15.83
CA VAL FA 8 -7.43 -82.89 12.92
CA LYS FA 9 -7.82 -83.05 9.14
CA LEU FA 10 -6.02 -81.28 6.29
CA GLN FA 11 -5.08 -81.66 2.63
CA LEU FA 12 -1.27 -81.63 2.68
CA PRO FA 13 1.01 -82.41 -0.25
CA ALA FA 14 2.22 -85.90 -1.20
CA GLY FA 15 5.75 -85.65 0.16
CA LYS FA 16 6.24 -82.18 1.63
CA ALA FA 17 5.41 -81.58 5.29
CA THR FA 18 8.07 -80.68 7.86
CA PRO FA 19 8.02 -76.87 7.98
CA ALA FA 20 7.28 -75.35 11.39
CA PRO FA 21 5.52 -72.46 9.65
CA PRO FA 22 2.84 -74.37 7.75
CA VAL FA 23 2.69 -77.20 10.29
CA GLY FA 24 4.65 -77.69 13.51
CA PRO FA 25 2.36 -75.95 15.99
CA ALA FA 26 -0.54 -76.85 13.71
CA LEU FA 27 -0.78 -80.52 14.72
CA GLY FA 28 1.77 -80.28 17.51
CA GLN FA 29 -0.61 -78.19 19.63
CA TYR FA 30 -2.84 -81.26 19.86
CA GLY FA 31 0.04 -83.50 20.87
CA ALA FA 32 0.83 -84.95 17.44
CA ASN FA 33 4.45 -85.22 16.25
CA ILE FA 34 5.13 -83.27 13.07
CA MET FA 35 8.49 -84.95 12.50
CA GLU FA 36 6.95 -88.40 12.94
CA PHE FA 37 3.96 -87.71 10.68
CA THR FA 38 6.43 -86.22 8.19
CA LYS FA 39 8.21 -89.35 6.97
CA ALA FA 40 5.12 -91.41 7.79
CA PHE FA 41 2.78 -89.52 5.46
CA ASN FA 42 5.57 -89.17 2.89
CA ALA FA 43 5.90 -92.96 2.95
CA GLN FA 44 2.41 -94.14 1.99
CA THR FA 45 2.18 -91.22 -0.44
CA ALA FA 46 4.93 -92.80 -2.54
CA ASP FA 47 2.48 -94.30 -5.03
CA LYS FA 48 1.12 -90.85 -5.85
CA GLY FA 49 3.69 -88.08 -5.58
CA ASP FA 50 2.11 -85.54 -7.91
CA ALA FA 51 -1.31 -84.90 -6.36
CA ILE FA 52 -2.34 -83.42 -3.01
CA ILE FA 53 -4.29 -86.05 -1.11
CA PRO FA 54 -6.11 -85.31 2.14
CA VAL FA 55 -5.51 -87.24 5.36
CA GLU FA 56 -7.53 -87.54 8.56
CA ILE FA 57 -5.01 -87.50 11.42
CA THR FA 58 -6.35 -88.93 14.68
CA ILE FA 59 -4.21 -87.47 17.45
CA TYR FA 60 -4.56 -89.55 20.62
CA ALA FA 61 -4.10 -88.49 24.24
CA ASP FA 62 -0.99 -90.66 24.46
CA ARG FA 63 1.04 -88.36 22.21
CA SER FA 64 0.70 -91.02 19.51
CA PHE FA 65 -1.48 -90.48 16.44
CA THR FA 66 -2.66 -92.14 13.22
CA PHE FA 67 -3.63 -91.15 9.69
CA ILE FA 68 -5.81 -92.44 6.84
CA THR FA 69 -4.85 -91.47 3.29
CA LYS FA 70 -8.07 -90.58 1.48
CA THR FA 71 -8.76 -90.89 -2.25
CA PRO FA 72 -8.05 -87.62 -4.04
CA PRO FA 73 -7.42 -89.21 -7.43
CA MET FA 74 -10.89 -88.04 -8.46
CA SER FA 75 -10.49 -84.47 -7.22
CA TYR FA 76 -7.09 -84.04 -8.87
CA LEU FA 77 -8.22 -85.59 -12.16
CA ILE FA 78 -11.33 -83.40 -12.23
CA ARG FA 79 -9.20 -80.31 -11.56
CA LYS FA 80 -6.60 -81.31 -14.15
CA ALA FA 81 -9.08 -82.19 -16.91
CA ALA FA 82 -10.62 -78.75 -16.45
CA GLY FA 83 -7.42 -76.75 -16.05
CA ILE FA 84 -6.60 -75.81 -12.46
CA GLY FA 85 -4.04 -73.32 -13.74
CA LYS FA 86 -6.72 -70.74 -14.48
CA GLY FA 87 -10.24 -71.22 -13.17
CA SER FA 88 -13.03 -68.93 -14.37
CA SER FA 89 -13.92 -66.52 -11.56
CA THR FA 90 -17.45 -66.56 -12.99
CA PRO FA 91 -18.80 -70.11 -13.32
CA ASN FA 92 -21.38 -70.81 -16.03
CA LYS FA 93 -20.04 -67.74 -17.85
CA ALA FA 94 -16.68 -68.89 -19.19
CA LYS FA 95 -15.45 -72.41 -19.99
CA VAL FA 96 -11.83 -73.15 -19.06
CA GLY FA 97 -11.89 -76.83 -19.97
CA LYS FA 98 -13.91 -79.83 -21.11
CA LEU FA 99 -14.23 -83.58 -20.55
CA ASN FA 100 -15.64 -86.51 -22.52
CA TRP FA 101 -18.37 -88.93 -21.42
CA ASP FA 102 -15.82 -91.63 -20.64
CA GLN FA 103 -13.90 -89.14 -18.50
CA VAL FA 104 -16.90 -88.51 -16.25
CA LEU FA 105 -17.42 -92.26 -15.82
CA GLU FA 106 -13.76 -92.78 -14.98
CA ILE FA 107 -13.75 -90.13 -12.25
CA ALA FA 108 -17.01 -91.56 -10.89
CA LYS FA 109 -15.58 -95.08 -10.68
CA THR FA 110 -12.50 -93.85 -8.83
CA LYS FA 111 -14.71 -91.96 -6.36
CA MET FA 112 -17.26 -94.77 -6.19
CA PRO FA 113 -15.85 -95.87 -2.83
CA ASP FA 114 -16.85 -92.47 -1.43
CA LEU FA 115 -20.00 -91.92 -3.48
CA ASN FA 116 -23.29 -93.00 -1.89
CA ALA FA 117 -25.03 -93.53 -5.23
CA GLY FA 118 -26.44 -96.97 -5.97
CA SER FA 119 -25.71 -96.86 -9.71
CA VAL FA 120 -22.98 -95.84 -12.14
CA GLU FA 121 -25.38 -93.37 -13.76
CA ALA FA 122 -26.20 -91.72 -10.44
CA ALA FA 123 -22.57 -91.73 -9.31
CA ALA FA 124 -21.44 -90.08 -12.53
CA ASN FA 125 -24.42 -87.71 -12.46
CA THR FA 126 -23.03 -85.96 -9.38
CA VAL FA 127 -19.60 -85.66 -10.98
CA ALA FA 128 -21.19 -83.57 -13.74
CA GLY FA 129 -22.54 -81.20 -11.11
CA THR FA 130 -19.07 -80.17 -9.96
CA ALA FA 131 -17.65 -79.79 -13.46
CA ARG FA 132 -20.56 -77.49 -14.27
CA SER FA 133 -19.64 -75.43 -11.22
CA MET FA 134 -15.91 -75.35 -12.01
CA GLY FA 135 -16.29 -73.93 -15.50
CA VAL FA 136 -15.65 -77.35 -17.02
CA THR FA 137 -17.75 -77.97 -20.13
CA VAL FA 138 -19.82 -81.10 -19.55
CA GLU FA 139 -19.87 -82.16 -23.20
CA GLY FA 140 -19.98 -85.78 -22.10
CA GLY FA 141 -22.80 -87.57 -20.32
CA PRO FA 142 -22.75 -89.51 -17.05
CA ASN FA 143 -23.38 -93.19 -17.74
CA VAL GA 1 -89.32 -6.57 48.86
CA LYS GA 2 -86.54 -8.88 50.04
CA THR GA 3 -86.11 -11.86 52.36
CA TYR GA 4 -85.31 -10.94 55.97
CA ILE GA 5 -83.65 -13.02 58.68
CA PRO GA 6 -83.32 -12.55 62.48
CA LYS GA 7 -79.58 -11.85 62.17
CA ASN GA 8 -79.31 -15.62 61.76
CA ASP GA 9 -79.83 -17.27 65.15
CA GLU GA 10 -79.40 -20.93 66.07
CA GLN GA 11 -77.87 -22.49 62.96
CA ASN GA 12 -78.07 -26.15 61.90
CA TRP GA 13 -75.12 -28.52 62.24
CA VAL GA 14 -74.72 -31.22 59.61
CA VAL GA 15 -71.99 -33.86 59.86
CA VAL GA 16 -70.80 -36.15 57.06
CA ASP GA 17 -69.03 -39.50 57.33
CA ALA GA 18 -65.74 -38.78 55.57
CA SER GA 19 -64.79 -42.39 56.28
CA GLY GA 20 -65.82 -43.22 52.74
CA VAL GA 21 -63.86 -43.30 49.48
CA PRO GA 22 -65.11 -40.50 47.19
CA LEU GA 23 -62.74 -37.52 47.45
CA GLY GA 24 -64.22 -35.30 44.75
CA ARG GA 25 -67.89 -35.94 45.47
CA LEU GA 26 -67.14 -34.90 49.06
CA ALA GA 27 -65.55 -31.60 48.02
CA THR GA 28 -68.87 -30.57 46.47
CA LEU GA 29 -71.26 -31.15 49.37
CA ILE GA 30 -69.06 -29.85 52.18
CA ALA GA 31 -69.07 -26.44 50.51
CA SER GA 32 -72.58 -26.35 49.04
CA ARG GA 33 -73.80 -26.43 52.64
CA ILE GA 34 -72.46 -22.93 53.36
CA ARG GA 35 -73.57 -20.11 51.06
CA GLY GA 36 -76.99 -21.61 50.40
CA LYS GA 37 -76.93 -24.70 52.61
CA HIS GA 38 -80.14 -25.47 50.69
CA ARG GA 39 -82.29 -23.13 52.77
CA PRO GA 40 -84.69 -20.37 51.58
CA ASP GA 41 -83.05 -18.14 54.19
CA PHE GA 42 -79.66 -17.65 52.52
CA THR GA 43 -79.78 -13.84 52.42
CA PRO GA 44 -76.73 -12.81 50.30
CA ASN GA 45 -74.04 -10.47 51.64
CA MET GA 46 -74.67 -12.00 55.07
CA ILE GA 47 -72.64 -14.87 56.52
CA GLN GA 48 -74.35 -18.25 56.86
CA GLY GA 49 -71.45 -20.67 57.13
CA ASP GA 50 -72.49 -23.93 58.79
CA PHE GA 51 -70.26 -26.35 60.69
CA VAL GA 52 -68.95 -29.49 58.99
CA VAL GA 53 -66.97 -32.05 60.99
CA VAL GA 54 -64.63 -34.56 59.35
CA ILE GA 55 -65.00 -38.17 60.47
CA ASN GA 56 -61.95 -40.37 59.90
CA ALA GA 57 -59.73 -38.52 57.43
CA ALA GA 58 -56.97 -41.14 57.61
CA GLN GA 59 -58.49 -43.81 55.38
CA VAL GA 60 -59.57 -41.74 52.36
CA ALA GA 61 -58.57 -44.33 49.77
CA LEU GA 62 -58.11 -42.14 46.70
CA THR GA 63 -57.72 -43.33 43.10
CA GLY GA 64 -55.80 -46.43 42.10
CA LYS GA 65 -53.45 -45.17 39.40
CA LYS GA 66 -52.66 -41.69 40.73
CA LEU GA 67 -50.21 -41.46 43.63
CA ASP GA 68 -47.21 -39.41 42.48
CA ASP GA 69 -48.84 -37.67 39.51
CA LYS GA 70 -50.55 -34.93 41.50
CA VAL GA 71 -48.11 -32.42 42.98
CA TYR GA 72 -48.54 -30.07 45.94
CA THR GA 73 -46.04 -27.25 45.49
CA ARG GA 74 -45.84 -25.40 48.81
CA TYR GA 75 -46.44 -21.74 47.94
CA THR GA 76 -44.43 -18.85 49.42
CA GLY GA 77 -42.97 -15.52 48.33
CA TYR GA 78 -39.36 -14.55 47.64
CA GLN GA 79 -37.33 -16.81 45.35
CA GLY GA 80 -34.35 -18.95 46.30
CA GLY GA 81 -35.25 -22.62 46.18
CA LEU GA 82 -38.83 -21.70 47.07
CA LYS GA 83 -40.05 -25.03 45.72
CA THR GA 84 -40.77 -28.15 47.79
CA GLU GA 85 -42.43 -30.85 45.69
CA THR GA 86 -44.28 -32.91 48.30
CA ALA GA 87 -46.08 -36.13 47.37
CA ARG GA 88 -49.70 -36.70 48.36
CA GLU GA 89 -48.89 -39.97 50.15
CA ALA GA 90 -46.15 -38.19 52.10
CA LEU GA 91 -48.72 -35.52 52.98
CA SER GA 92 -51.15 -38.13 54.30
CA LYS GA 93 -49.20 -37.90 57.55
CA HIS GA 94 -51.37 -34.91 58.45
CA PRO GA 95 -55.03 -35.79 57.68
CA GLU GA 96 -55.99 -32.35 59.01
CA ARG GA 97 -53.89 -30.78 56.26
CA VAL GA 98 -55.41 -32.40 53.18
CA ILE GA 99 -59.17 -31.98 53.62
CA GLU GA 100 -59.11 -28.30 54.58
CA HIS GA 101 -56.96 -27.68 51.51
CA ALA GA 102 -59.57 -29.29 49.26
CA VAL GA 103 -62.11 -26.80 50.60
CA PHE GA 104 -59.98 -23.70 51.20
CA GLY GA 105 -59.90 -23.29 47.44
CA MET GA 106 -63.65 -22.71 47.39
CA LEU GA 107 -63.08 -19.08 48.34
CA PRO GA 108 -64.04 -16.42 45.74
CA LYS GA 109 -61.49 -13.62 46.14
CA GLY GA 110 -62.84 -11.32 48.84
CA ARG GA 111 -62.93 -13.05 52.22
CA GLN GA 112 -66.33 -14.73 52.45
CA GLY GA 113 -64.56 -17.93 51.47
CA ARG GA 114 -61.72 -17.36 53.90
CA ALA GA 115 -63.85 -17.04 57.04
CA MET GA 116 -65.58 -20.09 55.59
CA HIS GA 117 -62.66 -22.25 56.69
CA THR GA 118 -63.01 -21.28 60.35
CA ARG GA 119 -66.50 -22.79 60.15
CA LEU GA 120 -64.96 -26.06 58.97
CA LYS GA 121 -63.47 -28.54 61.44
CA VAL GA 122 -60.94 -30.95 59.96
CA TYR GA 123 -60.51 -34.06 62.11
CA ALA GA 124 -58.86 -37.48 61.79
CA GLY GA 125 -60.87 -39.30 64.43
CA GLU GA 126 -64.00 -41.45 64.38
CA THR GA 127 -66.97 -40.79 66.66
CA HIS GA 128 -64.49 -39.48 69.22
CA PRO GA 129 -63.55 -36.61 66.91
CA HIS GA 130 -67.07 -35.15 66.82
CA SER GA 131 -67.05 -35.34 70.61
CA ALA GA 132 -64.54 -32.48 70.61
CA GLN GA 133 -67.34 -30.17 69.49
CA LYS GA 134 -70.54 -30.29 71.53
CA PRO GA 135 -73.35 -29.93 68.98
CA GLN GA 136 -76.42 -31.70 67.60
CA VAL GA 137 -75.23 -34.59 65.44
CA LEU GA 138 -77.01 -35.49 62.20
CA LYS GA 139 -75.75 -38.54 60.32
CA THR GA 140 -76.04 -37.93 56.58
CA GLN GA 141 -74.90 -40.25 53.78
CA PRO GA 142 -73.68 -38.75 50.46
CA LEU GA 143 -75.81 -39.07 47.33
CA ILE HA 1 3.12 -18.11 53.56
CA MET HA 2 4.14 -16.06 50.52
CA PRO HA 3 1.74 -14.57 47.96
CA GLN HA 4 4.27 -13.11 45.52
CA SER HA 5 6.90 -15.44 46.99
CA ARG HA 6 10.35 -14.33 48.15
CA LEU HA 7 11.64 -17.19 50.30
CA ASP HA 8 15.42 -17.26 50.72
CA VAL HA 9 17.71 -19.89 49.17
CA ALA HA 10 18.57 -23.16 50.91
CA ASP HA 11 21.37 -25.66 50.24
CA ASN HA 12 23.11 -25.80 46.86
CA SER HA 13 20.28 -24.48 44.67
CA GLY HA 14 22.07 -22.11 42.32
CA ALA HA 15 20.73 -18.60 42.83
CA ARG HA 16 19.35 -16.43 45.63
CA GLU HA 17 16.04 -15.61 43.93
CA ILE HA 18 13.80 -18.67 44.18
CA MET HA 19 10.22 -17.38 44.12
CA CYS HA 20 7.11 -19.58 43.88
CA ILE HA 21 3.74 -20.07 42.20
CA ARG HA 22 0.39 -21.60 43.16
CA VAL HA 23 0.56 -22.51 46.85
CA LEU HA 24 0.05 -26.28 46.97
CA ASN HA 25 -0.20 -28.72 49.88
CA SER HA 26 0.94 -31.92 48.15
CA GLY HA 27 3.80 -33.12 50.34
CA ILE HA 28 3.30 -36.52 51.94
CA GLY HA 29 5.56 -39.54 52.32
CA GLY HA 30 5.68 -42.23 49.66
CA LYS HA 31 5.50 -41.68 45.90
CA GLY HA 32 7.32 -38.52 44.86
CA LEU HA 33 4.95 -35.63 44.20
CA THR HA 34 1.49 -36.69 45.37
CA THR HA 35 0.11 -34.61 42.49
CA GLY HA 36 -3.11 -34.13 44.44
CA GLY HA 37 -4.79 -32.75 47.54
CA GLY HA 38 -6.70 -29.67 46.43
CA GLY HA 39 -6.17 -26.05 45.45
CA ASN HA 40 -7.74 -22.72 46.38
CA LYS HA 41 -4.89 -22.52 48.91
CA ARG HA 42 -2.79 -19.39 49.42
CA TYR HA 43 -1.11 -19.65 52.81
CA ALA HA 44 1.23 -22.65 52.95
CA HIS HA 45 3.25 -23.02 56.16
CA VAL HA 46 6.43 -25.05 56.61
CA GLY HA 47 5.82 -28.50 55.18
CA ASP HA 48 3.84 -27.94 51.98
CA ILE HA 49 5.50 -28.07 48.56
CA ILE HA 50 5.41 -24.86 46.52
CA VAL HA 51 6.67 -24.76 42.94
CA ALA HA 52 9.51 -22.24 43.20
CA SER HA 53 11.06 -20.35 40.29
CA VAL HA 54 14.46 -18.66 40.01
CA LYS HA 55 14.55 -15.06 38.79
CA ASP HA 56 18.00 -13.45 38.81
CA ALA HA 57 20.66 -15.97 37.78
CA ALA HA 58 24.09 -16.06 39.41
CA PRO HA 59 27.70 -16.62 38.36
CA ARG HA 60 27.93 -20.39 37.86
CA GLY HA 61 26.59 -22.79 40.48
CA ALA HA 62 26.03 -26.29 39.15
CA VAL HA 63 24.29 -24.51 36.26
CA LYS HA 64 20.61 -23.74 36.89
CA ALA HA 65 18.45 -21.58 34.62
CA GLY HA 66 15.35 -19.74 35.80
CA ASP HA 67 12.64 -22.32 35.19
CA VAL HA 68 9.95 -24.17 37.15
CA VAL HA 69 11.64 -25.78 40.15
CA LYS HA 70 9.46 -27.11 42.97
CA ALA HA 71 10.51 -26.36 46.55
CA VAL HA 72 9.30 -26.14 50.15
CA VAL HA 73 9.12 -23.29 52.64
CA VAL HA 74 11.28 -23.63 55.75
CA ARG HA 75 11.29 -20.43 57.81
CA THR HA 76 7.95 -18.82 58.66
CA SER HA 77 7.61 -15.10 59.35
CA HIS HA 78 4.01 -15.55 60.51
CA ALA HA 79 5.38 -17.66 63.37
CA ILE HA 80 4.23 -21.20 64.15
CA LYS HA 81 2.90 -22.89 67.27
CA ARG HA 82 3.53 -26.45 68.47
CA ALA HA 83 1.84 -29.27 70.38
CA ASP HA 84 3.06 -28.03 73.77
CA GLY HA 85 1.97 -24.53 72.83
CA SER HA 86 5.56 -23.40 72.30
CA THR HA 87 5.53 -20.92 69.42
CA ILE HA 88 8.53 -19.82 67.36
CA ARG HA 89 9.65 -17.58 64.49
CA PHE HA 90 12.59 -16.43 62.38
CA ASP HA 91 13.81 -13.48 60.30
CA ARG HA 92 13.91 -13.66 56.50
CA ASN HA 93 11.93 -16.75 55.50
CA ALA HA 94 13.44 -19.35 53.16
CA ALA HA 95 12.60 -22.38 51.04
CA VAL HA 96 14.71 -25.43 50.21
CA ILE HA 97 14.70 -26.51 46.56
CA ILE HA 98 13.49 -30.00 45.67
CA ASN HA 99 13.42 -32.32 42.66
CA ASN HA 100 10.20 -34.32 42.34
CA GLN HA 101 10.76 -37.44 44.44
CA GLY HA 102 11.25 -35.57 47.69
CA GLU HA 103 14.99 -35.40 47.06
CA PRO HA 104 16.72 -32.06 47.50
CA ARG HA 105 18.95 -30.88 44.65
CA GLY HA 106 21.54 -29.79 47.19
CA THR HA 107 23.87 -31.26 49.80
CA ARG HA 108 25.02 -28.72 52.39
CA VAL HA 109 22.90 -26.34 54.47
CA PHE HA 110 22.90 -22.54 54.66
CA GLY HA 111 20.87 -21.49 57.69
CA PRO HA 112 18.89 -23.24 60.41
CA VAL HA 113 15.96 -25.53 59.58
CA ALA HA 114 12.45 -25.93 60.99
CA ARG HA 115 11.10 -28.82 63.08
CA GLU HA 116 7.87 -29.26 61.12
CA LEU HA 117 9.74 -31.05 58.33
CA ARG HA 118 10.23 -34.12 60.53
CA ASP HA 119 6.45 -34.49 60.65
CA ARG HA 120 6.24 -34.03 56.88
CA ARG HA 121 7.74 -37.50 56.37
CA PHE HA 122 11.13 -36.01 55.53
CA MET HA 123 14.63 -37.44 55.96
CA LYS HA 124 16.89 -35.74 53.42
CA ILE HA 125 16.12 -32.19 54.57
CA VAL HA 126 16.26 -33.34 58.19
CA SER HA 127 19.64 -35.09 58.04
CA LEU HA 128 21.17 -32.30 55.95
CA ALA HA 129 20.74 -29.29 58.22
CA PRO HA 130 22.67 -26.94 60.51
CA GLU HA 131 22.05 -28.72 63.82
CA VAL HA 132 18.34 -28.44 63.04
CA HIS IA 1 -103.46 49.05 37.51
CA ASP IA 2 -101.43 47.82 40.47
CA LEU IA 3 -102.23 44.10 40.28
CA LYS IA 4 -100.77 41.12 38.43
CA PRO IA 5 -99.82 42.08 34.87
CA THR IA 6 -97.77 40.55 32.06
CA PRO IA 7 -95.85 41.83 29.03
CA GLY IA 8 -98.05 44.24 27.11
CA SER IA 9 -95.77 47.20 26.42
CA ARG IA 10 -93.61 47.86 23.36
CA LYS IA 11 -91.79 44.64 24.24
CA ASP IA 12 -94.60 42.64 22.63
CA ARG IA 13 -92.83 43.06 19.29
CA LYS IA 14 -90.44 40.24 18.39
CA ARG IA 15 -88.62 38.80 15.37
CA VAL IA 16 -90.32 37.46 12.25
CA GLY IA 17 -90.03 33.99 13.71
CA ARG IA 18 -87.08 32.93 11.58
CA GLY IA 19 -84.47 35.67 11.79
CA PRO IA 20 -83.64 34.88 15.41
CA GLY IA 21 -81.07 32.19 14.73
CA GLY IA 22 -78.18 32.94 17.04
CA THR IA 23 -74.60 32.68 15.78
CA ASP IA 24 -72.62 29.46 16.24
CA LYS IA 25 -71.32 28.97 19.78
CA THR IA 26 -67.96 28.23 18.16
CA ALA IA 27 -67.47 24.54 18.97
CA GLY IA 28 -70.10 24.67 21.69
CA ARG IA 29 -70.40 21.93 24.30
CA GLY IA 30 -67.69 19.31 24.74
CA HIS IA 31 -66.22 16.68 22.43
CA LYS IA 32 -66.50 18.92 19.36
CA GLY IA 33 -63.19 20.65 18.72
CA GLN IA 34 -64.09 22.31 15.42
CA LYS IA 35 -61.78 22.44 12.40
CA SER IA 36 -60.16 19.28 11.04
CA ARG IA 37 -57.20 17.26 12.32
CA SER IA 38 -53.88 19.01 12.97
CA GLY IA 39 -53.44 20.27 9.42
CA ALA IA 40 -55.39 23.39 10.38
CA GLY IA 41 -53.59 26.11 12.32
CA LYS IA 42 -53.07 29.83 12.83
CA GLY IA 43 -52.45 31.53 9.50
CA ALA IA 44 -54.70 29.87 6.93
CA PHE IA 45 -53.62 31.41 3.64
CA PHE IA 46 -54.72 28.48 1.49
CA GLU IA 47 -57.31 29.78 -0.95
CA GLY IA 48 -59.76 27.80 -3.05
CA GLY IA 49 -58.30 29.10 -6.28
CA ARG IA 50 -54.89 27.46 -6.72
CA SER IA 51 -52.14 29.17 -8.70
CA ARG IA 52 -51.23 26.43 -11.17
CA LEU IA 53 -53.75 23.62 -11.69
CA ILE IA 54 -56.17 24.23 -14.56
CA ALA IA 55 -55.67 27.96 -14.06
CA ARG IA 56 -52.11 27.99 -15.41
CA LEU IA 57 -52.89 25.35 -18.02
CA PRO IA 58 -55.91 26.90 -19.72
CA LYS IA 59 -56.34 28.36 -23.21
CA ARG IA 60 -55.66 31.94 -22.10
CA GLY IA 61 -55.32 34.90 -24.44
CA PHE IA 62 -55.36 38.69 -24.69
CA ASN IA 63 -57.10 41.63 -26.37
CA ASN IA 64 -59.68 42.70 -23.78
CA VAL IA 65 -61.27 45.87 -25.17
CA GLY IA 66 -64.75 47.15 -24.38
CA THR IA 67 -65.01 49.95 -26.93
CA THR IA 68 -68.61 51.04 -26.35
CA TYR IA 69 -71.60 49.51 -24.57
CA GLU IA 70 -75.26 49.37 -25.57
CA VAL IA 71 -78.54 48.94 -23.69
CA VAL IA 72 -81.59 46.85 -24.55
CA LYS IA 73 -84.53 48.61 -26.20
CA LEU IA 74 -87.19 45.93 -26.69
CA SER IA 75 -89.93 46.93 -29.13
CA GLN IA 76 -92.31 44.81 -27.07
CA LEU IA 77 -91.79 46.93 -23.96
CA GLN IA 78 -92.30 50.32 -25.60
CA ASP IA 79 -95.40 49.12 -27.46
CA LEU IA 80 -97.52 47.79 -24.59
CA GLU IA 81 -96.81 50.84 -22.43
CA ASP IA 82 -96.69 54.35 -23.94
CA THR IA 83 -97.54 55.59 -27.43
CA THR IA 84 -95.59 57.94 -29.70
CA PHE IA 85 -92.85 60.26 -28.48
CA ASP IA 86 -90.44 57.52 -27.39
CA ARG IA 87 -87.24 59.31 -28.41
CA ASP IA 88 -84.70 60.81 -26.04
CA THR IA 89 -85.67 62.18 -22.63
CA LEU IA 90 -88.87 60.11 -22.59
CA GLU IA 91 -86.82 56.96 -22.06
CA ALA IA 92 -85.80 57.28 -18.41
CA TYR IA 93 -89.33 56.24 -17.49
CA ARG IA 94 -88.98 52.91 -19.29
CA LEU IA 95 -85.77 52.14 -17.40
CA VAL IA 96 -83.88 52.70 -20.67
CA ARG IA 97 -81.24 54.78 -18.91
CA ARG IA 98 -77.65 53.58 -18.54
CA LYS IA 99 -75.79 56.87 -18.12
CA ASN IA 100 -73.58 57.47 -21.14
CA ARG IA 101 -74.49 54.55 -23.41
CA PRO IA 102 -76.39 53.50 -26.53
CA VAL IA 103 -79.72 51.76 -27.18
CA LYS IA 104 -80.22 48.87 -29.60
CA LEU IA 105 -83.73 47.85 -30.62
CA LEU IA 106 -84.30 44.29 -29.43
CA ALA IA 107 -87.63 43.11 -30.86
CA SER IA 108 -88.82 40.43 -28.44
CA GLY IA 109 -92.53 40.53 -29.22
CA GLU IA 110 -94.12 42.01 -32.33
CA ILE IA 111 -97.29 43.74 -31.15
CA SER IA 112 -97.72 45.84 -34.29
CA ARG IA 113 -97.95 49.42 -33.02
CA ALA IA 114 -97.01 52.77 -34.55
CA VAL IA 115 -93.91 54.07 -32.77
CA THR IA 116 -90.90 56.29 -33.41
CA VAL IA 117 -87.74 55.39 -31.50
CA HIS IA 118 -84.73 57.53 -32.41
CA VAL IA 119 -82.22 55.30 -30.60
CA ASP IA 120 -78.47 55.53 -31.17
CA ALA IA 121 -78.34 51.95 -32.45
CA ALA IA 122 -80.53 49.74 -34.65
CA SER IA 123 -80.69 46.22 -36.06
CA ALA IA 124 -82.20 44.53 -39.12
CA ALA IA 125 -85.56 44.01 -37.43
CA ALA IA 126 -85.30 47.58 -36.15
CA ILE IA 127 -85.46 49.00 -39.67
CA LYS IA 128 -88.15 46.55 -40.76
CA ALA IA 129 -90.51 47.08 -37.83
CA VAL IA 130 -90.04 50.82 -38.29
CA GLU IA 131 -91.13 50.94 -41.94
CA ALA IA 132 -93.97 48.55 -41.10
CA ALA IA 133 -95.86 50.71 -38.60
CA GLY IA 134 -94.42 54.00 -39.82
CA GLY IA 135 -91.99 56.55 -38.44
CA ARG IA 136 -88.31 57.41 -38.85
CA VAL IA 137 -85.40 55.86 -36.97
CA VAL IA 138 -83.42 59.11 -37.14
CA LEU IA 139 -79.87 57.79 -37.43
CA PRO IA 140 -77.20 59.72 -35.54
CA GLU IA 141 -74.51 61.73 -37.34
CA THR JA 1 -31.14 -32.14 -12.63
CA LYS JA 2 -33.40 -29.14 -13.23
CA PHE JA 3 -33.55 -27.61 -16.72
CA ARG JA 4 -31.17 -25.70 -18.97
CA LYS JA 5 -33.32 -22.94 -20.47
CA GLN JA 6 -36.00 -22.45 -17.82
CA PHE JA 7 -37.44 -19.21 -16.42
CA ARG JA 8 -36.74 -18.14 -12.84
CA GLY JA 9 -39.67 -17.46 -10.53
CA ARG JA 10 -42.17 -20.31 -10.29
CA MET JA 11 -45.35 -20.19 -8.21
CA THR JA 12 -46.55 -21.85 -5.01
CA GLY JA 13 -49.59 -23.78 -3.83
CA ASP JA 14 -49.98 -27.54 -3.35
CA ALA JA 15 -53.20 -28.84 -4.90
CA LYS JA 16 -54.51 -32.32 -5.70
CA GLY JA 17 -53.69 -33.74 -9.12
CA GLY JA 18 -55.54 -36.76 -10.46
CA ASP JA 19 -52.65 -38.97 -11.54
CA TYR JA 20 -52.56 -42.61 -10.44
CA VAL JA 21 -50.03 -44.78 -12.29
CA ALA JA 22 -48.40 -48.10 -11.41
CA PHE JA 23 -46.38 -48.87 -14.54
CA GLY JA 24 -43.98 -51.79 -14.61
CA ASP JA 25 -42.97 -51.13 -11.01
CA TYR JA 26 -44.10 -52.10 -7.50
CA GLY JA 27 -45.13 -48.93 -5.69
CA LEU JA 28 -43.39 -46.17 -3.74
CA ILE JA 29 -46.04 -43.48 -4.17
CA ALA JA 30 -47.15 -40.45 -2.15
CA MET JA 31 -50.14 -39.95 0.16
CA GLU JA 32 -50.53 -36.23 0.84
CA PRO JA 33 -49.57 -33.05 -1.02
CA ALA JA 34 -45.90 -32.25 -0.45
CA TRP JA 35 -42.92 -30.78 -2.30
CA ILE JA 36 -39.86 -32.55 -3.68
CA LYS JA 37 -36.53 -30.73 -3.59
CA SER JA 38 -33.95 -31.52 -6.27
CA ASN JA 39 -31.27 -32.09 -3.63
CA GLN JA 40 -33.49 -34.66 -1.91
CA ILE JA 41 -34.66 -36.25 -5.17
CA GLU JA 42 -31.14 -36.98 -6.41
CA ALA JA 43 -30.36 -38.23 -2.92
CA CYS JA 44 -33.28 -40.63 -2.46
CA ARG JA 45 -32.74 -41.96 -5.98
CA ILE JA 46 -29.01 -42.46 -5.42
CA VAL JA 47 -29.55 -44.14 -2.05
CA MET JA 48 -31.91 -46.56 -3.78
CA SER JA 49 -30.45 -47.19 -7.25
CA ARG JA 50 -27.25 -48.18 -5.44
CA HIS JA 51 -28.79 -49.79 -2.35
CA PHE JA 52 -31.48 -52.18 -3.58
CA ARG JA 53 -30.20 -54.38 -6.42
CA ARG JA 54 -26.90 -55.59 -7.89
CA GLY JA 55 -27.84 -54.20 -11.29
CA GLY JA 56 -31.42 -53.29 -12.07
CA LYS JA 57 -33.40 -50.49 -13.69
CA ILE JA 58 -34.79 -47.50 -11.78
CA TYR JA 59 -37.04 -44.65 -12.93
CA ILE JA 60 -38.21 -41.39 -11.37
CA ARG JA 61 -41.50 -39.92 -12.59
CA ILE JA 62 -40.86 -36.83 -10.47
CA PHE JA 63 -38.21 -34.21 -11.22
CA PRO JA 64 -37.36 -30.55 -10.62
CA ASP JA 65 -40.43 -29.02 -12.26
CA LYS JA 66 -40.98 -25.95 -10.09
CA PRO JA 67 -38.37 -23.75 -8.42
CA VAL JA 68 -37.75 -21.86 -5.17
CA THR JA 69 -35.20 -19.07 -4.74
CA LYS JA 70 -33.70 -18.20 -1.36
CA LYS JA 71 -32.71 -14.82 0.09
CA PRO JA 72 -29.11 -13.62 -0.09
CA ALA JA 73 -26.62 -13.59 2.78
CA GLU JA 74 -28.08 -10.24 3.82
CA THR JA 75 -31.75 -10.10 4.81
CA ARG JA 76 -33.98 -7.17 3.85
CA MET JA 77 -32.58 -6.02 0.51
CA GLY JA 78 -34.22 -7.09 -2.74
CA LYS JA 79 -37.03 -9.37 -3.86
CA GLY JA 80 -36.37 -12.57 -5.77
CA LYS JA 81 -32.79 -13.88 -5.71
CA GLY JA 82 -30.98 -16.83 -7.24
CA ALA JA 83 -32.70 -20.20 -7.08
CA VAL JA 84 -30.56 -22.66 -5.15
CA GLU JA 85 -33.32 -25.26 -4.86
CA TYR JA 86 -35.84 -26.63 -7.37
CA TRP JA 87 -39.01 -27.97 -5.73
CA VAL JA 88 -41.93 -29.74 -7.41
CA SER JA 89 -45.63 -30.54 -7.06
CA VAL JA 90 -47.12 -33.89 -6.07
CA VAL JA 91 -50.40 -35.36 -4.80
CA LYS JA 92 -50.69 -39.14 -5.14
CA PRO JA 93 -48.55 -39.80 -8.21
CA GLY JA 94 -45.71 -42.28 -7.97
CA ARG JA 95 -42.54 -40.56 -6.77
CA VAL JA 96 -40.31 -43.59 -7.35
CA MET JA 97 -40.46 -46.55 -9.73
CA PHE JA 98 -38.25 -49.65 -9.56
CA GLU JA 99 -38.90 -53.03 -11.18
CA VAL JA 100 -36.58 -55.34 -9.25
CA ALA JA 101 -38.09 -58.51 -7.77
CA GLY JA 102 -38.53 -59.11 -4.05
CA VAL JA 103 -36.80 -56.12 -2.47
CA THR JA 104 -39.21 -53.24 -3.10
CA GLU JA 105 -40.38 -53.28 0.52
CA GLU JA 106 -36.79 -52.73 1.68
CA GLN JA 107 -35.98 -50.09 -0.93
CA ALA JA 108 -39.05 -48.13 0.16
CA LYS JA 109 -37.71 -47.92 3.72
CA GLU JA 110 -34.66 -46.05 2.43
CA ALA JA 111 -36.57 -43.64 0.22
CA PHE JA 112 -38.91 -43.02 3.15
CA ARG JA 113 -36.00 -41.57 5.13
CA LEU JA 114 -35.51 -39.04 2.33
CA ALA JA 115 -39.13 -38.14 1.61
CA GLY JA 116 -40.23 -35.24 3.80
CA HIS JA 117 -43.95 -35.58 4.52
CA LYS JA 118 -45.86 -38.69 3.45
CA LEU JA 119 -44.52 -41.92 1.95
CA PRO JA 120 -46.33 -45.18 1.25
CA ILE JA 121 -45.29 -48.19 -0.84
CA GLN JA 122 -47.94 -50.20 -2.70
CA THR JA 123 -47.87 -53.58 -4.42
CA LYS JA 124 -48.51 -53.84 -8.16
CA HIS KA 1 -17.05 -0.61 70.15
CA GLY KA 2 -18.60 0.35 73.48
CA LYS KA 3 -16.86 -1.85 76.02
CA ALA KA 4 -14.48 1.05 76.63
CA GLY KA 5 -14.44 3.43 79.58
CA ARG KA 6 -14.22 7.00 78.33
CA LYS KA 7 -16.44 9.88 77.21
CA LEU KA 8 -14.50 12.24 74.94
CA ASN KA 9 -17.53 14.38 74.07
CA ARG KA 10 -15.73 17.21 72.28
CA ASN KA 11 -12.32 16.09 71.02
CA SER KA 12 -9.13 14.38 72.18
CA SER KA 13 -7.46 17.61 73.33
CA ALA KA 14 -10.73 19.15 74.49
CA ARG KA 15 -11.25 16.06 76.65
CA VAL KA 16 -8.41 16.49 79.14
CA ALA KA 17 -8.71 20.26 78.73
CA LEU KA 18 -12.37 20.32 79.75
CA ALA KA 19 -11.63 18.24 82.85
CA ARG KA 20 -9.00 20.79 83.91
CA ALA KA 21 -11.41 23.69 83.45
CA GLN KA 22 -14.19 21.82 85.25
CA ALA KA 23 -12.06 20.63 88.17
CA THR KA 24 -10.72 24.17 88.51
CA ALA KA 25 -14.08 25.79 89.25
CA LEU KA 26 -14.99 22.70 91.28
CA LEU KA 27 -12.13 23.48 93.66
CA ARG KA 28 -12.30 27.27 93.41
CA GLU KA 29 -15.88 28.37 94.12
CA GLY KA 30 -17.42 25.17 95.43
CA ARG KA 31 -20.41 24.74 93.13
CA ILE KA 32 -20.62 24.16 89.38
CA GLN KA 33 -23.74 23.75 87.24
CA THR KA 34 -23.15 22.03 83.90
CA THR KA 35 -24.42 19.14 81.77
CA LEU KA 36 -25.18 15.75 83.33
CA THR KA 37 -22.27 14.15 81.47
CA LYS KA 38 -19.93 17.11 81.93
CA ALA KA 39 -20.55 16.85 85.68
CA LYS KA 40 -19.86 13.11 85.69
CA GLU KA 41 -16.56 13.52 83.84
CA LEU KA 42 -15.61 16.39 86.14
CA ARG KA 43 -16.29 14.35 89.27
CA PRO KA 44 -13.98 11.66 87.90
CA PHE KA 45 -11.07 14.01 87.23
CA VAL KA 46 -11.50 15.83 90.55
CA GLU KA 47 -11.61 12.59 92.52
CA GLN KA 48 -8.49 11.43 90.69
CA LEU KA 49 -6.62 14.57 91.73
CA ILE KA 50 -7.75 14.38 95.36
CA THR KA 51 -5.98 11.04 95.65
CA THR KA 52 -2.53 12.31 94.69
CA ALA KA 53 -3.06 15.31 96.97
CA LYS KA 54 -3.75 12.93 99.86
CA GLY KA 55 -0.43 13.09 101.71
CA GLY KA 56 1.71 16.18 101.29
CA ASP KA 57 4.68 15.19 99.16
CA LEU KA 58 6.65 17.42 96.78
CA HIS KA 59 5.86 15.11 93.88
CA SER KA 60 2.18 15.17 94.84
CA ARG KA 61 1.84 18.94 94.55
CA ARG KA 62 3.69 18.77 91.23
CA LEU KA 63 1.27 16.26 89.69
CA VAL KA 64 -1.70 18.20 91.05
CA ALA KA 65 -0.52 21.44 89.44
CA GLN KA 66 -0.06 19.51 86.19
CA ASP KA 67 -3.75 18.62 85.92
CA ILE KA 68 -4.96 21.91 87.38
CA HIS KA 69 -3.22 25.10 86.23
CA ASP KA 70 -3.91 27.10 89.38
CA LYS KA 71 -1.49 27.74 92.26
CA ASP KA 72 -4.43 29.12 94.25
CA VAL KA 73 -6.56 26.00 93.82
CA VAL KA 74 -3.66 23.55 94.17
CA ARG KA 75 -2.67 25.11 97.50
CA LYS KA 76 -6.30 25.27 98.62
CA VAL KA 77 -6.93 21.56 98.03
CA MET KA 78 -3.75 20.71 99.93
CA ASP KA 79 -4.14 22.76 103.12
CA GLU KA 80 -7.92 22.74 103.53
CA VAL KA 81 -9.75 20.20 101.38
CA ALA KA 82 -7.06 17.56 101.95
CA PRO KA 83 -7.14 18.04 105.72
CA LYS KA 84 -10.93 17.92 105.62
CA TYR KA 85 -10.88 14.52 103.89
CA ALA KA 86 -8.33 13.05 106.30
CA GLU KA 87 -11.08 10.79 107.64
CA ARG KA 88 -13.51 10.22 104.78
CA PRO KA 89 -12.30 7.93 101.99
CA GLY KA 90 -13.23 9.26 98.58
CA GLY KA 91 -16.51 10.89 97.62
CA TYR KA 92 -15.08 14.33 98.37
CA THR KA 93 -17.25 15.67 95.55
CA ARG KA 94 -21.02 15.23 95.39
CA ILE KA 95 -23.19 15.71 92.30
CA LEU KA 96 -26.90 16.54 92.24
CA ARG KA 97 -29.10 16.60 89.13
CA VAL KA 98 -31.15 19.71 88.42
CA GLY KA 99 -33.96 20.86 86.15
CA THR KA 100 -33.79 21.40 82.40
CA ARG KA 101 -32.09 24.29 80.61
CA ARG KA 102 -33.47 26.94 78.25
CA GLY KA 103 -32.03 26.18 74.84
CA ASP KA 104 -30.15 22.93 74.29
CA GLY KA 105 -32.37 21.25 76.86
CA VAL KA 106 -29.40 19.53 78.50
CA THR KA 107 -30.06 18.64 82.14
CA MET KA 108 -28.06 20.62 84.70
CA ALA KA 109 -26.12 19.29 87.69
CA LEU KA 110 -24.66 21.02 90.74
CA ILE KA 111 -21.32 19.62 91.88
CA GLU KA 112 -20.26 20.73 95.36
CA LEU KA 113 -17.83 19.49 98.01
CA VAL KA 114 -19.10 17.03 100.62
CA ALA LA 1 -54.74 -23.01 -56.62
CA THR LA 2 -56.86 -20.21 -58.09
CA THR LA 3 -60.04 -21.76 -56.68
CA ILE LA 4 -59.81 -19.34 -53.76
CA ARG LA 5 -59.41 -16.37 -56.09
CA ARG LA 6 -63.14 -16.42 -56.83
CA LYS LA 7 -63.82 -16.00 -53.12
CA LEU LA 8 -62.04 -12.64 -53.23
CA ARG LA 9 -64.42 -11.27 -55.85
CA THR LA 10 -67.45 -12.98 -54.30
CA ARG LA 11 -66.83 -11.59 -50.82
CA ARG LA 12 -66.08 -8.17 -52.30
CA LYS LA 13 -69.47 -8.07 -54.01
CA VAL LA 14 -71.21 -9.21 -50.83
CA ARG LA 15 -69.67 -6.34 -48.86
CA THR LA 16 -71.16 -3.86 -51.34
CA THR LA 17 -74.56 -5.52 -50.89
CA THR LA 18 -74.57 -4.33 -47.28
CA ALA LA 19 -75.32 -0.68 -48.06
CA ALA LA 20 -78.19 -1.83 -50.27
CA SER LA 21 -80.41 -4.81 -49.46
CA GLY LA 22 -81.61 -4.80 -53.07
CA ARG LA 23 -78.11 -5.25 -54.50
CA LEU LA 24 -78.54 -7.79 -57.30
CA ARG LA 25 -75.64 -9.79 -58.74
CA LEU LA 26 -74.77 -11.74 -61.89
CA SER LA 27 -72.32 -14.63 -61.61
CA VAL LA 28 -70.92 -15.30 -65.08
CA TYR LA 29 -68.73 -18.33 -65.78
CA ARG LA 30 -66.14 -18.53 -68.55
CA SER LA 31 -67.17 -22.15 -69.05
CA SER LA 32 -69.21 -23.22 -72.09
CA LYS LA 33 -72.67 -24.66 -71.40
CA HIS LA 34 -72.79 -23.05 -67.96
CA ILE LA 35 -72.56 -19.60 -69.55
CA TYR LA 36 -75.24 -17.84 -67.50
CA ALA LA 37 -75.80 -15.31 -64.72
CA GLN LA 38 -78.47 -15.89 -62.06
CA ILE LA 39 -79.67 -12.45 -60.95
CA ILE LA 40 -79.33 -12.76 -57.17
CA ASP LA 41 -81.00 -9.75 -55.56
CA ASP LA 42 -81.01 -9.84 -51.75
CA SER LA 43 -78.65 -12.16 -49.88
CA ARG LA 44 -81.58 -13.89 -48.17
CA GLY LA 45 -83.81 -15.57 -50.73
CA GLN LA 46 -81.90 -14.67 -53.88
CA THR LA 47 -82.32 -16.30 -57.31
CA LEU LA 48 -85.02 -14.21 -58.99
CA ALA LA 49 -84.23 -13.48 -62.63
CA ALA LA 50 -82.29 -15.71 -65.01
CA ALA LA 51 -79.86 -14.95 -67.84
CA SER LA 52 -79.38 -16.44 -71.31
CA SER LA 53 -77.24 -19.48 -72.15
CA ALA LA 54 -74.98 -20.65 -74.97
CA ALA LA 55 -77.51 -21.58 -77.66
CA LEU LA 56 -75.11 -21.19 -80.58
CA LYS LA 57 -75.68 -17.56 -81.56
CA SER LA 58 -72.94 -17.10 -84.14
CA GLY LA 59 -70.78 -20.10 -83.32
CA ASN LA 60 -68.17 -17.84 -81.74
CA LYS LA 61 -67.63 -16.87 -78.10
CA THR LA 62 -67.33 -13.09 -78.42
CA ASP LA 63 -70.68 -13.04 -80.23
CA THR LA 64 -72.24 -15.61 -77.91
CA ALA LA 65 -71.34 -13.55 -74.85
CA ALA LA 66 -72.99 -10.48 -76.36
CA ALA LA 67 -76.13 -12.42 -77.29
CA VAL LA 68 -76.27 -13.97 -73.81
CA GLY LA 69 -76.20 -10.50 -72.28
CA LYS LA 70 -78.90 -9.21 -74.61
CA ALA LA 71 -81.52 -11.64 -73.30
CA LEU LA 72 -80.20 -11.19 -69.76
CA ALA LA 73 -80.91 -7.45 -69.85
CA ALA LA 74 -84.36 -8.02 -71.36
CA ALA LA 75 -85.29 -10.53 -68.65
CA ALA LA 76 -84.16 -8.05 -65.99
CA ALA LA 77 -86.29 -5.33 -67.59
CA GLU LA 78 -89.44 -7.46 -67.34
CA LYS LA 79 -88.83 -9.40 -64.13
CA GLY LA 80 -87.64 -6.31 -62.26
CA ILE LA 81 -88.73 -2.80 -61.31
CA LYS LA 82 -85.71 -0.99 -62.73
CA GLN LA 83 -83.00 -2.30 -60.41
CA VAL LA 84 -79.23 -1.82 -60.63
CA VAL LA 85 -76.26 -3.17 -58.66
CA PHE LA 86 -72.98 -5.04 -59.01
CA ASP LA 87 -72.16 -8.36 -60.70
CA ARG LA 88 -70.05 -11.38 -59.74
CA GLY LA 89 -67.20 -11.06 -62.22
CA SER LA 90 -63.98 -13.02 -62.63
CA TYR LA 91 -60.44 -12.07 -63.65
CA LYS LA 92 -59.97 -9.09 -65.97
CA TYR LA 93 -62.69 -7.63 -68.21
CA HIS LA 94 -62.11 -8.21 -71.93
CA GLY LA 95 -63.93 -10.23 -74.57
CA ARG LA 96 -65.94 -12.04 -71.91
CA VAL LA 97 -66.90 -9.52 -69.24
CA LYS LA 98 -67.16 -6.31 -71.27
CA ALA LA 99 -69.43 -8.18 -73.67
CA LEU LA 100 -72.18 -8.18 -71.05
CA ALA LA 101 -71.44 -4.54 -70.27
CA ASP LA 102 -72.11 -3.45 -73.85
CA ALA LA 103 -75.73 -4.54 -73.47
CA ALA LA 104 -76.01 -3.18 -69.93
CA ARG LA 105 -75.18 0.44 -70.79
CA GLU LA 106 -77.75 0.52 -73.59
CA GLY LA 107 -81.00 -0.87 -72.22
CA GLY LA 108 -80.29 -1.69 -68.60
CA LEU LA 109 -81.50 0.20 -65.55
CA ASP LA 110 -78.31 2.23 -65.15
CA PHE LA 111 -76.25 -0.64 -63.73
CA GLN MA 1 -26.41 -11.95 81.33
CA THR MA 2 -26.39 -13.97 84.56
CA HIS MA 3 -26.35 -11.93 87.77
CA ILE MA 4 -24.77 -14.84 89.65
CA LYS MA 5 -21.97 -13.27 91.68
CA ILE MA 6 -19.16 -15.76 91.06
CA ASN MA 7 -15.47 -15.24 91.77
CA ARG MA 8 -13.94 -14.83 88.31
CA GLY MA 9 -10.47 -14.46 89.79
CA GLU MA 10 -10.81 -17.93 91.27
CA LEU MA 11 -12.83 -19.66 88.54
CA LEU MA 12 -10.41 -18.76 85.74
CA ARG MA 13 -7.22 -18.16 87.72
CA GLY MA 14 -7.93 -20.84 90.30
CA ILE MA 15 -7.68 -23.83 87.98
CA GLU MA 16 -4.81 -22.14 86.13
CA GLN MA 17 -2.87 -21.94 89.40
CA ASP MA 18 -2.40 -25.71 89.55
CA HIS MA 19 -1.31 -26.37 85.98
CA THR MA 20 1.92 -24.63 84.96
CA ARG MA 21 2.78 -23.51 88.49
CA GLN MA 22 6.53 -23.75 87.90
CA LEU MA 23 8.14 -20.62 89.35
CA PRO MA 24 10.13 -18.41 86.99
CA ASP MA 25 13.93 -18.37 86.87
CA PHE MA 26 13.78 -14.99 88.60
CA ARG MA 27 16.11 -13.61 85.91
CA PRO MA 28 13.86 -13.09 82.89
CA GLY MA 29 14.93 -9.47 82.69
CA ASP MA 30 15.92 -7.49 79.60
CA THR MA 31 19.19 -7.55 77.68
CA VAL MA 32 19.90 -10.98 79.18
CA ARG MA 33 21.61 -14.02 77.66
CA VAL MA 34 19.97 -17.09 79.21
CA ASP MA 35 19.95 -20.63 77.82
CA THR MA 36 16.75 -22.67 78.02
CA LYS MA 37 16.69 -26.46 77.63
CA VAL MA 38 13.60 -28.17 76.20
CA ARG MA 39 13.02 -31.85 75.44
CA GLU MA 40 11.10 -31.60 72.16
CA GLY MA 41 10.46 -35.21 71.22
CA ASN MA 42 9.79 -35.04 67.49
CA ARG MA 43 12.16 -37.86 66.56
CA THR MA 44 10.33 -40.33 68.79
CA ARG MA 45 11.64 -39.46 72.25
CA SER MA 46 15.21 -39.25 70.83
CA GLN MA 47 15.02 -35.98 72.77
CA ALA MA 48 18.32 -34.08 72.67
CA PHE MA 49 18.82 -31.27 75.17
CA GLU MA 50 20.18 -28.10 73.57
CA GLY MA 51 20.66 -24.53 74.75
CA VAL MA 52 20.11 -21.55 72.46
CA VAL MA 53 20.98 -17.88 72.98
CA ILE MA 54 18.53 -15.06 73.68
CA ALA MA 55 18.25 -11.27 73.52
CA ILE MA 56 15.60 -10.73 76.19
CA ASN MA 57 13.34 -8.11 74.64
CA GLY MA 58 10.06 -9.20 76.22
CA SER MA 59 8.31 -11.35 78.82
CA GLY MA 60 4.95 -12.84 79.71
CA SER MA 61 2.56 -12.18 82.58
CA ARG MA 62 -0.48 -13.80 84.22
CA LYS MA 63 -0.58 -17.57 84.74
CA SER MA 64 0.50 -17.95 81.11
CA PHE MA 65 3.98 -16.44 80.75
CA THR MA 66 6.29 -17.13 77.81
CA VAL MA 67 10.03 -16.65 77.31
CA ARG MA 68 9.60 -15.02 73.90
CA LYS MA 69 11.80 -12.32 72.36
CA ILE MA 70 14.45 -15.01 71.94
CA SER MA 71 16.49 -13.45 69.12
CA PHE MA 72 18.85 -16.37 68.53
CA GLY MA 73 21.57 -15.43 66.07
CA GLU MA 74 22.27 -19.04 65.13
CA GLY MA 75 23.04 -18.75 61.43
CA VAL MA 76 20.20 -16.84 59.78
CA GLU MA 77 18.93 -15.60 63.14
CA ARG MA 78 15.52 -16.45 64.60
CA VAL MA 79 12.95 -15.60 67.28
CA PHE MA 80 11.71 -18.35 69.58
CA PRO MA 81 8.52 -17.87 71.60
CA PHE MA 82 8.40 -20.96 73.81
CA ALA MA 83 6.38 -20.82 77.03
CA SER MA 84 8.28 -20.37 80.30
CA PRO MA 85 6.18 -23.17 81.78
CA LEU MA 86 5.01 -26.01 79.54
CA VAL MA 87 5.38 -29.73 78.81
CA ASN MA 88 8.44 -29.00 76.68
CA GLN MA 89 10.59 -27.32 79.32
CA VAL MA 90 13.13 -28.39 81.96
CA THR MA 91 15.06 -25.48 83.48
CA ILE MA 92 16.98 -22.29 82.68
CA VAL MA 93 19.81 -20.20 84.10
CA GLU MA 94 21.55 -16.91 83.36
CA ARG MA 95 24.87 -15.67 81.96
CA GLY MA 96 24.58 -12.08 80.78
CA LYS MA 97 23.81 -9.42 83.37
CA VAL MA 98 20.87 -7.06 82.88
CA ARG MA 99 21.70 -3.74 81.20
CA ARG MA 100 18.60 -2.36 79.46
CA ALA MA 101 16.31 0.65 79.85
CA LYS MA 102 13.08 -0.79 78.45
CA LEU MA 103 11.93 -4.22 79.66
CA TYR MA 104 9.55 -5.99 77.29
CA TYR MA 105 9.95 -3.24 74.70
CA LEU MA 106 13.49 -3.68 73.38
CA ARG MA 107 12.22 -4.33 69.85
CA GLU MA 108 15.23 -2.38 68.58
CA LEU MA 109 17.45 -5.47 68.67
CA ARG MA 110 15.91 -6.92 65.50
CA GLY MA 111 17.14 -3.96 63.50
CA LYS MA 112 20.68 -3.30 64.71
CA ALA MA 113 23.12 -6.20 65.06
CA ALA MA 114 26.50 -4.79 64.06
CA ARG MA 115 28.42 -6.39 66.92
CA ILE MA 116 28.65 -3.37 69.23
CA LYS MA 117 25.13 -2.50 68.06
CA SER MA 118 23.79 -5.91 69.09
CA ASP MA 119 24.84 -6.80 72.63
CA ARG MA 120 24.62 -3.14 73.63
CA SER MA 121 21.55 -0.89 73.54
CA ARG MA 122 23.15 2.39 74.57
CA VAL MA 123 25.92 2.77 71.98
CA MET MA 124 26.47 5.74 69.67
CA LYS MA 125 25.70 6.53 66.02
CA PRO NA 1 -69.58 44.99 27.56
CA ARG NA 2 -68.11 42.33 29.86
CA ALA NA 3 -68.82 38.65 30.52
CA LYS NA 4 -66.98 37.51 33.66
CA THR NA 5 -67.51 33.98 34.95
CA GLY NA 6 -68.55 35.42 38.30
CA ILE NA 7 -70.94 33.15 40.18
CA VAL NA 8 -70.86 30.92 37.09
CA ARG NA 9 -67.92 28.55 37.52
CA ARG NA 10 -68.51 28.42 41.27
CA ARG NA 11 -72.11 27.28 40.86
CA ARG NA 12 -71.01 24.45 38.55
CA HIS NA 13 -68.24 23.41 40.95
CA LYS NA 14 -70.63 23.51 43.89
CA LYS NA 15 -73.08 21.27 42.04
CA VAL NA 16 -70.44 18.59 41.56
CA LEU NA 17 -69.31 19.07 45.16
CA LYS NA 18 -72.83 18.76 46.56
CA ARG NA 19 -72.56 14.98 46.23
CA ALA NA 20 -69.62 14.71 48.62
CA LYS NA 21 -71.45 11.89 50.39
CA GLY NA 22 -68.81 9.19 50.27
CA PHE NA 23 -66.24 10.72 47.92
CA TRP NA 24 -62.51 10.61 48.68
CA GLY NA 25 -59.63 12.48 50.27
CA SER NA 26 -59.23 14.82 47.30
CA ARG NA 27 -62.00 13.90 44.87
CA SER NA 28 -64.68 16.07 46.45
CA LYS NA 29 -61.96 18.58 47.30
CA GLN NA 30 -61.18 19.04 43.60
CA TYR NA 31 -63.48 20.01 40.73
CA ARG NA 32 -61.07 18.08 38.51
CA ASN NA 33 -61.04 14.86 40.52
CA ALA NA 34 -64.75 15.15 41.26
CA PHE NA 35 -65.83 15.40 37.62
CA GLN NA 36 -63.52 12.48 36.84
CA THR NA 37 -64.89 10.44 39.74
CA LEU NA 38 -68.52 10.83 38.65
CA LEU NA 39 -67.44 10.10 35.09
CA ASN NA 40 -66.62 6.50 35.99
CA ALA NA 41 -69.22 6.22 38.75
CA ALA NA 42 -72.13 7.15 36.47
CA THR NA 43 -70.83 4.80 33.78
CA TYR NA 44 -70.89 1.85 36.17
CA GLU NA 45 -74.33 2.86 37.46
CA TYR NA 46 -75.65 2.92 33.89
CA ARG NA 47 -74.73 -0.73 33.34
CA ASP NA 48 -75.72 -1.55 36.91
CA ARG NA 49 -79.39 -0.87 36.17
CA ARG NA 50 -79.20 -3.52 33.46
CA ASN NA 51 -77.11 -5.98 35.49
CA LYS NA 52 -79.40 -5.55 38.51
CA LYS NA 53 -82.24 -7.76 37.28
CA ARG NA 54 -79.59 -10.18 36.07
CA ASP NA 55 -77.90 -10.76 39.43
CA PHE NA 56 -81.12 -10.49 41.44
CA ARG NA 57 -82.60 -13.21 39.24
CA ARG NA 58 -79.90 -15.69 40.26
CA LEU NA 59 -81.05 -15.40 43.87
CA TRP NA 60 -84.58 -16.47 42.93
CA ILE NA 61 -83.32 -19.48 41.00
CA GLN NA 62 -81.14 -20.48 43.96
CA ARG NA 63 -84.03 -20.17 46.42
CA ILE NA 64 -86.39 -22.21 44.24
CA ASN NA 65 -83.74 -24.90 43.75
CA ALA NA 66 -82.88 -25.05 47.45
CA GLY NA 67 -86.52 -25.25 48.44
CA ALA NA 68 -87.06 -28.15 46.05
CA ARG NA 69 -83.98 -29.98 47.33
CA LEU NA 70 -85.72 -30.47 50.67
CA HIS NA 71 -88.45 -32.38 48.86
CA GLY NA 72 -86.15 -34.36 46.59
CA MET NA 73 -86.07 -32.43 43.31
CA ASN NA 74 -84.05 -29.83 41.40
CA TYR NA 75 -84.91 -26.56 39.66
CA SER NA 76 -84.61 -28.35 36.31
CA THR NA 77 -87.26 -30.90 37.27
CA PHE NA 78 -89.41 -28.17 38.82
CA ILE NA 79 -89.34 -25.48 36.13
CA ASN NA 80 -90.30 -28.06 33.50
CA GLY NA 81 -93.14 -29.32 35.66
CA LEU NA 82 -94.75 -25.89 35.67
CA LYS NA 83 -94.82 -25.76 31.87
CA ARG NA 84 -96.66 -29.09 31.93
CA ALA NA 85 -99.56 -27.91 34.09
CA ASN NA 86 -99.99 -24.93 31.76
CA ILE NA 87 -101.72 -22.90 34.48
CA ASP NA 88 -98.38 -22.79 36.29
CA LEU NA 89 -96.80 -19.80 34.57
CA ASN NA 90 -96.06 -17.63 37.60
CA ARG NA 91 -92.51 -16.88 38.75
CA LYS NA 92 -90.33 -14.24 40.40
CA VAL NA 93 -92.39 -13.82 43.58
CA LEU NA 94 -92.86 -17.59 43.47
CA ALA NA 95 -89.26 -18.00 44.66
CA ASP NA 96 -89.97 -15.93 47.78
CA ILE NA 97 -93.10 -17.99 48.45
CA ALA NA 98 -90.83 -21.02 48.92
CA ALA NA 99 -88.99 -19.13 51.66
CA ARG NA 100 -91.63 -17.31 53.70
CA GLU NA 101 -94.51 -19.76 53.23
CA PRO NA 102 -93.53 -23.23 54.42
CA GLU NA 103 -96.77 -24.96 53.41
CA ALA NA 104 -96.81 -23.73 49.81
CA PHE NA 105 -93.59 -24.77 48.06
CA LYS NA 106 -94.51 -28.40 48.68
CA ALA NA 107 -97.81 -27.96 46.84
CA LEU NA 108 -96.05 -26.76 43.69
CA VAL NA 109 -93.59 -29.66 43.87
CA ASP NA 110 -96.44 -32.16 44.17
CA ALA NA 111 -97.92 -30.83 40.92
CA SER NA 112 -94.60 -30.86 39.06
CA ARG NA 113 -93.89 -34.45 40.08
CA ASN NA 114 -97.41 -35.50 39.09
CA ALA NA 115 -96.91 -33.86 35.70
CA ARG NA 116 -93.56 -35.56 35.08
CA GLN NA 117 -94.45 -39.06 36.28
CA MET OA 1 -106.30 -11.88 52.82
CA PHE OA 2 -102.69 -12.13 51.62
CA ALA OA 3 -102.55 -13.67 48.15
CA ILE OA 4 -100.40 -13.57 45.02
CA ILE OA 5 -101.75 -10.93 42.63
CA GLN OA 6 -101.00 -10.01 39.02
CA THR OA 7 -100.79 -6.41 37.78
CA GLY OA 8 -98.71 -5.16 34.87
CA GLY OA 9 -95.35 -6.90 34.94
CA LYS OA 10 -95.04 -9.27 37.90
CA GLN OA 11 -96.44 -7.19 40.76
CA TYR OA 12 -97.44 -9.96 43.17
CA ARG OA 13 -97.71 -10.26 46.96
CA VAL OA 14 -100.61 -7.95 47.75
CA SER OA 15 -102.33 -8.14 51.14
CA GLU OA 16 -103.88 -4.74 51.91
CA GLY OA 17 -101.13 -2.21 51.33
CA ASP OA 18 -100.60 -0.02 48.26
CA VAL OA 19 -99.18 -1.88 45.26
CA ILE OA 20 -98.04 0.29 42.35
CA ARG OA 21 -98.02 -1.43 38.95
CA VAL OA 22 -97.60 0.35 35.62
CA GLU OA 23 -99.89 3.25 34.72
CA SER OA 24 -103.63 2.55 34.63
CA LEU OA 25 -105.24 4.53 31.81
CA GLN OA 26 -108.31 2.45 30.99
CA GLY OA 27 -108.75 0.80 34.38
CA GLU OA 28 -107.93 3.02 37.34
CA ALA OA 29 -108.88 6.47 36.05
CA GLY OA 30 -110.09 8.21 39.21
CA ASP OA 31 -110.22 7.72 42.97
CA LYS OA 32 -111.99 4.44 43.77
CA VAL OA 33 -112.72 3.30 40.21
CA GLU OA 34 -112.60 -0.39 41.10
CA LEU OA 35 -110.52 -2.94 39.19
CA LYS OA 36 -110.18 -6.68 38.62
CA ALA OA 37 -107.19 -8.87 37.80
CA LEU OA 38 -106.77 -12.62 37.38
CA PHE OA 39 -104.65 -13.79 40.31
CA VAL OA 40 -101.93 -16.36 39.60
CA GLY OA 41 -101.90 -17.74 43.14
CA GLY OA 42 -103.93 -17.72 46.33
CA GLU OA 43 -102.57 -17.94 49.87
CA GLN OA 44 -105.78 -16.76 51.55
CA THR OA 45 -106.12 -18.65 54.84
CA VAL OA 46 -103.40 -21.02 53.63
CA PHE OA 47 -104.89 -22.45 50.44
CA GLY OA 48 -102.17 -22.81 47.82
CA GLU OA 49 -104.60 -23.08 44.92
CA ASP OA 50 -103.16 -23.37 41.41
CA ALA OA 51 -103.60 -20.72 38.72
CA GLY OA 52 -106.46 -22.83 37.39
CA LYS OA 53 -108.19 -22.95 40.76
CA TYR OA 54 -108.04 -19.21 41.41
CA THR OA 55 -108.69 -18.01 37.86
CA VAL OA 56 -112.42 -17.73 38.55
CA GLN OA 57 -111.83 -16.02 41.89
CA ALA OA 58 -110.90 -12.49 40.88
CA GLU OA 59 -109.27 -10.37 43.60
CA VAL OA 60 -111.03 -7.04 44.14
CA VAL OA 61 -108.76 -3.99 44.02
CA GLU OA 62 -109.53 -0.28 44.34
CA HIS OA 63 -107.95 2.46 42.21
CA GLY OA 64 -105.94 4.06 45.00
CA ARG OA 65 -104.00 7.31 44.68
CA GLY OA 66 -101.98 8.11 41.57
CA LYS OA 67 -98.27 8.37 42.31
CA LYS OA 68 -95.95 10.98 40.81
CA ILE OA 69 -92.55 9.70 39.64
CA TYR OA 70 -89.38 8.15 41.03
CA ILE OA 71 -86.32 10.36 41.57
CA ARG OA 72 -83.60 8.55 39.64
CA LYS OA 73 -81.53 10.53 37.13
CA TYR OA 74 -79.61 8.02 35.01
CA LYS OA 75 -76.44 8.84 33.07
CA SER OA 76 -73.83 7.36 30.74
CA GLY OA 77 -70.23 8.10 29.78
CA VAL OA 78 -67.61 6.91 27.30
CA GLN OA 79 -63.96 7.27 26.34
CA TYR OA 80 -64.87 8.94 23.03
CA ARG OA 81 -65.67 12.34 24.52
CA ARG OA 82 -69.27 11.16 24.90
CA ARG OA 83 -71.59 12.26 27.71
CA THR OA 84 -75.25 11.45 28.34
CA GLY OA 85 -77.85 12.04 31.04
CA HIS OA 86 -81.61 11.52 30.99
CA ARG OA 87 -84.19 11.55 33.78
CA GLN OA 88 -86.68 8.79 34.60
CA ASN OA 89 -90.40 9.58 34.48
CA PHE OA 90 -92.11 6.41 35.72
CA THR OA 91 -95.53 8.01 36.17
CA ALA OA 92 -96.76 4.92 38.00
CA ILE OA 93 -100.10 4.65 39.80
CA LYS OA 94 -100.65 3.02 43.20
CA ILE OA 95 -103.67 0.91 44.12
CA LEU OA 96 -105.23 -1.13 46.92
CA GLY OA 97 -105.69 -4.89 47.16
CA ILE OA 98 -108.21 -7.33 48.63
CA GLN OA 99 -109.57 -10.86 48.27
CA GLY OA 100 -112.84 -12.12 46.80
CA GLU PA 1 -87.37 30.02 74.30
CA GLN PA 2 -86.26 33.53 73.35
CA THR PA 3 -88.81 34.75 70.79
CA PHE PA 4 -86.86 37.21 68.64
CA ARG PA 5 -88.03 39.66 65.98
CA ASN PA 6 -85.46 40.65 63.36
CA LYS PA 7 -81.83 39.78 62.63
CA LYS PA 8 -80.45 42.93 64.25
CA GLN PA 9 -83.25 42.94 66.83
CA ARG PA 10 -81.39 40.25 68.76
CA LYS PA 11 -77.98 41.82 68.10
CA GLN PA 12 -79.02 44.75 70.30
CA GLN PA 13 -80.44 42.83 73.25
CA VAL PA 14 -77.49 40.45 73.13
CA LYS PA 15 -73.86 41.57 72.87
CA LEU PA 16 -73.00 38.00 71.84
CA ARG PA 17 -69.68 37.79 73.68
CA LYS PA 18 -68.40 34.32 74.57
CA PRO PA 19 -66.65 34.39 77.95
CA GLY PA 20 -64.14 31.96 79.43
CA PHE PA 21 -61.83 31.98 76.42
CA ALA PA 22 -58.52 33.54 75.40
CA VAL PA 23 -56.68 33.89 72.09
CA ALA PA 24 -53.08 34.69 71.20
CA LYS PA 25 -52.42 35.46 67.53
CA TYR PA 26 -49.32 36.91 65.87
CA VAL PA 27 -47.40 33.95 67.30
CA ARG PA 28 -43.96 33.51 65.73
CA MET PA 29 -44.26 29.81 66.55
CA SER PA 30 -45.24 26.99 64.19
CA PRO PA 31 -48.86 25.83 64.49
CA ARG PA 32 -47.77 22.24 63.86
CA LYS PA 33 -45.38 22.47 66.81
CA VAL PA 34 -47.57 24.57 69.11
CA ARG PA 35 -50.31 21.95 68.74
CA LEU PA 36 -47.97 19.43 70.35
CA VAL PA 37 -47.77 21.28 73.66
CA VAL PA 38 -51.44 22.28 73.62
CA ASP PA 39 -52.32 18.63 73.03
CA VAL PA 40 -51.47 17.84 76.65
CA ILE PA 41 -52.99 21.07 77.96
CA ARG PA 42 -56.49 20.18 76.74
CA GLY PA 43 -57.73 17.81 79.43
CA LYS PA 44 -58.94 18.65 82.94
CA SER PA 45 -58.05 20.71 86.00
CA VAL PA 46 -56.51 24.06 85.05
CA GLN PA 47 -54.00 23.45 87.84
CA ASP PA 48 -52.74 20.32 86.09
CA ALA PA 49 -52.13 22.38 82.95
CA GLU PA 50 -49.75 24.54 84.99
CA ASP PA 51 -47.64 21.82 86.61
CA LEU PA 52 -47.04 20.28 83.20
CA LEU PA 53 -46.25 23.71 81.77
CA ARG PA 54 -43.42 24.48 84.19
CA PHE PA 55 -41.18 21.96 82.42
CA ILE PA 56 -41.63 20.79 78.82
CA PRO PA 57 -38.40 21.10 76.83
CA ARG PA 58 -40.61 22.56 74.09
CA SER PA 59 -40.34 26.34 73.91
CA ALA PA 60 -43.91 26.38 72.59
CA SER PA 61 -45.01 25.58 76.15
CA GLU PA 62 -44.07 29.15 77.10
CA PRO PA 63 -46.31 31.03 74.68
CA VAL PA 64 -49.10 28.52 75.29
CA ALA PA 65 -48.91 28.86 79.08
CA LYS PA 66 -49.03 32.65 78.81
CA VAL PA 67 -52.42 32.34 77.11
CA LEU PA 68 -53.63 29.57 79.44
CA ASN PA 69 -53.27 31.72 82.56
CA SER PA 70 -55.01 34.59 80.76
CA ALA PA 71 -58.01 32.40 80.00
CA LYS PA 72 -58.39 31.20 83.59
CA ALA PA 73 -58.14 34.83 84.70
CA ASN PA 74 -60.93 36.15 82.46
CA ALA PA 75 -62.96 33.07 83.37
CA LEU PA 76 -62.93 33.92 87.08
CA HIS PA 77 -63.22 37.68 86.53
CA ASN PA 78 -65.30 38.38 83.43
CA ASP PA 79 -67.09 35.02 83.29
CA GLU PA 80 -67.14 35.03 87.10
CA MET PA 81 -66.34 31.43 88.05
CA LEU PA 82 -64.40 29.34 90.58
CA GLU PA 83 -60.77 28.42 89.91
CA ASP PA 84 -61.29 25.33 92.07
CA ARG PA 85 -63.49 23.92 89.29
CA LEU PA 86 -61.71 25.57 86.37
CA PHE PA 87 -60.67 23.00 83.75
CA VAL PA 88 -59.52 22.91 80.13
CA LYS PA 89 -62.52 22.17 77.89
CA GLU PA 90 -61.28 23.54 74.56
CA ALA PA 91 -57.73 24.11 73.33
CA TYR PA 92 -56.66 24.30 69.68
CA VAL PA 93 -54.28 26.31 67.49
CA ASP PA 94 -55.31 27.71 64.11
CA ALA PA 95 -52.66 29.25 61.85
CA GLY PA 96 -51.07 32.66 61.43
CA PRO PA 97 -49.75 34.52 58.39
CA THR PA 98 -46.45 33.83 56.61
CA LEU PA 99 -43.32 35.81 55.75
CA LYS PA 100 -40.95 35.65 52.78
CA ARG PA 101 -37.38 35.07 53.97
CA LEU PA 102 -35.73 34.33 50.62
CA ILE PA 103 -33.11 31.83 51.75
CA PRO PA 104 -30.43 31.88 49.05
CA ARG PA 105 -30.13 28.17 48.28
CA ALA PA 106 -27.72 26.95 45.59
CA ARG PA 107 -27.32 26.97 41.81
CA GLY PA 108 -28.72 30.49 41.82
CA SER PA 109 -32.05 28.88 42.69
CA ALA PA 110 -33.97 30.96 45.23
CA ASN PA 111 -36.01 29.62 48.16
CA ILE PA 112 -39.00 30.78 50.20
CA ILE PA 113 -38.69 30.14 53.94
CA LYS PA 114 -42.38 29.66 54.75
CA LYS PA 115 -42.71 31.31 58.16
CA ARG PA 116 -45.87 29.56 59.33
CA THR PA 117 -47.35 31.14 62.46
CA SER PA 118 -49.97 29.99 64.97
CA HIS PA 119 -52.86 31.14 67.16
CA ILE PA 120 -53.02 29.60 70.64
CA THR PA 121 -56.64 29.63 71.78
CA ILE PA 122 -57.81 28.03 75.02
CA ILE PA 123 -61.19 28.16 76.75
CA VAL PA 124 -61.32 27.49 80.50
CA ALA PA 125 -64.60 26.75 82.26
CA GLU PA 126 -66.06 24.94 85.27
CA LYS PA 127 -66.29 21.21 84.57
CA GLY PA 128 -67.99 18.33 86.37
CA ASN PA 129 -70.81 15.81 86.16
CA LYS PA 130 -73.24 18.47 87.37
CA SER QA 1 -23.14 89.92 54.74
CA HIS QA 2 -23.78 89.62 58.48
CA TYR QA 3 -27.23 88.12 59.07
CA ASP QA 4 -27.49 85.79 56.08
CA ILE QA 5 -25.00 82.92 56.35
CA LEU QA 6 -25.69 82.37 60.05
CA GLN QA 7 -28.48 79.79 60.08
CA ALA QA 8 -28.47 78.54 63.67
CA PRO QA 9 -26.13 77.98 66.61
CA VAL QA 10 -25.09 74.43 67.51
CA ILE QA 11 -26.36 73.55 70.99
CA SER QA 12 -24.70 70.23 71.79
CA GLU QA 13 -22.22 68.83 74.33
CA LYS QA 14 -18.95 69.28 72.44
CA ALA QA 15 -20.34 72.55 71.09
CA TYR QA 16 -21.03 73.95 74.56
CA SER QA 17 -17.77 72.59 75.97
CA ALA QA 18 -15.82 74.47 73.29
CA MET QA 19 -17.69 77.67 74.15
CA GLU QA 20 -16.04 77.76 77.58
CA ARG QA 21 -12.54 77.95 76.13
CA GLY QA 22 -12.49 80.49 73.32
CA VAL QA 23 -13.99 78.94 70.20
CA TYR QA 24 -17.61 79.11 69.04
CA SER QA 25 -19.57 76.49 67.11
CA PHE QA 26 -22.15 77.61 64.55
CA TRP QA 27 -23.98 76.25 61.49
CA VAL QA 28 -23.27 78.10 58.26
CA SER QA 29 -24.04 77.58 54.57
CA PRO QA 30 -22.37 75.11 52.20
CA LYS QA 31 -21.98 78.03 49.77
CA ALA QA 32 -20.38 80.21 52.43
CA THR QA 33 -16.63 80.80 52.20
CA LYS QA 34 -14.01 81.58 54.86
CA THR QA 35 -13.77 85.28 54.03
CA GLU QA 36 -17.54 85.79 54.24
CA ILE QA 37 -17.84 83.92 57.54
CA LYS QA 38 -15.05 85.99 59.06
CA ASP QA 39 -17.15 89.10 58.41
CA ALA QA 40 -20.51 87.70 59.52
CA ILE QA 41 -19.22 86.37 62.85
CA GLN QA 42 -17.35 89.63 63.50
CA GLN QA 43 -20.00 92.19 62.58
CA ALA QA 44 -23.18 90.53 63.81
CA PHE QA 45 -21.55 88.75 66.75
CA GLY QA 46 -19.68 91.85 67.83
CA VAL QA 47 -16.42 90.00 68.41
CA ARG QA 48 -13.23 89.72 66.35
CA VAL QA 49 -12.02 86.38 65.01
CA ILE QA 50 -8.65 84.87 64.11
CA GLY QA 51 -8.99 81.16 63.39
CA ILE QA 52 -11.33 79.99 60.63
CA SER QA 53 -12.88 76.55 60.17
CA THR QA 54 -15.48 75.20 57.75
CA MET QA 55 -16.86 71.66 58.08
CA ASN QA 56 -19.16 69.79 55.70
CA VAL QA 57 -21.53 66.88 56.30
CA PRO QA 58 -25.07 65.58 55.80
CA GLY QA 59 -27.81 63.49 57.38
CA LYS QA 60 -29.99 60.61 56.21
CA ARG QA 61 -33.44 59.89 57.65
CA LYS QA 62 -35.57 56.88 56.71
CA ARG QA 63 -38.51 57.98 58.87
CA VAL QA 64 -41.95 56.50 58.19
CA GLY QA 65 -42.41 53.91 55.45
CA ARG QA 66 -42.89 55.75 52.16
CA PHE QA 67 -39.88 53.97 50.65
CA ILE QA 68 -38.20 57.37 50.59
CA GLY QA 69 -34.98 58.23 52.39
CA GLN QA 70 -33.43 61.50 51.24
CA ARG QA 71 -30.65 63.50 52.89
CA ASN QA 72 -29.94 66.87 54.51
CA ASP QA 73 -26.48 68.23 53.72
CA ARG QA 74 -25.33 70.60 56.45
CA LYS QA 75 -22.24 72.79 56.86
CA LYS QA 76 -21.10 73.58 60.40
CA ALA QA 77 -18.39 76.22 60.80
CA ILE QA 78 -16.76 76.80 64.17
CA VAL QA 79 -14.55 79.90 64.46
CA ARG QA 80 -12.21 81.03 67.23
CA LEU QA 81 -12.65 84.53 68.64
CA ALA QA 82 -9.64 86.59 69.73
CA GLU QA 83 -8.62 87.50 73.28
CA GLY QA 84 -11.86 88.79 74.78
CA GLN QA 85 -15.58 88.83 74.06
CA SER QA 86 -17.64 85.63 73.84
CA ILE QA 87 -20.64 86.41 71.65
CA GLU QA 88 -22.30 88.52 74.35
CA ALA QA 89 -23.91 86.37 77.03
CA LEU QA 90 -24.60 83.49 74.64
CA ALA QA 91 -21.89 81.38 76.30
CA GLY QA 92 -23.20 81.10 79.85
CA GLN QA 93 -25.86 78.65 78.68
CA PRO RA 1 -56.89 60.29 49.40
CA ARG RA 2 -60.38 60.68 50.89
CA PRO RA 3 -63.12 60.10 48.26
CA SER RA 4 -65.47 61.96 50.60
CA ALA RA 5 -63.73 65.33 50.90
CA GLY RA 6 -66.23 67.63 49.23
CA SER RA 7 -66.21 68.53 45.53
CA HIS RA 8 -69.79 67.22 45.36
CA HIS RA 9 -70.96 70.62 46.64
CA ASN RA 10 -69.94 74.27 46.41
CA ASP RA 11 -66.79 75.45 48.20
CA LYS RA 12 -68.98 78.08 49.88
CA LEU RA 13 -70.26 77.51 53.41
CA HIS RA 14 -73.97 77.59 54.25
CA PHE RA 15 -73.65 78.86 57.83
CA LYS RA 16 -72.82 82.27 59.30
CA LYS RA 17 -71.04 82.99 62.58
CA GLY RA 18 -73.96 83.70 64.90
CA ASP RA 19 -77.11 81.90 63.81
CA THR RA 20 -79.44 79.32 65.35
CA VAL RA 21 -79.55 75.78 63.98
CA ILE RA 22 -82.09 72.93 63.89
CA VAL RA 23 -81.06 69.28 64.00
CA LEU RA 24 -83.40 67.76 61.41
CA SER RA 25 -83.29 64.34 59.74
CA GLY RA 26 -81.22 63.12 62.67
CA LYS RA 27 -81.00 62.52 66.41
CA HIS RA 28 -82.84 64.77 68.86
CA LYS RA 29 -85.54 65.98 66.48
CA GLY RA 30 -87.28 69.23 67.38
CA GLN RA 31 -84.48 70.53 69.60
CA THR RA 32 -82.79 73.78 68.62
CA GLY RA 33 -79.19 74.99 68.68
CA LYS RA 34 -76.91 78.01 68.91
CA VAL RA 35 -73.83 79.48 67.21
CA LEU RA 36 -71.29 76.93 65.99
CA LEU RA 37 -68.31 76.36 63.69
CA ALA RA 38 -68.52 75.02 60.13
CA LEU RA 39 -66.02 74.33 57.36
CA PRO RA 40 -67.10 74.69 53.69
CA ARG RA 41 -64.34 72.20 52.89
CA ASP RA 42 -65.04 68.98 54.79
CA GLN RA 43 -68.49 70.34 55.69
CA LYS RA 44 -67.63 69.70 59.34
CA VAL RA 45 -70.14 70.85 61.97
CA VAL RA 46 -69.73 71.88 65.61
CA VAL RA 47 -73.30 71.74 66.91
CA GLU RA 48 -73.94 72.06 70.65
CA GLY RA 49 -77.22 70.16 70.50
CA VAL RA 50 -76.00 66.67 69.60
CA ASN RA 51 -73.27 65.88 72.13
CA VAL RA 52 -72.18 62.26 72.50
CA ILE RA 53 -69.92 60.75 75.17
CA THR RA 54 -66.30 61.67 74.45
CA LYS RA 55 -63.09 59.94 75.51
CA ASN RA 56 -59.48 61.16 75.38
CA VAL RA 57 -56.27 59.14 75.56
CA LYS RA 58 -53.20 59.32 77.80
CA PRO RA 59 -50.82 61.78 76.06
CA SER RA 60 -48.99 61.99 79.39
CA MET RA 61 -49.88 65.68 79.23
CA THR RA 62 -51.36 67.42 82.27
CA ASN RA 63 -54.26 65.29 83.51
CA PRO RA 64 -52.98 61.68 83.35
CA GLN RA 65 -56.60 60.52 83.33
CA GLY RA 66 -59.11 61.14 80.56
CA GLY RA 67 -62.74 62.10 80.96
CA GLN RA 68 -66.09 61.76 79.21
CA GLU RA 69 -67.38 65.34 78.99
CA GLN RA 70 -67.56 68.04 76.32
CA ARG RA 71 -67.18 67.01 72.67
CA GLU RA 72 -68.21 67.91 69.12
CA LEU RA 73 -69.56 65.74 66.28
CA ALA RA 74 -69.29 66.44 62.55
CA LEU RA 75 -72.71 66.22 60.90
CA HIS RA 76 -72.35 67.74 57.43
CA ALA RA 77 -75.60 69.02 55.92
CA SER RA 78 -78.90 67.45 56.96
CA LYS RA 79 -79.91 70.68 58.69
CA VAL RA 80 -81.12 74.24 58.10
CA ALA RA 81 -79.26 77.32 59.35
CA LEU RA 82 -81.72 80.18 58.82
CA VAL RA 83 -84.80 79.39 60.92
CA ASP RA 84 -87.20 81.36 63.12
CA PRO RA 85 -90.87 80.91 62.09
CA GLU RA 86 -91.18 77.41 63.57
CA THR RA 87 -89.53 75.80 60.54
CA GLY RA 88 -86.58 76.81 58.39
CA LYS RA 89 -86.50 78.42 54.95
CA ALA RA 90 -84.00 79.59 52.33
CA THR RA 91 -82.21 82.74 51.19
CA ARG RA 92 -83.67 85.51 49.02
CA VAL RA 93 -83.95 89.30 48.67
CA ARG RA 94 -81.14 91.70 49.57
CA LYS RA 95 -81.07 94.51 52.14
CA GLN RA 96 -79.90 98.12 51.87
CA ILE RA 97 -78.76 100.02 54.97
CA VAL RA 98 -76.65 103.15 55.43
CA ASP RA 99 -73.59 101.20 54.30
CA GLY RA 100 -74.59 98.81 51.53
CA LYS RA 101 -71.76 96.29 51.70
CA LYS RA 102 -73.30 93.09 53.08
CA VAL RA 103 -76.39 91.09 52.13
CA ARG RA 104 -79.51 89.84 53.91
CA VAL RA 105 -81.37 86.53 53.77
CA ALA RA 106 -85.13 86.00 53.83
CA VAL RA 107 -88.08 84.35 52.08
CA ALA RA 108 -91.71 84.99 53.05
CA SER RA 109 -90.78 87.49 55.76
CA GLY RA 110 -88.90 90.77 55.88
CA LYS RA 111 -86.87 89.84 58.94
CA THR RA 112 -83.12 90.50 59.00
CA ILE RA 113 -80.87 87.66 60.17
CA MET SA 1 -71.79 -61.34 -8.07
CA GLU SA 2 -74.95 -60.12 -6.31
CA LEU SA 3 -76.26 -56.56 -6.12
CA THR SA 4 -79.60 -54.76 -5.91
CA ALA SA 5 -81.24 -51.36 -5.47
CA LYS SA 6 -80.44 -48.80 -8.16
CA PRO SA 7 -80.70 -45.05 -7.54
CA ARG SA 8 -79.39 -41.84 -9.10
CA THR SA 9 -77.98 -40.44 -5.86
CA PRO SA 10 -75.02 -41.58 -3.75
CA LYS SA 11 -76.61 -41.32 -0.30
CA GLN SA 12 -77.65 -44.98 -0.44
CA LYS SA 13 -74.50 -46.72 -1.66
CA LEU SA 14 -71.78 -44.73 0.11
CA ASP SA 15 -73.12 -46.08 3.40
CA GLU SA 16 -72.20 -49.56 4.63
CA SER SA 17 -70.58 -52.04 2.26
CA MET SA 18 -71.69 -50.87 -1.19
CA ILE SA 19 -70.31 -49.21 -4.31
CA ALA SA 20 -71.55 -47.94 -7.67
CA ALA SA 21 -71.79 -49.67 -11.05
CA VAL SA 22 -73.37 -49.16 -14.47
CA ALA SA 23 -74.36 -51.94 -16.87
CA TYR SA 24 -73.78 -49.96 -20.07
CA ASN SA 25 -75.11 -51.76 -23.15
CA LYS SA 26 -76.51 -51.03 -26.61
CA GLU SA 27 -79.66 -49.49 -25.12
CA ASN SA 28 -79.96 -51.04 -21.66
CA ASN SA 29 -77.83 -48.80 -19.43
CA VAL SA 30 -78.49 -49.47 -15.74
CA SER SA 31 -77.73 -47.44 -12.62
CA PHE SA 32 -75.65 -47.95 -9.46
CA ALA SA 33 -75.49 -51.59 -8.38
CA LEU SA 34 -72.66 -52.95 -6.25
CA ASP SA 35 -71.64 -54.02 -2.74
CA ARG SA 36 -68.07 -52.71 -2.53
CA LYS SA 37 -66.58 -55.83 -0.95
CA ALA SA 38 -68.43 -57.93 -3.52
CA PHE SA 39 -66.82 -55.94 -6.33
CA ASP SA 40 -63.39 -56.20 -4.74
CA ARG SA 41 -63.60 -60.00 -4.87
CA ALA SA 42 -65.19 -59.89 -8.33
CA PHE SA 43 -62.41 -57.98 -10.08
CA ARG SA 44 -59.85 -60.05 -8.17
CA GLN SA 45 -59.96 -63.39 -9.99
CA GLN SA 46 -61.41 -62.07 -13.24
CA SER SA 47 -59.11 -59.31 -14.51
CA THR SA 48 -61.78 -57.96 -16.85
CA THR SA 49 -62.35 -61.47 -18.19
CA GLY SA 50 -64.31 -63.21 -15.46
CA LEU SA 51 -67.86 -61.91 -15.91
CA PHE SA 52 -69.81 -62.89 -12.79
CA ASP SA 53 -73.58 -63.33 -13.10
CA ILE SA 54 -75.47 -61.10 -10.68
CA THR SA 55 -79.15 -60.94 -9.71
CA VAL SA 56 -80.60 -57.43 -9.78
CA GLU SA 57 -83.53 -57.82 -7.38
CA GLY SA 58 -84.54 -60.82 -9.45
CA GLY SA 59 -84.35 -59.15 -12.85
CA GLU SA 60 -82.21 -60.12 -15.82
CA THR SA 61 -79.01 -62.00 -14.99
CA PHE SA 62 -76.27 -60.70 -17.27
CA PRO SA 63 -72.47 -60.69 -16.95
CA ALA SA 64 -69.85 -58.90 -19.03
CA LEU SA 65 -67.01 -58.20 -16.59
CA VAL SA 66 -65.84 -54.58 -16.67
CA LYS SA 67 -64.44 -52.04 -19.12
CA ALA SA 68 -63.09 -49.04 -17.23
CA VAL SA 69 -62.04 -48.24 -13.67
CA GLN SA 70 -61.14 -45.40 -11.29
CA MET SA 71 -58.59 -45.20 -8.48
CA ASP SA 72 -58.97 -42.82 -5.53
CA LYS SA 73 -56.29 -40.29 -4.64
CA ARG SA 74 -56.57 -40.90 -0.89
CA LYS SA 75 -57.46 -44.59 -0.64
CA ARG SA 76 -56.81 -47.34 -3.18
CA ALA SA 77 -60.23 -48.94 -3.70
CA PRO SA 78 -62.28 -48.54 -6.88
CA ILE SA 79 -65.00 -45.88 -6.84
CA HIS SA 80 -67.86 -46.09 -9.34
CA VAL SA 81 -66.76 -48.90 -11.66
CA ASP SA 82 -67.94 -49.40 -15.25
CA PHE SA 83 -69.92 -52.55 -16.05
CA TYR SA 84 -71.72 -53.99 -19.07
CA MET SA 85 -74.16 -56.65 -20.26
CA VAL SA 86 -73.17 -58.70 -23.32
CA THR SA 87 -75.89 -60.48 -25.28
CA TYR SA 88 -73.84 -62.10 -28.05
CA GLY SA 89 -70.19 -62.48 -29.21
CA GLU SA 90 -69.18 -59.67 -31.55
CA PRO SA 91 -67.13 -57.10 -29.64
CA VAL SA 92 -64.27 -54.62 -29.98
CA GLU SA 93 -61.50 -53.06 -27.87
CA VAL SA 94 -60.17 -55.19 -25.01
CA SER SA 95 -57.12 -55.94 -22.85
CA VAL SA 96 -54.74 -58.83 -22.30
CA PRO SA 97 -52.16 -59.22 -19.52
CA VAL SA 98 -48.72 -60.54 -20.48
CA HIS SA 99 -47.49 -63.44 -18.36
CA THR SA 100 -43.97 -64.84 -18.21
CA THR SA 101 -42.40 -68.24 -17.60
CA GLY SA 102 -39.04 -70.00 -17.77
CA ARG SA 103 -36.50 -67.75 -19.47
CA SER SA 104 -32.73 -67.26 -19.34
CA GLN SA 105 -29.82 -67.21 -21.80
CA GLY SA 106 -28.90 -63.82 -20.37
CA GLU SA 107 -31.18 -63.24 -17.40
CA VAL SA 108 -28.61 -64.75 -15.04
CA GLN SA 109 -25.63 -64.65 -17.40
CA GLY SA 110 -24.99 -60.92 -17.36
CA GLY SA 111 -27.97 -59.27 -15.72
CA LEU SA 112 -30.77 -58.80 -18.26
CA VAL SA 113 -33.77 -56.61 -17.44
CA ASP SA 114 -36.53 -58.45 -19.30
CA ILE SA 115 -38.84 -55.61 -18.24
CA VAL SA 116 -42.10 -55.58 -20.19
CA VAL SA 117 -43.12 -52.18 -21.53
CA HIS SA 118 -46.59 -53.31 -22.55
CA ASN SA 119 -48.15 -55.28 -19.69
CA LEU SA 120 -51.40 -55.20 -21.67
CA GLN SA 121 -52.11 -56.09 -25.29
CA ILE SA 122 -54.93 -54.73 -27.46
CA VAL SA 123 -57.10 -57.39 -29.08
CA ALA SA 124 -60.57 -57.31 -30.65
CA PRO SA 125 -62.78 -59.58 -28.55
CA GLY SA 126 -64.89 -62.09 -30.46
CA PRO SA 127 -67.19 -65.07 -29.93
CA ARG SA 128 -67.57 -63.73 -26.38
CA ARG SA 129 -64.20 -65.40 -25.75
CA ILE SA 130 -61.84 -62.63 -24.67
CA PRO SA 131 -58.13 -63.10 -23.92
CA GLN SA 132 -57.85 -63.32 -20.12
CA GLU SA 133 -54.17 -64.15 -20.49
CA LEU SA 134 -51.47 -63.82 -23.15
CA VAL SA 135 -48.21 -65.68 -22.59
CA VAL SA 136 -45.22 -64.37 -24.54
CA ASP SA 137 -42.08 -66.00 -23.16
CA VAL SA 138 -39.68 -68.41 -24.87
CA THR SA 139 -35.92 -68.46 -25.52
CA LYS SA 140 -33.21 -66.48 -27.29
CA MET SA 141 -33.69 -63.17 -25.49
CA ASN SA 142 -30.63 -61.20 -24.34
CA ILE SA 143 -28.20 -58.39 -25.15
CA GLY SA 144 -29.99 -56.46 -27.87
CA ASP SA 145 -32.95 -58.78 -28.39
CA HIS SA 146 -36.43 -57.27 -28.26
CA ILE SA 147 -39.62 -59.31 -28.70
CA THR SA 148 -42.73 -57.98 -30.43
CA ALA SA 149 -46.48 -58.56 -30.51
CA GLY SA 150 -46.00 -60.17 -33.90
CA ASP SA 151 -44.30 -63.07 -32.14
CA ILE SA 152 -46.53 -63.03 -29.07
CA LYS SA 153 -48.89 -65.51 -30.72
CA LEU SA 154 -52.62 -65.70 -29.99
CA PRO SA 155 -55.15 -68.44 -29.25
CA GLU SA 156 -57.58 -68.36 -32.17
CA GLY SA 157 -58.94 -64.82 -32.30
CA CYS SA 158 -57.86 -62.22 -34.85
CA THR SA 159 -56.37 -58.93 -33.67
CA LEU SA 160 -54.73 -56.35 -35.94
CA ALA SA 161 -54.42 -53.82 -33.12
CA ALA SA 162 -50.92 -54.52 -31.79
CA ASP SA 163 -48.56 -52.56 -34.06
CA PRO SA 164 -45.93 -54.15 -36.30
CA GLU SA 165 -42.94 -54.32 -33.96
CA LEU SA 166 -43.71 -52.76 -30.58
CA THR SA 167 -41.51 -52.90 -27.49
CA VAL SA 168 -43.14 -55.64 -25.41
CA VAL SA 169 -40.10 -57.47 -24.03
CA SER SA 170 -36.85 -55.54 -23.55
CA VAL SA 171 -33.56 -56.68 -22.00
CA LEU SA 172 -30.65 -54.44 -21.02
CA PRO SA 173 -27.19 -55.58 -19.90
CA ALA TA 1 -25.56 8.58 -18.63
CA HIS TA 2 -27.26 5.18 -18.85
CA LYS TA 3 -29.42 2.73 -16.90
CA LYS TA 4 -28.43 -0.54 -15.23
CA GLY TA 5 -28.51 -4.06 -16.64
CA VAL TA 6 -31.02 -6.87 -16.15
CA GLY TA 7 -34.22 -5.02 -15.32
CA SER TA 8 -36.79 -7.10 -13.44
CA SER TA 9 -39.64 -4.81 -12.38
CA LYS TA 10 -40.26 -2.22 -15.11
CA ASN TA 11 -43.82 -0.89 -14.91
CA GLY TA 12 -47.49 -1.84 -14.91
CA ARG TA 13 -50.06 -1.71 -17.71
CA ASP TA 14 -53.12 0.53 -17.68
CA SER TA 15 -55.17 -1.46 -20.20
CA ASN TA 16 -58.33 0.06 -21.66
CA PRO TA 17 -59.78 -2.97 -23.44
CA LYS TA 18 -63.37 -3.71 -22.41
CA TYR TA 19 -66.62 -5.27 -23.60
CA LEU TA 20 -69.17 -2.45 -23.71
CA GLY TA 21 -72.48 -2.58 -25.53
CA VAL TA 22 -73.88 -5.90 -24.35
CA LYS TA 23 -76.37 -7.88 -26.45
CA LYS TA 24 -80.11 -7.23 -26.17
CA PHE TA 25 -79.24 -3.78 -24.85
CA GLY TA 26 -80.12 -0.26 -25.94
CA GLY TA 27 -77.72 0.95 -28.60
CA GLU TA 28 -77.25 4.43 -30.03
CA VAL TA 29 -74.99 3.48 -32.94
CA VAL TA 30 -71.46 3.87 -31.57
CA LYS TA 31 -68.24 2.06 -30.66
CA ALA TA 32 -69.37 -1.17 -29.00
CA GLY TA 33 -66.89 -3.40 -27.20
CA ASN TA 34 -63.81 -1.19 -27.38
CA ILE TA 35 -60.83 -3.56 -27.46
CA LEU TA 36 -58.79 -2.33 -30.41
CA VAL TA 37 -58.61 0.90 -32.43
CA ARG TA 38 -58.72 1.18 -36.23
CA GLN TA 39 -62.45 0.41 -36.20
CA ARG TA 40 -64.66 0.38 -39.29
CA GLY TA 41 -68.22 0.11 -40.56
CA THR TA 42 -70.18 -2.82 -39.16
CA LYS TA 43 -73.68 -1.39 -38.71
CA PHE TA 44 -75.94 -2.69 -35.94
CA LYS TA 45 -75.73 -6.21 -34.52
CA ALA TA 46 -73.38 -8.38 -36.59
CA GLY TA 47 -71.54 -10.48 -34.02
CA GLN TA 48 -69.47 -12.69 -36.31
CA GLY TA 49 -66.45 -14.52 -34.95
CA VAL TA 50 -64.32 -17.58 -35.68
CA GLY TA 51 -65.69 -19.86 -32.99
CA MET TA 52 -69.26 -21.13 -33.21
CA GLY TA 53 -71.36 -18.30 -31.81
CA ARG TA 54 -72.96 -14.96 -32.69
CA ASP TA 55 -73.70 -11.77 -30.77
CA HIS TA 56 -77.08 -10.04 -30.52
CA THR TA 57 -78.14 -6.39 -30.30
CA LEU TA 58 -81.92 -5.94 -30.26
CA PHE TA 59 -81.32 -2.21 -30.68
CA ALA TA 60 -82.56 0.07 -33.46
CA LEU TA 61 -79.34 1.73 -34.62
CA SER TA 62 -78.50 3.35 -37.95
CA ASP TA 63 -74.89 2.15 -38.08
CA GLY TA 64 -72.72 0.79 -35.28
CA LYS TA 65 -68.94 0.57 -35.09
CA VAL TA 66 -67.08 -2.66 -34.27
CA VAL TA 67 -63.67 -2.35 -32.61
CA PHE TA 68 -61.83 -3.73 -35.63
CA ILE TA 69 -61.01 -7.45 -35.76
CA ASN TA 70 -61.56 -8.21 -32.07
CA LYS TA 71 -65.17 -9.40 -31.89
CA GLY TA 72 -66.42 -9.50 -35.46
CA LYS TA 73 -66.87 -7.69 -38.76
CA GLY TA 74 -69.80 -6.12 -40.59
CA ALA TA 75 -72.62 -8.57 -41.25
CA ARG TA 76 -76.15 -7.35 -41.97
CA PHE TA 77 -78.08 -5.40 -39.33
CA ILE TA 78 -80.72 -6.15 -36.70
CA SER TA 79 -83.01 -3.39 -35.43
CA ILE TA 80 -84.80 -5.64 -32.93
CA GLU TA 81 -88.46 -6.55 -33.44
CA ALA TA 82 -89.91 -3.32 -32.07
CA ALA TA 83 -88.62 -1.37 -35.08
CA GLN TA 84 -92.23 -0.88 -36.16
CA THR TA 85 -93.30 2.76 -36.47
CA GLU TA 86 -95.54 3.28 -33.44
CA UNK UA 1 -40.52 92.92 -41.74
CA UNK UA 2 -40.98 93.66 -38.03
CA UNK UA 3 -39.59 90.48 -36.52
CA UNK UA 4 -36.24 91.94 -35.52
CA UNK UA 5 -37.92 95.21 -34.53
CA UNK UA 6 -40.18 93.46 -32.01
CA UNK UA 7 -37.12 91.70 -30.63
CA UNK UA 8 -35.15 94.88 -30.00
CA UNK UA 9 -38.12 96.28 -28.09
CA UNK UA 10 -38.92 94.19 -25.02
CA UNK UA 11 -38.99 90.57 -26.19
CA UNK UA 12 -37.75 88.68 -23.13
CA UNK UA 13 -40.86 86.49 -23.24
CA UNK UA 14 -40.72 82.89 -22.03
CA UNK UA 15 -36.99 83.02 -21.27
CA UNK UA 16 -37.06 84.21 -17.65
CA LYS VA 1 -44.26 97.24 60.57
CA PRO VA 2 -46.45 96.20 57.64
CA SER VA 3 -46.85 98.65 54.75
CA GLU VA 4 -44.18 100.83 56.38
CA MET VA 5 -42.42 101.58 53.10
CA ARG VA 6 -44.99 103.87 51.48
CA ASN VA 7 -43.67 106.80 53.50
CA LEU VA 8 -39.91 106.35 53.06
CA GLN VA 9 -37.61 105.51 50.14
CA ALA VA 10 -34.25 106.86 51.28
CA THR VA 11 -31.45 105.10 53.17
CA ASP VA 12 -34.12 103.78 55.52
CA PHE VA 13 -35.36 101.63 52.63
CA ALA VA 14 -32.29 99.43 53.08
CA LYS VA 15 -31.56 99.18 56.79
CA GLU VA 16 -35.17 98.09 57.33
CA ILE VA 17 -34.53 94.87 55.39
CA ASP VA 18 -31.52 94.05 57.57
CA ALA VA 19 -33.63 94.64 60.67
CA ARG VA 20 -36.04 91.82 59.81
CA LYS VA 21 -33.11 89.53 59.05
CA LYS VA 22 -31.51 90.28 62.42
CA GLU VA 23 -34.62 89.31 64.39
CA LEU VA 24 -35.10 86.27 62.16
CA MET VA 25 -31.51 85.15 62.80
CA GLU VA 26 -32.02 85.05 66.56
CA LEU VA 27 -35.35 83.29 66.05
CA ARG VA 28 -33.95 80.69 63.65
CA PHE VA 29 -31.52 79.75 66.41
CA GLN VA 30 -34.23 77.71 68.13
CA ALA VA 31 -32.21 75.56 70.53
CA ALA VA 32 -33.02 76.94 73.98
CA ALA VA 33 -35.61 78.98 75.90
CA GLY VA 34 -38.16 76.98 73.94
CA GLN VA 35 -39.84 78.07 70.71
CA LEU VA 36 -43.09 79.19 72.34
CA ALA VA 37 -41.87 82.77 71.89
CA GLN VA 38 -44.17 83.54 68.95
CA PRO VA 39 -43.41 80.70 66.52
CA HIS VA 40 -45.42 82.58 63.90
CA ARG VA 41 -43.14 85.61 64.21
CA VAL VA 42 -40.58 83.89 61.99
CA ARG VA 43 -43.13 84.01 59.18
CA GLN VA 44 -44.34 87.56 59.85
CA LEU VA 45 -40.84 89.05 60.00
CA ARG VA 46 -39.71 87.18 56.89
CA ARG VA 47 -42.78 88.37 54.98
CA GLU VA 48 -42.11 91.94 56.15
CA VAL VA 49 -38.79 92.17 54.31
CA ALA VA 50 -40.44 90.45 51.34
CA GLN VA 51 -43.15 93.08 50.82
CA LEU VA 52 -40.58 95.82 51.37
CA ASN VA 53 -38.29 94.74 48.53
CA THR VA 54 -41.26 94.67 46.14
CA VAL VA 55 -41.77 98.38 46.82
CA LYS VA 56 -38.20 99.35 45.96
CA ALA VA 57 -38.87 98.09 42.43
CA GLU VA 58 -41.77 100.53 42.00
CA LEU VA 59 -39.20 103.33 41.92
CA ALA VA 60 -36.93 101.38 39.56
CA ARG VA 61 -39.68 100.53 37.07
CA LYS VA 62 -41.89 103.63 37.14
CA GLY VA 63 -38.90 105.86 37.77
CA GLU VA 64 -36.88 105.65 34.56
CA GLN VA 65 -39.92 104.13 32.83
CA MET WA 1 -95.79 -19.74 2.96
CA LYS WA 2 -94.54 -18.39 6.28
CA ILE WA 3 -91.18 -17.99 8.00
CA LYS WA 4 -90.03 -16.52 11.30
CA LEU WA 5 -87.45 -13.73 11.56
CA VAL WA 6 -83.73 -14.49 11.49
CA ARG WA 7 -81.12 -13.19 13.92
CA SER WA 8 -77.98 -12.58 11.86
CA VAL WA 9 -78.23 -8.79 11.70
CA ILE WA 10 -74.90 -7.98 13.33
CA GLY WA 11 -73.14 -9.62 10.39
CA ARG WA 12 -74.18 -11.30 7.14
CA PRO WA 13 -72.48 -10.58 3.82
CA GLY WA 14 -73.37 -7.54 1.74
CA ASN WA 15 -75.67 -9.71 -0.35
CA GLN WA 16 -77.58 -10.62 2.82
CA VAL WA 17 -77.48 -7.07 4.19
CA LYS WA 18 -79.71 -6.03 1.30
CA THR WA 19 -82.00 -9.04 1.70
CA VAL WA 20 -82.92 -8.47 5.35
CA GLN WA 21 -84.59 -5.13 4.67
CA ALA WA 22 -86.11 -6.52 1.47
CA LEU WA 23 -88.08 -8.98 3.61
CA GLY WA 24 -89.47 -6.60 6.21
CA LEU WA 25 -88.10 -8.49 9.19
CA ARG WA 26 -86.77 -5.18 10.53
CA LYS WA 27 -85.49 -6.22 13.97
CA ILE WA 28 -86.51 -9.59 15.42
CA GLY WA 29 -89.62 -11.54 16.36
CA ASP WA 30 -91.17 -10.85 12.96
CA SER WA 31 -93.56 -13.55 11.81
CA ARG WA 32 -94.22 -12.33 8.26
CA GLU WA 33 -95.63 -14.62 5.57
CA VAL WA 34 -94.07 -14.96 2.13
CA SER WA 35 -96.04 -15.54 -1.07
CA ASP WA 36 -95.94 -18.55 -3.39
CA THR WA 37 -93.79 -16.81 -6.01
CA PRO WA 38 -90.55 -17.91 -7.68
CA ALA WA 39 -88.83 -14.77 -6.38
CA VAL WA 40 -90.35 -14.81 -2.90
CA ARG WA 41 -89.23 -18.44 -2.58
CA GLY WA 42 -85.84 -17.66 -4.09
CA MET WA 43 -84.90 -15.02 -1.53
CA VAL WA 44 -86.12 -17.36 1.21
CA LYS WA 45 -84.03 -20.21 -0.19
CA THR WA 46 -80.94 -18.00 -0.55
CA VAL WA 47 -80.45 -17.92 3.23
CA LYS WA 48 -81.56 -21.44 4.10
CA HIS WA 49 -78.99 -21.33 6.90
CA LEU WA 50 -81.00 -18.57 8.59
CA LEU WA 51 -84.51 -18.22 10.01
CA GLU WA 52 -86.91 -21.17 10.13
CA VAL WA 53 -89.39 -21.71 7.30
CA GLN WA 54 -92.67 -23.51 7.92
CA GLU WA 55 -93.26 -27.22 7.24
CA MET XA 1 -23.36 69.70 2.80
CA GLN XA 2 -19.69 70.32 2.02
CA LYS XA 3 -20.03 67.75 -0.76
CA ASP XA 4 -22.73 69.81 -2.46
CA LEU XA 5 -21.38 72.51 -4.78
CA HIS XA 6 -22.40 76.18 -4.62
CA PRO XA 7 -24.38 76.01 -7.87
CA LYS XA 8 -26.44 72.94 -8.77
CA ALA XA 9 -25.60 70.79 -5.74
CA VAL XA 10 -24.77 67.22 -6.74
CA PRO XA 11 -25.61 64.54 -4.17
CA CYS XA 12 -28.46 62.64 -5.82
CA LYS XA 13 -28.16 58.85 -5.65
CA ILE XA 14 -29.21 56.15 -8.11
CA ILE XA 15 -29.56 52.40 -8.63
CA TYR XA 16 -27.30 49.85 -10.34
CA GLN XA 17 -28.99 47.14 -12.41
CA GLY XA 18 -28.16 44.93 -15.37
CA GLN XA 19 -29.23 41.71 -17.05
CA VAL XA 20 -29.05 39.64 -20.23
CA VAL XA 21 -30.37 41.99 -22.92
CA MET XA 22 -31.44 39.16 -25.21
CA GLU XA 23 -34.84 40.77 -25.72
CA THR XA 24 -36.10 42.52 -28.85
CA MET XA 25 -34.44 39.90 -31.05
CA SER XA 26 -36.16 36.76 -29.76
CA THR XA 27 -36.11 35.61 -26.12
CA ARG XA 28 -36.81 38.02 -23.26
CA PRO XA 29 -34.51 39.52 -20.63
CA GLU XA 30 -33.48 38.07 -17.29
CA ILE XA 31 -33.32 40.58 -14.42
CA HIS XA 32 -31.10 39.40 -11.57
CA VAL XA 33 -29.13 42.47 -10.49
CA ASP XA 34 -30.29 45.18 -8.09
CA VAL XA 35 -28.02 47.59 -6.22
CA TRP XA 36 -27.50 51.27 -5.39
CA SER XA 37 -25.17 53.99 -6.62
CA GLY XA 38 -24.22 57.63 -6.18
CA VAL XA 39 -22.52 60.60 -7.84
CA HIS XA 40 -19.79 63.22 -7.47
CA PRO XA 41 -18.22 66.34 -9.01
CA PHE XA 42 -14.95 68.25 -9.17
CA TRP XA 43 -13.33 71.02 -7.11
CA THR XA 44 -12.26 74.56 -8.00
CA GLY XA 45 -11.58 78.02 -6.62
CA GLU XA 46 -14.21 80.70 -7.18
CA GLU XA 47 -14.66 84.15 -5.64
CA ARG XA 48 -18.09 85.09 -4.32
CA PHE XA 49 -16.57 88.15 -2.64
CA LEU XA 50 -12.82 87.54 -2.51
CA ASP XA 51 -11.65 83.92 -2.49
CA THR XA 52 -13.20 80.54 -1.67
CA GLU XA 53 -12.26 76.93 -2.39
CA GLY XA 54 -15.53 75.25 -3.35
CA ARG XA 55 -16.15 71.94 -5.07
CA VAL XA 56 -17.74 73.51 -8.14
CA ASP XA 57 -19.26 70.82 -10.35
CA LYS XA 58 -18.66 70.59 -14.10
CA PHE XA 59 -22.07 72.15 -14.67
CA ASN XA 60 -21.25 75.23 -12.59
CA LYS XA 61 -17.72 75.29 -14.00
CA ARG XA 62 -18.98 75.65 -17.57
CA PHE XA 63 -21.15 78.62 -16.59
CA GLY XA 64 -18.36 80.08 -14.46
CA ASP XA 65 -15.71 79.84 -17.18
CA SER XA 66 -18.06 81.41 -19.72
CA TYR XA 67 -20.11 83.72 -17.51
CA ARG XA 68 -20.57 85.07 -13.98
CA ARG XA 69 -23.69 84.09 -12.02
CA GLY XA 70 -23.46 84.56 -8.27
CA SER XA 71 -19.73 83.90 -8.32
CA LYS XA 72 -16.64 84.52 -10.45
CA LYS XA 73 -13.58 82.54 -11.56
CA ALA YA 1 -29.45 18.35 39.44
CA LYS YA 2 -32.06 17.50 42.09
CA HIS YA 3 -31.80 13.81 42.97
CA PRO YA 4 -34.09 11.48 44.90
CA VAL YA 5 -37.43 13.02 43.91
CA PRO YA 6 -40.85 11.96 45.18
CA LYS YA 7 -43.07 10.21 42.63
CA LYS YA 8 -46.17 9.76 44.79
CA LYS YA 9 -47.64 12.29 47.21
CA THR YA 10 -49.84 10.71 49.89
CA SER YA 11 -51.31 13.40 52.14
CA LYS YA 12 -54.01 13.48 54.83
CA SER YA 13 -53.99 9.76 55.67
CA LYS YA 14 -50.26 9.11 55.30
CA ARG YA 15 -49.60 12.69 56.43
CA ASP YA 16 -51.21 12.09 59.81
CA MET YA 17 -50.16 8.43 59.83
CA ARG YA 18 -46.60 9.51 60.61
CA ARG YA 19 -47.80 12.12 63.10
CA SER YA 20 -49.30 9.55 65.46
CA HIS YA 21 -45.80 8.70 66.64
CA HIS YA 22 -45.17 12.38 67.41
CA ALA YA 23 -47.10 12.75 70.67
CA LEU YA 24 -45.68 14.97 73.41
CA THR YA 25 -44.93 12.76 76.41
CA ALA YA 26 -46.55 14.17 79.55
CA PRO YA 27 -43.88 14.97 82.13
CA ASN YA 28 -44.47 12.89 85.26
CA LEU YA 29 -44.88 15.49 88.00
CA THR YA 30 -44.91 14.64 91.70
CA GLU YA 31 -45.22 16.35 95.09
CA CYS YA 32 -42.21 18.13 96.57
CA PRO YA 33 -41.12 17.81 100.20
CA GLN YA 34 -41.76 20.85 102.39
CA CYS YA 35 -43.57 22.38 99.43
CA HIS YA 36 -46.40 21.92 96.92
CA GLY YA 37 -46.05 21.03 93.26
CA LYS YA 38 -43.09 21.81 91.01
CA LYS YA 39 -41.01 18.63 91.17
CA LEU YA 40 -39.36 16.69 88.35
CA SER YA 41 -38.51 13.75 90.62
CA HIS YA 42 -34.78 13.51 89.91
CA HIS YA 43 -34.53 17.26 89.34
CA ILE YA 44 -34.95 19.85 92.10
CA CYS YA 45 -37.89 22.15 92.83
CA PRO YA 46 -38.59 25.76 91.84
CA ASN YA 47 -40.13 26.95 95.12
CA CYS YA 48 -36.79 26.40 96.84
CA GLY YA 49 -35.20 23.35 95.26
CA TYR YA 50 -34.43 20.48 97.63
CA TYR YA 51 -33.69 16.79 97.09
CA ASP YA 52 -32.81 16.03 100.71
CA GLY YA 53 -32.71 19.40 102.44
CA ARG YA 54 -31.54 23.00 102.24
CA GLN YA 55 -29.42 23.08 99.08
CA VAL YA 56 -30.37 25.28 96.12
CA LEU YA 57 -31.57 28.85 96.66
CA ALA YA 58 -34.06 31.20 95.01
CA ALA ZA 1 -38.89 16.49 -31.63
CA LYS ZA 2 -35.09 16.56 -31.57
CA ASP ZA 3 -33.82 18.89 -34.29
CA GLY ZA 4 -30.51 17.06 -34.35
CA PRO ZA 5 -28.72 16.08 -37.54
CA ARG ZA 6 -30.61 12.94 -38.54
CA ILE ZA 7 -33.69 11.65 -40.36
CA ILE ZA 8 -37.25 13.02 -40.21
CA VAL ZA 9 -37.10 16.68 -41.23
CA LYS ZA 10 -39.65 19.45 -40.64
CA MET ZA 11 -40.27 21.54 -43.74
CA GLU ZA 12 -43.25 23.64 -44.84
CA SER ZA 13 -45.25 23.29 -48.07
CA SER ZA 14 -46.26 26.00 -50.54
CA ALA ZA 15 -49.00 25.81 -53.18
CA GLY ZA 16 -47.76 29.08 -54.63
CA THR ZA 17 -50.53 31.65 -54.23
CA GLY ZA 18 -51.93 29.56 -51.39
CA PHE ZA 19 -50.63 30.24 -47.89
CA TYR ZA 20 -51.31 26.63 -46.89
CA TYR ZA 21 -48.60 25.52 -44.48
CA THR ZA 22 -49.12 21.76 -44.09
CA THR ZA 23 -46.13 20.36 -42.21
CA THR ZA 24 -44.49 17.17 -43.48
CA LYS ZA 25 -41.57 14.86 -42.70
CA ASN ZA 26 -38.91 13.41 -45.00
CA ARG ZA 27 -35.70 11.44 -44.46
CA ARG ZA 28 -32.40 11.44 -46.34
CA ASN ZA 29 -32.79 7.72 -47.04
CA THR ZA 30 -34.89 8.58 -50.09
CA GLN ZA 31 -34.85 10.90 -53.12
CA ALA ZA 32 -34.05 14.38 -51.79
CA LYS ZA 33 -35.29 17.56 -53.46
CA LEU ZA 34 -38.48 15.91 -54.71
CA GLU ZA 35 -41.14 16.76 -52.13
CA LEU ZA 36 -43.59 17.78 -54.86
CA LYS ZA 37 -46.95 16.33 -53.84
CA LYS ZA 38 -50.41 17.73 -54.56
CA TYR ZA 39 -52.51 18.78 -51.57
CA ASP ZA 40 -55.58 20.80 -50.60
CA PRO ZA 41 -55.02 24.45 -49.68
CA VAL ZA 42 -57.63 26.73 -48.11
CA ALA ZA 43 -57.73 28.89 -51.25
CA LYS ZA 44 -58.70 27.64 -54.71
CA LYS ZA 45 -58.70 23.91 -55.47
CA HIS ZA 46 -56.29 21.28 -56.80
CA VAL ZA 47 -53.18 23.28 -55.92
CA VAL ZA 48 -49.82 21.64 -56.62
CA PHE ZA 49 -47.89 22.30 -53.41
CA ARG ZA 50 -44.42 21.16 -52.36
CA GLU ZA 51 -43.10 20.44 -48.86
CA LYS ZA 52 -39.72 21.49 -50.27
CA LYS ZA 53 -38.22 24.61 -48.72
CA MET AB 1 -13.86 34.02 41.30
CA LYS AB 2 -14.10 37.62 40.08
CA ARG AB 3 -17.50 39.23 39.53
CA THR AB 4 -18.51 41.06 36.34
CA TYR AB 5 -20.06 43.90 38.33
CA GLN AB 6 -17.49 46.40 39.64
CA PRO AB 7 -18.46 49.57 41.50
CA ASN AB 8 -16.42 52.52 40.24
CA ASN AB 9 -17.60 56.09 39.67
CA ARG AB 10 -14.27 56.72 37.95
CA LYS AB 11 -15.48 54.66 35.00
CA ARG AB 12 -19.22 54.11 35.48
CA ALA AB 13 -19.65 57.87 35.10
CA LYS AB 14 -17.62 58.97 32.07
CA THR AB 15 -19.20 56.24 29.96
CA HIS AB 16 -22.76 56.92 31.11
CA GLY AB 17 -24.34 60.03 32.61
CA PHE AB 18 -26.32 62.78 30.88
CA ARG AB 19 -22.99 64.52 30.23
CA ALA AB 20 -21.53 62.09 27.70
CA ARG AB 21 -25.05 61.22 26.54
CA MET AB 22 -25.69 64.78 25.41
CA LYS AB 23 -22.36 64.73 23.58
CA THR AB 24 -23.79 62.55 20.82
CA LYS AB 25 -27.05 63.11 18.93
CA SER AB 26 -27.80 59.40 19.35
CA GLY AB 27 -27.38 59.31 23.12
CA ARG AB 28 -29.85 62.19 23.42
CA ASN AB 29 -32.58 59.91 22.07
CA ILE AB 30 -32.14 57.54 25.02
CA LEU AB 31 -32.46 60.29 27.62
CA ALA AB 32 -35.36 61.67 25.57
CA ARG AB 33 -37.56 58.58 25.76
CA ARG AB 34 -36.43 57.99 29.34
CA ARG AB 35 -37.93 61.33 30.37
CA ALA AB 36 -40.84 61.05 27.94
CA LYS AB 37 -42.10 57.62 28.97
CA GLY AB 38 -43.69 58.41 32.33
CA ARG AB 39 -40.73 59.04 34.63
CA HIS AB 40 -37.21 57.67 35.05
CA GLN AB 41 -34.06 58.71 36.93
CA LEU AB 42 -31.04 59.76 34.89
CA THR AB 43 -27.85 57.68 34.77
CA VAL AB 44 -25.94 60.52 36.45
CA SER AB 45 -28.83 61.25 38.82
CA ASP AB 46 -27.95 58.21 40.92
CA PRO BB 1 -63.20 43.58 -1.90
CA LYS BB 2 -63.02 40.32 -3.84
CA MET BB 3 -60.19 40.35 -6.39
CA LYS BB 4 -60.68 38.75 -9.81
CA THR BB 5 -57.82 36.93 -11.52
CA HIS BB 6 -56.95 38.99 -14.60
CA LYS BB 7 -55.56 35.79 -16.13
CA MET BB 8 -58.76 33.73 -15.92
CA ALA BB 9 -60.72 36.81 -16.99
CA LYS BB 10 -59.02 36.45 -20.37
CA ARG BB 11 -58.42 32.70 -20.28
CA ARG BB 12 -60.44 29.58 -21.12
CA ILE BB 13 -62.62 30.33 -18.09
CA LYS BB 14 -65.46 32.64 -19.14
CA ILE BB 15 -68.75 33.64 -17.53
CA THR BB 16 -71.66 32.15 -19.48
CA GLY BB 17 -75.38 32.85 -19.40
CA THR BB 18 -76.30 29.73 -17.45
CA GLY BB 19 -73.70 29.19 -14.74
CA LYS BB 20 -71.09 26.62 -15.77
CA VAL BB 21 -67.66 26.99 -17.34
CA MET BB 22 -67.07 27.85 -21.00
CA ALA BB 23 -63.52 26.48 -20.94
CA PHE BB 24 -61.57 25.27 -23.97
CA LYS BB 25 -59.49 22.38 -25.27
CA SER BB 26 -55.74 22.59 -24.66
CA GLY BB 27 -54.78 19.27 -26.19
CA LYS BB 28 -52.12 20.31 -28.69
CA ARG BB 29 -51.67 23.79 -30.14
CA HIS BB 30 -48.78 26.21 -30.73
CA GLN BB 31 -46.43 23.49 -29.48
CA ASN BB 32 -44.83 20.16 -30.39
CA THR BB 33 -47.27 18.89 -33.01
CA GLY BB 34 -47.44 17.94 -36.68
CA LYS BB 35 -48.98 14.49 -36.45
CA SER BB 36 -52.67 14.68 -37.36
CA GLY BB 37 -54.67 17.69 -38.53
CA ASP BB 38 -57.90 16.10 -37.30
CA GLU BB 39 -56.83 16.96 -33.75
CA ILE BB 40 -55.42 20.39 -34.58
CA ARG BB 41 -58.84 21.59 -35.70
CA GLY BB 42 -60.25 20.40 -32.39
CA LYS BB 43 -59.48 23.69 -30.65
CA GLY BB 44 -62.71 25.57 -30.02
CA LYS BB 45 -64.51 25.58 -26.67
CA GLY BB 46 -65.61 23.25 -23.89
CA PHE BB 47 -67.70 22.75 -20.76
CA VAL BB 48 -67.14 21.25 -17.31
CA LEU BB 49 -69.18 20.63 -14.16
CA ALA BB 50 -66.40 19.44 -11.85
CA LYS BB 51 -64.00 22.37 -12.18
CA ALA BB 52 -66.21 25.45 -12.51
CA GLU BB 53 -67.29 26.46 -9.01
CA TRP BB 54 -63.69 27.40 -8.26
CA ALA BB 55 -62.89 28.72 -11.73
CA ARG BB 56 -65.88 31.08 -11.72
CA MET BB 57 -64.82 32.38 -8.31
CA LYS BB 58 -61.64 33.67 -9.96
CA LEU BB 59 -63.81 35.85 -12.19
CA MET BB 60 -67.09 36.48 -10.37
CA LEU BB 61 -66.24 40.06 -9.40
CA PRO BB 62 -67.84 41.28 -12.63
CA ARG BB 63 -68.17 38.86 -15.55
CA LYS CB 1 -29.36 -47.55 24.02
CA VAL CB 2 -31.54 -44.91 25.69
CA ARG CB 3 -33.39 -43.42 22.73
CA SER CB 4 -36.84 -44.32 21.40
CA SER CB 5 -37.55 -46.16 18.16
CA VAL CB 6 -35.94 -49.58 18.60
CA LYS CB 7 -36.80 -52.66 16.54
CA LYS CB 8 -33.09 -52.93 15.72
CA MET CB 9 -32.18 -55.79 18.06
CA CYS CB 10 -31.39 -59.36 17.00
CA ASP CB 11 -34.02 -61.83 15.78
CA ASN CB 12 -34.34 -63.34 19.26
CA CYS CB 13 -35.38 -60.36 21.39
CA LYS CB 14 -38.86 -59.38 22.61
CA VAL CB 15 -40.40 -55.92 22.86
CA VAL CB 16 -41.71 -55.10 26.34
CA ARG CB 17 -43.75 -52.27 27.86
CA ARG CB 18 -43.15 -50.77 31.30
CA HIS CB 19 -44.69 -47.57 32.67
CA GLY CB 20 -45.40 -46.57 29.09
CA ARG CB 21 -41.78 -46.78 27.98
CA VAL CB 22 -40.42 -49.71 25.97
CA LEU CB 23 -37.35 -51.92 26.33
CA VAL CB 24 -35.86 -54.69 24.19
CA ILE CB 25 -34.33 -57.50 26.23
CA CYS CB 26 -32.38 -60.46 24.85
CA SER CB 27 -29.57 -62.94 25.52
CA ASN CB 28 -27.06 -60.36 24.30
CA VAL CB 29 -26.22 -57.61 26.78
CA LYS CB 30 -25.44 -55.39 23.80
CA HIS CB 31 -28.98 -55.58 22.42
CA LYS CB 32 -30.22 -52.88 24.80
CA GLN CB 33 -32.79 -50.59 23.18
CA ARG CB 34 -34.71 -48.79 25.93
CA GLN CB 35 -36.88 -45.76 25.15
CA MET DB 1 -44.04 78.84 -43.48
CA LEU DB 2 -40.70 78.50 -45.27
CA ALA DB 3 -39.76 82.14 -44.83
CA ASP DB 4 -41.24 85.43 -43.60
CA LYS DB 5 -41.86 88.82 -45.26
CA GLU DB 6 -39.06 90.32 -43.19
CA SER DB 7 -36.27 87.86 -44.02
CA LEU DB 8 -37.35 87.84 -47.67
CA ILE DB 9 -37.43 91.64 -47.86
CA GLU DB 10 -34.00 91.58 -46.22
CA ALA DB 11 -32.56 89.23 -48.83
CA LEU DB 12 -34.36 90.80 -51.79
CA LYS DB 13 -33.25 94.31 -50.86
CA LEU DB 14 -29.73 92.94 -50.72
CA ALA DB 15 -30.08 91.07 -54.03
CA LEU DB 16 -31.14 94.29 -55.72
CA SER DB 17 -28.34 96.34 -54.14
CA THR DB 18 -25.61 97.34 -56.59
CA GLU DB 19 -23.39 95.30 -54.29
CA TYR DB 20 -24.92 91.99 -55.37
CA ASN DB 21 -26.54 93.27 -58.55
CA VAL DB 22 -24.58 95.22 -61.19
CA LYS DB 23 -26.60 97.24 -63.69
CA ARG DB 24 -27.51 95.71 -67.06
CA ASN DB 25 -28.84 96.95 -70.41
CA PHE DB 26 -32.37 95.73 -69.64
CA THR DB 27 -34.68 95.46 -66.68
CA GLN DB 28 -33.72 92.16 -65.10
CA SER DB 29 -36.09 89.79 -63.40
CA VAL DB 30 -35.93 88.46 -59.85
CA GLU DB 31 -35.87 84.75 -59.02
CA ILE DB 32 -36.70 82.60 -56.04
CA ILE DB 33 -34.70 79.37 -55.72
CA LEU DB 34 -35.58 76.73 -53.13
CA THR DB 35 -33.38 73.65 -52.66
CA PHE DB 36 -34.33 70.53 -50.68
CA LYS DB 37 -32.66 67.70 -48.77
CA GLY DB 38 -33.73 64.13 -48.10
CA ILE DB 39 -36.67 64.32 -50.47
CA ASP DB 40 -37.84 61.13 -52.20
CA MSE DB 41 -38.88 61.94 -55.78
CA LYS DB 42 -40.38 58.51 -56.58
CA LYS DB 43 -42.56 58.94 -53.48
CA GLY DB 44 -44.22 62.21 -54.45
CA ASP DB 45 -42.44 64.05 -51.63
CA LEU DB 46 -41.93 67.22 -53.67
CA LYS DB 47 -44.09 66.72 -56.77
CA LEU DB 48 -45.19 70.20 -57.85
CA ARG DB 49 -46.98 71.84 -60.79
CA GLU DB 50 -48.85 74.79 -59.32
CA ILE DB 51 -50.17 77.75 -61.29
CA VAL DB 52 -49.51 80.84 -59.18
CA PRO DB 53 -50.97 84.27 -60.01
CA LEU DB 54 -48.55 86.91 -58.70
CA PRO DB 55 -50.11 89.34 -56.16
CA LYS DB 56 -47.93 92.25 -57.30
CA GLN DB 57 -47.86 92.73 -61.07
CA PRO DB 58 -44.40 92.85 -62.72
CA SER DB 59 -43.40 95.29 -65.46
CA LYS DB 60 -42.77 92.25 -67.66
CA ALA DB 61 -45.77 90.20 -68.83
CA LYS DB 62 -45.59 86.41 -69.01
CA ARG DB 63 -46.00 85.18 -72.61
CA VAL DB 64 -49.45 83.73 -73.15
CA LEU DB 65 -50.66 81.89 -76.19
CA VAL DB 66 -54.41 81.77 -76.71
CA VAL DB 67 -56.61 79.69 -78.95
CA PRO DB 68 -60.06 81.25 -78.55
CA SER DB 69 -63.26 80.93 -80.53
CA SER DB 70 -64.81 83.29 -83.06
CA GLU DB 71 -66.78 84.79 -80.16
CA GLN DB 72 -63.76 85.20 -77.86
CA LEU DB 73 -61.39 86.22 -80.68
CA GLU DB 74 -61.77 89.97 -80.17
CA TYR DB 75 -61.74 89.77 -76.36
CA ALA DB 76 -58.62 87.62 -76.62
CA LYS DB 77 -56.92 90.24 -78.79
CA LYS DB 78 -57.78 92.90 -76.19
CA ALA DB 79 -55.83 91.12 -73.44
CA SER DB 80 -52.90 91.54 -75.85
CA PRO DB 81 -51.40 88.03 -75.29
CA LYS DB 82 -48.04 86.97 -76.70
CA VAL DB 83 -49.88 85.40 -79.62
CA VAL DB 84 -53.40 84.56 -80.72
CA ILE DB 85 -54.00 81.44 -82.80
CA THR DB 86 -57.48 80.97 -84.28
CA ARG DB 87 -58.85 77.42 -84.46
CA GLU DB 88 -58.26 77.47 -88.22
CA GLU DB 89 -54.64 78.53 -87.82
CA LEU DB 90 -54.12 75.76 -85.27
CA GLN DB 91 -55.28 73.01 -87.65
CA LYS DB 92 -52.81 74.27 -90.27
CA LEU DB 93 -50.02 73.81 -87.73
CA GLN DB 94 -50.53 70.07 -87.63
CA GLY DB 95 -47.38 68.47 -88.97
CA GLN DB 96 -45.30 71.65 -88.90
CA LYS DB 97 -42.55 70.70 -86.44
CA ARG DB 98 -40.74 74.06 -86.44
CA PRO DB 99 -43.59 76.56 -85.88
CA VAL DB 100 -45.16 74.36 -83.17
CA LYS DB 101 -41.85 73.87 -81.33
CA LYS DB 102 -41.24 77.62 -81.55
CA LEU DB 103 -44.65 78.34 -80.01
CA ALA DB 104 -44.06 75.74 -77.30
CA ARG DB 105 -40.69 77.25 -76.45
CA GLN DB 106 -41.39 80.97 -76.54
CA ASN DB 107 -44.65 80.92 -74.56
CA GLU DB 108 -45.31 80.18 -70.89
CA TRP DB 109 -49.07 79.50 -70.99
CA PHE DB 110 -51.37 77.93 -73.53
CA LEU DB 111 -55.06 78.78 -73.15
CA ILE DB 112 -57.32 76.71 -75.35
CA ASN DB 113 -61.07 76.95 -75.88
CA GLN DB 114 -62.86 73.77 -74.83
CA GLU DB 115 -63.79 73.12 -78.46
CA SER DB 116 -60.15 72.92 -79.51
CA MSE DB 117 -58.96 70.95 -76.51
CA ALA DB 118 -58.42 67.77 -78.54
CA LEU DB 119 -56.90 69.59 -81.50
CA ALA DB 120 -54.50 71.50 -79.22
CA GLY DB 121 -53.39 68.40 -77.34
CA ARG DB 122 -52.44 66.61 -80.54
CA ILE DB 123 -50.77 69.56 -82.26
CA LEU DB 124 -49.21 71.42 -79.33
CA GLY DB 125 -49.18 68.68 -76.71
CA PRO DB 126 -46.14 66.71 -77.96
CA ALA DB 127 -44.15 69.97 -77.90
CA LEU DB 128 -45.42 71.20 -74.50
CA GLY DB 129 -44.94 67.95 -72.59
CA PRO DB 130 -41.13 67.66 -72.75
CA ARG DB 131 -40.77 71.38 -72.04
CA GLY DB 132 -42.55 71.03 -68.70
CA LYS DB 133 -45.46 73.00 -70.14
CA PHE DB 134 -49.09 72.09 -70.78
CA PRO DB 135 -52.33 73.54 -72.12
CA THR DB 136 -55.00 74.96 -69.80
CA PRO DB 137 -58.66 75.47 -70.76
CA LEU DB 138 -60.23 78.88 -71.28
CA PRO DB 139 -63.64 79.57 -69.74
CA ASN DB 140 -66.65 79.14 -72.04
CA THR DB 141 -67.72 82.78 -71.64
CA ALA DB 142 -66.94 85.34 -74.35
CA ASP DB 143 -64.94 88.01 -72.53
CA ILE DB 144 -61.71 86.19 -71.68
CA SER DB 145 -59.66 89.39 -71.31
CA GLU DB 146 -59.30 89.00 -67.56
CA TYR DB 147 -58.48 85.28 -67.65
CA ILE DB 148 -55.66 86.04 -70.10
CA ASN DB 149 -54.46 88.97 -67.99
CA ARG DB 150 -54.40 86.63 -64.99
CA PHE DB 151 -52.03 84.27 -66.80
CA LYS DB 152 -49.99 87.17 -68.14
CA ARG DB 153 -48.88 87.55 -64.51
CA SER DB 154 -48.88 83.92 -63.39
CA VAL DB 155 -45.79 81.80 -62.80
CA LEU DB 156 -45.42 78.02 -62.86
CA VAL DB 157 -44.13 76.42 -59.69
CA LYS DB 158 -43.12 72.93 -60.78
CA THR DB 159 -40.57 70.21 -60.11
CA LYS DB 160 -39.40 67.55 -62.54
CA ASP DB 161 -36.57 65.36 -61.25
CA GLN DB 162 -34.50 67.63 -59.05
CA PRO DB 163 -35.04 68.54 -55.36
CA GLN DB 164 -35.46 72.23 -56.15
CA VAL DB 165 -37.95 74.94 -57.08
CA GLN DB 166 -36.99 77.77 -59.42
CA VAL DB 167 -39.49 80.52 -60.09
CA PHE DB 168 -39.82 83.95 -61.57
CA ILE DB 169 -40.83 86.33 -58.81
CA GLY DB 170 -41.06 89.65 -60.67
CA THR DB 171 -38.81 92.40 -62.07
CA GLU DB 172 -35.95 94.30 -60.42
CA ASP DB 173 -37.68 97.67 -60.70
CA MSE DB 174 -40.25 96.58 -58.12
CA LYS DB 175 -40.28 97.34 -54.39
CA PRO DB 176 -38.69 94.64 -52.20
CA GLU DB 177 -41.96 94.55 -50.25
CA ASP DB 178 -43.87 93.54 -53.40
CA LEU DB 179 -41.31 91.00 -54.59
CA ALA DB 180 -41.41 89.64 -51.06
CA GLU DB 181 -45.16 89.27 -51.36
CA ASN DB 182 -44.97 87.32 -54.62
CA ALA DB 183 -42.28 85.24 -52.99
CA ILE DB 184 -44.89 84.51 -50.29
CA ALA DB 185 -47.41 83.43 -52.92
CA VAL DB 186 -44.93 81.03 -54.49
CA LEU DB 187 -43.97 79.81 -51.02
CA ASN DB 188 -47.62 79.36 -50.00
CA ALA DB 189 -48.23 77.29 -53.14
CA ILE DB 190 -45.40 74.93 -52.20
CA GLU DB 191 -46.52 74.38 -48.59
CA ASN DB 192 -50.12 73.94 -49.73
CA LYS DB 193 -49.12 70.93 -51.83
CA ALA DB 194 -46.47 69.38 -49.59
CA LYS DB 195 -45.01 69.74 -46.09
CA VAL DB 196 -41.34 70.18 -46.88
CA GLU DB 197 -40.29 72.67 -44.21
CA THR DB 198 -37.77 70.18 -42.79
CA ASN DB 199 -36.39 69.24 -46.21
CA LEU DB 200 -35.77 72.90 -46.99
CA ARG DB 201 -32.03 73.56 -47.34
CA ASN DB 202 -31.91 77.12 -48.62
CA ILE DB 203 -33.78 79.83 -50.40
CA TYR DB 204 -31.92 82.12 -52.77
CA VAL DB 205 -33.15 85.25 -54.49
CA LYS DB 206 -31.46 87.16 -57.28
CA THR DB 207 -31.70 89.24 -60.36
CA THR DB 208 -31.41 87.68 -63.76
CA MSE DB 209 -27.64 88.22 -63.69
CA GLY DB 210 -26.87 89.20 -60.11
CA LYS DB 211 -25.32 87.15 -57.32
CA ALA DB 212 -27.62 84.76 -55.43
CA VAL DB 213 -28.54 85.86 -51.93
CA LYS DB 214 -29.51 83.32 -49.27
CA VAL DB 215 -32.55 84.15 -47.16
CA LYS DB 216 -31.84 83.96 -43.41
CA ARG DB 217 -33.84 81.74 -41.09
#